data_8A29
#
_entry.id   8A29
#
_cell.length_a   116.444
_cell.length_b   137.631
_cell.length_c   232.082
_cell.angle_alpha   90.000
_cell.angle_beta   90.000
_cell.angle_gamma   90.000
#
_symmetry.space_group_name_H-M   'P 21 21 21'
#
loop_
_entity.id
_entity.type
_entity.pdbx_description
1 polymer '1-deoxy-D-xylulose-5-phosphate synthase'
2 non-polymer GLYCEROL
3 non-polymer 'MAGNESIUM ION'
4 non-polymer 'CHLORIDE ION'
5 non-polymer 'SODIUM ION'
6 non-polymer 'CALCIUM ION'
7 water water
#
_entity_poly.entity_id   1
_entity_poly.type   'polypeptide(L)'
_entity_poly.pdbx_seq_one_letter_code
;MGSSHHHHHHSSGLVPRGSMENLYFQSHMPKTLHEIPRERPATPLLDRASSPAELRRLGEADLETLADELRQYLLYTVGQ
TGGHFGAGLGVVELTIALHYVFDTPDDRLVWDVGHQAYPHKILTERRELMGTLRQKNGLAAFPRRAESEYDTFGVGHSST
SISAALGMAIAARLQGKERKSVAVIGDGALTAGMAFEALNHASEVDADMLVILNDNDMSISHNVGGLSNYLAKIGGGGGG
PGTLFEELGWNYIGPIDGHDLPTLVATLRNMRDMKGPQFLHVVTKKGKGFAPAELDPIGYHAITKLEAPGSAPKKTGGPK
YSSVFGQWLCDMAAQDARLLGITPAMKEGSDLVAFSERYPERYFDVAIAEQHAVTLAAGMACEGMKPVVAIYSTFLQRAY
DQLIHDVAVQHLDVLFAIDRAGLVGEDGPTHAGSFDISYLRCIPGMLVMTPSDEDELRKLLTTGYLFDGPAAVRYPRGSG
PNHPIDPDLQPVEIGKGVVRRRGGRVALLVFGVQLAEAMKVAESLDATVVDMRFVKPLDEALVRELAGSHELLVTIEENA
VMGGAGSAVGEFLASEGLEVPLLQLGLPDYYVEHAKPSEMLAECGLDAAGIEKAVRQRLDRQ
;
_entity_poly.pdbx_strand_id   A,B,C,D,E,F
#
# COMPACT_ATOMS: atom_id res chain seq x y z
N LEU A 33 37.90 29.10 -43.50
CA LEU A 33 36.74 28.26 -43.22
C LEU A 33 37.05 27.03 -42.33
N HIS A 34 38.30 26.65 -42.17
CA HIS A 34 38.65 25.50 -41.36
C HIS A 34 39.37 25.85 -40.06
N GLU A 35 39.95 27.03 -39.99
CA GLU A 35 40.84 27.44 -38.91
C GLU A 35 40.44 28.85 -38.49
N ILE A 36 40.38 29.07 -37.19
CA ILE A 36 40.19 30.45 -36.73
C ILE A 36 41.46 31.20 -37.14
N PRO A 37 41.36 32.24 -37.96
CA PRO A 37 42.54 33.10 -38.21
C PRO A 37 43.17 33.55 -36.89
N ARG A 38 44.49 33.40 -36.78
CA ARG A 38 45.23 33.90 -35.62
C ARG A 38 45.84 35.29 -35.85
N GLU A 39 45.84 35.80 -37.09
CA GLU A 39 46.22 37.19 -37.36
C GLU A 39 45.07 37.93 -38.02
N ARG A 40 45.04 39.25 -37.85
CA ARG A 40 43.88 40.03 -38.27
C ARG A 40 43.71 39.90 -39.78
N PRO A 41 42.54 39.51 -40.27
CA PRO A 41 42.33 39.45 -41.72
C PRO A 41 42.29 40.83 -42.35
N ALA A 42 42.53 40.83 -43.65
CA ALA A 42 42.36 42.02 -44.47
C ALA A 42 40.88 42.18 -44.79
N THR A 43 40.32 43.33 -44.45
CA THR A 43 38.89 43.59 -44.62
C THR A 43 38.69 45.03 -45.06
N PRO A 44 39.17 45.37 -46.26
CA PRO A 44 39.08 46.77 -46.70
C PRO A 44 37.65 47.24 -46.84
N LEU A 45 36.75 46.37 -47.27
CA LEU A 45 35.35 46.75 -47.35
C LEU A 45 34.76 46.93 -45.95
N LEU A 46 34.96 45.96 -45.06
CA LEU A 46 34.48 46.09 -43.68
C LEU A 46 34.97 47.38 -43.01
N ASP A 47 36.26 47.71 -43.18
CA ASP A 47 36.80 48.92 -42.57
C ASP A 47 36.17 50.20 -43.15
N ARG A 48 35.53 50.09 -44.32
CA ARG A 48 34.65 51.14 -44.83
C ARG A 48 33.21 51.03 -44.32
N ALA A 49 32.93 50.11 -43.40
CA ALA A 49 31.56 49.82 -42.95
C ALA A 49 31.51 49.78 -41.43
N SER A 50 32.14 50.80 -40.84
CA SER A 50 32.27 50.94 -39.40
C SER A 50 30.96 51.35 -38.75
N SER A 51 30.04 51.89 -39.52
CA SER A 51 28.74 52.33 -39.03
C SER A 51 27.70 51.97 -40.08
N PRO A 52 26.43 51.86 -39.68
CA PRO A 52 25.41 51.52 -40.68
C PRO A 52 25.28 52.57 -41.75
N ALA A 53 25.51 53.83 -41.39
CA ALA A 53 25.48 54.90 -42.39
C ALA A 53 26.54 54.68 -43.49
N GLU A 54 27.75 54.28 -43.10
CA GLU A 54 28.78 53.99 -44.10
C GLU A 54 28.48 52.71 -44.85
N LEU A 55 27.94 51.71 -44.14
CA LEU A 55 27.48 50.50 -44.81
C LEU A 55 26.53 50.82 -45.95
N ARG A 56 25.63 51.76 -45.73
CA ARG A 56 24.61 52.03 -46.71
C ARG A 56 25.13 52.84 -47.89
N ARG A 57 26.38 53.30 -47.86
CA ARG A 57 27.04 53.91 -48.99
C ARG A 57 27.72 52.89 -49.90
N LEU A 58 27.73 51.63 -49.51
CA LEU A 58 28.30 50.60 -50.36
C LEU A 58 27.26 50.13 -51.37
N GLY A 59 27.76 49.46 -52.41
CA GLY A 59 26.90 48.90 -53.44
C GLY A 59 26.49 47.48 -53.13
N GLU A 60 25.26 47.14 -53.53
CA GLU A 60 24.76 45.79 -53.30
C GLU A 60 25.74 44.74 -53.80
N ALA A 61 26.48 45.07 -54.85
CA ALA A 61 27.45 44.14 -55.43
C ALA A 61 28.68 43.99 -54.56
N ASP A 62 28.89 44.87 -53.58
CA ASP A 62 29.95 44.74 -52.59
C ASP A 62 29.55 43.87 -51.39
N LEU A 63 28.25 43.59 -51.21
CA LEU A 63 27.78 43.10 -49.92
C LEU A 63 28.15 41.64 -49.66
N GLU A 64 28.23 40.82 -50.71
CA GLU A 64 28.67 39.44 -50.51
C GLU A 64 30.13 39.41 -50.04
N THR A 65 30.94 40.34 -50.54
CA THR A 65 32.35 40.38 -50.19
C THR A 65 32.54 40.92 -48.78
N LEU A 66 31.74 41.91 -48.41
CA LEU A 66 31.65 42.35 -47.02
C LEU A 66 31.33 41.18 -46.09
N ALA A 67 30.33 40.40 -46.43
CA ALA A 67 29.92 39.32 -45.52
C ALA A 67 31.06 38.31 -45.33
N ASP A 68 31.75 37.93 -46.42
CA ASP A 68 32.95 37.11 -46.30
C ASP A 68 33.98 37.77 -45.38
N GLU A 69 34.19 39.07 -45.54
CA GLU A 69 35.15 39.80 -44.69
C GLU A 69 34.65 39.89 -43.25
N LEU A 70 33.34 40.12 -43.07
CA LEU A 70 32.78 40.19 -41.72
C LEU A 70 32.89 38.85 -41.01
N ARG A 71 32.68 37.75 -41.74
CA ARG A 71 32.76 36.43 -41.13
C ARG A 71 34.18 36.11 -40.66
N GLN A 72 35.18 36.43 -41.47
CA GLN A 72 36.57 36.18 -41.09
C GLN A 72 36.98 37.09 -39.93
N TYR A 73 36.51 38.33 -39.90
CA TYR A 73 36.82 39.17 -38.74
C TYR A 73 36.19 38.61 -37.46
N LEU A 74 34.90 38.24 -37.55
CA LEU A 74 34.20 37.62 -36.42
C LEU A 74 34.97 36.41 -35.92
N LEU A 75 35.34 35.53 -36.85
CA LEU A 75 36.16 34.37 -36.49
C LEU A 75 37.41 34.81 -35.74
N TYR A 76 38.18 35.72 -36.34
CA TYR A 76 39.41 36.22 -35.72
C TYR A 76 39.17 36.75 -34.30
N THR A 77 38.27 37.70 -34.15
CA THR A 77 38.20 38.40 -32.85
C THR A 77 37.66 37.47 -31.77
N VAL A 78 36.66 36.64 -32.08
CA VAL A 78 36.15 35.76 -31.02
C VAL A 78 37.19 34.70 -30.68
N GLY A 79 38.08 34.35 -31.59
CA GLY A 79 39.19 33.48 -31.23
C GLY A 79 40.21 34.14 -30.30
N GLN A 80 40.29 35.47 -30.30
CA GLN A 80 41.20 36.17 -29.41
C GLN A 80 40.59 36.40 -28.02
N THR A 81 39.26 36.55 -27.93
CA THR A 81 38.63 36.92 -26.67
C THR A 81 37.83 35.81 -26.04
N GLY A 82 37.32 34.88 -26.85
CA GLY A 82 36.28 34.00 -26.40
C GLY A 82 34.91 34.64 -26.51
N GLY A 83 33.89 33.82 -26.44
CA GLY A 83 32.54 34.31 -26.46
C GLY A 83 31.64 33.41 -27.26
N HIS A 84 30.44 33.92 -27.49
CA HIS A 84 29.48 33.24 -28.34
C HIS A 84 29.98 33.27 -29.78
N PHE A 85 29.68 32.20 -30.50
CA PHE A 85 30.36 31.89 -31.76
C PHE A 85 29.32 31.55 -32.82
N GLY A 86 28.63 30.41 -32.63
CA GLY A 86 27.91 29.81 -33.73
C GLY A 86 26.70 30.61 -34.18
N ALA A 87 25.97 31.20 -33.25
CA ALA A 87 24.76 31.89 -33.65
C ALA A 87 25.08 33.15 -34.46
N GLY A 88 26.19 33.80 -34.18
CA GLY A 88 26.50 35.04 -34.89
C GLY A 88 26.95 34.77 -36.32
N LEU A 89 27.69 33.66 -36.49
CA LEU A 89 28.02 33.18 -37.84
C LEU A 89 26.75 33.02 -38.67
N GLY A 90 25.66 32.60 -38.02
CA GLY A 90 24.39 32.37 -38.67
C GLY A 90 23.66 33.62 -39.13
N VAL A 91 24.04 34.80 -38.60
CA VAL A 91 23.33 36.02 -38.95
C VAL A 91 24.26 37.07 -39.54
N VAL A 92 25.40 36.65 -40.08
CA VAL A 92 26.28 37.61 -40.78
C VAL A 92 25.49 38.32 -41.88
N GLU A 93 24.95 37.54 -42.80
CA GLU A 93 24.23 38.12 -43.94
C GLU A 93 22.97 38.84 -43.48
N LEU A 94 22.22 38.26 -42.53
CA LEU A 94 21.00 38.90 -42.07
C LEU A 94 21.30 40.26 -41.43
N THR A 95 22.36 40.34 -40.64
CA THR A 95 22.70 41.62 -40.01
C THR A 95 23.06 42.67 -41.05
N ILE A 96 23.88 42.29 -42.02
CA ILE A 96 24.24 43.21 -43.10
C ILE A 96 22.99 43.70 -43.82
N ALA A 97 22.09 42.78 -44.18
CA ALA A 97 20.88 43.17 -44.88
C ALA A 97 20.02 44.10 -44.03
N LEU A 98 19.89 43.83 -42.74
CA LEU A 98 19.05 44.68 -41.90
C LEU A 98 19.58 46.11 -41.86
N HIS A 99 20.87 46.26 -41.57
CA HIS A 99 21.44 47.60 -41.44
C HIS A 99 21.55 48.28 -42.81
N TYR A 100 21.73 47.50 -43.87
CA TYR A 100 21.73 48.06 -45.22
C TYR A 100 20.35 48.62 -45.57
N VAL A 101 19.28 47.91 -45.21
CA VAL A 101 17.94 48.26 -45.68
C VAL A 101 17.23 49.21 -44.72
N PHE A 102 17.42 49.04 -43.42
CA PHE A 102 16.73 49.87 -42.44
C PHE A 102 17.63 51.04 -42.05
N ASP A 103 17.02 52.16 -41.74
CA ASP A 103 17.78 53.37 -41.48
C ASP A 103 18.11 53.44 -39.98
N THR A 104 18.94 52.50 -39.56
CA THR A 104 19.39 52.46 -38.18
C THR A 104 20.41 53.57 -37.92
N PRO A 105 20.45 54.13 -36.68
CA PRO A 105 19.72 53.81 -35.45
C PRO A 105 18.30 54.37 -35.29
N ASP A 106 17.81 55.14 -36.24
CA ASP A 106 16.49 55.74 -36.08
C ASP A 106 15.41 54.67 -36.16
N ASP A 107 15.52 53.78 -37.13
CA ASP A 107 14.75 52.55 -37.13
C ASP A 107 15.25 51.63 -36.01
N ARG A 108 14.31 51.06 -35.27
CA ARG A 108 14.63 50.31 -34.07
C ARG A 108 14.82 48.83 -34.40
N LEU A 109 16.00 48.31 -34.14
CA LEU A 109 16.30 46.89 -34.27
C LEU A 109 16.48 46.30 -32.87
N VAL A 110 15.81 45.18 -32.60
CA VAL A 110 15.83 44.51 -31.31
C VAL A 110 16.25 43.06 -31.55
N TRP A 111 17.38 42.66 -30.97
CA TRP A 111 17.89 41.29 -31.07
C TRP A 111 17.44 40.49 -29.87
N ASP A 112 16.71 39.40 -30.11
CA ASP A 112 16.35 38.47 -29.05
C ASP A 112 17.60 37.73 -28.54
N VAL A 113 17.69 37.59 -27.22
CA VAL A 113 18.80 36.99 -26.45
C VAL A 113 20.09 37.79 -26.60
N GLY A 114 20.55 38.00 -27.84
CA GLY A 114 21.68 38.86 -28.12
C GLY A 114 23.03 38.18 -28.26
N HIS A 115 23.11 36.88 -28.02
CA HIS A 115 24.37 36.17 -28.26
C HIS A 115 24.74 36.08 -29.74
N GLN A 116 23.83 36.42 -30.64
CA GLN A 116 24.07 36.43 -32.07
C GLN A 116 24.41 37.81 -32.57
N ALA A 117 24.55 38.80 -31.69
CA ALA A 117 24.69 40.19 -32.12
C ALA A 117 26.15 40.66 -32.25
N TYR A 118 27.11 39.77 -32.39
CA TYR A 118 28.46 40.27 -32.57
C TYR A 118 28.65 40.93 -33.98
N PRO A 119 28.12 40.31 -35.05
CA PRO A 119 28.06 41.07 -36.33
C PRO A 119 27.43 42.46 -36.18
N HIS A 120 26.31 42.52 -35.46
CA HIS A 120 25.63 43.78 -35.23
C HIS A 120 26.56 44.77 -34.57
N LYS A 121 27.29 44.33 -33.54
CA LYS A 121 28.22 45.23 -32.87
C LYS A 121 29.37 45.62 -33.80
N ILE A 122 29.90 44.67 -34.57
CA ILE A 122 30.98 44.99 -35.50
C ILE A 122 30.61 46.13 -36.45
N LEU A 123 29.35 46.21 -36.85
CA LEU A 123 28.87 47.19 -37.80
C LEU A 123 28.33 48.46 -37.15
N THR A 124 28.33 48.53 -35.82
CA THR A 124 27.79 49.69 -35.13
C THR A 124 28.84 50.33 -34.23
N GLU A 125 29.93 50.80 -34.82
CA GLU A 125 30.98 51.57 -34.20
C GLU A 125 31.77 50.81 -33.15
N ARG A 126 31.66 49.48 -33.10
CA ARG A 126 32.39 48.76 -32.09
C ARG A 126 33.38 47.73 -32.65
N ARG A 127 33.60 47.70 -33.97
CA ARG A 127 34.50 46.70 -34.54
C ARG A 127 35.86 46.73 -33.84
N GLU A 128 36.45 47.90 -33.75
CA GLU A 128 37.78 48.04 -33.15
C GLU A 128 37.75 48.00 -31.63
N LEU A 129 36.56 47.91 -31.03
CA LEU A 129 36.44 47.61 -29.61
C LEU A 129 36.21 46.13 -29.34
N MET A 130 36.06 45.29 -30.38
CA MET A 130 35.75 43.89 -30.14
C MET A 130 36.87 43.15 -29.39
N GLY A 131 38.09 43.67 -29.39
CA GLY A 131 39.16 43.04 -28.60
C GLY A 131 38.97 43.11 -27.09
N THR A 132 38.12 44.00 -26.61
CA THR A 132 37.80 44.06 -25.18
C THR A 132 36.60 43.20 -24.78
N LEU A 133 35.98 42.52 -25.75
CA LEU A 133 34.72 41.83 -25.54
C LEU A 133 34.78 40.91 -24.32
N ARG A 134 33.74 41.00 -23.49
CA ARG A 134 33.54 40.13 -22.34
C ARG A 134 34.68 40.25 -21.34
N GLN A 135 35.51 41.28 -21.43
CA GLN A 135 36.51 41.57 -20.42
C GLN A 135 36.05 42.75 -19.56
N LYS A 136 36.55 42.80 -18.34
CA LYS A 136 36.26 43.90 -17.44
C LYS A 136 36.46 45.22 -18.16
N ASN A 137 35.46 46.10 -18.06
CA ASN A 137 35.42 47.42 -18.69
C ASN A 137 35.38 47.38 -20.21
N GLY A 138 35.22 46.20 -20.83
CA GLY A 138 35.06 46.11 -22.26
C GLY A 138 33.62 45.89 -22.70
N LEU A 139 33.47 45.53 -23.98
CA LEU A 139 32.12 45.32 -24.51
C LEU A 139 31.42 44.21 -23.73
N ALA A 140 30.14 44.42 -23.48
CA ALA A 140 29.30 43.43 -22.81
C ALA A 140 29.01 42.26 -23.73
N ALA A 141 28.56 41.18 -23.12
CA ALA A 141 28.22 39.96 -23.84
C ALA A 141 27.08 40.15 -24.82
N PHE A 142 26.17 41.08 -24.53
CA PHE A 142 24.89 41.26 -25.18
C PHE A 142 24.68 42.73 -25.56
N PRO A 143 23.76 43.00 -26.49
CA PRO A 143 23.34 44.38 -26.71
C PRO A 143 22.91 44.99 -25.38
N ARG A 144 23.20 46.28 -25.23
CA ARG A 144 23.04 46.96 -23.94
C ARG A 144 22.84 48.45 -24.19
N ARG A 145 21.68 48.98 -23.78
CA ARG A 145 21.36 50.37 -24.13
C ARG A 145 22.46 51.34 -23.70
N ALA A 146 22.93 51.20 -22.46
CA ALA A 146 24.00 52.08 -21.97
C ALA A 146 25.27 52.01 -22.83
N GLU A 147 25.43 50.94 -23.64
CA GLU A 147 26.67 50.78 -24.40
C GLU A 147 26.67 51.57 -25.72
N SER A 148 25.53 51.66 -26.40
CA SER A 148 25.48 52.14 -27.76
C SER A 148 24.06 52.59 -28.08
N GLU A 149 23.94 53.76 -28.73
CA GLU A 149 22.67 54.18 -29.30
C GLU A 149 22.11 53.15 -30.29
N TYR A 150 22.94 52.25 -30.80
CA TYR A 150 22.51 51.21 -31.73
C TYR A 150 21.86 50.02 -31.04
N ASP A 151 21.91 49.94 -29.74
CA ASP A 151 21.31 48.86 -28.98
C ASP A 151 20.01 49.40 -28.38
N THR A 152 18.89 48.93 -28.88
CA THR A 152 17.59 49.45 -28.44
C THR A 152 17.13 48.86 -27.13
N PHE A 153 17.63 47.67 -26.78
CA PHE A 153 17.09 46.92 -25.64
C PHE A 153 18.16 45.96 -25.15
N GLY A 154 18.56 46.09 -23.89
CA GLY A 154 19.43 45.12 -23.27
C GLY A 154 18.73 43.78 -23.17
N VAL A 155 19.40 42.72 -23.62
CA VAL A 155 18.86 41.38 -23.66
C VAL A 155 19.87 40.42 -23.04
N GLY A 156 19.43 39.18 -22.82
CA GLY A 156 20.22 38.11 -22.23
C GLY A 156 19.25 36.97 -22.03
N HIS A 157 18.26 37.16 -21.18
CA HIS A 157 17.13 36.25 -21.19
C HIS A 157 16.51 36.24 -22.58
N SER A 158 15.82 35.17 -22.89
CA SER A 158 15.29 35.04 -24.24
C SER A 158 13.84 35.54 -24.34
N SER A 159 13.42 35.76 -25.59
CA SER A 159 12.03 35.89 -26.00
C SER A 159 11.41 37.23 -25.65
N THR A 160 12.19 38.24 -25.29
CA THR A 160 11.71 39.57 -24.95
C THR A 160 11.60 40.49 -26.15
N SER A 161 12.14 40.09 -27.30
CA SER A 161 12.34 41.07 -28.37
C SER A 161 11.02 41.58 -28.92
N ILE A 162 10.04 40.70 -29.03
CA ILE A 162 8.80 41.08 -29.69
C ILE A 162 8.03 42.05 -28.83
N SER A 163 7.96 41.77 -27.52
CA SER A 163 7.30 42.69 -26.61
C SER A 163 7.94 44.06 -26.67
N ALA A 164 9.27 44.11 -26.67
CA ALA A 164 9.96 45.38 -26.62
C ALA A 164 9.77 46.17 -27.91
N ALA A 165 9.92 45.49 -29.06
CA ALA A 165 9.74 46.14 -30.35
C ALA A 165 8.32 46.65 -30.50
N LEU A 166 7.35 45.94 -29.91
CA LEU A 166 5.96 46.39 -29.98
C LEU A 166 5.74 47.67 -29.16
N GLY A 167 6.29 47.73 -27.94
CA GLY A 167 6.18 48.96 -27.17
C GLY A 167 6.85 50.16 -27.83
N MET A 168 7.96 49.91 -28.53
CA MET A 168 8.59 50.98 -29.29
C MET A 168 7.69 51.42 -30.42
N ALA A 169 7.00 50.47 -31.05
CA ALA A 169 6.21 50.81 -32.22
C ALA A 169 4.96 51.59 -31.81
N ILE A 170 4.31 51.19 -30.71
CA ILE A 170 3.18 51.91 -30.16
C ILE A 170 3.59 53.33 -29.78
N ALA A 171 4.74 53.47 -29.11
CA ALA A 171 5.24 54.79 -28.75
C ALA A 171 5.44 55.66 -29.99
N ALA A 172 6.20 55.17 -30.97
CA ALA A 172 6.41 55.90 -32.21
C ALA A 172 5.11 56.34 -32.88
N ARG A 173 4.09 55.49 -32.88
CA ARG A 173 2.82 55.91 -33.48
C ARG A 173 2.19 57.06 -32.69
N LEU A 174 2.08 56.90 -31.37
CA LEU A 174 1.55 57.98 -30.55
C LEU A 174 2.37 59.26 -30.68
N GLN A 175 3.68 59.13 -30.86
CA GLN A 175 4.51 60.32 -31.04
C GLN A 175 4.46 60.85 -32.47
N GLY A 176 3.86 60.09 -33.39
CA GLY A 176 3.86 60.48 -34.78
C GLY A 176 5.23 60.48 -35.42
N LYS A 177 6.19 59.73 -34.86
CA LYS A 177 7.43 59.44 -35.55
C LYS A 177 7.22 58.26 -36.50
N GLU A 178 7.88 58.30 -37.66
CA GLU A 178 7.62 57.28 -38.70
C GLU A 178 8.65 56.14 -38.69
N ARG A 179 9.28 55.88 -37.56
CA ARG A 179 10.36 54.91 -37.53
C ARG A 179 9.84 53.46 -37.62
N LYS A 180 10.72 52.60 -38.10
CA LYS A 180 10.40 51.18 -38.14
C LYS A 180 10.84 50.48 -36.85
N SER A 181 10.24 49.34 -36.62
CA SER A 181 10.50 48.49 -35.46
C SER A 181 10.60 47.07 -35.96
N VAL A 182 11.76 46.42 -35.70
CA VAL A 182 12.11 45.09 -36.18
C VAL A 182 12.61 44.27 -35.00
N ALA A 183 12.06 43.08 -34.84
CA ALA A 183 12.57 42.13 -33.86
C ALA A 183 13.09 40.89 -34.58
N VAL A 184 14.29 40.46 -34.21
CA VAL A 184 14.89 39.23 -34.71
C VAL A 184 14.85 38.22 -33.58
N ILE A 185 14.16 37.11 -33.79
CA ILE A 185 13.97 36.09 -32.77
C ILE A 185 14.24 34.70 -33.34
N GLY A 186 14.98 33.90 -32.59
CA GLY A 186 15.25 32.52 -32.97
C GLY A 186 14.06 31.60 -32.79
N ASP A 187 14.14 30.42 -33.42
CA ASP A 187 13.03 29.46 -33.30
C ASP A 187 12.88 28.94 -31.87
N GLY A 188 13.98 28.74 -31.15
CA GLY A 188 13.84 28.37 -29.75
C GLY A 188 13.13 29.42 -28.92
N ALA A 189 13.47 30.71 -29.12
CA ALA A 189 12.84 31.78 -28.34
C ALA A 189 11.32 31.78 -28.47
N LEU A 190 10.80 31.35 -29.61
CA LEU A 190 9.36 31.32 -29.89
C LEU A 190 8.61 30.27 -29.12
N THR A 191 9.30 29.38 -28.41
CA THR A 191 8.61 28.43 -27.55
C THR A 191 8.17 29.06 -26.23
N ALA A 192 8.63 30.28 -25.92
CA ALA A 192 8.30 30.89 -24.64
C ALA A 192 6.90 31.53 -24.67
N GLY A 193 6.23 31.47 -23.53
CA GLY A 193 4.89 32.04 -23.45
C GLY A 193 4.85 33.52 -23.75
N MET A 194 5.84 34.26 -23.30
CA MET A 194 5.77 35.71 -23.46
C MET A 194 5.85 36.13 -24.94
N ALA A 195 6.52 35.35 -25.77
CA ALA A 195 6.55 35.63 -27.19
C ALA A 195 5.17 35.43 -27.83
N PHE A 196 4.43 34.41 -27.38
CA PHE A 196 3.06 34.21 -27.84
C PHE A 196 2.17 35.37 -27.39
N GLU A 197 2.30 35.76 -26.13
CA GLU A 197 1.57 36.93 -25.62
C GLU A 197 1.81 38.18 -26.47
N ALA A 198 3.06 38.41 -26.88
CA ALA A 198 3.37 39.61 -27.67
C ALA A 198 2.83 39.49 -29.11
N LEU A 199 2.87 38.30 -29.71
CA LEU A 199 2.33 38.15 -31.06
C LEU A 199 0.83 38.45 -31.08
N ASN A 200 0.09 37.91 -30.11
CA ASN A 200 -1.33 38.16 -30.03
C ASN A 200 -1.64 39.65 -29.83
N HIS A 201 -0.93 40.29 -28.90
CA HIS A 201 -1.22 41.69 -28.63
C HIS A 201 -0.83 42.57 -29.80
N ALA A 202 0.29 42.23 -30.48
CA ALA A 202 0.69 43.04 -31.63
C ALA A 202 -0.38 43.01 -32.71
N SER A 203 -0.99 41.84 -32.89
CA SER A 203 -2.11 41.70 -33.80
C SER A 203 -3.31 42.47 -33.32
N GLU A 204 -3.59 42.40 -32.02
CA GLU A 204 -4.71 43.15 -31.46
C GLU A 204 -4.62 44.64 -31.74
N VAL A 205 -3.43 45.24 -31.58
CA VAL A 205 -3.33 46.68 -31.79
C VAL A 205 -2.99 47.01 -33.25
N ASP A 206 -2.86 46.00 -34.10
CA ASP A 206 -2.46 46.21 -35.49
C ASP A 206 -1.20 47.06 -35.58
N ALA A 207 -0.19 46.69 -34.80
CA ALA A 207 1.08 47.41 -34.79
C ALA A 207 1.78 47.32 -36.13
N ASP A 208 2.44 48.41 -36.52
CA ASP A 208 3.34 48.44 -37.67
C ASP A 208 4.71 47.96 -37.22
N MET A 209 4.96 46.66 -37.35
CA MET A 209 6.25 46.12 -36.91
C MET A 209 6.58 44.88 -37.72
N LEU A 210 7.86 44.51 -37.72
CA LEU A 210 8.33 43.34 -38.44
C LEU A 210 8.97 42.37 -37.46
N VAL A 211 8.51 41.13 -37.46
CA VAL A 211 9.19 40.07 -36.74
C VAL A 211 9.91 39.18 -37.74
N ILE A 212 11.20 38.97 -37.53
CA ILE A 212 12.01 38.05 -38.34
C ILE A 212 12.33 36.85 -37.47
N LEU A 213 11.82 35.67 -37.90
CA LEU A 213 12.13 34.38 -37.29
C LEU A 213 13.41 33.87 -37.91
N ASN A 214 14.47 33.81 -37.10
CA ASN A 214 15.78 33.32 -37.54
C ASN A 214 15.77 31.85 -37.19
N ASP A 215 15.32 31.05 -38.14
CA ASP A 215 15.07 29.61 -37.95
C ASP A 215 16.30 28.85 -38.41
N ASN A 216 17.05 28.28 -37.45
CA ASN A 216 18.20 27.44 -37.78
C ASN A 216 18.01 26.00 -37.32
N ASP A 217 16.77 25.56 -37.22
CA ASP A 217 16.45 24.14 -37.30
C ASP A 217 15.84 23.80 -38.65
N MET A 218 15.93 24.73 -39.61
CA MET A 218 15.52 24.55 -41.00
C MET A 218 14.01 24.40 -41.13
N SER A 219 13.37 25.28 -41.88
CA SER A 219 11.96 25.08 -42.25
C SER A 219 11.77 25.18 -43.76
N GLY A 242 4.01 28.48 -41.28
CA GLY A 242 3.33 29.70 -41.68
C GLY A 242 1.89 29.85 -41.21
N THR A 243 1.14 28.75 -41.31
CA THR A 243 -0.27 28.72 -40.93
C THR A 243 -0.53 29.33 -39.55
N LEU A 244 0.31 28.97 -38.58
CA LEU A 244 0.12 29.46 -37.22
C LEU A 244 0.15 30.98 -37.16
N PHE A 245 1.14 31.59 -37.80
CA PHE A 245 1.33 33.04 -37.69
C PHE A 245 0.24 33.80 -38.43
N GLU A 246 -0.17 33.30 -39.59
CA GLU A 246 -1.32 33.87 -40.28
C GLU A 246 -2.53 33.86 -39.35
N GLU A 247 -2.80 32.71 -38.73
CA GLU A 247 -3.95 32.63 -37.84
C GLU A 247 -3.87 33.67 -36.72
N LEU A 248 -2.67 33.89 -36.16
CA LEU A 248 -2.49 34.87 -35.09
C LEU A 248 -2.56 36.32 -35.58
N GLY A 249 -2.82 36.57 -36.85
CA GLY A 249 -3.00 37.92 -37.33
C GLY A 249 -1.83 38.52 -38.08
N TRP A 250 -0.86 37.72 -38.49
CA TRP A 250 0.38 38.21 -39.06
C TRP A 250 0.46 37.91 -40.54
N ASN A 251 1.06 38.84 -41.31
CA ASN A 251 1.34 38.60 -42.72
C ASN A 251 2.64 37.83 -42.85
N TYR A 252 2.55 36.58 -43.28
CA TYR A 252 3.68 35.66 -43.29
C TYR A 252 4.34 35.62 -44.66
N ILE A 253 5.65 35.79 -44.67
CA ILE A 253 6.46 35.73 -45.87
C ILE A 253 7.60 34.77 -45.56
N GLY A 254 7.93 33.91 -46.53
CA GLY A 254 9.02 32.99 -46.39
C GLY A 254 8.55 31.56 -46.51
N PRO A 255 9.41 30.60 -46.20
CA PRO A 255 10.77 30.80 -45.70
C PRO A 255 11.74 31.18 -46.80
N ILE A 256 12.76 31.94 -46.45
CA ILE A 256 13.78 32.30 -47.43
C ILE A 256 15.14 31.95 -46.88
N ASP A 257 16.11 31.92 -47.77
CA ASP A 257 17.48 31.57 -47.45
C ASP A 257 18.11 32.77 -46.75
N GLY A 258 18.37 32.62 -45.44
CA GLY A 258 18.98 33.69 -44.68
C GLY A 258 20.42 34.01 -45.01
N HIS A 259 21.06 33.24 -45.90
CA HIS A 259 22.40 33.59 -46.33
C HIS A 259 22.46 34.05 -47.78
N ASP A 260 21.30 34.21 -48.43
CA ASP A 260 21.21 34.71 -49.81
C ASP A 260 21.00 36.22 -49.69
N LEU A 261 22.10 36.95 -49.68
CA LEU A 261 22.03 38.39 -49.45
C LEU A 261 21.14 39.10 -50.46
N PRO A 262 21.24 38.84 -51.75
CA PRO A 262 20.30 39.44 -52.71
C PRO A 262 18.83 39.22 -52.40
N THR A 263 18.45 37.98 -52.07
CA THR A 263 17.06 37.73 -51.72
C THR A 263 16.70 38.38 -50.40
N LEU A 264 17.66 38.49 -49.47
CA LEU A 264 17.37 39.14 -48.20
C LEU A 264 17.08 40.62 -48.39
N VAL A 265 17.99 41.32 -49.09
CA VAL A 265 17.87 42.76 -49.25
C VAL A 265 16.56 43.08 -49.96
N ALA A 266 16.22 42.27 -50.96
CA ALA A 266 15.01 42.54 -51.75
C ALA A 266 13.76 42.31 -50.91
N THR A 267 13.71 41.19 -50.19
CA THR A 267 12.54 40.91 -49.34
C THR A 267 12.38 42.00 -48.28
N LEU A 268 13.47 42.35 -47.60
CA LEU A 268 13.38 43.32 -46.50
C LEU A 268 12.93 44.68 -47.01
N ARG A 269 13.47 45.12 -48.16
CA ARG A 269 12.99 46.35 -48.79
C ARG A 269 11.48 46.31 -49.02
N ASN A 270 10.98 45.24 -49.62
CA ASN A 270 9.54 45.11 -49.86
C ASN A 270 8.77 45.21 -48.56
N MET A 271 9.13 44.37 -47.58
CA MET A 271 8.40 44.36 -46.31
C MET A 271 8.59 45.64 -45.52
N ARG A 272 9.68 46.36 -45.78
CA ARG A 272 10.02 47.50 -44.94
C ARG A 272 8.88 48.50 -44.88
N ASP A 273 8.15 48.67 -45.98
CA ASP A 273 7.09 49.68 -46.03
C ASP A 273 5.70 49.05 -46.12
N MET A 274 5.57 47.77 -45.81
CA MET A 274 4.22 47.23 -45.65
C MET A 274 3.69 47.62 -44.27
N LYS A 275 2.39 47.56 -44.12
CA LYS A 275 1.73 48.00 -42.90
C LYS A 275 1.24 46.79 -42.11
N GLY A 276 1.04 47.00 -40.80
CA GLY A 276 0.52 45.97 -39.94
C GLY A 276 1.60 45.00 -39.51
N PRO A 277 1.22 43.99 -38.73
CA PRO A 277 2.18 42.98 -38.27
C PRO A 277 2.73 42.15 -39.39
N GLN A 278 4.01 42.28 -39.68
CA GLN A 278 4.69 41.50 -40.72
C GLN A 278 5.64 40.49 -40.09
N PHE A 279 5.66 39.28 -40.64
CA PHE A 279 6.44 38.15 -40.11
C PHE A 279 7.27 37.55 -41.24
N LEU A 280 8.58 37.67 -41.13
CA LEU A 280 9.48 37.08 -42.11
C LEU A 280 10.21 35.87 -41.52
N HIS A 281 10.06 34.73 -42.19
CA HIS A 281 10.68 33.46 -41.83
C HIS A 281 11.95 33.33 -42.67
N VAL A 282 13.10 33.41 -42.01
CA VAL A 282 14.37 33.18 -42.70
C VAL A 282 14.95 31.90 -42.13
N VAL A 283 15.75 31.23 -42.93
CA VAL A 283 16.37 29.97 -42.54
C VAL A 283 17.88 30.16 -42.58
N THR A 284 18.54 29.85 -41.48
CA THR A 284 19.98 30.04 -41.41
C THR A 284 20.61 28.75 -40.92
N LYS A 285 21.93 28.65 -41.09
CA LYS A 285 22.73 27.53 -40.63
C LYS A 285 23.50 27.97 -39.39
N LYS A 286 23.31 27.25 -38.29
CA LYS A 286 24.14 27.47 -37.11
C LYS A 286 25.60 27.22 -37.48
N GLY A 287 26.48 28.13 -37.07
CA GLY A 287 27.87 27.98 -37.41
C GLY A 287 28.24 28.28 -38.84
N LYS A 288 27.34 28.89 -39.62
CA LYS A 288 27.55 28.99 -41.06
C LYS A 288 28.91 29.56 -41.39
N GLY A 289 29.63 28.85 -42.24
CA GLY A 289 30.90 29.31 -42.72
C GLY A 289 32.09 28.81 -41.94
N PHE A 290 31.87 28.04 -40.88
CA PHE A 290 32.97 27.44 -40.13
C PHE A 290 32.65 25.98 -39.89
N ALA A 291 33.32 25.08 -40.62
CA ALA A 291 32.87 23.69 -40.64
C ALA A 291 32.87 23.06 -39.25
N PRO A 292 33.90 23.22 -38.42
CA PRO A 292 33.80 22.71 -37.04
C PRO A 292 32.49 23.10 -36.36
N ALA A 293 32.06 24.35 -36.51
CA ALA A 293 30.83 24.80 -35.83
C ALA A 293 29.58 24.25 -36.51
N GLU A 294 29.58 24.13 -37.84
CA GLU A 294 28.42 23.53 -38.51
C GLU A 294 28.27 22.06 -38.13
N LEU A 295 29.39 21.39 -37.81
CA LEU A 295 29.37 19.98 -37.47
C LEU A 295 29.04 19.75 -36.02
N ASP A 296 29.39 20.71 -35.15
CA ASP A 296 29.09 20.62 -33.72
C ASP A 296 28.54 21.94 -33.20
N PRO A 297 27.28 22.28 -33.54
CA PRO A 297 26.74 23.57 -33.08
C PRO A 297 26.60 23.68 -31.56
N ILE A 298 26.28 22.58 -30.88
CA ILE A 298 26.28 22.64 -29.41
C ILE A 298 27.68 23.00 -28.90
N GLY A 299 28.71 22.30 -29.40
CA GLY A 299 30.07 22.59 -28.98
C GLY A 299 30.55 24.01 -29.28
N TYR A 300 30.08 24.59 -30.38
CA TYR A 300 30.57 25.90 -30.85
C TYR A 300 29.56 27.01 -30.58
N HIS A 301 28.52 26.72 -29.80
CA HIS A 301 27.66 27.77 -29.26
C HIS A 301 28.48 28.90 -28.63
N ALA A 302 29.48 28.52 -27.84
CA ALA A 302 30.45 29.41 -27.23
C ALA A 302 31.80 28.72 -27.23
N ILE A 303 32.88 29.51 -27.35
CA ILE A 303 34.23 28.98 -27.28
C ILE A 303 35.05 29.80 -26.31
N THR A 304 36.19 29.23 -25.92
CA THR A 304 37.21 29.96 -25.19
C THR A 304 38.25 30.47 -26.18
N LYS A 305 39.07 31.42 -25.72
CA LYS A 305 40.12 31.98 -26.56
C LYS A 305 41.15 30.91 -26.90
N LEU A 306 41.96 31.17 -27.92
CA LEU A 306 42.93 30.20 -28.39
C LEU A 306 44.23 30.25 -27.60
N GLU A 307 45.13 29.30 -27.92
CA GLU A 307 46.45 29.20 -27.29
C GLU A 307 46.29 28.76 -25.84
N GLY A 317 40.20 21.74 -10.59
CA GLY A 317 40.41 20.40 -11.12
C GLY A 317 39.22 19.50 -10.84
N GLY A 318 38.25 19.97 -10.04
CA GLY A 318 37.15 19.15 -9.61
C GLY A 318 35.97 19.14 -10.56
N PRO A 319 35.01 18.24 -10.34
CA PRO A 319 33.79 18.24 -11.16
C PRO A 319 33.04 19.55 -11.02
N LYS A 320 32.52 20.04 -12.13
CA LYS A 320 31.54 21.13 -12.08
C LYS A 320 30.39 20.76 -11.13
N TYR A 321 29.82 21.76 -10.45
CA TYR A 321 28.68 21.46 -9.58
C TYR A 321 27.51 20.86 -10.37
N SER A 322 27.26 21.37 -11.57
CA SER A 322 26.17 20.84 -12.38
C SER A 322 26.37 19.37 -12.70
N SER A 323 27.63 18.92 -12.82
CA SER A 323 27.90 17.50 -13.01
C SER A 323 27.76 16.68 -11.72
N VAL A 324 28.08 17.28 -10.57
CA VAL A 324 27.69 16.65 -9.30
C VAL A 324 26.18 16.49 -9.23
N PHE A 325 25.42 17.54 -9.60
CA PHE A 325 23.97 17.40 -9.65
C PHE A 325 23.56 16.27 -10.61
N GLY A 326 24.14 16.25 -11.81
CA GLY A 326 23.73 15.27 -12.82
C GLY A 326 24.05 13.84 -12.41
N GLN A 327 25.17 13.64 -11.71
CA GLN A 327 25.46 12.32 -11.18
C GLN A 327 24.45 11.94 -10.09
N TRP A 328 24.10 12.91 -9.24
CA TRP A 328 23.08 12.67 -8.22
C TRP A 328 21.74 12.30 -8.84
N LEU A 329 21.33 12.99 -9.90
CA LEU A 329 20.03 12.74 -10.52
C LEU A 329 19.95 11.31 -11.06
N CYS A 330 21.01 10.86 -11.73
CA CYS A 330 21.07 9.48 -12.23
C CYS A 330 21.05 8.48 -11.08
N ASP A 331 21.93 8.68 -10.09
CA ASP A 331 21.98 7.79 -8.94
C ASP A 331 20.63 7.73 -8.24
N MET A 332 19.99 8.89 -8.02
CA MET A 332 18.70 8.80 -7.33
C MET A 332 17.65 8.12 -8.20
N ALA A 333 17.72 8.32 -9.51
CA ALA A 333 16.73 7.73 -10.40
C ALA A 333 16.87 6.22 -10.48
N ALA A 334 18.10 5.72 -10.33
CA ALA A 334 18.35 4.27 -10.29
C ALA A 334 17.68 3.63 -9.08
N GLN A 335 17.63 4.36 -7.97
CA GLN A 335 16.98 3.93 -6.75
C GLN A 335 15.46 4.12 -6.74
N ASP A 336 14.94 5.14 -7.43
CA ASP A 336 13.54 5.56 -7.29
C ASP A 336 12.95 5.74 -8.67
N ALA A 337 12.14 4.76 -9.08
CA ALA A 337 11.44 4.83 -10.36
C ALA A 337 10.54 6.06 -10.48
N ARG A 338 10.21 6.73 -9.37
CA ARG A 338 9.28 7.85 -9.41
C ARG A 338 9.94 9.15 -9.83
N LEU A 339 11.27 9.22 -9.75
CA LEU A 339 11.96 10.47 -10.04
C LEU A 339 11.73 10.87 -11.47
N LEU A 340 11.38 12.15 -11.67
CA LEU A 340 11.25 12.75 -12.98
C LEU A 340 12.13 13.99 -13.07
N GLY A 341 12.86 14.15 -14.17
CA GLY A 341 13.77 15.27 -14.36
C GLY A 341 13.22 16.20 -15.44
N ILE A 342 13.07 17.50 -15.05
CA ILE A 342 12.55 18.54 -15.93
C ILE A 342 13.57 19.65 -16.09
N THR A 343 13.77 20.10 -17.33
CA THR A 343 14.63 21.27 -17.62
C THR A 343 13.89 22.13 -18.64
N PRO A 344 13.89 23.49 -18.47
CA PRO A 344 13.39 24.37 -19.57
C PRO A 344 14.55 24.67 -20.52
N ALA A 345 14.91 23.65 -21.31
CA ALA A 345 15.81 23.77 -22.47
C ALA A 345 17.27 23.98 -22.09
N MET A 346 17.71 23.45 -20.97
CA MET A 346 19.11 23.62 -20.54
C MET A 346 19.70 22.27 -20.13
N LYS A 347 19.43 21.25 -20.96
CA LYS A 347 19.99 19.92 -20.72
C LYS A 347 21.51 19.96 -20.51
N GLU A 348 22.22 20.62 -21.42
CA GLU A 348 23.68 20.64 -21.33
C GLU A 348 24.14 21.48 -20.16
N GLY A 349 23.50 22.66 -19.95
CA GLY A 349 23.98 23.59 -18.94
C GLY A 349 23.76 23.09 -17.54
N SER A 350 22.53 22.65 -17.23
CA SER A 350 22.22 22.00 -15.96
C SER A 350 22.80 20.60 -15.86
N ASP A 351 23.25 20.02 -16.98
CA ASP A 351 23.88 18.72 -17.10
C ASP A 351 22.96 17.55 -16.78
N LEU A 352 21.86 17.43 -17.54
CA LEU A 352 21.02 16.25 -17.52
C LEU A 352 21.35 15.32 -18.69
N VAL A 353 22.57 15.39 -19.20
CA VAL A 353 22.90 14.65 -20.44
C VAL A 353 22.78 13.15 -20.21
N ALA A 354 23.57 12.62 -19.27
CA ALA A 354 23.52 11.18 -19.01
C ALA A 354 22.13 10.75 -18.58
N PHE A 355 21.46 11.60 -17.78
CA PHE A 355 20.10 11.29 -17.32
C PHE A 355 19.13 11.14 -18.49
N SER A 356 19.20 12.07 -19.45
CA SER A 356 18.30 11.97 -20.59
C SER A 356 18.59 10.74 -21.44
N GLU A 357 19.80 10.22 -21.39
CA GLU A 357 20.10 9.03 -22.17
C GLU A 357 19.66 7.77 -21.44
N ARG A 358 19.90 7.71 -20.12
CA ARG A 358 19.56 6.53 -19.34
C ARG A 358 18.08 6.47 -18.98
N TYR A 359 17.38 7.60 -18.85
CA TYR A 359 15.99 7.63 -18.38
C TYR A 359 15.12 8.48 -19.29
N PRO A 360 15.08 8.19 -20.59
CA PRO A 360 14.40 9.09 -21.53
C PRO A 360 12.93 9.24 -21.28
N GLU A 361 12.28 8.25 -20.62
CA GLU A 361 10.86 8.30 -20.34
C GLU A 361 10.54 9.12 -19.11
N ARG A 362 11.57 9.50 -18.37
CA ARG A 362 11.46 10.23 -17.12
C ARG A 362 12.17 11.58 -17.19
N TYR A 363 12.56 12.00 -18.39
CA TYR A 363 13.26 13.25 -18.70
C TYR A 363 12.39 14.12 -19.58
N PHE A 364 12.23 15.38 -19.22
CA PHE A 364 11.31 16.28 -19.91
C PHE A 364 12.02 17.62 -20.13
N ASP A 365 12.26 17.94 -21.40
CA ASP A 365 12.72 19.26 -21.82
C ASP A 365 11.49 19.96 -22.36
N VAL A 366 11.05 21.01 -21.65
CA VAL A 366 9.80 21.69 -22.00
C VAL A 366 10.05 22.87 -22.95
N ALA A 367 11.27 23.00 -23.46
CA ALA A 367 11.67 24.14 -24.29
C ALA A 367 11.85 25.36 -23.39
N ILE A 368 11.77 26.57 -23.93
CA ILE A 368 12.13 27.77 -23.15
C ILE A 368 10.87 28.22 -22.47
N ALA A 369 10.51 27.53 -21.38
CA ALA A 369 9.18 27.44 -20.85
C ALA A 369 9.23 27.14 -19.36
N GLU A 370 9.92 28.05 -18.64
CA GLU A 370 10.08 27.92 -17.20
C GLU A 370 8.73 27.81 -16.51
N GLN A 371 7.74 28.60 -16.93
CA GLN A 371 6.46 28.60 -16.23
C GLN A 371 5.82 27.22 -16.30
N HIS A 372 5.72 26.65 -17.52
CA HIS A 372 5.09 25.36 -17.67
C HIS A 372 5.89 24.28 -16.93
N ALA A 373 7.22 24.41 -16.90
CA ALA A 373 8.05 23.45 -16.20
C ALA A 373 7.59 23.25 -14.76
N VAL A 374 7.38 24.35 -14.04
CA VAL A 374 7.11 24.26 -12.61
C VAL A 374 5.69 23.74 -12.35
N THR A 375 4.71 24.20 -13.14
CA THR A 375 3.35 23.72 -12.94
C THR A 375 3.19 22.28 -13.46
N LEU A 376 3.91 21.92 -14.52
CA LEU A 376 3.98 20.51 -14.93
C LEU A 376 4.47 19.62 -13.77
N ALA A 377 5.56 20.01 -13.12
CA ALA A 377 6.03 19.28 -11.94
C ALA A 377 4.96 19.16 -10.86
N ALA A 378 4.22 20.24 -10.62
CA ALA A 378 3.20 20.21 -9.58
C ALA A 378 2.14 19.16 -9.90
N GLY A 379 1.65 19.13 -11.14
CA GLY A 379 0.77 18.06 -11.58
C GLY A 379 1.34 16.67 -11.38
N MET A 380 2.60 16.46 -11.77
CA MET A 380 3.23 15.15 -11.57
C MET A 380 3.27 14.77 -10.10
N ALA A 381 3.55 15.74 -9.23
CA ALA A 381 3.62 15.48 -7.80
C ALA A 381 2.26 15.18 -7.22
N CYS A 382 1.20 15.67 -7.87
CA CYS A 382 -0.17 15.36 -7.45
C CYS A 382 -0.50 13.87 -7.57
N GLU A 383 0.07 13.17 -8.56
CA GLU A 383 -0.16 11.75 -8.80
C GLU A 383 0.88 10.85 -8.10
N GLY A 384 1.70 11.39 -7.23
CA GLY A 384 2.66 10.61 -6.49
C GLY A 384 4.01 10.44 -7.13
N MET A 385 4.29 11.07 -8.26
CA MET A 385 5.62 11.05 -8.84
C MET A 385 6.48 12.13 -8.19
N LYS A 386 7.79 12.11 -8.48
CA LYS A 386 8.80 12.86 -7.72
C LYS A 386 9.62 13.72 -8.69
N PRO A 387 9.06 14.84 -9.16
CA PRO A 387 9.75 15.66 -10.14
C PRO A 387 10.88 16.47 -9.51
N VAL A 388 11.96 16.58 -10.26
CA VAL A 388 13.07 17.47 -9.96
C VAL A 388 13.12 18.52 -11.07
N VAL A 389 12.98 19.80 -10.70
CA VAL A 389 13.06 20.91 -11.64
C VAL A 389 14.48 21.49 -11.58
N ALA A 390 15.21 21.32 -12.68
CA ALA A 390 16.54 21.86 -12.86
C ALA A 390 16.40 23.20 -13.58
N ILE A 391 16.89 24.28 -12.96
CA ILE A 391 16.65 25.64 -13.44
C ILE A 391 17.67 26.60 -12.84
N TYR A 392 18.16 27.53 -13.64
CA TYR A 392 19.12 28.51 -13.15
C TYR A 392 18.37 29.52 -12.29
N SER A 393 19.09 30.10 -11.33
CA SER A 393 18.48 31.10 -10.46
C SER A 393 17.89 32.25 -11.27
N THR A 394 18.62 32.74 -12.27
CA THR A 394 18.14 33.90 -13.03
C THR A 394 16.88 33.53 -13.80
N PHE A 395 16.80 32.30 -14.28
CA PHE A 395 15.62 31.90 -15.05
C PHE A 395 14.46 31.50 -14.18
N LEU A 396 14.71 30.97 -12.97
CA LEU A 396 13.61 30.67 -12.05
C LEU A 396 12.81 31.91 -11.72
N GLN A 397 13.41 33.10 -11.90
CA GLN A 397 12.67 34.35 -11.75
C GLN A 397 11.41 34.35 -12.59
N ARG A 398 11.47 33.76 -13.79
CA ARG A 398 10.34 33.74 -14.70
C ARG A 398 9.26 32.71 -14.35
N ALA A 399 9.48 31.82 -13.39
CA ALA A 399 8.44 30.90 -12.97
C ALA A 399 8.04 31.11 -11.51
N TYR A 400 8.34 32.28 -10.94
CA TYR A 400 8.09 32.56 -9.52
C TYR A 400 6.65 32.30 -9.13
N ASP A 401 5.71 32.65 -10.01
CA ASP A 401 4.30 32.53 -9.69
C ASP A 401 3.87 31.07 -9.60
N GLN A 402 4.38 30.25 -10.50
CA GLN A 402 4.07 28.83 -10.49
C GLN A 402 4.65 28.14 -9.26
N LEU A 403 5.87 28.51 -8.88
CA LEU A 403 6.46 28.02 -7.64
C LEU A 403 5.61 28.40 -6.44
N ILE A 404 5.17 29.66 -6.36
CA ILE A 404 4.39 30.09 -5.20
C ILE A 404 2.99 29.47 -5.23
N HIS A 405 2.26 29.76 -6.30
CA HIS A 405 0.83 29.44 -6.36
C HIS A 405 0.60 27.96 -6.60
N ASP A 406 1.29 27.36 -7.57
CA ASP A 406 1.06 25.97 -7.89
C ASP A 406 1.81 25.02 -6.96
N VAL A 407 3.00 25.39 -6.49
CA VAL A 407 3.76 24.46 -5.68
C VAL A 407 3.66 24.74 -4.18
N ALA A 408 4.12 25.90 -3.74
CA ALA A 408 4.24 26.15 -2.30
C ALA A 408 2.88 26.24 -1.60
N VAL A 409 1.94 26.96 -2.20
CA VAL A 409 0.61 27.11 -1.58
C VAL A 409 -0.04 25.75 -1.38
N GLN A 410 0.21 24.82 -2.31
CA GLN A 410 -0.30 23.45 -2.22
C GLN A 410 0.62 22.51 -1.45
N HIS A 411 1.76 23.02 -0.98
CA HIS A 411 2.82 22.23 -0.34
C HIS A 411 3.13 20.94 -1.11
N LEU A 412 3.23 21.03 -2.42
CA LEU A 412 3.48 19.85 -3.24
C LEU A 412 4.96 19.49 -3.27
N ASP A 413 5.23 18.19 -3.45
CA ASP A 413 6.57 17.61 -3.25
C ASP A 413 7.37 17.77 -4.54
N VAL A 414 8.05 18.92 -4.66
CA VAL A 414 8.87 19.24 -5.84
C VAL A 414 10.23 19.73 -5.36
N LEU A 415 11.29 19.20 -5.95
CA LEU A 415 12.64 19.67 -5.68
C LEU A 415 13.11 20.59 -6.80
N PHE A 416 13.72 21.71 -6.42
CA PHE A 416 14.26 22.71 -7.35
C PHE A 416 15.79 22.65 -7.25
N ALA A 417 16.46 22.22 -8.32
CA ALA A 417 17.93 22.24 -8.33
C ALA A 417 18.36 23.51 -9.06
N ILE A 418 18.82 24.49 -8.27
CA ILE A 418 19.01 25.87 -8.72
C ILE A 418 20.50 26.10 -8.97
N ASP A 419 20.86 26.09 -10.25
CA ASP A 419 22.21 26.25 -10.76
C ASP A 419 22.45 27.73 -11.05
N ARG A 420 23.73 28.08 -11.28
CA ARG A 420 24.12 29.47 -11.57
C ARG A 420 23.65 30.43 -10.47
N ALA A 421 23.72 29.96 -9.24
CA ALA A 421 23.39 30.78 -8.08
C ALA A 421 24.61 31.61 -7.74
N GLY A 422 24.42 32.91 -7.52
CA GLY A 422 25.53 33.82 -7.31
C GLY A 422 25.92 34.55 -8.59
N LEU A 423 27.13 35.09 -8.60
CA LEU A 423 27.64 35.77 -9.78
C LEU A 423 28.07 34.74 -10.82
N VAL A 424 27.91 35.07 -12.09
CA VAL A 424 28.15 34.11 -13.16
C VAL A 424 29.24 34.55 -14.11
N GLY A 425 29.85 35.70 -13.91
CA GLY A 425 31.01 36.08 -14.71
C GLY A 425 30.64 36.88 -15.96
N GLU A 426 31.16 36.44 -17.12
CA GLU A 426 31.21 37.35 -18.26
C GLU A 426 29.85 37.63 -18.85
N ASP A 427 28.87 36.73 -18.68
CA ASP A 427 27.54 37.00 -19.16
C ASP A 427 26.92 38.20 -18.46
N GLY A 428 27.38 38.50 -17.25
CA GLY A 428 27.03 39.73 -16.59
C GLY A 428 25.70 39.69 -15.87
N PRO A 429 25.19 40.88 -15.56
CA PRO A 429 24.07 40.99 -14.62
C PRO A 429 22.77 40.45 -15.14
N THR A 430 22.55 40.35 -16.46
CA THR A 430 21.32 39.74 -16.95
C THR A 430 21.19 38.25 -16.57
N HIS A 431 22.28 37.59 -16.25
CA HIS A 431 22.25 36.17 -15.92
C HIS A 431 22.64 35.88 -14.46
N ALA A 432 22.85 36.91 -13.67
CA ALA A 432 23.30 36.73 -12.28
C ALA A 432 22.24 36.05 -11.44
N GLY A 433 22.67 35.05 -10.66
CA GLY A 433 21.80 34.36 -9.72
C GLY A 433 21.81 35.06 -8.37
N SER A 434 21.43 36.34 -8.34
CA SER A 434 21.65 37.17 -7.16
C SER A 434 20.54 37.14 -6.12
N PHE A 435 19.37 36.58 -6.44
CA PHE A 435 18.17 36.90 -5.67
C PHE A 435 17.42 35.69 -5.14
N ASP A 436 17.79 34.47 -5.52
CA ASP A 436 16.91 33.35 -5.22
C ASP A 436 16.76 33.09 -3.72
N ILE A 437 17.74 33.43 -2.88
CA ILE A 437 17.54 33.22 -1.45
C ILE A 437 16.53 34.24 -0.93
N SER A 438 16.57 35.45 -1.46
CA SER A 438 15.63 36.46 -1.02
C SER A 438 14.23 36.17 -1.53
N TYR A 439 14.08 35.78 -2.79
CA TYR A 439 12.71 35.63 -3.26
C TYR A 439 12.07 34.30 -2.85
N LEU A 440 12.86 33.29 -2.48
CA LEU A 440 12.32 32.00 -2.02
C LEU A 440 12.06 31.92 -0.51
N ARG A 441 12.94 32.50 0.31
CA ARG A 441 12.82 32.30 1.75
C ARG A 441 11.62 33.04 2.34
N CYS A 442 11.03 33.99 1.61
CA CYS A 442 9.84 34.67 2.12
C CYS A 442 8.57 33.89 1.83
N ILE A 443 8.69 32.72 1.20
CA ILE A 443 7.55 31.94 0.74
C ILE A 443 7.31 30.79 1.77
N PRO A 444 6.15 30.79 2.38
CA PRO A 444 5.92 29.73 3.38
C PRO A 444 5.94 28.34 2.73
N GLY A 445 6.51 27.39 3.48
CA GLY A 445 6.62 26.01 3.06
C GLY A 445 7.94 25.63 2.45
N MET A 446 8.74 26.61 2.05
CA MET A 446 9.95 26.30 1.30
C MET A 446 11.10 25.86 2.20
N LEU A 447 11.66 24.69 1.88
CA LEU A 447 12.96 24.27 2.40
C LEU A 447 14.05 24.89 1.52
N VAL A 448 14.99 25.64 2.11
CA VAL A 448 15.94 26.43 1.32
C VAL A 448 17.36 26.13 1.79
N MET A 449 18.19 25.62 0.89
CA MET A 449 19.50 25.07 1.24
C MET A 449 20.60 25.62 0.36
N THR A 450 21.78 25.74 0.97
CA THR A 450 22.96 26.37 0.38
C THR A 450 24.19 25.49 0.62
N PRO A 451 24.42 24.48 -0.21
CA PRO A 451 25.62 23.66 -0.03
C PRO A 451 26.92 24.42 -0.21
N SER A 452 27.94 23.99 0.53
CA SER A 452 29.25 24.60 0.56
C SER A 452 30.32 23.90 -0.28
N ASP A 453 30.08 22.68 -0.77
CA ASP A 453 31.03 22.00 -1.64
C ASP A 453 30.31 20.85 -2.34
N GLU A 454 31.10 20.03 -3.06
CA GLU A 454 30.54 18.93 -3.82
C GLU A 454 29.77 17.96 -2.94
N ASP A 455 30.35 17.61 -1.79
CA ASP A 455 29.74 16.56 -0.96
C ASP A 455 28.46 17.06 -0.35
N GLU A 456 28.44 18.34 0.01
CA GLU A 456 27.25 18.93 0.58
C GLU A 456 26.15 19.06 -0.46
N LEU A 457 26.52 19.35 -1.71
CA LEU A 457 25.50 19.44 -2.76
C LEU A 457 24.77 18.12 -2.85
N ARG A 458 25.54 17.03 -2.95
CA ARG A 458 24.95 15.70 -3.06
C ARG A 458 24.07 15.41 -1.86
N LYS A 459 24.56 15.76 -0.66
CA LYS A 459 23.82 15.48 0.56
C LYS A 459 22.55 16.30 0.64
N LEU A 460 22.62 17.57 0.25
CA LEU A 460 21.46 18.45 0.41
C LEU A 460 20.41 18.19 -0.65
N LEU A 461 20.81 17.79 -1.87
CA LEU A 461 19.83 17.29 -2.83
C LEU A 461 19.08 16.09 -2.26
N THR A 462 19.80 15.16 -1.63
CA THR A 462 19.11 14.00 -1.04
C THR A 462 18.20 14.45 0.09
N THR A 463 18.69 15.37 0.92
CA THR A 463 17.87 15.96 1.96
C THR A 463 16.60 16.58 1.37
N GLY A 464 16.74 17.45 0.36
CA GLY A 464 15.56 18.09 -0.22
C GLY A 464 14.62 17.13 -0.93
N TYR A 465 15.19 16.13 -1.63
CA TYR A 465 14.39 15.13 -2.33
C TYR A 465 13.61 14.24 -1.36
N LEU A 466 14.22 13.80 -0.27
CA LEU A 466 13.49 12.94 0.66
C LEU A 466 12.38 13.72 1.38
N PHE A 467 12.63 15.00 1.68
CA PHE A 467 11.61 15.88 2.24
C PHE A 467 10.33 15.79 1.43
N ASP A 468 9.22 15.67 2.12
CA ASP A 468 7.91 15.68 1.49
C ASP A 468 7.43 17.13 1.47
N GLY A 469 7.67 17.80 0.36
CA GLY A 469 7.40 19.22 0.26
C GLY A 469 8.35 19.97 -0.66
N PRO A 470 8.06 21.24 -0.85
CA PRO A 470 8.87 22.09 -1.73
C PRO A 470 10.25 22.36 -1.14
N ALA A 471 11.27 22.13 -1.96
CA ALA A 471 12.66 22.26 -1.53
C ALA A 471 13.51 22.83 -2.66
N ALA A 472 14.53 23.55 -2.27
CA ALA A 472 15.43 24.22 -3.19
C ALA A 472 16.84 24.02 -2.70
N VAL A 473 17.75 23.86 -3.63
CA VAL A 473 19.16 23.67 -3.37
C VAL A 473 19.88 24.52 -4.39
N ARG A 474 20.64 25.54 -3.95
CA ARG A 474 21.27 26.49 -4.88
C ARG A 474 22.78 26.26 -4.88
N TYR A 475 23.37 26.36 -6.06
CA TYR A 475 24.81 26.12 -6.21
C TYR A 475 25.28 26.92 -7.41
N PRO A 476 26.56 27.26 -7.47
CA PRO A 476 27.06 28.10 -8.56
C PRO A 476 27.47 27.35 -9.82
N ARG A 477 27.64 28.12 -10.89
CA ARG A 477 28.42 27.69 -12.03
C ARG A 477 29.83 27.34 -11.58
N GLY A 478 30.54 26.59 -12.45
CA GLY A 478 31.93 26.27 -12.18
C GLY A 478 32.13 25.08 -11.26
N SER A 479 33.35 24.97 -10.77
CA SER A 479 33.78 23.86 -9.91
C SER A 479 33.99 24.33 -8.48
N GLY A 480 34.27 23.37 -7.58
CA GLY A 480 34.38 23.67 -6.17
C GLY A 480 35.78 23.51 -5.61
N PRO A 481 35.89 23.33 -4.29
CA PRO A 481 37.21 23.08 -3.69
C PRO A 481 37.70 21.65 -3.89
N ASN A 482 36.87 20.78 -4.46
CA ASN A 482 37.26 19.42 -4.83
C ASN A 482 37.52 18.52 -3.63
N HIS A 483 36.62 18.58 -2.66
CA HIS A 483 36.68 17.71 -1.51
C HIS A 483 36.11 16.33 -1.88
N PRO A 484 36.48 15.31 -1.13
CA PRO A 484 35.91 13.98 -1.44
C PRO A 484 34.40 14.02 -1.30
N ILE A 485 33.75 13.07 -1.95
CA ILE A 485 32.31 13.01 -2.14
C ILE A 485 31.86 11.61 -1.69
N ASP A 486 31.13 11.54 -0.60
CA ASP A 486 30.53 10.30 -0.13
C ASP A 486 29.60 9.73 -1.19
N PRO A 487 29.88 8.54 -1.74
CA PRO A 487 28.98 7.97 -2.77
C PRO A 487 27.64 7.49 -2.24
N ASP A 488 27.46 7.40 -0.93
CA ASP A 488 26.12 7.10 -0.43
C ASP A 488 25.12 8.16 -0.88
N LEU A 489 23.83 7.79 -0.82
CA LEU A 489 22.73 8.73 -0.94
C LEU A 489 22.02 8.83 0.41
N GLN A 490 22.66 9.50 1.35
CA GLN A 490 22.04 9.70 2.65
C GLN A 490 21.67 11.18 2.86
N PRO A 491 20.55 11.45 3.55
CA PRO A 491 20.21 12.83 3.92
C PRO A 491 21.01 13.31 5.12
N VAL A 492 20.83 14.60 5.43
CA VAL A 492 21.30 15.17 6.67
C VAL A 492 20.10 15.77 7.41
N GLU A 493 20.29 16.10 8.68
CA GLU A 493 19.20 16.57 9.52
C GLU A 493 18.77 17.95 9.04
N ILE A 494 17.46 18.12 8.83
CA ILE A 494 16.96 19.39 8.31
C ILE A 494 17.11 20.46 9.38
N GLY A 495 17.68 21.59 8.99
CA GLY A 495 17.73 22.74 9.88
C GLY A 495 18.90 22.80 10.84
N LYS A 496 19.95 22.03 10.61
CA LYS A 496 21.11 22.04 11.48
C LYS A 496 22.35 22.42 10.69
N GLY A 497 23.06 23.43 11.19
CA GLY A 497 24.37 23.76 10.68
C GLY A 497 25.44 22.83 11.22
N VAL A 498 26.66 23.03 10.73
CA VAL A 498 27.81 22.23 11.09
C VAL A 498 28.96 23.18 11.43
N VAL A 499 29.40 23.15 12.69
CA VAL A 499 30.60 23.90 13.06
C VAL A 499 31.78 23.25 12.36
N ARG A 500 32.55 24.06 11.63
CA ARG A 500 33.74 23.60 10.94
C ARG A 500 35.01 23.96 11.68
N ARG A 501 34.94 24.94 12.58
CA ARG A 501 36.07 25.44 13.31
C ARG A 501 35.57 26.19 14.54
N ARG A 502 36.24 26.00 15.67
CA ARG A 502 35.89 26.71 16.89
C ARG A 502 36.94 27.77 17.18
N GLY A 503 36.48 28.97 17.50
CA GLY A 503 37.35 30.13 17.64
C GLY A 503 36.80 31.00 18.75
N GLY A 504 37.31 32.22 18.90
CA GLY A 504 37.03 32.94 20.10
C GLY A 504 36.06 34.10 19.99
N ARG A 505 36.37 35.05 19.13
CA ARG A 505 35.80 36.38 19.24
C ARG A 505 34.83 36.71 18.11
N VAL A 506 34.93 36.03 16.99
CA VAL A 506 34.07 36.21 15.84
C VAL A 506 33.48 34.85 15.46
N ALA A 507 32.27 34.86 14.91
CA ALA A 507 31.69 33.67 14.31
C ALA A 507 31.26 34.01 12.88
N LEU A 508 31.76 33.25 11.92
CA LEU A 508 31.36 33.36 10.52
C LEU A 508 30.27 32.31 10.24
N LEU A 509 29.03 32.78 10.04
CA LEU A 509 27.91 31.92 9.66
C LEU A 509 27.80 31.98 8.13
N VAL A 510 28.23 30.91 7.48
CA VAL A 510 28.45 30.89 6.04
C VAL A 510 27.32 30.09 5.42
N PHE A 511 26.62 30.71 4.48
CA PHE A 511 25.60 30.04 3.67
C PHE A 511 26.24 29.83 2.29
N GLY A 512 26.89 28.71 2.11
CA GLY A 512 27.30 28.31 0.77
C GLY A 512 28.79 28.27 0.50
N VAL A 513 29.15 28.57 -0.75
CA VAL A 513 30.48 28.21 -1.25
C VAL A 513 31.57 29.19 -0.83
N GLN A 514 31.23 30.26 -0.13
CA GLN A 514 32.30 31.09 0.41
C GLN A 514 32.97 30.44 1.62
N LEU A 515 32.56 29.23 2.01
CA LEU A 515 33.10 28.61 3.22
C LEU A 515 34.61 28.46 3.15
N ALA A 516 35.13 28.00 2.02
CA ALA A 516 36.57 27.83 1.92
C ALA A 516 37.29 29.14 2.17
N GLU A 517 36.79 30.22 1.57
CA GLU A 517 37.43 31.51 1.80
C GLU A 517 37.31 31.91 3.25
N ALA A 518 36.14 31.68 3.85
CA ALA A 518 35.96 32.00 5.26
C ALA A 518 36.93 31.21 6.12
N MET A 519 37.25 29.98 5.72
CA MET A 519 38.15 29.14 6.51
C MET A 519 39.57 29.68 6.48
N LYS A 520 40.01 30.25 5.36
CA LYS A 520 41.33 30.88 5.32
C LYS A 520 41.40 32.07 6.26
N VAL A 521 40.29 32.79 6.41
CA VAL A 521 40.23 33.99 7.25
C VAL A 521 40.09 33.62 8.71
N ALA A 522 39.45 32.49 9.00
CA ALA A 522 39.18 32.14 10.38
C ALA A 522 40.46 31.89 11.14
N GLU A 523 41.46 31.30 10.47
CA GLU A 523 42.79 31.19 11.06
C GLU A 523 43.31 32.55 11.49
N SER A 524 43.41 33.49 10.54
CA SER A 524 43.94 34.82 10.84
C SER A 524 43.30 35.41 12.09
N LEU A 525 41.97 35.31 12.20
CA LEU A 525 41.24 35.94 13.29
C LEU A 525 41.00 35.01 14.46
N ASP A 526 41.36 33.74 14.34
CA ASP A 526 40.92 32.72 15.28
C ASP A 526 39.41 32.87 15.51
N ALA A 527 38.66 32.59 14.44
CA ALA A 527 37.21 32.71 14.44
C ALA A 527 36.53 31.36 14.44
N THR A 528 35.31 31.33 14.96
CA THR A 528 34.41 30.22 14.73
C THR A 528 33.85 30.32 13.32
N VAL A 529 33.63 29.16 12.70
CA VAL A 529 33.08 29.07 11.35
C VAL A 529 31.99 28.01 11.34
N VAL A 530 30.81 28.40 10.88
CA VAL A 530 29.70 27.46 10.75
C VAL A 530 29.26 27.35 9.29
N ASP A 531 29.17 26.11 8.81
CA ASP A 531 28.55 25.74 7.55
C ASP A 531 27.05 25.62 7.80
N MET A 532 26.29 26.68 7.52
CA MET A 532 24.91 26.77 7.99
C MET A 532 23.99 25.76 7.30
N ARG A 533 24.27 25.41 6.04
CA ARG A 533 23.49 24.48 5.25
C ARG A 533 22.10 24.95 4.90
N PHE A 534 21.35 25.49 5.88
CA PHE A 534 19.94 25.81 5.70
C PHE A 534 19.68 27.29 5.96
N VAL A 535 18.96 27.93 5.04
CA VAL A 535 18.43 29.27 5.26
C VAL A 535 17.05 29.19 5.93
N LYS A 536 16.29 28.18 5.57
CA LYS A 536 14.91 27.99 6.00
C LYS A 536 14.66 26.48 6.01
N PRO A 537 14.44 25.87 7.19
CA PRO A 537 14.48 26.51 8.53
C PRO A 537 15.89 26.78 9.02
N LEU A 538 16.05 27.94 9.65
CA LEU A 538 17.33 28.33 10.21
C LEU A 538 17.64 27.49 11.46
N ASP A 539 18.93 27.22 11.66
CA ASP A 539 19.39 26.51 12.86
C ASP A 539 19.37 27.49 14.04
N GLU A 540 18.15 27.76 14.53
CA GLU A 540 17.94 28.84 15.50
C GLU A 540 18.76 28.64 16.78
N ALA A 541 18.79 27.41 17.30
CA ALA A 541 19.51 27.13 18.54
C ALA A 541 21.01 27.40 18.40
N LEU A 542 21.60 26.99 17.28
CA LEU A 542 23.03 27.26 17.09
C LEU A 542 23.31 28.75 17.00
N VAL A 543 22.44 29.51 16.34
CA VAL A 543 22.63 30.96 16.30
C VAL A 543 22.49 31.55 17.70
N ARG A 544 21.51 31.08 18.48
CA ARG A 544 21.36 31.58 19.85
C ARG A 544 22.63 31.33 20.67
N GLU A 545 23.28 30.18 20.48
CA GLU A 545 24.52 29.88 21.20
C GLU A 545 25.65 30.77 20.74
N LEU A 546 25.85 30.88 19.43
CA LEU A 546 26.91 31.76 18.95
C LEU A 546 26.67 33.22 19.37
N ALA A 547 25.41 33.66 19.41
CA ALA A 547 25.17 35.04 19.83
C ALA A 547 25.72 35.30 21.24
N GLY A 548 25.69 34.32 22.11
CA GLY A 548 26.10 34.52 23.47
C GLY A 548 27.57 34.37 23.75
N SER A 549 28.31 33.75 22.83
CA SER A 549 29.70 33.39 23.07
C SER A 549 30.66 34.12 22.15
N HIS A 550 30.18 35.11 21.42
CA HIS A 550 31.01 35.84 20.48
C HIS A 550 30.57 37.30 20.48
N GLU A 551 31.51 38.17 20.12
CA GLU A 551 31.36 39.62 20.13
C GLU A 551 30.80 40.17 18.81
N LEU A 552 30.80 39.35 17.75
CA LEU A 552 30.34 39.75 16.43
C LEU A 552 29.96 38.49 15.67
N LEU A 553 28.75 38.48 15.09
CA LEU A 553 28.37 37.46 14.12
C LEU A 553 28.49 38.06 12.71
N VAL A 554 29.01 37.25 11.80
CA VAL A 554 29.22 37.62 10.41
C VAL A 554 28.52 36.59 9.53
N THR A 555 27.65 37.06 8.64
CA THR A 555 26.90 36.20 7.74
C THR A 555 27.47 36.42 6.35
N ILE A 556 27.55 35.33 5.60
CA ILE A 556 28.21 35.30 4.30
C ILE A 556 27.40 34.43 3.38
N GLU A 557 27.14 34.92 2.17
CA GLU A 557 26.22 34.32 1.22
C GLU A 557 26.50 34.95 -0.14
N GLU A 558 26.37 34.17 -1.20
CA GLU A 558 26.48 34.69 -2.56
C GLU A 558 25.07 35.03 -3.09
N ASN A 559 24.47 36.00 -2.41
CA ASN A 559 23.11 36.45 -2.66
C ASN A 559 23.06 37.93 -2.26
N ALA A 560 22.06 38.64 -2.76
CA ALA A 560 21.81 39.99 -2.30
C ALA A 560 21.74 40.00 -0.77
N VAL A 561 22.42 40.97 -0.17
CA VAL A 561 22.28 41.20 1.26
C VAL A 561 20.84 41.55 1.59
N MET A 562 20.22 42.40 0.79
CA MET A 562 18.85 42.80 1.09
C MET A 562 17.96 41.60 0.99
N GLY A 563 17.39 41.21 2.12
CA GLY A 563 16.47 40.12 2.14
C GLY A 563 17.10 38.74 2.16
N GLY A 564 18.43 38.64 2.22
CA GLY A 564 19.11 37.36 2.11
C GLY A 564 19.16 36.54 3.38
N ALA A 565 20.07 35.54 3.39
CA ALA A 565 20.21 34.66 4.56
C ALA A 565 20.77 35.41 5.76
N GLY A 566 21.66 36.37 5.54
CA GLY A 566 22.05 37.24 6.61
C GLY A 566 20.85 37.88 7.27
N SER A 567 19.88 38.30 6.47
CA SER A 567 18.68 38.92 7.01
C SER A 567 17.79 37.93 7.72
N ALA A 568 17.85 36.65 7.32
CA ALA A 568 17.18 35.62 8.12
C ALA A 568 17.78 35.54 9.51
N VAL A 569 19.11 35.60 9.61
CA VAL A 569 19.73 35.62 10.93
C VAL A 569 19.29 36.85 11.72
N GLY A 570 19.38 38.04 11.10
CA GLY A 570 18.93 39.26 11.77
C GLY A 570 17.51 39.19 12.27
N GLU A 571 16.59 38.66 11.46
CA GLU A 571 15.21 38.58 11.91
C GLU A 571 15.11 37.72 13.17
N PHE A 572 15.88 36.63 13.22
CA PHE A 572 15.79 35.76 14.38
C PHE A 572 16.33 36.45 15.60
N LEU A 573 17.50 37.08 15.46
CA LEU A 573 18.10 37.81 16.57
C LEU A 573 17.15 38.87 17.11
N ALA A 574 16.58 39.69 16.22
CA ALA A 574 15.66 40.74 16.64
C ALA A 574 14.43 40.17 17.33
N SER A 575 13.95 39.00 16.89
CA SER A 575 12.75 38.46 17.50
C SER A 575 13.00 37.93 18.91
N GLU A 576 14.25 37.58 19.25
CA GLU A 576 14.58 37.06 20.56
C GLU A 576 15.25 38.10 21.46
N GLY A 577 15.41 39.32 20.99
CA GLY A 577 16.11 40.29 21.80
C GLY A 577 17.57 40.01 21.97
N LEU A 578 18.17 39.26 21.06
CA LEU A 578 19.61 39.03 21.10
C LEU A 578 20.30 40.19 20.44
N GLU A 579 21.16 40.90 21.18
CA GLU A 579 21.65 42.20 20.78
C GLU A 579 23.06 42.16 20.20
N VAL A 580 23.61 40.98 19.94
CA VAL A 580 24.95 40.86 19.40
C VAL A 580 25.12 41.64 18.10
N PRO A 581 26.29 42.20 17.84
CA PRO A 581 26.51 42.84 16.54
C PRO A 581 26.55 41.83 15.40
N LEU A 582 26.07 42.31 14.24
CA LEU A 582 25.85 41.48 13.05
C LEU A 582 26.39 42.24 11.86
N LEU A 583 27.34 41.63 11.17
CA LEU A 583 27.87 42.09 9.90
C LEU A 583 27.38 41.12 8.82
N GLN A 584 26.69 41.66 7.83
CA GLN A 584 26.15 40.88 6.71
C GLN A 584 26.99 41.14 5.47
N LEU A 585 27.65 40.08 4.97
CA LEU A 585 28.36 40.12 3.71
C LEU A 585 27.63 39.31 2.65
N GLY A 586 27.65 39.84 1.43
CA GLY A 586 26.94 39.19 0.33
C GLY A 586 26.99 40.08 -0.88
N LEU A 587 25.97 39.96 -1.72
CA LEU A 587 26.05 40.78 -2.94
C LEU A 587 25.49 42.19 -2.68
N PRO A 588 26.12 43.22 -3.24
CA PRO A 588 25.63 44.60 -3.04
C PRO A 588 24.40 44.94 -3.86
N ASP A 589 23.85 46.13 -3.57
CA ASP A 589 22.59 46.60 -4.15
C ASP A 589 22.82 47.39 -5.45
N TYR A 590 23.62 46.82 -6.33
CA TYR A 590 23.69 47.26 -7.72
C TYR A 590 23.97 46.04 -8.59
N TYR A 591 23.98 46.26 -9.91
CA TYR A 591 24.27 45.21 -10.87
C TYR A 591 25.76 45.20 -11.13
N VAL A 592 26.41 44.09 -10.76
CA VAL A 592 27.85 43.95 -10.92
C VAL A 592 28.20 43.77 -12.39
N GLU A 593 29.13 44.58 -12.85
CA GLU A 593 29.48 44.58 -14.26
C GLU A 593 30.26 43.33 -14.61
N HIS A 594 30.07 42.87 -15.85
CA HIS A 594 30.72 41.65 -16.29
C HIS A 594 32.23 41.74 -16.12
N ALA A 595 32.81 40.63 -15.71
CA ALA A 595 34.26 40.45 -15.50
C ALA A 595 34.45 38.96 -15.24
N LYS A 596 35.69 38.56 -14.97
CA LYS A 596 35.92 37.18 -14.55
C LYS A 596 35.21 36.97 -13.21
N PRO A 597 34.77 35.75 -12.93
CA PRO A 597 34.15 35.49 -11.61
C PRO A 597 34.98 35.97 -10.45
N SER A 598 36.27 35.61 -10.43
CA SER A 598 37.14 36.04 -9.34
C SER A 598 37.19 37.56 -9.21
N GLU A 599 37.10 38.29 -10.33
CA GLU A 599 37.09 39.74 -10.26
C GLU A 599 35.77 40.26 -9.69
N MET A 600 34.65 39.65 -10.08
CA MET A 600 33.36 40.07 -9.56
C MET A 600 33.26 39.78 -8.06
N LEU A 601 33.66 38.58 -7.64
CA LEU A 601 33.65 38.25 -6.22
C LEU A 601 34.55 39.18 -5.42
N ALA A 602 35.72 39.53 -5.98
CA ALA A 602 36.60 40.47 -5.31
C ALA A 602 35.93 41.82 -5.14
N GLU A 603 35.31 42.31 -6.21
CA GLU A 603 34.58 43.58 -6.15
C GLU A 603 33.58 43.56 -5.02
N CYS A 604 32.93 42.41 -4.80
CA CYS A 604 31.88 42.30 -3.81
C CYS A 604 32.39 41.97 -2.42
N GLY A 605 33.70 41.83 -2.25
CA GLY A 605 34.23 41.51 -0.93
C GLY A 605 34.09 40.08 -0.50
N LEU A 606 33.81 39.15 -1.43
CA LEU A 606 33.48 37.78 -1.06
C LEU A 606 34.65 36.81 -1.22
N ASP A 607 35.85 37.32 -1.42
CA ASP A 607 37.04 36.50 -1.39
C ASP A 607 37.64 36.61 0.01
N ALA A 608 38.62 35.76 0.30
CA ALA A 608 39.16 35.75 1.66
C ALA A 608 39.63 37.13 2.07
N ALA A 609 40.34 37.83 1.18
CA ALA A 609 40.87 39.14 1.53
C ALA A 609 39.75 40.12 1.84
N GLY A 610 38.69 40.12 1.03
CA GLY A 610 37.58 41.02 1.27
C GLY A 610 36.80 40.66 2.52
N ILE A 611 36.67 39.37 2.81
CA ILE A 611 35.98 38.97 4.05
C ILE A 611 36.78 39.41 5.28
N GLU A 612 38.11 39.28 5.22
CA GLU A 612 38.93 39.64 6.37
C GLU A 612 38.95 41.15 6.59
N LYS A 613 39.14 41.92 5.52
CA LYS A 613 39.08 43.38 5.63
C LYS A 613 37.76 43.83 6.25
N ALA A 614 36.65 43.22 5.82
CA ALA A 614 35.35 43.61 6.33
C ALA A 614 35.24 43.34 7.82
N VAL A 615 35.67 42.15 8.24
CA VAL A 615 35.57 41.79 9.64
C VAL A 615 36.48 42.67 10.48
N ARG A 616 37.74 42.83 10.08
CA ARG A 616 38.66 43.63 10.87
C ARG A 616 38.16 45.06 10.99
N GLN A 617 37.60 45.62 9.92
CA GLN A 617 37.05 46.96 9.97
C GLN A 617 35.98 47.07 11.05
N ARG A 618 35.08 46.10 11.10
CA ARG A 618 33.96 46.19 12.02
C ARG A 618 34.44 46.06 13.47
N LEU A 619 35.41 45.18 13.72
CA LEU A 619 35.90 45.01 15.08
C LEU A 619 36.58 46.28 15.59
N ASP A 620 37.15 47.06 14.67
CA ASP A 620 37.68 48.39 15.01
C ASP A 620 36.60 49.48 14.93
N THR B 32 11.05 1.83 -20.18
CA THR B 32 10.99 1.68 -21.64
C THR B 32 9.56 1.74 -22.18
N LEU B 33 8.72 0.76 -21.81
CA LEU B 33 7.35 0.71 -22.29
C LEU B 33 6.36 1.06 -21.18
N HIS B 34 5.14 1.45 -21.61
CA HIS B 34 4.07 1.93 -20.74
C HIS B 34 2.75 1.17 -20.89
N GLU B 35 2.55 0.43 -22.00
CA GLU B 35 1.33 -0.32 -22.29
C GLU B 35 1.66 -1.78 -22.63
N ILE B 36 0.76 -2.69 -22.26
CA ILE B 36 0.88 -4.07 -22.69
C ILE B 36 0.30 -4.21 -24.09
N PRO B 37 1.08 -4.67 -25.08
CA PRO B 37 0.50 -4.85 -26.42
C PRO B 37 -0.62 -5.86 -26.37
N ARG B 38 -1.71 -5.52 -27.03
CA ARG B 38 -2.83 -6.44 -27.20
C ARG B 38 -2.73 -7.27 -28.47
N GLU B 39 -1.89 -6.87 -29.42
CA GLU B 39 -1.62 -7.66 -30.62
C GLU B 39 -0.16 -8.09 -30.60
N ARG B 40 0.13 -9.21 -31.26
CA ARG B 40 1.46 -9.79 -31.21
C ARG B 40 2.51 -8.85 -31.80
N PRO B 41 3.51 -8.43 -31.04
CA PRO B 41 4.52 -7.53 -31.61
C PRO B 41 5.30 -8.24 -32.72
N ALA B 42 5.92 -7.42 -33.56
CA ALA B 42 6.81 -7.93 -34.60
C ALA B 42 8.17 -8.21 -33.98
N THR B 43 8.62 -9.48 -34.05
CA THR B 43 9.90 -9.89 -33.44
C THR B 43 10.72 -10.72 -34.42
N PRO B 44 11.25 -10.08 -35.48
CA PRO B 44 11.96 -10.87 -36.51
C PRO B 44 13.22 -11.52 -36.00
N LEU B 45 13.89 -10.91 -35.03
CA LEU B 45 15.10 -11.48 -34.47
C LEU B 45 14.81 -12.55 -33.40
N LEU B 46 13.81 -12.32 -32.56
CA LEU B 46 13.40 -13.35 -31.61
C LEU B 46 12.96 -14.63 -32.32
N ASP B 47 12.15 -14.46 -33.37
CA ASP B 47 11.69 -15.58 -34.19
C ASP B 47 12.84 -16.36 -34.82
N ARG B 48 14.03 -15.77 -34.90
N ARG B 48 14.04 -15.77 -34.89
CA ARG B 48 15.23 -16.46 -35.35
CA ARG B 48 15.24 -16.44 -35.34
C ARG B 48 16.03 -17.05 -34.20
C ARG B 48 16.01 -17.07 -34.20
N ALA B 49 15.49 -16.99 -32.98
CA ALA B 49 16.17 -17.50 -31.79
C ALA B 49 15.16 -18.33 -30.98
N SER B 50 14.61 -19.34 -31.64
CA SER B 50 13.65 -20.24 -31.03
C SER B 50 14.30 -21.25 -30.11
N SER B 51 15.60 -21.43 -30.21
CA SER B 51 16.40 -22.33 -29.40
C SER B 51 17.71 -21.62 -29.09
N PRO B 52 18.39 -22.02 -28.01
CA PRO B 52 19.71 -21.43 -27.74
C PRO B 52 20.69 -21.59 -28.90
N ALA B 53 20.70 -22.78 -29.54
CA ALA B 53 21.58 -22.99 -30.68
C ALA B 53 21.40 -21.89 -31.73
N GLU B 54 20.14 -21.61 -32.11
CA GLU B 54 19.85 -20.54 -33.05
C GLU B 54 20.30 -19.19 -32.48
N LEU B 55 19.82 -18.84 -31.28
CA LEU B 55 20.31 -17.66 -30.57
C LEU B 55 21.83 -17.47 -30.74
N ARG B 56 22.61 -18.50 -30.48
CA ARG B 56 24.06 -18.39 -30.53
C ARG B 56 24.60 -18.18 -31.94
N ARG B 57 23.80 -18.36 -32.98
CA ARG B 57 24.25 -18.00 -34.32
C ARG B 57 24.07 -16.52 -34.62
N LEU B 58 23.34 -15.79 -33.77
CA LEU B 58 23.23 -14.35 -33.91
C LEU B 58 24.50 -13.68 -33.41
N GLY B 59 24.66 -12.41 -33.77
CA GLY B 59 25.82 -11.62 -33.41
C GLY B 59 25.61 -10.78 -32.17
N GLU B 60 26.67 -10.57 -31.42
CA GLU B 60 26.65 -9.71 -30.25
C GLU B 60 25.87 -8.43 -30.50
N ALA B 61 25.99 -7.88 -31.71
CA ALA B 61 25.34 -6.61 -32.02
C ALA B 61 23.84 -6.77 -32.14
N ASP B 62 23.35 -7.99 -32.28
CA ASP B 62 21.92 -8.22 -32.34
C ASP B 62 21.30 -8.42 -30.98
N LEU B 63 22.09 -8.69 -29.93
CA LEU B 63 21.52 -9.13 -28.66
C LEU B 63 20.64 -8.04 -28.04
N GLU B 64 21.09 -6.79 -28.07
CA GLU B 64 20.32 -5.73 -27.43
C GLU B 64 18.98 -5.52 -28.14
N THR B 65 18.93 -5.72 -29.44
CA THR B 65 17.65 -5.68 -30.14
C THR B 65 16.77 -6.86 -29.75
N LEU B 66 17.33 -8.06 -29.81
CA LEU B 66 16.62 -9.25 -29.36
C LEU B 66 16.04 -9.05 -27.98
N ALA B 67 16.80 -8.43 -27.06
CA ALA B 67 16.30 -8.19 -25.73
C ALA B 67 15.05 -7.31 -25.77
N ASP B 68 15.07 -6.25 -26.60
CA ASP B 68 13.90 -5.40 -26.76
C ASP B 68 12.72 -6.19 -27.30
N GLU B 69 12.96 -7.04 -28.29
CA GLU B 69 11.91 -7.88 -28.84
C GLU B 69 11.38 -8.87 -27.79
N LEU B 70 12.29 -9.49 -27.04
CA LEU B 70 11.87 -10.47 -26.04
C LEU B 70 10.98 -9.81 -25.01
N ARG B 71 11.42 -8.66 -24.50
CA ARG B 71 10.64 -7.92 -23.53
C ARG B 71 9.25 -7.60 -24.06
N GLN B 72 9.15 -7.21 -25.34
CA GLN B 72 7.82 -6.91 -25.88
C GLN B 72 6.98 -8.17 -25.97
N TYR B 73 7.58 -9.25 -26.49
CA TYR B 73 6.85 -10.51 -26.58
C TYR B 73 6.37 -10.95 -25.20
N LEU B 74 7.26 -10.89 -24.20
CA LEU B 74 6.89 -11.27 -22.85
C LEU B 74 5.68 -10.49 -22.35
N LEU B 75 5.69 -9.15 -22.54
CA LEU B 75 4.56 -8.33 -22.10
C LEU B 75 3.28 -8.79 -22.78
N TYR B 76 3.36 -9.02 -24.10
CA TYR B 76 2.18 -9.41 -24.87
C TYR B 76 1.60 -10.74 -24.38
N THR B 77 2.45 -11.75 -24.19
CA THR B 77 1.93 -13.09 -23.92
C THR B 77 1.41 -13.22 -22.49
N VAL B 78 2.04 -12.57 -21.51
CA VAL B 78 1.52 -12.61 -20.15
C VAL B 78 0.26 -11.75 -20.03
N GLY B 79 0.20 -10.64 -20.76
CA GLY B 79 -1.06 -9.97 -20.87
C GLY B 79 -2.17 -10.85 -21.42
N GLN B 80 -1.84 -11.79 -22.30
CA GLN B 80 -2.85 -12.68 -22.86
C GLN B 80 -3.25 -13.78 -21.88
N THR B 81 -2.28 -14.35 -21.15
CA THR B 81 -2.54 -15.56 -20.38
C THR B 81 -2.63 -15.32 -18.90
N GLY B 82 -2.10 -14.19 -18.42
CA GLY B 82 -1.79 -14.03 -17.02
C GLY B 82 -0.54 -14.79 -16.65
N GLY B 83 -0.05 -14.51 -15.44
CA GLY B 83 1.09 -15.21 -14.91
C GLY B 83 1.98 -14.27 -14.12
N HIS B 84 3.13 -14.78 -13.75
CA HIS B 84 4.15 -13.94 -13.15
C HIS B 84 4.71 -12.97 -14.20
N PHE B 85 5.05 -11.77 -13.74
CA PHE B 85 5.26 -10.63 -14.61
C PHE B 85 6.59 -9.96 -14.32
N GLY B 86 6.72 -9.32 -13.16
CA GLY B 86 7.85 -8.43 -12.96
C GLY B 86 9.20 -9.09 -12.92
N ALA B 87 9.30 -10.28 -12.32
CA ALA B 87 10.61 -10.89 -12.14
C ALA B 87 11.23 -11.28 -13.47
N GLY B 88 10.42 -11.71 -14.42
CA GLY B 88 10.99 -12.11 -15.70
C GLY B 88 11.53 -10.93 -16.48
N LEU B 89 10.83 -9.80 -16.40
CA LEU B 89 11.33 -8.55 -16.99
C LEU B 89 12.74 -8.26 -16.49
N GLY B 90 12.98 -8.51 -15.19
CA GLY B 90 14.30 -8.32 -14.62
C GLY B 90 15.40 -9.20 -15.16
N VAL B 91 15.06 -10.31 -15.82
CA VAL B 91 16.10 -11.22 -16.26
C VAL B 91 16.08 -11.41 -17.77
N VAL B 92 15.47 -10.49 -18.51
CA VAL B 92 15.48 -10.62 -19.97
C VAL B 92 16.90 -10.64 -20.51
N GLU B 93 17.71 -9.65 -20.13
CA GLU B 93 19.08 -9.61 -20.61
C GLU B 93 19.90 -10.75 -20.03
N LEU B 94 19.72 -11.04 -18.75
CA LEU B 94 20.50 -12.11 -18.13
C LEU B 94 20.21 -13.46 -18.79
N THR B 95 18.93 -13.72 -19.09
CA THR B 95 18.58 -14.98 -19.74
C THR B 95 19.26 -15.09 -21.10
N ILE B 96 19.17 -14.02 -21.91
CA ILE B 96 19.79 -14.00 -23.23
C ILE B 96 21.28 -14.28 -23.12
N ALA B 97 21.93 -13.62 -22.16
CA ALA B 97 23.37 -13.76 -22.01
C ALA B 97 23.76 -15.19 -21.61
N LEU B 98 22.99 -15.79 -20.71
CA LEU B 98 23.31 -17.14 -20.22
C LEU B 98 23.29 -18.15 -21.36
N HIS B 99 22.20 -18.15 -22.13
CA HIS B 99 22.06 -19.06 -23.25
C HIS B 99 22.97 -18.69 -24.41
N TYR B 100 23.49 -17.47 -24.43
CA TYR B 100 24.41 -17.08 -25.48
C TYR B 100 25.81 -17.56 -25.16
N VAL B 101 26.22 -17.47 -23.91
CA VAL B 101 27.58 -17.86 -23.51
C VAL B 101 27.67 -19.35 -23.17
N PHE B 102 26.64 -19.93 -22.57
CA PHE B 102 26.69 -21.33 -22.14
C PHE B 102 26.10 -22.25 -23.21
N ASP B 103 26.64 -23.47 -23.26
CA ASP B 103 26.27 -24.46 -24.29
C ASP B 103 25.09 -25.32 -23.81
N THR B 104 23.93 -24.71 -23.77
CA THR B 104 22.71 -25.31 -23.28
C THR B 104 22.01 -26.07 -24.41
N PRO B 105 21.40 -27.22 -24.12
CA PRO B 105 21.18 -27.81 -22.79
C PRO B 105 22.29 -28.71 -22.22
N ASP B 106 23.40 -28.90 -22.93
CA ASP B 106 24.50 -29.69 -22.36
C ASP B 106 25.02 -29.06 -21.06
N ASP B 107 25.34 -27.77 -21.09
CA ASP B 107 25.58 -27.02 -19.86
C ASP B 107 24.27 -26.91 -19.07
N ARG B 108 24.35 -27.14 -17.76
CA ARG B 108 23.15 -27.14 -16.91
C ARG B 108 22.91 -25.79 -16.24
N LEU B 109 21.75 -25.22 -16.53
CA LEU B 109 21.28 -23.99 -15.93
C LEU B 109 20.08 -24.30 -15.04
N VAL B 110 20.15 -23.85 -13.78
CA VAL B 110 19.10 -24.06 -12.79
C VAL B 110 18.53 -22.70 -12.35
N TRP B 111 17.23 -22.52 -12.50
CA TRP B 111 16.54 -21.31 -12.10
C TRP B 111 15.88 -21.54 -10.75
N ASP B 112 16.31 -20.78 -9.76
CA ASP B 112 15.68 -20.79 -8.44
C ASP B 112 14.26 -20.24 -8.48
N VAL B 113 13.32 -21.04 -7.95
CA VAL B 113 11.92 -20.67 -7.77
C VAL B 113 11.21 -20.89 -9.10
N GLY B 114 11.66 -20.19 -10.14
CA GLY B 114 11.16 -20.40 -11.49
C GLY B 114 10.17 -19.37 -11.98
N HIS B 115 9.77 -18.42 -11.13
CA HIS B 115 8.78 -17.45 -11.57
C HIS B 115 9.36 -16.44 -12.57
N GLN B 116 10.68 -16.41 -12.71
CA GLN B 116 11.38 -15.50 -13.60
C GLN B 116 11.80 -16.16 -14.89
N ALA B 117 11.35 -17.40 -15.15
CA ALA B 117 11.90 -18.20 -16.23
C ALA B 117 11.05 -18.16 -17.51
N TYR B 118 10.14 -17.18 -17.64
CA TYR B 118 9.34 -17.12 -18.85
C TYR B 118 10.28 -16.75 -20.02
N PRO B 119 11.19 -15.77 -19.86
CA PRO B 119 12.17 -15.54 -20.95
C PRO B 119 12.97 -16.81 -21.31
N HIS B 120 13.38 -17.58 -20.30
CA HIS B 120 14.00 -18.88 -20.52
C HIS B 120 13.14 -19.78 -21.39
N LYS B 121 11.85 -19.82 -21.13
CA LYS B 121 10.98 -20.70 -21.91
C LYS B 121 10.82 -20.16 -23.33
N ILE B 122 10.71 -18.84 -23.47
CA ILE B 122 10.60 -18.23 -24.80
C ILE B 122 11.80 -18.57 -25.68
N LEU B 123 12.98 -18.69 -25.10
CA LEU B 123 14.19 -19.03 -25.83
C LEU B 123 14.45 -20.54 -25.93
N THR B 124 13.61 -21.38 -25.32
CA THR B 124 13.87 -22.83 -25.35
C THR B 124 12.73 -23.63 -25.95
N GLU B 125 12.37 -23.25 -27.19
CA GLU B 125 11.48 -23.99 -28.08
C GLU B 125 10.03 -23.93 -27.62
N ARG B 126 9.69 -22.96 -26.78
CA ARG B 126 8.34 -22.83 -26.25
C ARG B 126 7.71 -21.48 -26.48
N ARG B 127 8.34 -20.60 -27.27
CA ARG B 127 7.73 -19.30 -27.51
C ARG B 127 6.29 -19.45 -28.00
N GLU B 128 6.08 -20.26 -29.04
CA GLU B 128 4.76 -20.33 -29.65
C GLU B 128 3.80 -21.17 -28.83
N LEU B 129 4.28 -21.77 -27.73
CA LEU B 129 3.42 -22.41 -26.75
C LEU B 129 3.03 -21.49 -25.59
N MET B 130 3.61 -20.29 -25.50
CA MET B 130 3.35 -19.45 -24.34
C MET B 130 1.87 -19.09 -24.21
N GLY B 131 1.11 -19.15 -25.29
CA GLY B 131 -0.31 -18.90 -25.19
C GLY B 131 -1.06 -19.95 -24.41
N THR B 132 -0.41 -21.09 -24.10
CA THR B 132 -0.99 -22.12 -23.26
C THR B 132 -0.55 -22.01 -21.82
N LEU B 133 0.25 -21.01 -21.48
CA LEU B 133 0.88 -20.95 -20.18
C LEU B 133 -0.17 -21.00 -19.08
N ARG B 134 0.08 -21.83 -18.06
CA ARG B 134 -0.71 -21.95 -16.84
C ARG B 134 -2.13 -22.42 -17.12
N GLN B 135 -2.41 -22.88 -18.33
CA GLN B 135 -3.71 -23.44 -18.69
C GLN B 135 -3.62 -24.95 -18.59
N LYS B 136 -4.75 -25.59 -18.32
CA LYS B 136 -4.79 -27.04 -18.35
C LYS B 136 -4.23 -27.56 -19.67
N ASN B 137 -3.27 -28.48 -19.58
CA ASN B 137 -2.56 -29.11 -20.67
C ASN B 137 -1.57 -28.18 -21.34
N GLY B 138 -1.41 -26.95 -20.86
CA GLY B 138 -0.42 -26.05 -21.42
C GLY B 138 0.83 -25.99 -20.57
N LEU B 139 1.70 -25.04 -20.90
CA LEU B 139 2.97 -24.90 -20.21
C LEU B 139 2.74 -24.69 -18.72
N ALA B 140 3.65 -25.26 -17.92
CA ALA B 140 3.57 -25.13 -16.48
C ALA B 140 4.04 -23.74 -16.01
N ALA B 141 3.70 -23.44 -14.76
CA ALA B 141 4.03 -22.15 -14.18
C ALA B 141 5.53 -21.97 -14.00
N PHE B 142 6.25 -23.08 -13.88
CA PHE B 142 7.66 -23.09 -13.51
C PHE B 142 8.40 -24.03 -14.43
N PRO B 143 9.73 -23.91 -14.53
CA PRO B 143 10.50 -24.94 -15.21
C PRO B 143 10.16 -26.28 -14.63
N ARG B 144 10.29 -27.31 -15.46
CA ARG B 144 9.75 -28.63 -15.18
C ARG B 144 10.45 -29.62 -16.10
N ARG B 145 11.18 -30.57 -15.49
CA ARG B 145 11.98 -31.52 -16.24
C ARG B 145 11.17 -32.20 -17.34
N ALA B 146 9.95 -32.62 -17.01
CA ALA B 146 9.17 -33.36 -18.00
C ALA B 146 8.68 -32.46 -19.11
N GLU B 147 8.78 -31.14 -18.95
CA GLU B 147 8.31 -30.22 -19.98
C GLU B 147 9.33 -30.06 -21.10
N SER B 148 10.63 -30.05 -20.78
CA SER B 148 11.67 -29.65 -21.70
C SER B 148 13.04 -30.10 -21.21
N GLU B 149 13.88 -30.57 -22.13
CA GLU B 149 15.26 -30.91 -21.82
C GLU B 149 16.07 -29.69 -21.42
N TYR B 150 15.55 -28.48 -21.67
CA TYR B 150 16.22 -27.27 -21.24
C TYR B 150 15.92 -26.91 -19.78
N ASP B 151 15.02 -27.62 -19.13
CA ASP B 151 14.73 -27.42 -17.72
C ASP B 151 15.39 -28.53 -16.91
N THR B 152 16.47 -28.20 -16.20
CA THR B 152 17.25 -29.21 -15.49
C THR B 152 16.65 -29.59 -14.14
N PHE B 153 15.86 -28.70 -13.53
CA PHE B 153 15.30 -28.93 -12.20
C PHE B 153 13.94 -28.25 -12.07
N GLY B 154 12.93 -29.06 -11.76
CA GLY B 154 11.62 -28.56 -11.35
C GLY B 154 11.69 -27.76 -10.07
N VAL B 155 11.29 -26.49 -10.15
CA VAL B 155 11.35 -25.57 -9.04
C VAL B 155 9.93 -25.08 -8.76
N GLY B 156 9.80 -24.35 -7.66
CA GLY B 156 8.55 -23.71 -7.25
C GLY B 156 8.78 -23.14 -5.87
N HIS B 157 9.07 -24.01 -4.92
CA HIS B 157 9.68 -23.58 -3.67
C HIS B 157 11.01 -22.90 -3.99
N SER B 158 11.47 -22.10 -3.05
CA SER B 158 12.70 -21.34 -3.27
C SER B 158 13.91 -22.05 -2.69
N SER B 159 15.08 -21.58 -3.15
CA SER B 159 16.38 -21.85 -2.55
C SER B 159 16.95 -23.23 -2.84
N THR B 160 16.38 -23.95 -3.82
CA THR B 160 16.89 -25.28 -4.16
C THR B 160 17.98 -25.27 -5.21
N SER B 161 18.21 -24.13 -5.88
CA SER B 161 19.02 -24.17 -7.11
C SER B 161 20.47 -24.52 -6.82
N ILE B 162 21.03 -24.00 -5.74
CA ILE B 162 22.47 -24.22 -5.55
C ILE B 162 22.73 -25.69 -5.26
N SER B 163 21.88 -26.28 -4.41
CA SER B 163 21.98 -27.68 -4.08
C SER B 163 21.86 -28.54 -5.33
N ALA B 164 20.85 -28.26 -6.16
CA ALA B 164 20.64 -29.05 -7.36
C ALA B 164 21.81 -28.90 -8.32
N ALA B 165 22.23 -27.67 -8.58
CA ALA B 165 23.34 -27.44 -9.49
C ALA B 165 24.60 -28.13 -8.98
N LEU B 166 24.81 -28.15 -7.66
CA LEU B 166 25.99 -28.79 -7.09
C LEU B 166 25.96 -30.31 -7.29
N GLY B 167 24.83 -30.95 -6.99
CA GLY B 167 24.72 -32.37 -7.29
C GLY B 167 25.07 -32.71 -8.72
N MET B 168 24.54 -31.92 -9.69
CA MET B 168 24.78 -32.18 -11.10
C MET B 168 26.24 -31.99 -11.45
N ALA B 169 26.87 -30.99 -10.82
CA ALA B 169 28.29 -30.71 -11.02
C ALA B 169 29.14 -31.82 -10.46
N ILE B 170 28.82 -32.31 -9.26
CA ILE B 170 29.55 -33.44 -8.71
C ILE B 170 29.39 -34.65 -9.62
N ALA B 171 28.17 -34.91 -10.11
CA ALA B 171 27.96 -36.10 -10.95
C ALA B 171 28.72 -35.97 -12.26
N ALA B 172 28.64 -34.79 -12.89
CA ALA B 172 29.35 -34.58 -14.15
C ALA B 172 30.83 -34.87 -14.00
N ARG B 173 31.43 -34.41 -12.89
CA ARG B 173 32.87 -34.63 -12.70
C ARG B 173 33.19 -36.12 -12.53
N LEU B 174 32.34 -36.86 -11.81
CA LEU B 174 32.58 -38.28 -11.59
C LEU B 174 32.43 -39.08 -12.87
N GLN B 175 31.62 -38.62 -13.80
CA GLN B 175 31.45 -39.23 -15.10
C GLN B 175 32.49 -38.75 -16.13
N GLY B 176 33.45 -37.93 -15.72
CA GLY B 176 34.34 -37.27 -16.69
C GLY B 176 33.62 -36.51 -17.79
N LYS B 177 32.49 -35.89 -17.48
CA LYS B 177 31.84 -35.00 -18.43
C LYS B 177 32.31 -33.58 -18.18
N GLU B 178 32.52 -32.82 -19.25
CA GLU B 178 33.12 -31.50 -19.13
C GLU B 178 32.08 -30.38 -19.10
N ARG B 179 30.87 -30.68 -18.64
CA ARG B 179 29.78 -29.72 -18.71
C ARG B 179 29.80 -28.75 -17.54
N LYS B 180 29.30 -27.54 -17.80
CA LYS B 180 29.26 -26.53 -16.76
C LYS B 180 27.95 -26.62 -15.99
N SER B 181 27.91 -25.98 -14.83
CA SER B 181 26.75 -26.00 -13.97
C SER B 181 26.46 -24.61 -13.45
N VAL B 182 25.24 -24.13 -13.65
CA VAL B 182 24.89 -22.75 -13.30
C VAL B 182 23.59 -22.72 -12.50
N ALA B 183 23.63 -22.00 -11.37
CA ALA B 183 22.43 -21.69 -10.61
C ALA B 183 22.20 -20.19 -10.58
N VAL B 184 21.00 -19.74 -10.95
CA VAL B 184 20.57 -18.35 -10.82
C VAL B 184 19.62 -18.23 -9.63
N ILE B 185 20.04 -17.53 -8.58
CA ILE B 185 19.25 -17.40 -7.36
C ILE B 185 19.06 -15.93 -7.05
N GLY B 186 17.85 -15.61 -6.56
CA GLY B 186 17.55 -14.25 -6.18
C GLY B 186 18.00 -13.93 -4.75
N ASP B 187 18.09 -12.63 -4.46
CA ASP B 187 18.57 -12.21 -3.15
C ASP B 187 17.65 -12.68 -2.03
N GLY B 188 16.34 -12.75 -2.28
CA GLY B 188 15.45 -13.30 -1.26
C GLY B 188 15.69 -14.78 -0.99
N ALA B 189 15.89 -15.57 -2.03
CA ALA B 189 16.11 -17.00 -1.83
C ALA B 189 17.39 -17.28 -1.05
N LEU B 190 18.36 -16.36 -1.08
CA LEU B 190 19.58 -16.53 -0.32
C LEU B 190 19.38 -16.37 1.16
N THR B 191 18.17 -16.02 1.63
CA THR B 191 17.94 -15.99 3.07
C THR B 191 17.60 -17.39 3.64
N ALA B 192 17.39 -18.39 2.79
CA ALA B 192 17.00 -19.71 3.27
C ALA B 192 18.23 -20.46 3.81
N GLY B 193 18.02 -21.20 4.91
CA GLY B 193 19.10 -21.98 5.44
C GLY B 193 19.71 -22.96 4.44
N MET B 194 18.88 -23.57 3.58
CA MET B 194 19.47 -24.61 2.71
C MET B 194 20.41 -24.00 1.68
N ALA B 195 20.27 -22.69 1.37
CA ALA B 195 21.21 -22.06 0.44
C ALA B 195 22.56 -21.87 1.11
N PHE B 196 22.54 -21.52 2.39
CA PHE B 196 23.77 -21.49 3.19
C PHE B 196 24.41 -22.87 3.22
N GLU B 197 23.61 -23.91 3.49
CA GLU B 197 24.16 -25.26 3.56
C GLU B 197 24.82 -25.66 2.23
N ALA B 198 24.24 -25.26 1.11
CA ALA B 198 24.79 -25.61 -0.18
C ALA B 198 26.05 -24.83 -0.49
N LEU B 199 26.05 -23.51 -0.23
CA LEU B 199 27.27 -22.73 -0.45
C LEU B 199 28.45 -23.32 0.31
N ASN B 200 28.22 -23.75 1.57
CA ASN B 200 29.28 -24.34 2.37
C ASN B 200 29.76 -25.68 1.80
N HIS B 201 28.82 -26.52 1.34
CA HIS B 201 29.23 -27.84 0.85
C HIS B 201 29.93 -27.73 -0.49
N ALA B 202 29.48 -26.81 -1.34
CA ALA B 202 30.14 -26.62 -2.63
C ALA B 202 31.59 -26.23 -2.43
N SER B 203 31.85 -25.42 -1.39
CA SER B 203 33.21 -25.03 -1.04
C SER B 203 34.02 -26.23 -0.56
N GLU B 204 33.41 -27.09 0.25
CA GLU B 204 34.09 -28.27 0.75
C GLU B 204 34.56 -29.19 -0.38
N VAL B 205 33.74 -29.41 -1.41
CA VAL B 205 34.15 -30.33 -2.48
C VAL B 205 34.89 -29.63 -3.61
N ASP B 206 35.11 -28.33 -3.50
CA ASP B 206 35.75 -27.51 -4.53
C ASP B 206 35.10 -27.71 -5.89
N ALA B 207 33.79 -27.50 -5.92
CA ALA B 207 33.01 -27.79 -7.12
C ALA B 207 33.20 -26.74 -8.20
N ASP B 208 33.18 -27.18 -9.46
CA ASP B 208 33.24 -26.27 -10.60
C ASP B 208 31.82 -25.89 -10.99
N MET B 209 31.36 -24.78 -10.44
CA MET B 209 30.01 -24.33 -10.69
C MET B 209 29.95 -22.83 -10.50
N LEU B 210 28.89 -22.25 -11.05
CA LEU B 210 28.66 -20.82 -11.06
C LEU B 210 27.34 -20.57 -10.35
N VAL B 211 27.39 -19.82 -9.28
CA VAL B 211 26.19 -19.24 -8.69
C VAL B 211 26.10 -17.79 -9.17
N ILE B 212 24.93 -17.41 -9.69
CA ILE B 212 24.63 -16.03 -10.04
C ILE B 212 23.55 -15.52 -9.09
N LEU B 213 23.87 -14.48 -8.35
CA LEU B 213 22.93 -13.78 -7.47
C LEU B 213 22.24 -12.71 -8.30
N ASN B 214 20.96 -12.91 -8.58
CA ASN B 214 20.12 -11.91 -9.22
C ASN B 214 19.56 -11.02 -8.12
N ASP B 215 20.31 -9.95 -7.80
CA ASP B 215 19.99 -9.02 -6.74
C ASP B 215 19.18 -7.88 -7.34
N ASN B 216 17.92 -7.75 -6.91
CA ASN B 216 17.11 -6.62 -7.38
C ASN B 216 16.50 -5.81 -6.23
N ASP B 217 17.01 -5.97 -5.01
CA ASP B 217 16.60 -5.12 -3.92
C ASP B 217 17.67 -4.06 -3.65
N MET B 218 18.83 -4.16 -4.28
CA MET B 218 19.85 -3.12 -4.31
C MET B 218 19.88 -2.52 -5.72
N SER B 219 20.55 -1.38 -5.84
CA SER B 219 20.57 -0.61 -7.08
C SER B 219 22.00 -0.30 -7.51
N ILE B 220 22.20 -0.13 -8.81
CA ILE B 220 23.53 0.15 -9.35
C ILE B 220 23.48 1.39 -10.27
N PRO B 241 30.09 -6.20 0.04
CA PRO B 241 28.89 -6.95 -0.37
C PRO B 241 29.16 -8.45 -0.59
N GLY B 242 30.21 -8.77 -1.35
CA GLY B 242 30.68 -10.13 -1.54
C GLY B 242 31.52 -10.67 -0.39
N THR B 243 31.71 -9.87 0.66
CA THR B 243 32.51 -10.30 1.80
C THR B 243 32.04 -11.65 2.32
N LEU B 244 30.73 -11.84 2.42
CA LEU B 244 30.18 -13.10 2.91
C LEU B 244 30.61 -14.27 2.03
N PHE B 245 30.41 -14.16 0.72
CA PHE B 245 30.63 -15.28 -0.17
C PHE B 245 32.11 -15.60 -0.27
N GLU B 246 32.96 -14.57 -0.19
CA GLU B 246 34.40 -14.79 -0.14
C GLU B 246 34.79 -15.61 1.09
N GLU B 247 34.28 -15.23 2.27
CA GLU B 247 34.59 -15.96 3.49
C GLU B 247 34.15 -17.41 3.44
N LEU B 248 33.09 -17.70 2.68
CA LEU B 248 32.53 -19.03 2.55
C LEU B 248 33.19 -19.85 1.44
N GLY B 249 34.27 -19.35 0.85
CA GLY B 249 35.04 -20.14 -0.11
C GLY B 249 34.74 -19.92 -1.58
N TRP B 250 34.03 -18.85 -1.93
CA TRP B 250 33.64 -18.57 -3.30
C TRP B 250 34.44 -17.40 -3.86
N ASN B 251 34.85 -17.51 -5.11
CA ASN B 251 35.46 -16.38 -5.82
C ASN B 251 34.33 -15.45 -6.23
N TYR B 252 34.31 -14.25 -5.67
CA TYR B 252 33.19 -13.35 -5.85
C TYR B 252 33.51 -12.30 -6.90
N ILE B 253 32.62 -12.13 -7.87
CA ILE B 253 32.77 -11.14 -8.92
C ILE B 253 31.54 -10.23 -8.95
N GLY B 254 31.76 -8.91 -8.87
CA GLY B 254 30.70 -7.95 -9.05
C GLY B 254 30.62 -6.90 -7.97
N PRO B 255 29.46 -6.27 -7.80
CA PRO B 255 28.23 -6.43 -8.59
C PRO B 255 28.34 -5.76 -9.96
N ILE B 256 27.72 -6.37 -10.97
CA ILE B 256 27.66 -5.77 -12.30
C ILE B 256 26.21 -5.42 -12.61
N ASP B 257 26.06 -4.58 -13.63
CA ASP B 257 24.77 -4.19 -14.20
C ASP B 257 24.15 -5.37 -14.94
N GLY B 258 23.07 -5.93 -14.40
CA GLY B 258 22.43 -7.08 -15.02
C GLY B 258 21.55 -6.78 -16.21
N HIS B 259 21.58 -5.55 -16.69
CA HIS B 259 20.88 -5.21 -17.93
C HIS B 259 21.84 -4.67 -18.98
N ASP B 260 23.13 -4.70 -18.74
CA ASP B 260 24.10 -4.30 -19.73
C ASP B 260 24.60 -5.57 -20.42
N LEU B 261 24.01 -5.88 -21.57
CA LEU B 261 24.35 -7.15 -22.22
C LEU B 261 25.84 -7.27 -22.48
N PRO B 262 26.55 -6.21 -22.92
CA PRO B 262 27.98 -6.38 -23.20
C PRO B 262 28.80 -6.75 -21.98
N THR B 263 28.53 -6.13 -20.84
CA THR B 263 29.25 -6.56 -19.64
C THR B 263 28.82 -7.98 -19.23
N LEU B 264 27.54 -8.32 -19.41
CA LEU B 264 27.08 -9.66 -18.99
C LEU B 264 27.83 -10.74 -19.77
N VAL B 265 27.84 -10.63 -21.10
CA VAL B 265 28.45 -11.65 -21.94
C VAL B 265 29.96 -11.73 -21.68
N ALA B 266 30.65 -10.60 -21.71
CA ALA B 266 32.09 -10.59 -21.37
C ALA B 266 32.37 -11.25 -20.03
N THR B 267 31.63 -10.85 -19.00
CA THR B 267 31.92 -11.39 -17.66
C THR B 267 31.57 -12.88 -17.60
N LEU B 268 30.39 -13.26 -18.09
CA LEU B 268 30.02 -14.67 -18.10
C LEU B 268 31.02 -15.50 -18.90
N ARG B 269 31.41 -15.01 -20.08
CA ARG B 269 32.41 -15.75 -20.87
C ARG B 269 33.66 -16.02 -20.06
N ASN B 270 34.11 -15.01 -19.31
CA ASN B 270 35.33 -15.15 -18.53
C ASN B 270 35.14 -16.09 -17.34
N MET B 271 33.96 -16.10 -16.74
CA MET B 271 33.79 -16.99 -15.59
C MET B 271 33.41 -18.40 -16.00
N ARG B 272 32.79 -18.54 -17.16
CA ARG B 272 32.43 -19.86 -17.66
C ARG B 272 33.60 -20.83 -17.50
N ASP B 273 34.80 -20.33 -17.70
CA ASP B 273 35.96 -21.19 -17.81
C ASP B 273 36.84 -21.13 -16.58
N MET B 274 36.47 -20.35 -15.58
CA MET B 274 37.20 -20.40 -14.32
C MET B 274 36.77 -21.63 -13.52
N LYS B 275 37.65 -22.07 -12.64
CA LYS B 275 37.44 -23.33 -11.95
C LYS B 275 37.01 -23.06 -10.51
N GLY B 276 36.45 -24.10 -9.88
CA GLY B 276 36.02 -24.00 -8.51
C GLY B 276 34.80 -23.12 -8.33
N PRO B 277 34.40 -22.88 -7.09
CA PRO B 277 33.14 -22.18 -6.84
C PRO B 277 33.24 -20.71 -7.22
N GLN B 278 32.45 -20.32 -8.23
CA GLN B 278 32.40 -18.96 -8.73
C GLN B 278 31.07 -18.30 -8.35
N PHE B 279 31.13 -17.06 -7.85
CA PHE B 279 29.93 -16.30 -7.46
C PHE B 279 29.88 -14.98 -8.22
N LEU B 280 28.88 -14.86 -9.10
CA LEU B 280 28.64 -13.63 -9.85
C LEU B 280 27.45 -12.87 -9.26
N HIS B 281 27.70 -11.65 -8.81
CA HIS B 281 26.68 -10.77 -8.24
C HIS B 281 26.19 -9.83 -9.33
N VAL B 282 24.91 -9.93 -9.65
CA VAL B 282 24.27 -9.16 -10.71
C VAL B 282 23.17 -8.31 -10.06
N VAL B 283 22.94 -7.13 -10.63
CA VAL B 283 21.93 -6.18 -10.13
C VAL B 283 20.93 -5.91 -11.24
N THR B 284 19.65 -6.17 -10.95
CA THR B 284 18.57 -5.98 -11.89
C THR B 284 17.50 -5.13 -11.22
N LYS B 285 16.54 -4.70 -12.03
CA LYS B 285 15.41 -3.88 -11.59
C LYS B 285 14.13 -4.70 -11.75
N LYS B 286 13.39 -4.84 -10.65
CA LYS B 286 12.08 -5.49 -10.73
C LYS B 286 11.23 -4.79 -11.78
N GLY B 287 10.61 -5.57 -12.66
CA GLY B 287 9.79 -4.98 -13.69
C GLY B 287 10.55 -4.17 -14.73
N LYS B 288 11.86 -4.36 -14.80
CA LYS B 288 12.73 -3.60 -15.71
C LYS B 288 12.11 -3.49 -17.10
N GLY B 289 11.90 -2.25 -17.55
CA GLY B 289 11.49 -1.99 -18.91
C GLY B 289 10.02 -1.80 -19.08
N PHE B 290 9.25 -1.88 -18.01
CA PHE B 290 7.81 -1.61 -18.04
C PHE B 290 7.55 -0.68 -16.85
N ALA B 291 7.43 0.62 -17.13
CA ALA B 291 7.39 1.61 -16.05
C ALA B 291 6.34 1.33 -14.99
N PRO B 292 5.13 0.90 -15.33
CA PRO B 292 4.16 0.61 -14.28
C PRO B 292 4.63 -0.48 -13.35
N ALA B 293 5.47 -1.39 -13.81
CA ALA B 293 5.90 -2.48 -12.94
C ALA B 293 7.11 -2.07 -12.12
N GLU B 294 8.02 -1.30 -12.72
CA GLU B 294 9.08 -0.69 -11.92
C GLU B 294 8.48 0.12 -10.79
N LEU B 295 7.36 0.81 -11.06
CA LEU B 295 6.78 1.71 -10.05
C LEU B 295 5.98 0.98 -8.99
N ASP B 296 5.46 -0.21 -9.30
CA ASP B 296 4.64 -1.00 -8.36
C ASP B 296 5.01 -2.47 -8.51
N PRO B 297 6.17 -2.87 -7.99
CA PRO B 297 6.60 -4.26 -8.20
C PRO B 297 5.76 -5.27 -7.44
N ILE B 298 5.22 -4.90 -6.28
CA ILE B 298 4.29 -5.79 -5.58
C ILE B 298 3.08 -6.07 -6.45
N GLY B 299 2.43 -5.01 -6.94
CA GLY B 299 1.24 -5.18 -7.73
C GLY B 299 1.52 -5.92 -9.02
N TYR B 300 2.73 -5.75 -9.58
CA TYR B 300 3.10 -6.38 -10.83
C TYR B 300 3.97 -7.63 -10.64
N HIS B 301 4.07 -8.15 -9.43
CA HIS B 301 4.69 -9.46 -9.26
C HIS B 301 4.01 -10.50 -10.14
N ALA B 302 2.69 -10.39 -10.27
CA ALA B 302 1.91 -11.29 -11.10
C ALA B 302 0.67 -10.53 -11.55
N ILE B 303 0.13 -10.93 -12.69
CA ILE B 303 -1.08 -10.30 -13.23
C ILE B 303 -2.02 -11.37 -13.77
N THR B 304 -3.29 -10.99 -13.79
CA THR B 304 -4.34 -11.71 -14.52
C THR B 304 -4.39 -11.24 -15.98
N LYS B 305 -5.01 -12.04 -16.85
CA LYS B 305 -5.05 -11.68 -18.27
C LYS B 305 -5.85 -10.38 -18.51
N LEU B 306 -5.41 -9.62 -19.51
CA LEU B 306 -6.13 -8.42 -19.94
C LEU B 306 -7.60 -8.73 -20.21
N GLU B 307 -8.46 -7.74 -19.98
CA GLU B 307 -9.89 -7.96 -19.97
C GLU B 307 -10.62 -7.44 -21.21
N ALA B 308 -10.78 -6.12 -21.34
CA ALA B 308 -11.75 -5.57 -22.30
C ALA B 308 -11.25 -5.65 -23.73
N THR B 316 -18.73 -10.25 -8.30
CA THR B 316 -17.91 -10.10 -7.11
C THR B 316 -18.16 -11.28 -6.15
N GLY B 317 -17.51 -11.29 -4.99
CA GLY B 317 -17.70 -12.38 -4.05
C GLY B 317 -17.36 -12.00 -2.63
N GLY B 318 -17.26 -13.02 -1.79
CA GLY B 318 -16.94 -12.79 -0.39
C GLY B 318 -15.45 -12.61 -0.16
N PRO B 319 -15.11 -12.37 1.09
CA PRO B 319 -13.71 -12.15 1.44
C PRO B 319 -12.89 -13.43 1.26
N LYS B 320 -11.63 -13.23 0.88
CA LYS B 320 -10.66 -14.31 0.84
C LYS B 320 -10.38 -14.82 2.24
N TYR B 321 -10.16 -16.13 2.35
CA TYR B 321 -9.89 -16.72 3.66
C TYR B 321 -8.68 -16.07 4.32
N SER B 322 -7.65 -15.76 3.53
CA SER B 322 -6.48 -15.11 4.10
C SER B 322 -6.84 -13.74 4.71
N SER B 323 -7.79 -13.03 4.13
CA SER B 323 -8.17 -11.74 4.69
C SER B 323 -9.09 -11.91 5.90
N VAL B 324 -9.88 -12.98 5.95
CA VAL B 324 -10.57 -13.35 7.18
C VAL B 324 -9.56 -13.59 8.30
N PHE B 325 -8.51 -14.37 8.00
CA PHE B 325 -7.46 -14.59 8.99
C PHE B 325 -6.84 -13.27 9.45
N GLY B 326 -6.48 -12.40 8.50
CA GLY B 326 -5.83 -11.13 8.85
C GLY B 326 -6.71 -10.25 9.73
N GLN B 327 -8.00 -10.20 9.43
CA GLN B 327 -8.93 -9.49 10.30
C GLN B 327 -8.95 -10.12 11.68
N TRP B 328 -8.99 -11.46 11.72
CA TRP B 328 -8.96 -12.17 12.99
C TRP B 328 -7.71 -11.80 13.79
N LEU B 329 -6.56 -11.78 13.12
CA LEU B 329 -5.29 -11.51 13.80
C LEU B 329 -5.26 -10.08 14.37
N CYS B 330 -5.73 -9.09 13.60
CA CYS B 330 -5.90 -7.73 14.13
C CYS B 330 -6.86 -7.70 15.32
N ASP B 331 -8.04 -8.28 15.16
CA ASP B 331 -9.04 -8.30 16.23
C ASP B 331 -8.49 -8.94 17.50
N MET B 332 -7.75 -10.04 17.37
CA MET B 332 -7.26 -10.72 18.56
C MET B 332 -6.08 -9.99 19.16
N ALA B 333 -5.24 -9.40 18.33
CA ALA B 333 -4.13 -8.60 18.85
C ALA B 333 -4.63 -7.37 19.59
N ALA B 334 -5.80 -6.85 19.22
CA ALA B 334 -6.38 -5.73 19.95
C ALA B 334 -6.85 -6.14 21.33
N GLN B 335 -7.22 -7.42 21.52
CA GLN B 335 -7.67 -7.93 22.80
C GLN B 335 -6.57 -8.51 23.68
N ASP B 336 -5.47 -8.96 23.09
CA ASP B 336 -4.44 -9.73 23.80
C ASP B 336 -3.09 -9.15 23.38
N ALA B 337 -2.49 -8.35 24.27
CA ALA B 337 -1.17 -7.80 24.00
C ALA B 337 -0.09 -8.87 23.81
N ARG B 338 -0.37 -10.14 24.08
CA ARG B 338 0.65 -11.18 23.98
C ARG B 338 0.81 -11.76 22.58
N LEU B 339 -0.15 -11.50 21.70
CA LEU B 339 -0.14 -12.11 20.37
C LEU B 339 0.98 -11.55 19.53
N LEU B 340 1.78 -12.45 18.97
CA LEU B 340 2.79 -12.09 17.98
C LEU B 340 2.52 -12.81 16.67
N GLY B 341 2.70 -12.10 15.56
CA GLY B 341 2.41 -12.63 14.25
C GLY B 341 3.71 -12.86 13.50
N ILE B 342 3.89 -14.09 12.98
CA ILE B 342 5.09 -14.49 12.28
C ILE B 342 4.74 -14.99 10.90
N THR B 343 5.49 -14.52 9.90
CA THR B 343 5.39 -15.08 8.51
C THR B 343 6.79 -15.25 7.92
N PRO B 344 7.02 -16.32 7.11
CA PRO B 344 8.29 -16.45 6.38
C PRO B 344 8.11 -15.81 5.01
N ALA B 345 8.21 -14.47 5.00
CA ALA B 345 8.27 -13.66 3.79
C ALA B 345 7.00 -13.73 2.95
N MET B 346 5.85 -13.92 3.58
CA MET B 346 4.60 -14.03 2.83
C MET B 346 3.55 -13.11 3.46
N LYS B 347 3.97 -11.87 3.75
CA LYS B 347 3.07 -10.87 4.32
C LYS B 347 1.81 -10.72 3.48
N GLU B 348 1.97 -10.39 2.19
CA GLU B 348 0.80 -10.14 1.35
C GLU B 348 -0.04 -11.40 1.20
N GLY B 349 0.59 -12.51 0.76
CA GLY B 349 -0.10 -13.77 0.54
C GLY B 349 -0.91 -14.26 1.73
N SER B 350 -0.25 -14.44 2.88
CA SER B 350 -0.98 -14.81 4.09
C SER B 350 -1.81 -13.66 4.62
N ASP B 351 -1.53 -12.43 4.17
CA ASP B 351 -2.31 -11.23 4.47
C ASP B 351 -2.08 -10.70 5.88
N LEU B 352 -0.82 -10.40 6.20
CA LEU B 352 -0.47 -9.73 7.45
C LEU B 352 -0.28 -8.21 7.26
N VAL B 353 -0.82 -7.63 6.20
CA VAL B 353 -0.55 -6.24 5.86
C VAL B 353 -1.07 -5.30 6.96
N ALA B 354 -2.38 -5.37 7.22
CA ALA B 354 -2.96 -4.49 8.22
C ALA B 354 -2.32 -4.72 9.57
N PHE B 355 -2.16 -5.99 9.95
CA PHE B 355 -1.52 -6.31 11.22
C PHE B 355 -0.10 -5.78 11.27
N SER B 356 0.64 -5.89 10.16
CA SER B 356 1.99 -5.35 10.17
C SER B 356 1.97 -3.84 10.37
N GLU B 357 0.97 -3.17 9.79
CA GLU B 357 0.88 -1.72 9.90
C GLU B 357 0.45 -1.29 11.29
N ARG B 358 -0.55 -1.98 11.86
CA ARG B 358 -1.08 -1.57 13.14
C ARG B 358 -0.24 -2.07 14.30
N TYR B 359 0.46 -3.20 14.16
CA TYR B 359 1.21 -3.80 15.27
C TYR B 359 2.65 -4.14 14.88
N PRO B 360 3.41 -3.15 14.41
CA PRO B 360 4.76 -3.45 13.87
C PRO B 360 5.69 -4.10 14.88
N GLU B 361 5.59 -3.70 16.15
CA GLU B 361 6.40 -4.24 17.23
CA GLU B 361 6.41 -4.24 17.22
C GLU B 361 6.05 -5.68 17.56
N ARG B 362 4.93 -6.19 17.06
CA ARG B 362 4.56 -7.58 17.29
C ARG B 362 4.45 -8.36 15.98
N TYR B 363 5.05 -7.85 14.90
CA TYR B 363 5.02 -8.48 13.58
C TYR B 363 6.44 -8.88 13.22
N PHE B 364 6.61 -10.11 12.77
CA PHE B 364 7.94 -10.65 12.44
C PHE B 364 7.88 -11.37 11.10
N ASP B 365 8.51 -10.77 10.08
CA ASP B 365 8.77 -11.41 8.79
C ASP B 365 10.19 -11.94 8.87
N VAL B 366 10.34 -13.26 8.90
CA VAL B 366 11.67 -13.81 9.16
C VAL B 366 12.40 -14.09 7.84
N ALA B 367 11.86 -13.63 6.71
CA ALA B 367 12.41 -13.92 5.38
C ALA B 367 12.09 -15.36 5.02
N ILE B 368 12.81 -15.97 4.07
CA ILE B 368 12.42 -17.28 3.58
C ILE B 368 13.03 -18.34 4.47
N ALA B 369 12.51 -18.41 5.69
CA ALA B 369 13.18 -19.02 6.80
C ALA B 369 12.13 -19.75 7.65
N GLU B 370 11.41 -20.67 6.99
CA GLU B 370 10.33 -21.40 7.64
C GLU B 370 10.81 -22.07 8.92
N GLN B 371 11.98 -22.70 8.88
CA GLN B 371 12.48 -23.46 10.03
C GLN B 371 12.65 -22.56 11.22
N HIS B 372 13.34 -21.43 11.03
CA HIS B 372 13.50 -20.45 12.10
C HIS B 372 12.16 -19.91 12.59
N ALA B 373 11.21 -19.66 11.69
CA ALA B 373 9.93 -19.10 12.15
C ALA B 373 9.33 -19.92 13.29
N VAL B 374 9.40 -21.27 13.18
CA VAL B 374 8.71 -22.14 14.13
C VAL B 374 9.48 -22.26 15.44
N THR B 375 10.80 -22.41 15.37
CA THR B 375 11.57 -22.49 16.62
C THR B 375 11.60 -21.12 17.33
N LEU B 376 11.59 -20.03 16.56
CA LEU B 376 11.39 -18.71 17.13
C LEU B 376 10.06 -18.62 17.89
N ALA B 377 8.99 -19.12 17.29
CA ALA B 377 7.68 -19.11 17.96
C ALA B 377 7.73 -19.90 19.26
N ALA B 378 8.31 -21.10 19.20
CA ALA B 378 8.51 -21.90 20.40
C ALA B 378 9.17 -21.09 21.50
N GLY B 379 10.24 -20.35 21.16
CA GLY B 379 10.97 -19.60 22.18
C GLY B 379 10.13 -18.48 22.78
N MET B 380 9.44 -17.72 21.92
CA MET B 380 8.49 -16.70 22.37
C MET B 380 7.50 -17.28 23.37
N ALA B 381 7.04 -18.52 23.13
CA ALA B 381 6.01 -19.12 23.94
C ALA B 381 6.56 -19.59 25.29
N CYS B 382 7.84 -19.90 25.34
CA CYS B 382 8.49 -20.18 26.62
C CYS B 382 8.43 -18.98 27.56
N GLU B 383 8.39 -17.75 27.03
CA GLU B 383 8.33 -16.56 27.85
C GLU B 383 6.89 -16.07 28.06
N GLY B 384 5.89 -16.90 27.76
CA GLY B 384 4.51 -16.52 27.94
C GLY B 384 3.90 -15.63 26.88
N MET B 385 4.59 -15.32 25.78
CA MET B 385 3.88 -14.70 24.67
C MET B 385 3.15 -15.76 23.85
N LYS B 386 2.31 -15.30 22.92
CA LYS B 386 1.35 -16.13 22.20
C LYS B 386 1.60 -16.01 20.70
N PRO B 387 2.63 -16.68 20.19
CA PRO B 387 2.94 -16.55 18.76
C PRO B 387 1.95 -17.27 17.87
N VAL B 388 1.71 -16.66 16.72
CA VAL B 388 0.85 -17.17 15.66
C VAL B 388 1.71 -17.28 14.42
N VAL B 389 1.89 -18.51 13.91
CA VAL B 389 2.72 -18.72 12.72
C VAL B 389 1.80 -18.78 11.51
N ALA B 390 1.89 -17.80 10.62
CA ALA B 390 1.16 -17.83 9.36
C ALA B 390 2.07 -18.51 8.34
N ILE B 391 1.60 -19.60 7.74
CA ILE B 391 2.45 -20.38 6.85
C ILE B 391 1.55 -21.20 5.92
N TYR B 392 1.96 -21.29 4.66
CA TYR B 392 1.22 -22.11 3.70
C TYR B 392 1.49 -23.58 3.97
N SER B 393 0.50 -24.41 3.69
CA SER B 393 0.64 -25.85 3.89
C SER B 393 1.89 -26.40 3.21
N THR B 394 2.04 -26.13 1.90
CA THR B 394 3.21 -26.61 1.19
C THR B 394 4.52 -26.10 1.83
N PHE B 395 4.54 -24.88 2.40
CA PHE B 395 5.83 -24.41 2.92
C PHE B 395 6.11 -24.91 4.33
N LEU B 396 5.05 -25.21 5.13
CA LEU B 396 5.22 -25.84 6.43
C LEU B 396 5.90 -27.21 6.37
N GLN B 397 5.88 -27.87 5.20
CA GLN B 397 6.67 -29.08 4.99
C GLN B 397 8.12 -28.87 5.36
N ARG B 398 8.63 -27.64 5.16
CA ARG B 398 10.03 -27.32 5.40
C ARG B 398 10.34 -27.06 6.87
N ALA B 399 9.34 -26.83 7.72
CA ALA B 399 9.59 -26.64 9.15
C ALA B 399 9.02 -27.78 9.97
N TYR B 400 8.80 -28.94 9.33
CA TYR B 400 8.15 -30.06 10.01
C TYR B 400 8.92 -30.46 11.26
N ASP B 401 10.25 -30.49 11.16
CA ASP B 401 11.04 -30.90 12.30
C ASP B 401 10.93 -29.91 13.47
N GLN B 402 10.86 -28.62 13.17
CA GLN B 402 10.73 -27.64 14.25
C GLN B 402 9.36 -27.76 14.93
N LEU B 403 8.33 -28.00 14.14
CA LEU B 403 7.00 -28.23 14.68
C LEU B 403 6.99 -29.45 15.59
N ILE B 404 7.62 -30.53 15.16
CA ILE B 404 7.60 -31.74 15.96
C ILE B 404 8.48 -31.54 17.19
N HIS B 405 9.75 -31.21 16.96
CA HIS B 405 10.74 -31.32 18.01
C HIS B 405 10.70 -30.12 18.94
N ASP B 406 10.46 -28.94 18.39
CA ASP B 406 10.56 -27.76 19.21
C ASP B 406 9.20 -27.35 19.77
N VAL B 407 8.10 -27.67 19.06
CA VAL B 407 6.79 -27.25 19.54
C VAL B 407 6.00 -28.40 20.14
N ALA B 408 5.69 -29.46 19.38
CA ALA B 408 4.79 -30.48 19.88
C ALA B 408 5.40 -31.30 21.02
N VAL B 409 6.67 -31.66 20.89
CA VAL B 409 7.26 -32.49 21.94
C VAL B 409 7.24 -31.77 23.27
N GLN B 410 7.34 -30.43 23.24
CA GLN B 410 7.31 -29.62 24.46
C GLN B 410 5.91 -29.07 24.77
N HIS B 411 4.92 -29.45 23.97
CA HIS B 411 3.55 -28.97 24.13
C HIS B 411 3.50 -27.45 24.32
N LEU B 412 4.27 -26.71 23.53
CA LEU B 412 4.26 -25.27 23.66
C LEU B 412 3.06 -24.63 22.94
N ASP B 413 2.67 -23.45 23.43
CA ASP B 413 1.46 -22.77 23.01
C ASP B 413 1.77 -21.94 21.76
N VAL B 414 1.60 -22.58 20.59
CA VAL B 414 1.90 -21.97 19.28
C VAL B 414 0.75 -22.29 18.33
N LEU B 415 0.13 -21.25 17.75
CA LEU B 415 -0.96 -21.42 16.78
C LEU B 415 -0.40 -21.36 15.36
N PHE B 416 -0.73 -22.37 14.56
CA PHE B 416 -0.36 -22.44 13.16
C PHE B 416 -1.59 -22.15 12.32
N ALA B 417 -1.54 -21.06 11.55
CA ALA B 417 -2.59 -20.76 10.59
C ALA B 417 -2.11 -21.17 9.21
N ILE B 418 -2.71 -22.23 8.68
CA ILE B 418 -2.18 -22.97 7.53
C ILE B 418 -3.03 -22.61 6.31
N ASP B 419 -2.52 -21.69 5.51
CA ASP B 419 -3.17 -21.21 4.30
C ASP B 419 -2.79 -22.09 3.11
N ARG B 420 -3.50 -21.87 2.00
CA ARG B 420 -3.25 -22.64 0.77
C ARG B 420 -3.35 -24.15 1.06
N ALA B 421 -4.25 -24.51 1.97
CA ALA B 421 -4.59 -25.90 2.24
C ALA B 421 -5.46 -26.44 1.13
N GLY B 422 -5.05 -27.57 0.58
CA GLY B 422 -5.69 -28.17 -0.55
C GLY B 422 -5.04 -27.77 -1.85
N LEU B 423 -5.80 -27.92 -2.93
CA LEU B 423 -5.31 -27.63 -4.28
C LEU B 423 -5.28 -26.12 -4.52
N VAL B 424 -4.26 -25.64 -5.23
CA VAL B 424 -4.01 -24.20 -5.30
C VAL B 424 -4.11 -23.64 -6.71
N GLY B 425 -4.35 -24.47 -7.71
CA GLY B 425 -4.62 -23.99 -9.07
C GLY B 425 -3.39 -23.94 -9.97
N GLU B 426 -3.20 -22.82 -10.66
CA GLU B 426 -2.27 -22.79 -11.79
C GLU B 426 -0.82 -22.90 -11.37
N ASP B 427 -0.49 -22.58 -10.12
CA ASP B 427 0.86 -22.85 -9.65
C ASP B 427 1.16 -24.33 -9.60
N GLY B 428 0.15 -25.19 -9.52
CA GLY B 428 0.33 -26.62 -9.72
C GLY B 428 0.86 -27.36 -8.51
N PRO B 429 1.41 -28.57 -8.75
CA PRO B 429 1.68 -29.51 -7.63
C PRO B 429 2.80 -29.10 -6.70
N THR B 430 3.78 -28.30 -7.16
CA THR B 430 4.87 -27.86 -6.26
C THR B 430 4.35 -27.04 -5.10
N HIS B 431 3.16 -26.44 -5.24
CA HIS B 431 2.60 -25.59 -4.19
C HIS B 431 1.33 -26.16 -3.57
N ALA B 432 0.94 -27.37 -3.95
CA ALA B 432 -0.31 -27.93 -3.46
C ALA B 432 -0.23 -28.14 -1.95
N GLY B 433 -1.30 -27.76 -1.23
CA GLY B 433 -1.44 -28.04 0.19
C GLY B 433 -2.10 -29.38 0.48
N SER B 434 -1.47 -30.46 0.03
CA SER B 434 -2.13 -31.76 -0.05
C SER B 434 -1.97 -32.68 1.14
N PHE B 435 -1.05 -32.39 2.05
CA PHE B 435 -0.58 -33.35 3.01
C PHE B 435 -0.72 -32.97 4.47
N ASP B 436 -1.08 -31.70 4.78
CA ASP B 436 -0.91 -31.22 6.15
C ASP B 436 -1.81 -31.93 7.15
N ILE B 437 -2.98 -32.42 6.74
CA ILE B 437 -3.77 -33.26 7.64
C ILE B 437 -3.02 -34.55 7.95
N SER B 438 -2.46 -35.17 6.94
CA SER B 438 -1.71 -36.40 7.12
C SER B 438 -0.46 -36.18 7.97
N TYR B 439 0.35 -35.18 7.65
CA TYR B 439 1.61 -35.07 8.37
C TYR B 439 1.45 -34.45 9.75
N LEU B 440 0.36 -33.78 10.05
CA LEU B 440 0.18 -33.25 11.40
C LEU B 440 -0.61 -34.15 12.32
N ARG B 441 -1.60 -34.88 11.83
CA ARG B 441 -2.46 -35.61 12.77
C ARG B 441 -1.74 -36.79 13.39
N CYS B 442 -0.64 -37.23 12.80
CA CYS B 442 0.11 -38.32 13.40
C CYS B 442 0.99 -37.85 14.55
N ILE B 443 1.07 -36.54 14.79
CA ILE B 443 1.99 -35.96 15.77
C ILE B 443 1.26 -35.77 17.09
N PRO B 444 1.72 -36.36 18.19
CA PRO B 444 1.01 -36.23 19.46
C PRO B 444 1.00 -34.81 19.98
N GLY B 445 -0.15 -34.40 20.52
CA GLY B 445 -0.33 -33.05 21.06
C GLY B 445 -0.93 -32.03 20.12
N MET B 446 -1.06 -32.31 18.82
CA MET B 446 -1.59 -31.32 17.91
C MET B 446 -3.11 -31.31 17.91
N LEU B 447 -3.66 -30.12 17.98
CA LEU B 447 -5.07 -29.87 17.74
C LEU B 447 -5.16 -29.50 16.27
N VAL B 448 -5.90 -30.29 15.48
CA VAL B 448 -5.94 -30.12 14.03
C VAL B 448 -7.37 -29.81 13.65
N MET B 449 -7.57 -28.68 12.98
CA MET B 449 -8.89 -28.13 12.69
C MET B 449 -9.04 -27.76 11.22
N THR B 450 -10.28 -27.87 10.74
CA THR B 450 -10.63 -27.73 9.33
C THR B 450 -11.94 -26.94 9.18
N PRO B 451 -11.87 -25.61 9.21
CA PRO B 451 -13.08 -24.79 9.06
C PRO B 451 -13.77 -24.96 7.71
N SER B 452 -15.11 -24.84 7.71
CA SER B 452 -15.93 -25.06 6.52
C SER B 452 -16.32 -23.78 5.79
N ASP B 453 -16.16 -22.61 6.42
CA ASP B 453 -16.50 -21.33 5.82
C ASP B 453 -15.82 -20.22 6.61
N GLU B 454 -16.15 -18.97 6.29
CA GLU B 454 -15.50 -17.80 6.91
C GLU B 454 -15.76 -17.72 8.40
N ASP B 455 -17.03 -17.88 8.82
CA ASP B 455 -17.33 -17.80 10.24
C ASP B 455 -16.63 -18.90 11.01
N GLU B 456 -16.57 -20.11 10.42
CA GLU B 456 -15.88 -21.23 11.07
C GLU B 456 -14.40 -20.95 11.22
N LEU B 457 -13.78 -20.35 10.21
CA LEU B 457 -12.36 -20.03 10.31
C LEU B 457 -12.11 -19.10 11.50
N ARG B 458 -12.93 -18.05 11.63
CA ARG B 458 -12.77 -17.15 12.76
C ARG B 458 -12.94 -17.91 14.06
N LYS B 459 -13.99 -18.72 14.15
CA LYS B 459 -14.22 -19.49 15.37
C LYS B 459 -13.08 -20.46 15.65
N LEU B 460 -12.63 -21.20 14.64
CA LEU B 460 -11.58 -22.19 14.92
C LEU B 460 -10.21 -21.54 15.14
N LEU B 461 -9.97 -20.35 14.60
CA LEU B 461 -8.79 -19.58 14.99
C LEU B 461 -8.84 -19.21 16.47
N THR B 462 -9.99 -18.69 16.94
CA THR B 462 -10.09 -18.34 18.36
C THR B 462 -9.90 -19.58 19.21
N THR B 463 -10.49 -20.67 18.78
CA THR B 463 -10.43 -21.91 19.54
C THR B 463 -9.00 -22.37 19.71
N GLY B 464 -8.24 -22.43 18.60
CA GLY B 464 -6.87 -22.86 18.67
C GLY B 464 -6.00 -21.90 19.46
N TYR B 465 -6.28 -20.61 19.37
CA TYR B 465 -5.51 -19.62 20.12
C TYR B 465 -5.76 -19.74 21.62
N LEU B 466 -7.01 -19.84 22.04
CA LEU B 466 -7.28 -19.98 23.47
C LEU B 466 -6.77 -21.30 24.01
N PHE B 467 -6.77 -22.35 23.18
CA PHE B 467 -6.18 -23.62 23.60
C PHE B 467 -4.75 -23.37 24.02
N ASP B 468 -4.33 -24.03 25.10
CA ASP B 468 -2.96 -23.87 25.59
C ASP B 468 -2.18 -25.07 25.07
N GLY B 469 -1.63 -24.91 23.87
CA GLY B 469 -0.85 -25.94 23.24
C GLY B 469 -0.76 -25.72 21.74
N PRO B 470 -0.09 -26.65 21.09
CA PRO B 470 0.06 -26.59 19.64
C PRO B 470 -1.26 -26.83 18.93
N ALA B 471 -1.64 -25.90 18.05
CA ALA B 471 -2.90 -26.00 17.34
C ALA B 471 -2.70 -25.62 15.88
N ALA B 472 -3.52 -26.21 15.01
CA ALA B 472 -3.42 -25.92 13.58
C ALA B 472 -4.81 -25.71 13.00
N VAL B 473 -4.94 -24.68 12.17
CA VAL B 473 -6.19 -24.36 11.48
C VAL B 473 -5.86 -24.22 10.00
N ARG B 474 -6.48 -25.03 9.15
CA ARG B 474 -6.12 -25.11 7.73
C ARG B 474 -7.25 -24.55 6.87
N TYR B 475 -6.91 -23.76 5.87
CA TYR B 475 -7.92 -23.13 5.02
C TYR B 475 -7.36 -22.91 3.64
N PRO B 476 -8.20 -22.83 2.60
CA PRO B 476 -7.74 -22.72 1.23
C PRO B 476 -7.45 -21.29 0.78
N ARG B 477 -6.67 -21.19 -0.30
CA ARG B 477 -6.62 -19.99 -1.13
C ARG B 477 -8.02 -19.64 -1.64
N GLY B 478 -8.20 -18.38 -1.99
CA GLY B 478 -9.46 -17.95 -2.56
C GLY B 478 -10.47 -17.59 -1.49
N SER B 479 -11.72 -17.45 -1.92
CA SER B 479 -12.82 -17.02 -1.05
C SER B 479 -13.84 -18.14 -0.93
N GLY B 480 -14.77 -17.96 0.01
CA GLY B 480 -15.66 -19.04 0.42
C GLY B 480 -17.08 -18.91 -0.13
N PRO B 481 -18.04 -19.52 0.56
CA PRO B 481 -19.45 -19.36 0.17
C PRO B 481 -20.08 -18.07 0.69
N ASN B 482 -19.35 -17.28 1.46
CA ASN B 482 -19.77 -15.92 1.84
C ASN B 482 -20.95 -15.93 2.82
N HIS B 483 -20.80 -16.70 3.88
CA HIS B 483 -21.80 -16.73 4.93
C HIS B 483 -21.52 -15.64 5.95
N PRO B 484 -22.53 -15.23 6.70
CA PRO B 484 -22.31 -14.18 7.71
C PRO B 484 -21.22 -14.62 8.67
N ILE B 485 -20.50 -13.63 9.18
CA ILE B 485 -19.36 -13.84 10.07
C ILE B 485 -19.73 -13.17 11.38
N ASP B 486 -19.77 -13.94 12.46
CA ASP B 486 -20.00 -13.40 13.79
C ASP B 486 -18.81 -12.54 14.17
N PRO B 487 -19.00 -11.26 14.51
CA PRO B 487 -17.87 -10.43 14.92
C PRO B 487 -17.40 -10.68 16.33
N ASP B 488 -18.17 -11.38 17.16
CA ASP B 488 -17.62 -11.75 18.47
C ASP B 488 -16.38 -12.65 18.25
N LEU B 489 -15.54 -12.71 19.26
CA LEU B 489 -14.36 -13.57 19.29
C LEU B 489 -14.65 -14.65 20.34
N GLN B 490 -15.31 -15.73 19.92
CA GLN B 490 -15.68 -16.79 20.85
C GLN B 490 -15.20 -18.13 20.33
N PRO B 491 -14.71 -19.00 21.19
CA PRO B 491 -14.30 -20.35 20.76
C PRO B 491 -15.51 -21.27 20.61
N VAL B 492 -15.24 -22.47 20.11
CA VAL B 492 -16.23 -23.53 20.11
C VAL B 492 -15.62 -24.69 20.87
N GLU B 493 -16.49 -25.62 21.28
CA GLU B 493 -16.05 -26.76 22.07
C GLU B 493 -15.14 -27.66 21.24
N ILE B 494 -14.00 -28.04 21.83
CA ILE B 494 -12.98 -28.80 21.13
C ILE B 494 -13.45 -30.25 20.96
N GLY B 495 -13.21 -30.81 19.77
CA GLY B 495 -13.55 -32.20 19.54
C GLY B 495 -15.01 -32.49 19.27
N LYS B 496 -15.81 -31.46 18.96
CA LYS B 496 -17.22 -31.62 18.70
C LYS B 496 -17.55 -31.20 17.29
N GLY B 497 -18.17 -32.11 16.54
CA GLY B 497 -18.74 -31.75 15.26
C GLY B 497 -20.06 -31.03 15.39
N VAL B 498 -20.56 -30.57 14.25
CA VAL B 498 -21.84 -29.88 14.16
C VAL B 498 -22.66 -30.58 13.09
N VAL B 499 -23.85 -31.03 13.46
CA VAL B 499 -24.72 -31.68 12.48
C VAL B 499 -25.41 -30.58 11.68
N ARG B 500 -25.24 -30.60 10.36
CA ARG B 500 -25.79 -29.56 9.51
C ARG B 500 -27.07 -29.98 8.82
N ARG B 501 -27.30 -31.28 8.67
CA ARG B 501 -28.48 -31.82 8.02
C ARG B 501 -28.74 -33.21 8.57
N ARG B 502 -29.99 -33.49 8.86
CA ARG B 502 -30.42 -34.80 9.32
C ARG B 502 -31.17 -35.49 8.20
N GLY B 503 -30.72 -36.68 7.85
CA GLY B 503 -31.28 -37.44 6.78
C GLY B 503 -31.25 -38.92 7.13
N GLY B 504 -30.96 -39.77 6.16
CA GLY B 504 -30.79 -41.17 6.48
C GLY B 504 -30.00 -41.90 5.42
N ARG B 505 -29.63 -43.12 5.77
CA ARG B 505 -28.91 -44.03 4.89
C ARG B 505 -27.44 -43.64 4.76
N VAL B 506 -27.16 -42.40 4.38
CA VAL B 506 -25.80 -41.92 4.13
C VAL B 506 -25.52 -40.76 5.07
N ALA B 507 -24.39 -40.82 5.76
CA ALA B 507 -23.88 -39.68 6.50
C ALA B 507 -22.61 -39.14 5.83
N LEU B 508 -22.61 -37.85 5.53
CA LEU B 508 -21.44 -37.18 4.95
C LEU B 508 -20.65 -36.53 6.08
N LEU B 509 -19.40 -36.99 6.29
CA LEU B 509 -18.56 -36.48 7.36
C LEU B 509 -17.53 -35.54 6.73
N VAL B 510 -17.77 -34.24 6.83
CA VAL B 510 -17.04 -33.25 6.04
C VAL B 510 -16.03 -32.55 6.95
N PHE B 511 -14.75 -32.63 6.55
CA PHE B 511 -13.65 -31.88 7.17
C PHE B 511 -13.27 -30.72 6.26
N GLY B 512 -13.86 -29.54 6.50
CA GLY B 512 -13.48 -28.37 5.75
C GLY B 512 -14.45 -27.82 4.71
N VAL B 513 -13.92 -27.23 3.65
CA VAL B 513 -14.72 -26.35 2.79
C VAL B 513 -15.50 -27.08 1.72
N GLN B 514 -15.41 -28.40 1.59
CA GLN B 514 -16.34 -29.07 0.69
C GLN B 514 -17.75 -29.18 1.27
N LEU B 515 -18.03 -28.54 2.41
CA LEU B 515 -19.33 -28.68 3.07
C LEU B 515 -20.48 -28.21 2.18
N ALA B 516 -20.29 -27.09 1.48
CA ALA B 516 -21.39 -26.54 0.68
C ALA B 516 -21.73 -27.48 -0.47
N GLU B 517 -20.70 -28.07 -1.11
CA GLU B 517 -20.95 -29.09 -2.14
C GLU B 517 -21.64 -30.31 -1.56
N ALA B 518 -21.24 -30.73 -0.35
CA ALA B 518 -21.85 -31.92 0.24
C ALA B 518 -23.31 -31.68 0.63
N MET B 519 -23.62 -30.47 1.13
CA MET B 519 -25.01 -30.10 1.38
C MET B 519 -25.83 -30.32 0.13
N LYS B 520 -25.29 -29.93 -1.04
CA LYS B 520 -26.02 -30.11 -2.30
C LYS B 520 -26.31 -31.58 -2.55
N VAL B 521 -25.29 -32.43 -2.38
CA VAL B 521 -25.50 -33.87 -2.55
C VAL B 521 -26.52 -34.37 -1.53
N ALA B 522 -26.42 -33.89 -0.29
CA ALA B 522 -27.26 -34.41 0.78
C ALA B 522 -28.73 -34.03 0.58
N GLU B 523 -28.99 -32.84 0.05
CA GLU B 523 -30.36 -32.49 -0.33
C GLU B 523 -30.85 -33.42 -1.43
N SER B 524 -29.96 -33.81 -2.35
CA SER B 524 -30.38 -34.68 -3.45
C SER B 524 -30.65 -36.11 -2.98
N LEU B 525 -29.84 -36.62 -2.05
CA LEU B 525 -30.00 -37.98 -1.56
C LEU B 525 -30.82 -38.09 -0.29
N ASP B 526 -31.17 -36.97 0.34
CA ASP B 526 -31.79 -36.96 1.67
C ASP B 526 -30.86 -37.59 2.70
N ALA B 527 -29.65 -37.04 2.77
CA ALA B 527 -28.59 -37.60 3.59
C ALA B 527 -28.29 -36.71 4.78
N THR B 528 -27.57 -37.29 5.73
CA THR B 528 -27.07 -36.60 6.90
C THR B 528 -25.75 -35.93 6.54
N VAL B 529 -25.49 -34.78 7.18
CA VAL B 529 -24.26 -34.04 6.94
C VAL B 529 -23.72 -33.52 8.26
N VAL B 530 -22.42 -33.78 8.50
CA VAL B 530 -21.74 -33.34 9.71
C VAL B 530 -20.58 -32.44 9.28
N ASP B 531 -20.48 -31.26 9.90
CA ASP B 531 -19.34 -30.35 9.77
C ASP B 531 -18.38 -30.71 10.89
N MET B 532 -17.36 -31.51 10.57
CA MET B 532 -16.61 -32.21 11.61
C MET B 532 -15.80 -31.25 12.47
N ARG B 533 -15.30 -30.17 11.88
CA ARG B 533 -14.49 -29.14 12.55
C ARG B 533 -13.12 -29.63 12.99
N PHE B 534 -13.05 -30.81 13.63
CA PHE B 534 -11.82 -31.32 14.20
C PHE B 534 -11.42 -32.66 13.59
N VAL B 535 -10.19 -32.71 13.08
CA VAL B 535 -9.57 -34.00 12.76
C VAL B 535 -9.04 -34.66 14.03
N LYS B 536 -8.49 -33.85 14.91
CA LYS B 536 -7.86 -34.34 16.12
C LYS B 536 -7.98 -33.28 17.20
N PRO B 537 -8.65 -33.56 18.32
CA PRO B 537 -9.36 -34.81 18.66
C PRO B 537 -10.60 -35.02 17.85
N LEU B 538 -10.84 -36.23 17.36
CA LEU B 538 -12.02 -36.52 16.57
C LEU B 538 -13.26 -36.62 17.47
N ASP B 539 -14.41 -36.21 16.93
CA ASP B 539 -15.70 -36.37 17.63
C ASP B 539 -16.12 -37.84 17.56
N GLU B 540 -15.53 -38.63 18.44
CA GLU B 540 -15.71 -40.07 18.42
C GLU B 540 -17.16 -40.48 18.70
N ALA B 541 -17.80 -39.87 19.71
CA ALA B 541 -19.18 -40.18 20.01
C ALA B 541 -20.09 -39.97 18.80
N LEU B 542 -19.94 -38.83 18.12
CA LEU B 542 -20.77 -38.58 16.94
C LEU B 542 -20.51 -39.62 15.85
N VAL B 543 -19.24 -39.95 15.62
CA VAL B 543 -18.93 -40.94 14.59
C VAL B 543 -19.58 -42.27 14.93
N ARG B 544 -19.45 -42.69 16.20
CA ARG B 544 -20.01 -43.94 16.67
C ARG B 544 -21.52 -43.99 16.41
N GLU B 545 -22.21 -42.92 16.76
CA GLU B 545 -23.66 -42.88 16.61
C GLU B 545 -24.08 -42.97 15.15
N LEU B 546 -23.41 -42.23 14.27
CA LEU B 546 -23.77 -42.28 12.86
C LEU B 546 -23.55 -43.66 12.29
N ALA B 547 -22.47 -44.34 12.74
CA ALA B 547 -22.15 -45.64 12.18
C ALA B 547 -23.21 -46.67 12.53
N GLY B 548 -23.89 -46.48 13.66
CA GLY B 548 -24.97 -47.38 14.01
C GLY B 548 -26.27 -47.06 13.31
N SER B 549 -26.49 -45.80 12.93
CA SER B 549 -27.76 -45.37 12.38
C SER B 549 -27.77 -45.13 10.86
N HIS B 550 -26.69 -45.43 10.15
CA HIS B 550 -26.63 -45.22 8.71
C HIS B 550 -25.97 -46.43 8.05
N GLU B 551 -26.27 -46.64 6.76
CA GLU B 551 -25.69 -47.75 6.02
C GLU B 551 -24.30 -47.46 5.45
N LEU B 552 -23.91 -46.18 5.36
CA LEU B 552 -22.66 -45.79 4.72
C LEU B 552 -22.20 -44.45 5.29
N LEU B 553 -20.96 -44.40 5.75
CA LEU B 553 -20.29 -43.17 6.14
C LEU B 553 -19.37 -42.74 4.99
N VAL B 554 -19.37 -41.44 4.71
CA VAL B 554 -18.58 -40.87 3.63
C VAL B 554 -17.78 -39.72 4.22
N THR B 555 -16.46 -39.81 4.18
CA THR B 555 -15.61 -38.72 4.62
C THR B 555 -15.14 -37.90 3.43
N ILE B 556 -15.05 -36.59 3.63
CA ILE B 556 -14.66 -35.68 2.55
C ILE B 556 -13.68 -34.68 3.13
N GLU B 557 -12.53 -34.55 2.49
CA GLU B 557 -11.46 -33.68 2.94
C GLU B 557 -10.69 -33.23 1.70
N GLU B 558 -10.07 -32.04 1.78
CA GLU B 558 -9.23 -31.54 0.68
C GLU B 558 -7.76 -31.77 1.05
N ASN B 559 -7.45 -33.06 1.19
CA ASN B 559 -6.14 -33.53 1.65
C ASN B 559 -6.01 -34.93 1.10
N ALA B 560 -4.77 -35.40 0.98
CA ALA B 560 -4.54 -36.78 0.57
C ALA B 560 -5.42 -37.73 1.37
N VAL B 561 -6.13 -38.62 0.66
CA VAL B 561 -6.85 -39.71 1.33
C VAL B 561 -5.89 -40.54 2.17
N MET B 562 -4.75 -40.86 1.61
CA MET B 562 -3.75 -41.63 2.34
C MET B 562 -3.35 -40.87 3.58
N GLY B 563 -3.71 -41.40 4.75
CA GLY B 563 -3.30 -40.77 6.00
C GLY B 563 -4.16 -39.61 6.46
N GLY B 564 -5.22 -39.27 5.74
CA GLY B 564 -5.95 -38.05 5.94
C GLY B 564 -6.96 -38.18 7.05
N ALA B 565 -7.87 -37.21 7.10
CA ALA B 565 -8.89 -37.18 8.15
C ALA B 565 -9.83 -38.37 8.04
N GLY B 566 -10.20 -38.75 6.82
CA GLY B 566 -11.05 -39.90 6.65
C GLY B 566 -10.43 -41.18 7.19
N SER B 567 -9.10 -41.27 7.14
CA SER B 567 -8.42 -42.41 7.74
C SER B 567 -8.44 -42.33 9.26
N ALA B 568 -8.45 -41.12 9.85
CA ALA B 568 -8.67 -41.02 11.29
C ALA B 568 -10.02 -41.63 11.66
N VAL B 569 -11.02 -41.38 10.85
CA VAL B 569 -12.32 -42.02 11.08
C VAL B 569 -12.19 -43.53 10.94
N GLY B 570 -11.50 -44.00 9.88
CA GLY B 570 -11.30 -45.43 9.72
C GLY B 570 -10.63 -46.05 10.94
N GLU B 571 -9.56 -45.40 11.43
CA GLU B 571 -8.84 -45.92 12.59
C GLU B 571 -9.78 -46.04 13.79
N PHE B 572 -10.65 -45.05 13.99
CA PHE B 572 -11.57 -45.08 15.12
C PHE B 572 -12.56 -46.25 15.02
N LEU B 573 -13.23 -46.35 13.85
CA LEU B 573 -14.16 -47.43 13.60
C LEU B 573 -13.51 -48.78 13.83
N ALA B 574 -12.31 -48.98 13.26
CA ALA B 574 -11.61 -50.24 13.44
C ALA B 574 -11.36 -50.52 14.91
N SER B 575 -10.86 -49.54 15.65
CA SER B 575 -10.49 -49.80 17.05
C SER B 575 -11.72 -50.22 17.87
N GLU B 576 -12.92 -49.79 17.46
CA GLU B 576 -14.14 -50.10 18.17
C GLU B 576 -14.87 -51.28 17.57
N GLY B 577 -14.37 -51.86 16.49
CA GLY B 577 -15.10 -52.97 15.90
C GLY B 577 -16.40 -52.56 15.25
N LEU B 578 -16.52 -51.30 14.82
CA LEU B 578 -17.69 -50.84 14.11
C LEU B 578 -17.50 -51.20 12.65
N GLU B 579 -18.49 -51.89 12.07
CA GLU B 579 -18.31 -52.56 10.77
C GLU B 579 -18.97 -51.83 9.62
N VAL B 580 -19.10 -50.51 9.70
CA VAL B 580 -19.91 -49.78 8.72
C VAL B 580 -19.12 -49.46 7.45
N PRO B 581 -19.74 -49.57 6.28
CA PRO B 581 -19.02 -49.22 5.06
C PRO B 581 -18.56 -47.78 5.13
N LEU B 582 -17.35 -47.55 4.62
CA LEU B 582 -16.67 -46.27 4.73
C LEU B 582 -16.10 -45.95 3.36
N LEU B 583 -16.51 -44.81 2.81
CA LEU B 583 -16.06 -44.29 1.53
C LEU B 583 -15.26 -43.02 1.80
N GLN B 584 -13.98 -43.02 1.47
CA GLN B 584 -13.09 -41.91 1.78
C GLN B 584 -12.88 -41.11 0.51
N LEU B 585 -13.34 -39.87 0.53
CA LEU B 585 -13.16 -38.93 -0.60
C LEU B 585 -12.13 -37.86 -0.22
N GLY B 586 -11.21 -37.61 -1.14
CA GLY B 586 -10.19 -36.64 -0.91
C GLY B 586 -9.23 -36.56 -2.07
N LEU B 587 -8.02 -36.18 -1.81
CA LEU B 587 -7.11 -36.02 -2.93
C LEU B 587 -6.45 -37.36 -3.26
N PRO B 588 -6.27 -37.63 -4.55
CA PRO B 588 -5.75 -38.95 -4.95
C PRO B 588 -4.24 -39.00 -4.78
N ASP B 589 -3.71 -40.20 -4.94
CA ASP B 589 -2.29 -40.47 -4.72
C ASP B 589 -1.47 -40.21 -5.98
N TYR B 590 -1.60 -39.00 -6.56
CA TYR B 590 -0.70 -38.54 -7.62
C TYR B 590 -0.70 -37.01 -7.57
N TYR B 591 0.17 -36.41 -8.37
CA TYR B 591 0.30 -34.95 -8.45
C TYR B 591 -0.65 -34.43 -9.50
N VAL B 592 -1.62 -33.63 -9.07
CA VAL B 592 -2.63 -33.09 -9.96
C VAL B 592 -2.03 -31.98 -10.79
N GLU B 593 -2.10 -32.10 -12.09
CA GLU B 593 -1.54 -31.12 -13.03
C GLU B 593 -2.28 -29.80 -12.92
N HIS B 594 -1.52 -28.72 -13.13
CA HIS B 594 -2.07 -27.37 -13.01
C HIS B 594 -3.29 -27.17 -13.91
N ALA B 595 -4.24 -26.38 -13.42
CA ALA B 595 -5.46 -26.03 -14.13
C ALA B 595 -6.23 -25.04 -13.26
N LYS B 596 -7.42 -24.62 -13.68
CA LYS B 596 -8.25 -23.84 -12.77
C LYS B 596 -8.50 -24.65 -11.51
N PRO B 597 -8.65 -23.98 -10.35
CA PRO B 597 -9.01 -24.74 -9.13
C PRO B 597 -10.27 -25.56 -9.29
N SER B 598 -11.30 -24.97 -9.91
CA SER B 598 -12.53 -25.72 -10.16
C SER B 598 -12.28 -26.97 -11.00
N GLU B 599 -11.35 -26.90 -11.97
CA GLU B 599 -11.01 -28.05 -12.80
C GLU B 599 -10.22 -29.10 -12.02
N MET B 600 -9.32 -28.68 -11.15
CA MET B 600 -8.59 -29.65 -10.36
C MET B 600 -9.51 -30.35 -9.38
N LEU B 601 -10.42 -29.59 -8.77
CA LEU B 601 -11.37 -30.21 -7.84
C LEU B 601 -12.29 -31.21 -8.54
N ALA B 602 -12.75 -30.88 -9.76
CA ALA B 602 -13.57 -31.82 -10.52
C ALA B 602 -12.80 -33.09 -10.83
N GLU B 603 -11.54 -32.94 -11.22
CA GLU B 603 -10.71 -34.10 -11.52
C GLU B 603 -10.63 -35.05 -10.33
N CYS B 604 -10.57 -34.49 -9.12
CA CYS B 604 -10.43 -35.24 -7.88
C CYS B 604 -11.76 -35.69 -7.31
N GLY B 605 -12.87 -35.32 -7.95
CA GLY B 605 -14.17 -35.75 -7.50
C GLY B 605 -14.70 -34.97 -6.33
N LEU B 606 -14.19 -33.77 -6.07
CA LEU B 606 -14.53 -33.04 -4.86
C LEU B 606 -15.50 -31.89 -5.12
N ASP B 607 -16.13 -31.86 -6.29
CA ASP B 607 -17.31 -31.06 -6.51
C ASP B 607 -18.56 -31.93 -6.27
N ALA B 608 -19.74 -31.29 -6.28
CA ALA B 608 -20.94 -32.01 -5.87
C ALA B 608 -21.26 -33.13 -6.85
N ALA B 609 -20.92 -32.94 -8.12
CA ALA B 609 -21.10 -33.98 -9.11
C ALA B 609 -20.25 -35.20 -8.80
N GLY B 610 -18.96 -34.99 -8.53
CA GLY B 610 -18.09 -36.10 -8.21
C GLY B 610 -18.47 -36.76 -6.90
N ILE B 611 -18.87 -35.96 -5.91
CA ILE B 611 -19.23 -36.53 -4.62
C ILE B 611 -20.44 -37.44 -4.77
N GLU B 612 -21.52 -36.90 -5.38
CA GLU B 612 -22.75 -37.67 -5.59
C GLU B 612 -22.49 -38.94 -6.38
N LYS B 613 -21.73 -38.86 -7.46
CA LYS B 613 -21.43 -40.05 -8.26
C LYS B 613 -20.68 -41.09 -7.43
N ALA B 614 -19.71 -40.66 -6.64
CA ALA B 614 -18.96 -41.59 -5.81
C ALA B 614 -19.88 -42.29 -4.82
N VAL B 615 -20.78 -41.53 -4.22
CA VAL B 615 -21.66 -42.06 -3.18
C VAL B 615 -22.68 -43.00 -3.80
N ARG B 616 -23.37 -42.54 -4.85
CA ARG B 616 -24.36 -43.40 -5.48
C ARG B 616 -23.71 -44.68 -6.00
N GLN B 617 -22.49 -44.58 -6.53
CA GLN B 617 -21.82 -45.78 -7.04
C GLN B 617 -21.52 -46.74 -5.91
N ARG B 618 -21.07 -46.24 -4.76
CA ARG B 618 -20.79 -47.14 -3.66
C ARG B 618 -22.06 -47.85 -3.21
N LEU B 619 -23.18 -47.13 -3.18
CA LEU B 619 -24.43 -47.73 -2.75
C LEU B 619 -24.96 -48.76 -3.74
N ASP B 620 -24.71 -48.58 -5.04
CA ASP B 620 -25.18 -49.56 -6.02
C ASP B 620 -24.36 -50.84 -6.01
N ARG B 621 -23.22 -50.84 -5.34
CA ARG B 621 -22.32 -51.99 -5.29
C ARG B 621 -22.79 -52.98 -4.24
N LEU C 33 6.56 1.23 21.85
CA LEU C 33 7.90 1.35 22.41
C LEU C 33 8.19 0.29 23.46
N HIS C 34 9.50 0.05 23.71
CA HIS C 34 9.98 -0.94 24.67
C HIS C 34 10.87 -0.34 25.76
N GLU C 35 11.44 0.83 25.54
CA GLU C 35 12.41 1.41 26.45
C GLU C 35 11.99 2.83 26.78
N ILE C 36 12.09 3.18 28.06
CA ILE C 36 11.80 4.55 28.48
C ILE C 36 12.93 5.47 28.03
N PRO C 37 12.67 6.45 27.18
CA PRO C 37 13.74 7.38 26.77
C PRO C 37 14.47 7.95 27.98
N ARG C 38 15.80 7.91 27.95
CA ARG C 38 16.60 8.47 29.03
C ARG C 38 17.00 9.93 28.81
N GLU C 39 16.74 10.49 27.64
CA GLU C 39 17.03 11.89 27.35
C GLU C 39 15.77 12.52 26.80
N ARG C 40 15.65 13.83 26.99
CA ARG C 40 14.43 14.51 26.60
C ARG C 40 14.18 14.30 25.10
N PRO C 41 13.06 13.73 24.70
CA PRO C 41 12.74 13.66 23.27
C PRO C 41 12.55 15.05 22.71
N ALA C 42 12.79 15.18 21.41
CA ALA C 42 12.50 16.41 20.70
C ALA C 42 11.00 16.43 20.36
N THR C 43 10.29 17.47 20.81
CA THR C 43 8.84 17.54 20.71
C THR C 43 8.44 18.93 20.27
N PRO C 44 8.74 19.27 19.02
CA PRO C 44 8.48 20.65 18.58
C PRO C 44 7.02 20.99 18.57
N LEU C 45 6.14 20.04 18.25
CA LEU C 45 4.70 20.33 18.27
C LEU C 45 4.20 20.49 19.70
N LEU C 46 4.56 19.57 20.59
CA LEU C 46 4.17 19.70 21.99
C LEU C 46 4.66 21.02 22.58
N ASP C 47 5.91 21.39 22.29
CA ASP C 47 6.50 22.60 22.84
C ASP C 47 5.73 23.85 22.42
N ARG C 48 4.99 23.79 21.32
N ARG C 48 4.99 23.78 21.33
CA ARG C 48 4.09 24.85 20.89
CA ARG C 48 4.11 24.87 20.91
C ARG C 48 2.69 24.74 21.48
C ARG C 48 2.68 24.69 21.42
N ALA C 49 2.43 23.67 22.23
CA ALA C 49 1.11 23.41 22.79
C ALA C 49 1.21 23.44 24.30
N SER C 50 1.79 24.52 24.82
CA SER C 50 2.12 24.65 26.23
C SER C 50 0.91 24.91 27.08
N SER C 51 -0.21 25.25 26.47
CA SER C 51 -1.46 25.55 27.14
C SER C 51 -2.59 25.19 26.21
N PRO C 52 -3.81 25.02 26.72
CA PRO C 52 -4.92 24.65 25.82
C PRO C 52 -5.17 25.65 24.71
N ALA C 53 -5.06 26.94 24.98
CA ALA C 53 -5.35 27.93 23.93
C ALA C 53 -4.37 27.76 22.77
N GLU C 54 -3.09 27.54 23.08
CA GLU C 54 -2.12 27.24 22.02
C GLU C 54 -2.48 25.95 21.30
N LEU C 55 -2.78 24.90 22.06
CA LEU C 55 -3.24 23.67 21.45
C LEU C 55 -4.35 23.94 20.44
N ARG C 56 -5.36 24.69 20.86
CA ARG C 56 -6.52 24.89 20.01
C ARG C 56 -6.19 25.67 18.74
N ARG C 57 -4.99 26.26 18.65
CA ARG C 57 -4.56 26.90 17.41
C ARG C 57 -4.00 25.90 16.41
N LEU C 58 -3.52 24.75 16.87
CA LEU C 58 -3.00 23.75 15.94
C LEU C 58 -4.13 23.17 15.10
N GLY C 59 -3.74 22.53 14.00
CA GLY C 59 -4.70 21.88 13.14
C GLY C 59 -5.02 20.44 13.54
N GLU C 60 -6.26 20.05 13.23
CA GLU C 60 -6.67 18.67 13.44
C GLU C 60 -5.67 17.69 12.85
N ALA C 61 -5.01 18.07 11.75
CA ALA C 61 -3.99 17.20 11.16
C ALA C 61 -2.72 17.16 11.99
N ASP C 62 -2.58 18.00 13.00
CA ASP C 62 -1.39 17.96 13.84
C ASP C 62 -1.56 17.09 15.08
N LEU C 63 -2.78 16.65 15.42
CA LEU C 63 -3.04 16.14 16.77
C LEU C 63 -2.42 14.77 16.98
N GLU C 64 -2.50 13.89 15.98
CA GLU C 64 -1.92 12.56 16.13
C GLU C 64 -0.42 12.67 16.35
N THR C 65 0.24 13.55 15.60
CA THR C 65 1.67 13.77 15.81
C THR C 65 1.91 14.37 17.18
N LEU C 66 1.08 15.34 17.57
CA LEU C 66 1.12 15.87 18.93
C LEU C 66 1.00 14.75 19.96
N ALA C 67 0.12 13.79 19.70
CA ALA C 67 -0.09 12.70 20.66
C ALA C 67 1.15 11.84 20.80
N ASP C 68 1.76 11.47 19.67
CA ASP C 68 3.01 10.73 19.71
C ASP C 68 4.04 11.42 20.60
N GLU C 69 4.27 12.72 20.35
CA GLU C 69 5.25 13.48 21.14
C GLU C 69 4.88 13.53 22.62
N LEU C 70 3.64 13.91 22.93
CA LEU C 70 3.18 13.90 24.32
C LEU C 70 3.53 12.59 25.00
N ARG C 71 3.17 11.47 24.37
CA ARG C 71 3.45 10.16 24.94
C ARG C 71 4.93 9.96 25.21
N GLN C 72 5.79 10.35 24.25
CA GLN C 72 7.24 10.24 24.45
C GLN C 72 7.68 11.08 25.63
N TYR C 73 7.20 12.34 25.70
CA TYR C 73 7.55 13.18 26.84
C TYR C 73 7.06 12.56 28.16
N LEU C 74 5.82 12.06 28.18
CA LEU C 74 5.31 11.39 29.37
C LEU C 74 6.25 10.28 29.80
N LEU C 75 6.58 9.37 28.86
CA LEU C 75 7.53 8.30 29.19
C LEU C 75 8.82 8.86 29.74
N TYR C 76 9.40 9.87 29.06
CA TYR C 76 10.63 10.46 29.54
C TYR C 76 10.47 10.94 30.99
N THR C 77 9.49 11.81 31.22
CA THR C 77 9.53 12.54 32.48
C THR C 77 9.20 11.63 33.66
N VAL C 78 8.31 10.65 33.47
CA VAL C 78 8.01 9.74 34.59
C VAL C 78 9.22 8.84 34.81
N GLY C 79 10.02 8.62 33.77
CA GLY C 79 11.28 7.90 33.95
C GLY C 79 12.24 8.66 34.83
N GLN C 80 12.27 9.99 34.68
CA GLN C 80 13.12 10.83 35.53
C GLN C 80 12.63 10.86 36.99
N THR C 81 11.31 10.97 37.22
CA THR C 81 10.80 11.29 38.56
C THR C 81 10.12 10.12 39.26
N GLY C 82 9.79 9.04 38.56
CA GLY C 82 8.85 8.08 39.10
C GLY C 82 7.44 8.67 39.15
N GLY C 83 6.44 7.83 39.46
CA GLY C 83 5.06 8.29 39.60
C GLY C 83 4.11 7.38 38.87
N HIS C 84 2.86 7.78 38.77
CA HIS C 84 1.87 6.97 38.06
C HIS C 84 2.16 6.94 36.57
N PHE C 85 1.84 5.81 35.94
CA PHE C 85 2.40 5.54 34.62
C PHE C 85 1.34 5.07 33.63
N GLY C 86 0.78 3.88 33.89
CA GLY C 86 -0.07 3.24 32.90
C GLY C 86 -1.32 4.03 32.55
N ALA C 87 -1.97 4.62 33.55
CA ALA C 87 -3.29 5.19 33.29
C ALA C 87 -3.19 6.44 32.45
N GLY C 88 -2.12 7.21 32.61
CA GLY C 88 -1.97 8.43 31.82
C GLY C 88 -1.67 8.14 30.36
N LEU C 89 -0.89 7.09 30.10
CA LEU C 89 -0.68 6.63 28.73
C LEU C 89 -2.02 6.33 28.07
N GLY C 90 -2.97 5.83 28.84
CA GLY C 90 -4.28 5.50 28.29
C GLY C 90 -5.10 6.69 27.88
N VAL C 91 -4.80 7.89 28.40
CA VAL C 91 -5.65 9.05 28.14
C VAL C 91 -4.92 10.14 27.40
N VAL C 92 -3.79 9.82 26.78
CA VAL C 92 -3.08 10.83 25.99
C VAL C 92 -3.99 11.42 24.92
N GLU C 93 -4.67 10.56 24.18
CA GLU C 93 -5.49 11.07 23.10
C GLU C 93 -6.76 11.71 23.64
N LEU C 94 -7.32 11.16 24.72
CA LEU C 94 -8.50 11.77 25.31
C LEU C 94 -8.17 13.16 25.83
N THR C 95 -7.01 13.32 26.47
CA THR C 95 -6.71 14.62 27.04
C THR C 95 -6.58 15.67 25.95
N ILE C 96 -5.97 15.31 24.83
CA ILE C 96 -5.80 16.25 23.73
C ILE C 96 -7.15 16.66 23.15
N ALA C 97 -8.01 15.67 22.87
CA ALA C 97 -9.32 16.00 22.30
C ALA C 97 -10.12 16.90 23.22
N LEU C 98 -10.07 16.63 24.54
CA LEU C 98 -10.83 17.43 25.51
C LEU C 98 -10.38 18.89 25.50
N HIS C 99 -9.07 19.12 25.62
CA HIS C 99 -8.60 20.50 25.63
C HIS C 99 -8.73 21.18 24.28
N TYR C 100 -8.91 20.41 23.21
CA TYR C 100 -9.06 20.94 21.87
C TYR C 100 -10.48 21.37 21.61
N VAL C 101 -11.44 20.55 22.03
CA VAL C 101 -12.84 20.81 21.76
C VAL C 101 -13.43 21.74 22.81
N PHE C 102 -13.06 21.58 24.08
CA PHE C 102 -13.65 22.41 25.12
C PHE C 102 -12.77 23.62 25.40
N ASP C 103 -13.42 24.69 25.84
CA ASP C 103 -12.80 25.98 26.05
C ASP C 103 -12.22 26.08 27.47
N THR C 104 -11.32 25.15 27.77
CA THR C 104 -10.62 25.21 29.05
C THR C 104 -9.80 26.49 29.10
N PRO C 105 -9.67 27.12 30.29
CA PRO C 105 -10.13 26.67 31.61
C PRO C 105 -11.50 27.20 32.00
N ASP C 106 -12.18 27.91 31.08
CA ASP C 106 -13.49 28.46 31.42
C ASP C 106 -14.51 27.35 31.47
N ASP C 107 -14.47 26.45 30.50
CA ASP C 107 -15.11 25.15 30.66
C ASP C 107 -14.38 24.34 31.72
N ARG C 108 -15.16 23.67 32.55
CA ARG C 108 -14.64 22.97 33.71
C ARG C 108 -14.42 21.50 33.43
N LEU C 109 -13.19 21.07 33.55
CA LEU C 109 -12.79 19.68 33.39
C LEU C 109 -12.38 19.14 34.75
N VAL C 110 -12.93 17.98 35.11
CA VAL C 110 -12.67 17.35 36.41
C VAL C 110 -12.18 15.93 36.14
N TRP C 111 -10.99 15.60 36.64
CA TRP C 111 -10.42 14.26 36.51
C TRP C 111 -10.68 13.47 37.79
N ASP C 112 -11.34 12.32 37.65
CA ASP C 112 -11.53 11.41 38.78
C ASP C 112 -10.22 10.71 39.16
N VAL C 113 -9.94 10.67 40.46
CA VAL C 113 -8.73 10.12 41.08
C VAL C 113 -7.54 11.02 40.79
N GLY C 114 -7.22 11.21 39.50
CA GLY C 114 -6.19 12.15 39.09
C GLY C 114 -4.85 11.51 38.76
N HIS C 115 -4.70 10.21 38.97
CA HIS C 115 -3.45 9.55 38.62
C HIS C 115 -3.23 9.44 37.12
N GLN C 116 -4.26 9.75 36.32
CA GLN C 116 -4.18 9.73 34.87
C GLN C 116 -3.94 11.09 34.28
N ALA C 117 -3.64 12.09 35.12
CA ALA C 117 -3.70 13.48 34.70
C ALA C 117 -2.32 14.07 34.40
N TYR C 118 -1.29 13.24 34.15
CA TYR C 118 0.01 13.80 33.80
C TYR C 118 -0.07 14.46 32.43
N PRO C 119 -0.65 13.83 31.39
CA PRO C 119 -0.89 14.57 30.13
C PRO C 119 -1.64 15.89 30.34
N HIS C 120 -2.66 15.89 31.21
CA HIS C 120 -3.38 17.13 31.48
C HIS C 120 -2.44 18.21 32.01
N LYS C 121 -1.61 17.85 32.98
CA LYS C 121 -0.63 18.79 33.51
C LYS C 121 0.35 19.21 32.42
N ILE C 122 0.72 18.30 31.53
CA ILE C 122 1.70 18.64 30.51
C ILE C 122 1.15 19.70 29.55
N LEU C 123 -0.15 19.68 29.30
CA LEU C 123 -0.78 20.64 28.40
C LEU C 123 -1.29 21.89 29.11
N THR C 124 -1.12 22.01 30.42
CA THR C 124 -1.66 23.16 31.14
C THR C 124 -0.55 23.89 31.89
N GLU C 125 0.48 24.29 31.14
CA GLU C 125 1.56 25.20 31.57
C GLU C 125 2.51 24.56 32.55
N ARG C 126 2.53 23.25 32.67
CA ARG C 126 3.44 22.62 33.62
C ARG C 126 4.35 21.58 32.97
N ARG C 127 4.38 21.51 31.63
CA ARG C 127 5.22 20.52 30.97
C ARG C 127 6.64 20.60 31.51
N GLU C 128 7.22 21.80 31.52
CA GLU C 128 8.62 21.95 31.93
C GLU C 128 8.82 21.93 33.44
N LEU C 129 7.73 21.84 34.23
CA LEU C 129 7.82 21.57 35.66
C LEU C 129 7.60 20.10 35.99
N MET C 130 7.28 19.26 35.00
CA MET C 130 7.12 17.85 35.30
C MET C 130 8.35 17.25 36.00
N GLY C 131 9.53 17.84 35.80
CA GLY C 131 10.73 17.35 36.48
C GLY C 131 10.73 17.50 38.00
N THR C 132 9.83 18.31 38.54
CA THR C 132 9.70 18.45 39.99
C THR C 132 8.62 17.52 40.56
N LEU C 133 8.03 16.68 39.71
CA LEU C 133 6.83 15.93 40.08
C LEU C 133 7.08 15.06 41.30
N ARG C 134 6.16 15.15 42.26
CA ARG C 134 6.17 14.36 43.48
C ARG C 134 7.45 14.55 44.29
N GLN C 135 8.09 15.71 44.12
CA GLN C 135 9.24 16.09 44.93
C GLN C 135 8.81 17.24 45.83
N LYS C 136 9.46 17.33 46.99
CA LYS C 136 9.23 18.45 47.88
C LYS C 136 9.25 19.74 47.07
N ASN C 137 8.20 20.54 47.24
CA ASN C 137 8.00 21.83 46.57
C ASN C 137 7.75 21.74 45.08
N GLY C 138 7.64 20.53 44.53
CA GLY C 138 7.32 20.34 43.12
C GLY C 138 5.85 20.09 42.89
N LEU C 139 5.50 19.73 41.64
CA LEU C 139 4.13 19.46 41.31
C LEU C 139 3.62 18.28 42.13
N ALA C 140 2.36 18.38 42.55
CA ALA C 140 1.71 17.35 43.34
C ALA C 140 1.36 16.14 42.48
N ALA C 141 0.97 15.06 43.18
CA ALA C 141 0.71 13.80 42.53
C ALA C 141 -0.58 13.83 41.71
N PHE C 142 -1.53 14.69 42.08
CA PHE C 142 -2.86 14.79 41.50
C PHE C 142 -3.18 16.23 41.13
N PRO C 143 -4.19 16.46 40.30
CA PRO C 143 -4.71 17.81 40.12
C PRO C 143 -4.94 18.44 41.49
N ARG C 144 -4.78 19.76 41.56
CA ARG C 144 -4.88 20.48 42.83
C ARG C 144 -5.18 21.95 42.54
N ARG C 145 -6.28 22.45 43.10
CA ARG C 145 -6.75 23.79 42.78
C ARG C 145 -5.67 24.83 43.08
N ALA C 146 -4.98 24.70 44.21
CA ALA C 146 -3.93 25.67 44.53
C ALA C 146 -2.78 25.66 43.51
N GLU C 147 -2.65 24.58 42.74
CA GLU C 147 -1.51 24.44 41.84
C GLU C 147 -1.74 25.14 40.51
N SER C 148 -2.98 25.14 40.01
CA SER C 148 -3.26 25.65 38.67
C SER C 148 -4.73 25.99 38.58
N GLU C 149 -5.03 27.07 37.86
CA GLU C 149 -6.38 27.38 37.45
C GLU C 149 -6.96 26.35 36.50
N TYR C 150 -6.09 25.50 35.89
CA TYR C 150 -6.58 24.42 35.04
C TYR C 150 -7.01 23.17 35.82
N ASP C 151 -6.76 23.11 37.13
CA ASP C 151 -7.24 22.04 37.99
C ASP C 151 -8.48 22.54 38.72
N THR C 152 -9.62 22.01 38.35
CA THR C 152 -10.86 22.48 38.94
C THR C 152 -11.12 21.89 40.32
N PHE C 153 -10.57 20.70 40.60
CA PHE C 153 -10.95 19.97 41.81
C PHE C 153 -9.81 19.06 42.22
N GLY C 154 -9.23 19.32 43.38
CA GLY C 154 -8.29 18.42 44.00
C GLY C 154 -8.90 17.04 44.22
N VAL C 155 -8.23 16.04 43.68
CA VAL C 155 -8.70 14.67 43.73
C VAL C 155 -7.58 13.78 44.26
N GLY C 156 -7.91 12.50 44.44
CA GLY C 156 -7.02 11.53 45.06
C GLY C 156 -7.80 10.30 45.46
N HIS C 157 -8.73 10.48 46.40
CA HIS C 157 -9.77 9.47 46.53
C HIS C 157 -10.60 9.46 45.24
N SER C 158 -11.28 8.34 45.00
CA SER C 158 -11.96 8.14 43.74
C SER C 158 -13.41 8.57 43.83
N SER C 159 -14.03 8.71 42.65
CA SER C 159 -15.47 8.77 42.45
C SER C 159 -16.08 10.09 42.89
N THR C 160 -15.27 11.13 43.06
CA THR C 160 -15.79 12.43 43.42
C THR C 160 -16.04 13.36 42.23
N SER C 161 -15.63 12.96 41.02
CA SER C 161 -15.62 13.91 39.92
C SER C 161 -17.03 14.29 39.51
N ILE C 162 -17.96 13.34 39.51
CA ILE C 162 -19.29 13.62 39.00
C ILE C 162 -19.99 14.60 39.92
N SER C 163 -19.99 14.32 41.23
CA SER C 163 -20.54 15.26 42.22
C SER C 163 -19.96 16.65 42.08
N ALA C 164 -18.64 16.74 41.94
CA ALA C 164 -17.99 18.05 41.88
C ALA C 164 -18.38 18.79 40.60
N ALA C 165 -18.40 18.09 39.47
CA ALA C 165 -18.77 18.75 38.23
C ALA C 165 -20.24 19.14 38.24
N LEU C 166 -21.10 18.32 38.84
CA LEU C 166 -22.49 18.72 38.95
C LEU C 166 -22.63 20.02 39.78
N GLY C 167 -21.94 20.11 40.89
CA GLY C 167 -22.01 21.34 41.68
C GLY C 167 -21.52 22.55 40.92
N MET C 168 -20.47 22.38 40.10
CA MET C 168 -20.03 23.48 39.27
C MET C 168 -21.09 23.85 38.24
N ALA C 169 -21.75 22.85 37.64
CA ALA C 169 -22.76 23.12 36.62
C ALA C 169 -23.97 23.86 37.20
N ILE C 170 -24.45 23.43 38.37
CA ILE C 170 -25.60 24.06 38.97
C ILE C 170 -25.28 25.50 39.27
N ALA C 171 -24.08 25.74 39.80
CA ALA C 171 -23.69 27.09 40.18
C ALA C 171 -23.59 27.99 38.96
N ALA C 172 -22.94 27.52 37.89
CA ALA C 172 -22.77 28.38 36.73
C ALA C 172 -24.12 28.71 36.10
N ARG C 173 -25.04 27.74 36.02
CA ARG C 173 -26.39 28.02 35.55
C ARG C 173 -27.03 29.13 36.38
N LEU C 174 -26.95 29.01 37.71
CA LEU C 174 -27.52 30.03 38.59
C LEU C 174 -26.82 31.38 38.44
N GLN C 175 -25.54 31.39 38.09
CA GLN C 175 -24.85 32.65 37.83
C GLN C 175 -25.08 33.15 36.42
N GLY C 176 -25.84 32.43 35.61
CA GLY C 176 -26.09 32.82 34.23
C GLY C 176 -24.93 32.61 33.29
N LYS C 177 -23.90 31.87 33.71
CA LYS C 177 -22.68 31.73 32.92
C LYS C 177 -22.78 30.47 32.08
N GLU C 178 -22.64 30.62 30.77
CA GLU C 178 -22.62 29.48 29.87
C GLU C 178 -21.25 28.83 29.98
N ARG C 179 -21.18 27.69 30.65
CA ARG C 179 -19.94 26.94 30.58
C ARG C 179 -20.24 25.46 30.70
N LYS C 180 -19.40 24.68 30.07
CA LYS C 180 -19.57 23.23 30.08
C LYS C 180 -18.92 22.67 31.34
N SER C 181 -19.45 21.54 31.79
CA SER C 181 -18.89 20.84 32.93
C SER C 181 -18.69 19.38 32.53
N VAL C 182 -17.45 18.90 32.64
CA VAL C 182 -17.05 17.58 32.18
C VAL C 182 -16.37 16.81 33.31
N ALA C 183 -16.80 15.56 33.53
CA ALA C 183 -16.18 14.67 34.51
C ALA C 183 -15.63 13.45 33.79
N VAL C 184 -14.35 13.19 33.94
CA VAL C 184 -13.72 12.00 33.40
C VAL C 184 -13.56 10.99 34.52
N ILE C 185 -14.32 9.91 34.47
CA ILE C 185 -14.33 8.91 35.52
C ILE C 185 -14.01 7.54 34.91
N GLY C 186 -13.18 6.77 35.59
CA GLY C 186 -12.85 5.43 35.12
C GLY C 186 -13.84 4.37 35.61
N ASP C 187 -13.82 3.20 34.98
CA ASP C 187 -14.84 2.19 35.26
C ASP C 187 -14.75 1.69 36.71
N GLY C 188 -13.56 1.62 37.29
CA GLY C 188 -13.50 1.34 38.71
C GLY C 188 -14.30 2.36 39.53
N ALA C 189 -14.16 3.65 39.21
CA ALA C 189 -14.73 4.68 40.06
C ALA C 189 -16.25 4.64 40.06
N LEU C 190 -16.85 4.20 38.95
CA LEU C 190 -18.30 4.02 38.88
C LEU C 190 -18.84 2.89 39.77
N THR C 191 -18.02 2.12 40.47
CA THR C 191 -18.57 1.19 41.43
C THR C 191 -18.84 1.82 42.80
N ALA C 192 -18.42 3.06 43.06
CA ALA C 192 -18.65 3.65 44.38
C ALA C 192 -20.06 4.21 44.47
N GLY C 193 -20.65 4.04 45.65
CA GLY C 193 -21.98 4.59 45.91
C GLY C 193 -22.12 6.05 45.55
N MET C 194 -21.10 6.88 45.84
CA MET C 194 -21.34 8.32 45.65
C MET C 194 -21.48 8.68 44.18
N ALA C 195 -20.79 7.96 43.30
CA ALA C 195 -21.00 8.25 41.88
C ALA C 195 -22.42 7.93 41.46
N PHE C 196 -23.00 6.85 42.00
CA PHE C 196 -24.41 6.53 41.74
C PHE C 196 -25.33 7.65 42.25
N GLU C 197 -25.08 8.12 43.47
CA GLU C 197 -25.89 9.21 44.02
C GLU C 197 -25.82 10.44 43.11
N ALA C 198 -24.64 10.68 42.57
CA ALA C 198 -24.41 11.86 41.75
C ALA C 198 -25.04 11.73 40.38
N LEU C 199 -25.05 10.51 39.82
CA LEU C 199 -25.71 10.30 38.54
C LEU C 199 -27.21 10.50 38.69
N ASN C 200 -27.77 10.06 39.81
CA ASN C 200 -29.20 10.25 40.02
C ASN C 200 -29.55 11.73 40.20
N HIS C 201 -28.78 12.44 41.02
CA HIS C 201 -29.10 13.84 41.26
C HIS C 201 -28.93 14.70 40.01
N ALA C 202 -27.90 14.47 39.20
CA ALA C 202 -27.73 15.25 37.98
C ALA C 202 -28.95 15.09 37.07
N SER C 203 -29.49 13.87 36.96
CA SER C 203 -30.69 13.68 36.17
C SER C 203 -31.87 14.45 36.75
N GLU C 204 -32.03 14.43 38.07
CA GLU C 204 -33.16 15.09 38.72
C GLU C 204 -33.14 16.60 38.47
N VAL C 205 -31.97 17.22 38.53
CA VAL C 205 -31.88 18.65 38.25
C VAL C 205 -31.66 18.94 36.77
N ASP C 206 -31.63 17.91 35.92
CA ASP C 206 -31.45 18.05 34.48
C ASP C 206 -30.25 18.95 34.18
N ALA C 207 -29.10 18.63 34.79
CA ALA C 207 -27.94 19.51 34.67
C ALA C 207 -27.26 19.32 33.32
N ASP C 208 -26.63 20.39 32.85
CA ASP C 208 -25.92 20.37 31.57
C ASP C 208 -24.47 20.01 31.89
N MET C 209 -24.17 18.72 31.83
CA MET C 209 -22.83 18.25 32.09
C MET C 209 -22.60 17.00 31.26
N LEU C 210 -21.33 16.68 31.09
CA LEU C 210 -20.89 15.51 30.37
C LEU C 210 -20.05 14.67 31.30
N VAL C 211 -20.41 13.40 31.44
CA VAL C 211 -19.62 12.41 32.14
C VAL C 211 -18.99 11.51 31.08
N ILE C 212 -17.67 11.39 31.08
CA ILE C 212 -16.94 10.50 30.18
C ILE C 212 -16.42 9.32 30.98
N LEU C 213 -16.91 8.12 30.66
CA LEU C 213 -16.40 6.88 31.24
C LEU C 213 -15.16 6.47 30.47
N ASN C 214 -14.01 6.54 31.13
CA ASN C 214 -12.74 6.06 30.59
C ASN C 214 -12.65 4.58 30.99
N ASP C 215 -13.03 3.69 30.08
CA ASP C 215 -13.14 2.27 30.36
C ASP C 215 -11.93 1.58 29.78
N ASN C 216 -11.13 0.93 30.63
CA ASN C 216 -9.99 0.16 30.15
C ASN C 216 -9.97 -1.26 30.71
N ASP C 217 -11.12 -1.79 31.13
CA ASP C 217 -11.18 -3.13 31.69
C ASP C 217 -12.34 -3.88 31.03
N PRO C 241 -24.58 -1.99 26.77
CA PRO C 241 -23.82 -1.52 27.93
C PRO C 241 -24.37 -0.22 28.53
N GLY C 242 -25.01 0.60 27.67
CA GLY C 242 -25.60 1.85 28.06
C GLY C 242 -27.00 1.81 28.63
N THR C 243 -27.62 0.64 28.75
CA THR C 243 -29.02 0.63 29.18
C THR C 243 -29.17 1.14 30.61
N LEU C 244 -28.20 0.85 31.46
CA LEU C 244 -28.23 1.33 32.84
C LEU C 244 -28.24 2.85 32.90
N PHE C 245 -27.30 3.50 32.19
CA PHE C 245 -27.22 4.96 32.27
C PHE C 245 -28.46 5.62 31.67
N GLU C 246 -28.96 5.08 30.55
CA GLU C 246 -30.23 5.56 30.02
C GLU C 246 -31.29 5.52 31.11
N GLU C 247 -31.37 4.38 31.82
CA GLU C 247 -32.37 4.22 32.86
C GLU C 247 -32.20 5.26 33.97
N LEU C 248 -30.95 5.63 34.29
CA LEU C 248 -30.68 6.66 35.28
C LEU C 248 -30.97 8.06 34.77
N GLY C 249 -31.34 8.20 33.50
CA GLY C 249 -31.67 9.50 32.94
C GLY C 249 -30.60 10.13 32.08
N TRP C 250 -29.59 9.38 31.66
CA TRP C 250 -28.47 9.94 30.92
C TRP C 250 -28.57 9.57 29.45
N ASN C 251 -28.22 10.50 28.57
CA ASN C 251 -28.14 10.22 27.13
C ASN C 251 -26.77 9.63 26.83
N TYR C 252 -26.74 8.34 26.52
CA TYR C 252 -25.49 7.58 26.43
C TYR C 252 -25.06 7.43 24.99
N ILE C 253 -23.78 7.65 24.76
CA ILE C 253 -23.15 7.54 23.46
C ILE C 253 -21.99 6.56 23.60
N GLY C 254 -21.89 5.61 22.69
CA GLY C 254 -20.71 4.77 22.59
C GLY C 254 -21.04 3.30 22.57
N PRO C 255 -20.02 2.45 22.76
CA PRO C 255 -18.64 2.87 23.07
C PRO C 255 -17.89 3.38 21.86
N ILE C 256 -16.94 4.29 22.06
CA ILE C 256 -16.06 4.74 20.97
C ILE C 256 -14.61 4.43 21.35
N ASP C 257 -13.75 4.38 20.34
CA ASP C 257 -12.33 4.10 20.50
C ASP C 257 -11.62 5.33 21.05
N GLY C 258 -11.00 5.19 22.24
CA GLY C 258 -10.40 6.31 22.95
C GLY C 258 -9.05 6.77 22.47
N HIS C 259 -8.47 6.08 21.50
CA HIS C 259 -7.23 6.52 20.88
C HIS C 259 -7.43 6.96 19.44
N ASP C 260 -8.69 6.99 18.97
CA ASP C 260 -9.04 7.49 17.62
C ASP C 260 -9.30 8.97 17.75
N LEU C 261 -8.25 9.78 17.65
CA LEU C 261 -8.43 11.21 17.81
C LEU C 261 -9.50 11.75 16.87
N PRO C 262 -9.55 11.37 15.59
CA PRO C 262 -10.63 11.85 14.72
C PRO C 262 -12.04 11.55 15.24
N THR C 263 -12.28 10.35 15.73
CA THR C 263 -13.58 10.06 16.33
C THR C 263 -13.79 10.86 17.61
N LEU C 264 -12.74 10.98 18.43
CA LEU C 264 -12.86 11.69 19.71
C LEU C 264 -13.25 13.13 19.48
N VAL C 265 -12.52 13.83 18.61
CA VAL C 265 -12.78 15.25 18.40
C VAL C 265 -14.18 15.47 17.84
N ALA C 266 -14.59 14.60 16.90
CA ALA C 266 -15.92 14.76 16.29
C ALA C 266 -17.04 14.41 17.27
N THR C 267 -16.90 13.30 18.01
CA THR C 267 -17.90 12.94 19.01
C THR C 267 -18.01 14.02 20.08
N LEU C 268 -16.87 14.50 20.58
CA LEU C 268 -16.94 15.47 21.66
C LEU C 268 -17.56 16.78 21.17
N ARG C 269 -17.22 17.18 19.95
CA ARG C 269 -17.83 18.39 19.39
CA ARG C 269 -17.83 18.39 19.39
C ARG C 269 -19.35 18.27 19.33
N ASN C 270 -19.84 17.15 18.81
CA ASN C 270 -21.29 16.97 18.76
C ASN C 270 -21.92 17.00 20.14
N MET C 271 -21.30 16.34 21.13
CA MET C 271 -21.91 16.31 22.45
C MET C 271 -21.77 17.63 23.18
N ARG C 272 -20.72 18.40 22.87
CA ARG C 272 -20.58 19.73 23.46
C ARG C 272 -21.73 20.65 23.05
N ASP C 273 -22.41 20.38 21.94
CA ASP C 273 -23.54 21.20 21.54
C ASP C 273 -24.89 20.57 21.88
N MET C 274 -24.91 19.62 22.80
CA MET C 274 -26.12 19.01 23.34
C MET C 274 -26.17 19.31 24.83
N LYS C 275 -27.38 19.49 25.35
CA LYS C 275 -27.58 19.90 26.73
C LYS C 275 -28.11 18.74 27.56
N GLY C 276 -27.99 18.88 28.88
CA GLY C 276 -28.51 17.93 29.81
C GLY C 276 -27.54 16.81 30.10
N PRO C 277 -27.95 15.85 30.91
CA PRO C 277 -27.03 14.76 31.30
C PRO C 277 -26.62 13.93 30.11
N GLN C 278 -25.39 14.10 29.67
CA GLN C 278 -24.79 13.37 28.57
C GLN C 278 -23.70 12.48 29.15
N PHE C 279 -23.57 11.30 28.55
CA PHE C 279 -22.68 10.22 29.04
C PHE C 279 -21.98 9.64 27.82
N LEU C 280 -20.68 9.82 27.74
CA LEU C 280 -19.84 9.25 26.66
C LEU C 280 -19.01 8.10 27.18
N HIS C 281 -19.17 6.93 26.58
CA HIS C 281 -18.42 5.73 26.93
C HIS C 281 -17.24 5.60 25.98
N VAL C 282 -16.03 5.72 26.51
CA VAL C 282 -14.82 5.63 25.71
C VAL C 282 -14.03 4.41 26.16
N VAL C 283 -13.32 3.81 25.21
CA VAL C 283 -12.51 2.65 25.51
C VAL C 283 -11.05 2.98 25.23
N THR C 284 -10.18 2.62 26.17
CA THR C 284 -8.76 2.90 26.08
C THR C 284 -8.01 1.67 26.57
N LYS C 285 -6.72 1.62 26.28
CA LYS C 285 -5.84 0.55 26.72
C LYS C 285 -4.92 1.07 27.82
N LYS C 286 -4.92 0.40 28.97
CA LYS C 286 -4.01 0.79 30.03
C LYS C 286 -2.58 0.58 29.53
N GLY C 287 -1.74 1.58 29.73
CA GLY C 287 -0.38 1.51 29.25
C GLY C 287 -0.20 1.70 27.76
N LYS C 288 -1.21 2.15 27.03
CA LYS C 288 -1.18 2.28 25.58
C LYS C 288 0.12 2.87 25.07
N GLY C 289 0.74 2.18 24.11
CA GLY C 289 1.94 2.68 23.45
C GLY C 289 3.24 2.36 24.15
N PHE C 290 3.19 1.64 25.25
CA PHE C 290 4.39 1.13 25.90
C PHE C 290 4.14 -0.33 26.22
N ALA C 291 4.81 -1.21 25.48
CA ALA C 291 4.44 -2.62 25.47
C ALA C 291 4.61 -3.29 26.81
N PRO C 292 5.70 -3.08 27.56
CA PRO C 292 5.77 -3.70 28.89
C PRO C 292 4.55 -3.37 29.73
N ALA C 293 4.06 -2.12 29.65
CA ALA C 293 2.91 -1.68 30.45
C ALA C 293 1.61 -2.25 29.89
N GLU C 294 1.47 -2.29 28.56
CA GLU C 294 0.33 -3.00 27.99
C GLU C 294 0.33 -4.45 28.42
N LEU C 295 1.51 -5.03 28.61
CA LEU C 295 1.58 -6.45 28.98
C LEU C 295 1.40 -6.70 30.47
N ASP C 296 1.67 -5.71 31.32
CA ASP C 296 1.67 -5.87 32.78
C ASP C 296 1.12 -4.61 33.41
N PRO C 297 -0.17 -4.31 33.19
CA PRO C 297 -0.75 -3.06 33.72
C PRO C 297 -0.72 -2.97 35.23
N ILE C 298 -0.86 -4.09 35.94
CA ILE C 298 -0.71 -4.03 37.39
C ILE C 298 0.68 -3.50 37.75
N GLY C 299 1.71 -4.12 37.16
CA GLY C 299 3.08 -3.70 37.45
C GLY C 299 3.40 -2.29 37.01
N TYR C 300 2.73 -1.80 35.97
CA TYR C 300 3.04 -0.48 35.44
C TYR C 300 2.00 0.61 35.84
N HIS C 301 1.12 0.29 36.80
CA HIS C 301 0.28 1.32 37.40
C HIS C 301 1.12 2.50 37.88
N ALA C 302 2.29 2.21 38.44
CA ALA C 302 3.23 3.22 38.89
C ALA C 302 4.63 2.65 38.83
N ILE C 303 5.61 3.53 38.68
CA ILE C 303 7.01 3.13 38.56
C ILE C 303 7.90 4.04 39.41
N THR C 304 9.08 3.53 39.73
CA THR C 304 10.15 4.28 40.39
C THR C 304 11.03 4.93 39.31
N LYS C 305 11.73 5.99 39.69
CA LYS C 305 12.57 6.66 38.71
C LYS C 305 13.71 5.73 38.30
N LEU C 306 14.21 5.93 37.09
CA LEU C 306 15.36 5.15 36.63
C LEU C 306 16.55 5.39 37.55
N GLU C 307 17.42 4.40 37.64
CA GLU C 307 18.63 4.58 38.42
C GLU C 307 19.84 4.23 37.54
N THR C 316 18.10 -5.32 49.96
CA THR C 316 18.21 -5.22 51.40
C THR C 316 16.87 -4.68 51.95
N GLY C 317 16.70 -4.62 53.26
CA GLY C 317 15.51 -4.11 53.94
C GLY C 317 14.66 -5.22 54.53
N GLY C 318 13.76 -4.83 55.45
CA GLY C 318 12.83 -5.77 56.06
C GLY C 318 11.51 -5.86 55.31
N PRO C 319 10.57 -6.69 55.78
CA PRO C 319 9.30 -6.81 55.05
C PRO C 319 8.35 -5.63 55.27
N LYS C 320 7.63 -5.31 54.21
CA LYS C 320 6.53 -4.37 54.32
C LYS C 320 5.56 -4.83 55.40
N TYR C 321 5.05 -3.85 56.17
CA TYR C 321 4.01 -4.16 57.14
C TYR C 321 2.79 -4.82 56.48
N SER C 322 2.37 -4.31 55.32
CA SER C 322 1.31 -4.95 54.55
C SER C 322 1.61 -6.42 54.26
N SER C 323 2.88 -6.74 54.06
CA SER C 323 3.25 -8.15 53.86
C SER C 323 3.20 -8.91 55.17
N VAL C 324 3.46 -8.25 56.30
CA VAL C 324 3.30 -8.93 57.58
C VAL C 324 1.82 -9.20 57.82
N PHE C 325 0.95 -8.25 57.47
CA PHE C 325 -0.49 -8.52 57.57
C PHE C 325 -0.89 -9.70 56.68
N GLY C 326 -0.53 -9.64 55.40
CA GLY C 326 -0.90 -10.71 54.49
C GLY C 326 -0.53 -12.08 55.01
N GLN C 327 0.68 -12.19 55.55
CA GLN C 327 1.12 -13.46 56.10
C GLN C 327 0.29 -13.86 57.29
N TRP C 328 -0.02 -12.89 58.17
CA TRP C 328 -0.84 -13.19 59.32
C TRP C 328 -2.20 -13.69 58.87
N LEU C 329 -2.72 -13.09 57.81
CA LEU C 329 -4.06 -13.41 57.37
C LEU C 329 -4.14 -14.84 56.87
N CYS C 330 -3.12 -15.28 56.12
CA CYS C 330 -3.03 -16.67 55.67
C CYS C 330 -2.84 -17.63 56.84
N ASP C 331 -1.99 -17.27 57.81
CA ASP C 331 -1.72 -18.20 58.91
C ASP C 331 -2.97 -18.37 59.79
N MET C 332 -3.71 -17.29 60.05
CA MET C 332 -4.94 -17.43 60.83
C MET C 332 -6.05 -18.10 60.02
N ALA C 333 -6.13 -17.81 58.72
CA ALA C 333 -7.10 -18.53 57.90
C ALA C 333 -6.78 -20.04 57.83
N ALA C 334 -5.50 -20.42 57.92
CA ALA C 334 -5.16 -21.84 58.01
C ALA C 334 -5.68 -22.45 59.29
N GLN C 335 -5.63 -21.69 60.37
CA GLN C 335 -6.04 -22.13 61.69
C GLN C 335 -7.55 -22.05 61.91
N ASP C 336 -8.25 -21.11 61.26
CA ASP C 336 -9.63 -20.80 61.60
C ASP C 336 -10.43 -20.65 60.32
N ALA C 337 -11.28 -21.65 60.04
CA ALA C 337 -12.06 -21.71 58.83
C ALA C 337 -13.09 -20.60 58.73
N ARG C 338 -13.35 -19.87 59.82
CA ARG C 338 -14.31 -18.79 59.78
C ARG C 338 -13.74 -17.47 59.28
N LEU C 339 -12.42 -17.33 59.20
CA LEU C 339 -11.83 -16.05 58.80
C LEU C 339 -12.20 -15.74 57.36
N LEU C 340 -12.75 -14.53 57.14
CA LEU C 340 -13.02 -14.03 55.80
C LEU C 340 -12.31 -12.68 55.59
N GLY C 341 -11.67 -12.54 54.41
CA GLY C 341 -10.92 -11.34 54.09
C GLY C 341 -11.69 -10.46 53.12
N ILE C 342 -11.84 -9.18 53.48
CA ILE C 342 -12.53 -8.19 52.67
C ILE C 342 -11.59 -7.03 52.33
N THR C 343 -11.61 -6.62 51.06
CA THR C 343 -10.84 -5.45 50.61
C THR C 343 -11.75 -4.63 49.69
N PRO C 344 -11.80 -3.29 49.84
CA PRO C 344 -12.46 -2.44 48.83
C PRO C 344 -11.46 -2.09 47.72
N ALA C 345 -11.19 -3.09 46.86
CA ALA C 345 -10.44 -2.94 45.63
C ALA C 345 -8.94 -2.66 45.84
N MET C 346 -8.35 -3.10 46.95
CA MET C 346 -6.93 -2.82 47.22
C MET C 346 -6.19 -4.13 47.58
N LYS C 347 -6.41 -5.13 46.73
CA LYS C 347 -5.72 -6.41 46.88
C LYS C 347 -4.21 -6.24 46.87
N GLU C 348 -3.70 -5.53 45.87
CA GLU C 348 -2.26 -5.28 45.80
C GLU C 348 -1.77 -4.44 46.97
N GLY C 349 -2.41 -3.31 47.21
CA GLY C 349 -1.92 -2.38 48.23
C GLY C 349 -1.98 -2.96 49.63
N SER C 350 -3.12 -3.57 49.98
CA SER C 350 -3.25 -4.15 51.31
C SER C 350 -2.57 -5.50 51.41
N ASP C 351 -2.19 -6.06 50.25
CA ASP C 351 -1.45 -7.32 50.12
C ASP C 351 -2.24 -8.54 50.61
N LEU C 352 -3.42 -8.73 50.02
CA LEU C 352 -4.16 -9.97 50.16
C LEU C 352 -3.89 -10.96 49.01
N VAL C 353 -2.83 -10.75 48.22
CA VAL C 353 -2.68 -11.51 46.98
C VAL C 353 -2.65 -13.01 47.27
N ALA C 354 -1.74 -13.44 48.16
CA ALA C 354 -1.61 -14.86 48.46
C ALA C 354 -2.87 -15.41 49.12
N PHE C 355 -3.44 -14.63 50.04
CA PHE C 355 -4.72 -15.01 50.66
C PHE C 355 -5.78 -15.25 49.60
N SER C 356 -5.84 -14.39 48.58
CA SER C 356 -6.85 -14.55 47.54
C SER C 356 -6.62 -15.80 46.70
N GLU C 357 -5.40 -16.31 46.65
CA GLU C 357 -5.10 -17.51 45.87
C GLU C 357 -5.30 -18.78 46.67
N ARG C 358 -4.98 -18.77 47.96
CA ARG C 358 -5.17 -19.95 48.80
C ARG C 358 -6.58 -20.08 49.37
N TYR C 359 -7.32 -18.98 49.53
CA TYR C 359 -8.64 -19.04 50.16
C TYR C 359 -9.66 -18.23 49.35
N PRO C 360 -9.74 -18.51 48.05
CA PRO C 360 -10.57 -17.66 47.17
C PRO C 360 -12.02 -17.59 47.59
N GLU C 361 -12.55 -18.66 48.16
CA GLU C 361 -13.97 -18.70 48.54
C GLU C 361 -14.25 -17.87 49.80
N ARG C 362 -13.21 -17.43 50.50
CA ARG C 362 -13.30 -16.63 51.71
C ARG C 362 -12.65 -15.26 51.52
N TYR C 363 -12.43 -14.83 50.29
CA TYR C 363 -11.86 -13.55 49.93
C TYR C 363 -12.92 -12.77 49.16
N PHE C 364 -13.08 -11.47 49.52
CA PHE C 364 -14.09 -10.63 48.85
C PHE C 364 -13.51 -9.27 48.50
N ASP C 365 -13.47 -8.97 47.20
CA ASP C 365 -13.12 -7.66 46.68
C ASP C 365 -14.46 -7.02 46.33
N VAL C 366 -14.85 -6.01 47.12
CA VAL C 366 -16.18 -5.46 46.93
C VAL C 366 -16.11 -4.30 45.94
N ALA C 367 -14.97 -4.14 45.26
CA ALA C 367 -14.71 -2.99 44.39
C ALA C 367 -14.57 -1.73 45.24
N ILE C 368 -14.77 -0.54 44.70
CA ILE C 368 -14.45 0.71 45.45
C ILE C 368 -15.69 1.07 46.22
N ALA C 369 -15.88 0.40 47.35
CA ALA C 369 -17.15 0.34 48.05
C ALA C 369 -16.84 0.09 49.52
N GLU C 370 -16.22 1.10 50.15
CA GLU C 370 -15.84 0.95 51.56
C GLU C 370 -17.06 0.80 52.44
N GLN C 371 -18.13 1.52 52.13
CA GLN C 371 -19.32 1.47 52.97
C GLN C 371 -19.90 0.07 53.01
N HIS C 372 -20.07 -0.54 51.84
CA HIS C 372 -20.62 -1.91 51.79
C HIS C 372 -19.65 -2.92 52.41
N ALA C 373 -18.34 -2.73 52.22
CA ALA C 373 -17.34 -3.60 52.83
C ALA C 373 -17.59 -3.79 54.30
N VAL C 374 -17.89 -2.68 55.00
CA VAL C 374 -18.01 -2.78 56.46
C VAL C 374 -19.37 -3.33 56.88
N THR C 375 -20.45 -2.91 56.23
CA THR C 375 -21.75 -3.46 56.60
C THR C 375 -21.83 -4.93 56.22
N LEU C 376 -21.18 -5.31 55.12
CA LEU C 376 -21.09 -6.71 54.74
C LEU C 376 -20.42 -7.51 55.85
N ALA C 377 -19.26 -7.05 56.31
CA ALA C 377 -18.58 -7.71 57.40
C ALA C 377 -19.50 -7.83 58.60
N ALA C 378 -20.28 -6.79 58.87
CA ALA C 378 -21.24 -6.87 59.98
C ALA C 378 -22.23 -8.02 59.80
N GLY C 379 -22.82 -8.15 58.61
CA GLY C 379 -23.77 -9.22 58.37
C GLY C 379 -23.13 -10.59 58.52
N MET C 380 -21.93 -10.77 57.97
CA MET C 380 -21.18 -12.01 58.13
C MET C 380 -21.00 -12.38 59.58
N ALA C 381 -20.69 -11.36 60.40
CA ALA C 381 -20.44 -11.54 61.81
C ALA C 381 -21.70 -11.96 62.52
N CYS C 382 -22.87 -11.56 62.00
CA CYS C 382 -24.08 -12.00 62.68
C CYS C 382 -24.29 -13.51 62.55
N GLU C 383 -23.69 -14.17 61.56
CA GLU C 383 -23.82 -15.62 61.43
C GLU C 383 -22.66 -16.38 62.05
N GLY C 384 -21.70 -15.68 62.67
CA GLY C 384 -20.61 -16.32 63.36
C GLY C 384 -19.34 -16.48 62.55
N MET C 385 -19.33 -15.99 61.32
CA MET C 385 -18.06 -15.88 60.62
C MET C 385 -17.27 -14.69 61.17
N LYS C 386 -15.98 -14.64 60.81
CA LYS C 386 -15.01 -13.78 61.47
C LYS C 386 -14.33 -12.90 60.42
N PRO C 387 -15.03 -11.85 59.96
CA PRO C 387 -14.45 -11.01 58.91
C PRO C 387 -13.34 -10.09 59.41
N VAL C 388 -12.37 -9.91 58.51
CA VAL C 388 -11.30 -8.95 58.63
C VAL C 388 -11.39 -7.97 57.47
N VAL C 389 -11.64 -6.69 57.78
CA VAL C 389 -11.70 -5.65 56.75
C VAL C 389 -10.32 -5.04 56.63
N ALA C 390 -9.68 -5.23 55.47
CA ALA C 390 -8.39 -4.63 55.17
C ALA C 390 -8.68 -3.31 54.45
N ILE C 391 -8.21 -2.20 55.01
CA ILE C 391 -8.64 -0.88 54.53
C ILE C 391 -7.63 0.16 55.00
N TYR C 392 -7.33 1.10 54.12
CA TYR C 392 -6.42 2.18 54.45
C TYR C 392 -7.09 3.18 55.37
N SER C 393 -6.29 3.77 56.26
CA SER C 393 -6.78 4.78 57.19
C SER C 393 -7.57 5.86 56.49
N THR C 394 -7.02 6.40 55.38
CA THR C 394 -7.71 7.45 54.65
C THR C 394 -9.03 6.99 54.03
N PHE C 395 -9.13 5.74 53.55
CA PHE C 395 -10.35 5.28 52.88
C PHE C 395 -11.40 4.82 53.89
N LEU C 396 -10.96 4.40 55.07
CA LEU C 396 -11.88 4.09 56.14
C LEU C 396 -12.69 5.31 56.55
N GLN C 397 -12.22 6.52 56.20
CA GLN C 397 -13.01 7.73 56.46
C GLN C 397 -14.36 7.65 55.77
N ARG C 398 -14.40 6.96 54.64
CA ARG C 398 -15.62 6.86 53.84
C ARG C 398 -16.58 5.81 54.34
N ALA C 399 -16.16 4.92 55.27
CA ALA C 399 -17.03 3.93 55.91
C ALA C 399 -17.27 4.20 57.39
N TYR C 400 -17.04 5.43 57.85
CA TYR C 400 -17.12 5.73 59.28
C TYR C 400 -18.48 5.41 59.83
N ASP C 401 -19.54 5.68 59.06
CA ASP C 401 -20.90 5.49 59.58
C ASP C 401 -21.22 4.00 59.71
N GLN C 402 -20.73 3.19 58.78
CA GLN C 402 -20.94 1.75 58.86
C GLN C 402 -20.13 1.15 59.99
N LEU C 403 -18.91 1.67 60.23
CA LEU C 403 -18.15 1.24 61.40
C LEU C 403 -18.88 1.57 62.70
N ILE C 404 -19.47 2.76 62.79
CA ILE C 404 -20.13 3.17 64.02
C ILE C 404 -21.47 2.47 64.17
N HIS C 405 -22.33 2.65 63.16
CA HIS C 405 -23.72 2.30 63.31
C HIS C 405 -23.94 0.79 63.16
N ASP C 406 -23.26 0.17 62.21
CA ASP C 406 -23.52 -1.23 61.91
C ASP C 406 -22.60 -2.16 62.69
N VAL C 407 -21.39 -1.69 63.08
CA VAL C 407 -20.45 -2.56 63.78
C VAL C 407 -20.38 -2.23 65.26
N ALA C 408 -20.01 -0.99 65.62
CA ALA C 408 -19.69 -0.76 67.03
C ALA C 408 -20.95 -0.69 67.89
N VAL C 409 -22.00 -0.01 67.40
CA VAL C 409 -23.27 0.04 68.12
C VAL C 409 -23.79 -1.35 68.46
N GLN C 410 -23.56 -2.33 67.61
CA GLN C 410 -24.00 -3.69 67.85
C GLN C 410 -22.92 -4.59 68.44
N HIS C 411 -21.77 -4.02 68.80
CA HIS C 411 -20.61 -4.78 69.25
C HIS C 411 -20.32 -6.03 68.44
N LEU C 412 -20.38 -5.94 67.12
CA LEU C 412 -20.11 -7.11 66.30
C LEU C 412 -18.62 -7.40 66.18
N ASP C 413 -18.31 -8.67 65.93
CA ASP C 413 -16.95 -9.18 65.94
C ASP C 413 -16.34 -9.00 64.56
N VAL C 414 -15.80 -7.80 64.33
CA VAL C 414 -15.18 -7.42 63.06
C VAL C 414 -13.81 -6.82 63.35
N LEU C 415 -12.81 -7.28 62.64
CA LEU C 415 -11.46 -6.76 62.75
C LEU C 415 -11.16 -5.85 61.57
N PHE C 416 -10.63 -4.67 61.87
CA PHE C 416 -10.12 -3.72 60.87
C PHE C 416 -8.59 -3.73 60.90
N ALA C 417 -7.99 -4.14 59.77
CA ALA C 417 -6.54 -4.03 59.52
C ALA C 417 -6.27 -2.72 58.78
N ILE C 418 -5.79 -1.71 59.52
CA ILE C 418 -5.72 -0.34 59.01
C ILE C 418 -4.29 -0.04 58.55
N ASP C 419 -4.11 -0.08 57.23
CA ASP C 419 -2.86 0.18 56.53
C ASP C 419 -2.74 1.68 56.20
N ARG C 420 -1.54 2.07 55.79
CA ARG C 420 -1.21 3.46 55.48
C ARG C 420 -1.59 4.41 56.63
N ALA C 421 -1.43 3.91 57.85
CA ALA C 421 -1.62 4.74 59.02
C ALA C 421 -0.45 5.72 59.09
N GLY C 422 -0.76 7.00 59.23
CA GLY C 422 0.28 7.99 59.29
C GLY C 422 0.49 8.73 57.97
N LEU C 423 1.65 9.36 57.87
CA LEU C 423 2.06 10.02 56.64
C LEU C 423 2.46 8.99 55.58
N VAL C 424 2.12 9.25 54.32
CA VAL C 424 2.33 8.26 53.27
C VAL C 424 3.24 8.75 52.15
N GLY C 425 3.79 9.95 52.23
CA GLY C 425 4.81 10.38 51.28
C GLY C 425 4.23 11.13 50.11
N GLU C 426 4.64 10.74 48.90
CA GLU C 426 4.47 11.58 47.72
C GLU C 426 3.02 11.72 47.28
N ASP C 427 2.15 10.74 47.61
CA ASP C 427 0.74 10.91 47.29
C ASP C 427 0.14 12.10 48.02
N GLY C 428 0.75 12.56 49.11
CA GLY C 428 0.37 13.82 49.72
C GLY C 428 -0.82 13.72 50.65
N PRO C 429 -1.39 14.87 51.04
CA PRO C 429 -2.41 14.88 52.12
C PRO C 429 -3.73 14.24 51.78
N THR C 430 -4.06 14.05 50.50
CA THR C 430 -5.29 13.37 50.16
C THR C 430 -5.26 11.91 50.62
N HIS C 431 -4.08 11.34 50.86
CA HIS C 431 -3.97 9.94 51.25
C HIS C 431 -3.39 9.73 52.64
N ALA C 432 -3.10 10.79 53.38
CA ALA C 432 -2.51 10.67 54.71
C ALA C 432 -3.47 9.95 55.64
N GLY C 433 -2.96 8.98 56.39
CA GLY C 433 -3.72 8.28 57.41
C GLY C 433 -3.61 9.00 58.73
N SER C 434 -4.04 10.26 58.75
CA SER C 434 -3.72 11.18 59.84
C SER C 434 -4.68 11.12 61.01
N PHE C 435 -5.84 10.47 60.89
CA PHE C 435 -6.93 10.71 61.83
C PHE C 435 -7.56 9.48 62.49
N ASP C 436 -7.15 8.26 62.14
CA ASP C 436 -7.91 7.09 62.57
C ASP C 436 -7.83 6.88 64.08
N ILE C 437 -6.76 7.33 64.74
CA ILE C 437 -6.78 7.21 66.19
C ILE C 437 -7.84 8.14 66.76
N SER C 438 -7.91 9.36 66.24
CA SER C 438 -8.87 10.33 66.77
C SER C 438 -10.29 9.90 66.45
N TYR C 439 -10.56 9.44 65.23
CA TYR C 439 -11.97 9.15 64.92
C TYR C 439 -12.44 7.79 65.42
N LEU C 440 -11.54 6.88 65.79
CA LEU C 440 -11.98 5.60 66.33
C LEU C 440 -12.07 5.58 67.85
N ARG C 441 -11.10 6.20 68.56
CA ARG C 441 -11.03 6.04 70.01
C ARG C 441 -12.19 6.70 70.73
N CYS C 442 -12.85 7.66 70.08
CA CYS C 442 -14.06 8.24 70.62
C CYS C 442 -15.30 7.35 70.45
N ILE C 443 -15.20 6.24 69.74
CA ILE C 443 -16.35 5.37 69.48
C ILE C 443 -16.40 4.29 70.56
N PRO C 444 -17.50 4.16 71.30
CA PRO C 444 -17.57 3.09 72.32
C PRO C 444 -17.48 1.69 71.71
N GLY C 445 -16.81 0.81 72.43
CA GLY C 445 -16.68 -0.58 72.04
C GLY C 445 -15.43 -0.90 71.23
N MET C 446 -14.74 0.10 70.69
CA MET C 446 -13.58 -0.17 69.83
C MET C 446 -12.35 -0.50 70.66
N LEU C 447 -11.72 -1.62 70.35
CA LEU C 447 -10.33 -1.87 70.72
C LEU C 447 -9.44 -1.19 69.69
N VAL C 448 -8.48 -0.38 70.13
CA VAL C 448 -7.64 0.40 69.20
C VAL C 448 -6.16 0.17 69.50
N MET C 449 -5.43 -0.36 68.53
CA MET C 449 -4.08 -0.89 68.75
C MET C 449 -3.10 -0.28 67.75
N THR C 450 -1.86 -0.12 68.23
CA THR C 450 -0.82 0.63 67.52
C THR C 450 0.51 -0.08 67.59
N PRO C 451 0.69 -1.14 66.80
CA PRO C 451 1.94 -1.92 66.86
C PRO C 451 3.18 -1.11 66.49
N SER C 452 4.27 -1.39 67.21
CA SER C 452 5.51 -0.66 67.02
C SER C 452 6.50 -1.31 66.05
N ASP C 453 6.32 -2.57 65.67
CA ASP C 453 7.23 -3.24 64.74
C ASP C 453 6.50 -4.45 64.14
N GLU C 454 7.25 -5.28 63.39
CA GLU C 454 6.64 -6.41 62.67
C GLU C 454 6.08 -7.46 63.63
N ASP C 455 6.84 -7.82 64.66
CA ASP C 455 6.36 -8.81 65.63
C ASP C 455 5.13 -8.31 66.38
N GLU C 456 5.13 -7.03 66.78
CA GLU C 456 3.97 -6.44 67.43
C GLU C 456 2.74 -6.49 66.52
N LEU C 457 2.91 -6.16 65.24
CA LEU C 457 1.75 -6.13 64.35
C LEU C 457 1.07 -7.50 64.29
N ARG C 458 1.85 -8.54 63.97
CA ARG C 458 1.34 -9.90 64.04
C ARG C 458 0.66 -10.20 65.37
N LYS C 459 1.31 -9.85 66.48
CA LYS C 459 0.76 -10.15 67.79
C LYS C 459 -0.56 -9.40 68.02
N LEU C 460 -0.63 -8.14 67.59
CA LEU C 460 -1.81 -7.32 67.86
C LEU C 460 -2.92 -7.64 66.88
N LEU C 461 -2.60 -8.11 65.67
CA LEU C 461 -3.64 -8.66 64.82
C LEU C 461 -4.31 -9.88 65.47
N THR C 462 -3.50 -10.75 66.07
CA THR C 462 -4.05 -11.95 66.70
C THR C 462 -4.89 -11.59 67.89
N THR C 463 -4.44 -10.58 68.66
CA THR C 463 -5.20 -10.10 69.80
C THR C 463 -6.55 -9.57 69.36
N GLY C 464 -6.56 -8.71 68.33
CA GLY C 464 -7.81 -8.13 67.91
C GLY C 464 -8.74 -9.18 67.33
N TYR C 465 -8.18 -10.14 66.58
CA TYR C 465 -8.98 -11.20 66.01
C TYR C 465 -9.63 -12.06 67.09
N LEU C 466 -8.84 -12.47 68.09
CA LEU C 466 -9.40 -13.32 69.16
C LEU C 466 -10.36 -12.55 70.06
N PHE C 467 -10.14 -11.26 70.27
CA PHE C 467 -11.16 -10.44 70.91
C PHE C 467 -12.50 -10.68 70.23
N ASP C 468 -13.56 -10.74 71.04
CA ASP C 468 -14.92 -10.88 70.53
C ASP C 468 -15.54 -9.49 70.49
N GLY C 469 -15.28 -8.76 69.42
CA GLY C 469 -15.83 -7.43 69.29
C GLY C 469 -15.07 -6.64 68.25
N PRO C 470 -15.41 -5.36 68.14
CA PRO C 470 -14.76 -4.52 67.13
C PRO C 470 -13.35 -4.20 67.54
N ALA C 471 -12.39 -4.52 66.69
CA ALA C 471 -11.00 -4.22 66.95
C ALA C 471 -10.36 -3.56 65.74
N ALA C 472 -9.32 -2.76 66.01
CA ALA C 472 -8.64 -1.97 65.00
C ALA C 472 -7.15 -2.00 65.29
N VAL C 473 -6.36 -2.31 64.27
CA VAL C 473 -4.91 -2.34 64.34
C VAL C 473 -4.40 -1.48 63.22
N ARG C 474 -3.63 -0.45 63.55
CA ARG C 474 -3.16 0.49 62.54
C ARG C 474 -1.66 0.33 62.32
N TYR C 475 -1.22 0.40 61.07
CA TYR C 475 0.20 0.31 60.77
C TYR C 475 0.52 1.11 59.52
N PRO C 476 1.76 1.55 59.35
CA PRO C 476 2.12 2.41 58.24
C PRO C 476 2.44 1.69 56.94
N ARG C 477 2.34 2.44 55.85
CA ARG C 477 3.03 2.08 54.62
C ARG C 477 4.51 1.73 54.87
N GLY C 478 5.08 0.94 53.97
CA GLY C 478 6.50 0.65 54.02
C GLY C 478 6.89 -0.45 55.00
N SER C 479 8.19 -0.47 55.29
CA SER C 479 8.83 -1.49 56.11
C SER C 479 9.17 -0.92 57.47
N GLY C 480 9.63 -1.82 58.35
CA GLY C 480 9.86 -1.49 59.74
C GLY C 480 11.31 -1.55 60.15
N PRO C 481 11.58 -1.67 61.46
CA PRO C 481 12.96 -1.85 61.92
C PRO C 481 13.50 -3.25 61.72
N ASN C 482 12.68 -4.16 61.20
CA ASN C 482 13.11 -5.51 60.78
C ASN C 482 13.61 -6.31 61.97
N HIS C 483 12.85 -6.29 63.03
CA HIS C 483 13.05 -7.19 64.15
C HIS C 483 12.49 -8.59 63.88
N PRO C 484 12.97 -9.60 64.62
CA PRO C 484 12.47 -10.97 64.40
C PRO C 484 10.98 -11.14 64.71
N ILE C 485 10.33 -11.98 63.94
CA ILE C 485 8.88 -12.20 64.05
C ILE C 485 8.64 -13.59 64.61
N ASP C 486 7.94 -13.65 65.72
CA ASP C 486 7.55 -14.91 66.32
C ASP C 486 6.54 -15.62 65.43
N PRO C 487 6.88 -16.73 64.78
CA PRO C 487 5.91 -17.38 63.88
C PRO C 487 4.67 -17.90 64.59
N ASP C 488 4.68 -18.03 65.90
CA ASP C 488 3.48 -18.44 66.59
C ASP C 488 2.38 -17.39 66.44
N LEU C 489 1.14 -17.81 66.69
CA LEU C 489 -0.02 -16.92 66.71
C LEU C 489 -0.51 -16.91 68.15
N GLN C 490 0.08 -16.05 68.98
CA GLN C 490 -0.38 -15.87 70.34
C GLN C 490 -0.81 -14.41 70.56
N PRO C 491 -1.85 -14.17 71.34
CA PRO C 491 -2.25 -12.79 71.61
C PRO C 491 -1.39 -12.23 72.73
N VAL C 492 -1.59 -10.96 73.02
CA VAL C 492 -1.00 -10.34 74.19
C VAL C 492 -2.16 -9.83 75.02
N GLU C 493 -1.88 -9.52 76.29
CA GLU C 493 -2.92 -9.10 77.22
C GLU C 493 -3.49 -7.74 76.82
N ILE C 494 -4.81 -7.65 76.72
CA ILE C 494 -5.48 -6.44 76.29
C ILE C 494 -5.30 -5.32 77.32
N GLY C 495 -4.97 -4.12 76.82
CA GLY C 495 -4.86 -2.95 77.65
C GLY C 495 -3.57 -2.78 78.40
N LYS C 496 -2.51 -3.49 78.03
CA LYS C 496 -1.26 -3.48 78.77
C LYS C 496 -0.11 -3.04 77.88
N GLY C 497 0.66 -2.04 78.33
CA GLY C 497 1.86 -1.64 77.63
C GLY C 497 3.10 -2.47 78.03
N VAL C 498 4.21 -2.23 77.33
CA VAL C 498 5.48 -2.87 77.65
C VAL C 498 6.53 -1.80 77.96
N VAL C 499 7.12 -1.89 79.15
CA VAL C 499 8.29 -1.07 79.45
C VAL C 499 9.47 -1.59 78.65
N ARG C 500 9.98 -0.79 77.72
CA ARG C 500 11.14 -1.14 76.92
C ARG C 500 12.45 -0.63 77.50
N ARG C 501 12.39 0.38 78.38
CA ARG C 501 13.58 0.95 78.97
C ARG C 501 13.18 1.77 80.19
N ARG C 502 13.98 1.70 81.23
CA ARG C 502 13.75 2.46 82.44
C ARG C 502 14.79 3.57 82.52
N GLY C 503 14.33 4.77 82.90
CA GLY C 503 15.16 5.95 82.96
C GLY C 503 14.71 6.77 84.13
N GLY C 504 15.07 8.04 84.17
CA GLY C 504 14.81 8.81 85.37
C GLY C 504 13.93 10.04 85.27
N ARG C 505 14.20 10.93 84.34
CA ARG C 505 13.58 12.24 84.39
C ARG C 505 12.33 12.34 83.53
N VAL C 506 12.30 11.68 82.37
CA VAL C 506 11.18 11.75 81.45
C VAL C 506 10.74 10.33 81.13
N ALA C 507 9.45 10.18 80.79
CA ALA C 507 8.92 8.95 80.23
C ALA C 507 8.32 9.25 78.87
N LEU C 508 8.69 8.45 77.85
CA LEU C 508 8.11 8.52 76.51
C LEU C 508 7.10 7.40 76.33
N LEU C 509 5.81 7.77 76.17
CA LEU C 509 4.71 6.82 75.94
C LEU C 509 4.45 6.79 74.44
N VAL C 510 5.00 5.79 73.76
CA VAL C 510 5.01 5.70 72.31
C VAL C 510 3.85 4.81 71.87
N PHE C 511 3.02 5.32 70.96
CA PHE C 511 1.93 4.57 70.37
C PHE C 511 2.30 4.31 68.91
N GLY C 512 2.98 3.19 68.69
CA GLY C 512 3.28 2.76 67.34
C GLY C 512 4.73 2.87 66.91
N VAL C 513 4.97 3.22 65.64
CA VAL C 513 6.26 2.92 65.04
C VAL C 513 7.32 3.99 65.27
N GLN C 514 7.06 5.03 66.06
CA GLN C 514 8.15 5.92 66.42
C GLN C 514 8.98 5.38 67.58
N LEU C 515 8.67 4.17 68.05
CA LEU C 515 9.41 3.55 69.14
C LEU C 515 10.92 3.52 68.88
N ALA C 516 11.34 3.03 67.71
CA ALA C 516 12.77 2.94 67.44
C ALA C 516 13.43 4.31 67.51
N GLU C 517 12.78 5.34 66.98
CA GLU C 517 13.34 6.69 67.04
C GLU C 517 13.41 7.18 68.48
N ALA C 518 12.41 6.82 69.30
CA ALA C 518 12.42 7.27 70.68
C ALA C 518 13.50 6.55 71.48
N MET C 519 13.77 5.30 71.14
CA MET C 519 14.84 4.55 71.81
C MET C 519 16.20 5.20 71.56
N LYS C 520 16.45 5.67 70.33
CA LYS C 520 17.66 6.43 70.08
C LYS C 520 17.75 7.62 71.00
N VAL C 521 16.61 8.29 71.22
CA VAL C 521 16.56 9.51 72.00
C VAL C 521 16.70 9.22 73.49
N ALA C 522 16.18 8.07 73.93
CA ALA C 522 15.96 7.83 75.35
C ALA C 522 17.28 7.80 76.12
N GLU C 523 18.30 7.14 75.56
CA GLU C 523 19.62 7.20 76.15
C GLU C 523 20.05 8.64 76.40
N SER C 524 20.13 9.44 75.34
CA SER C 524 20.58 10.82 75.48
C SER C 524 19.90 11.51 76.66
N LEU C 525 18.58 11.41 76.74
CA LEU C 525 17.83 11.98 77.85
C LEU C 525 17.76 11.07 79.07
N ASP C 526 18.44 9.92 79.06
CA ASP C 526 18.21 8.88 80.06
C ASP C 526 16.73 8.89 80.45
N ALA C 527 15.91 8.28 79.61
CA ALA C 527 14.45 8.32 79.72
C ALA C 527 13.90 6.90 79.82
N THR C 528 12.79 6.79 80.57
CA THR C 528 11.90 5.63 80.46
C THR C 528 11.15 5.66 79.12
N VAL C 529 10.89 4.46 78.58
CA VAL C 529 10.24 4.31 77.27
C VAL C 529 9.25 3.15 77.33
N VAL C 530 8.02 3.42 76.89
CA VAL C 530 6.94 2.45 76.98
C VAL C 530 6.31 2.28 75.60
N ASP C 531 6.21 1.03 75.17
CA ASP C 531 5.51 0.61 73.95
C ASP C 531 4.08 0.39 74.41
N MET C 532 3.23 1.37 74.15
CA MET C 532 1.91 1.39 74.77
C MET C 532 1.01 0.29 74.27
N ARG C 533 1.15 -0.10 73.00
CA ARG C 533 0.34 -1.11 72.34
C ARG C 533 -1.12 -0.74 72.14
N PHE C 534 -1.76 -0.21 73.17
CA PHE C 534 -3.19 0.08 73.17
C PHE C 534 -3.48 1.56 73.40
N VAL C 535 -4.26 2.14 72.50
CA VAL C 535 -4.86 3.44 72.78
C VAL C 535 -6.11 3.28 73.65
N LYS C 536 -6.94 2.29 73.32
CA LYS C 536 -8.20 1.97 73.98
C LYS C 536 -8.41 0.46 74.04
N PRO C 537 -8.53 -0.14 75.24
CA PRO C 537 -8.43 0.49 76.57
C PRO C 537 -7.00 0.90 76.88
N LEU C 538 -6.80 2.10 77.41
CA LEU C 538 -5.49 2.55 77.82
C LEU C 538 -4.99 1.78 79.05
N ASP C 539 -3.67 1.57 79.10
CA ASP C 539 -3.04 0.98 80.29
C ASP C 539 -2.94 2.04 81.37
N GLU C 540 -4.07 2.20 82.08
CA GLU C 540 -4.20 3.28 83.05
C GLU C 540 -3.23 3.12 84.23
N ALA C 541 -3.09 1.89 84.74
CA ALA C 541 -2.19 1.68 85.88
C ALA C 541 -0.76 2.08 85.54
N LEU C 542 -0.27 1.70 84.36
CA LEU C 542 1.09 2.06 84.00
C LEU C 542 1.22 3.57 83.86
N VAL C 543 0.23 4.23 83.25
CA VAL C 543 0.30 5.68 83.14
C VAL C 543 0.33 6.34 84.52
N ARG C 544 -0.48 5.83 85.46
CA ARG C 544 -0.45 6.33 86.84
C ARG C 544 0.94 6.19 87.44
N GLU C 545 1.54 5.02 87.31
CA GLU C 545 2.88 4.80 87.87
C GLU C 545 3.92 5.71 87.23
N LEU C 546 3.86 5.87 85.91
CA LEU C 546 4.81 6.77 85.27
C LEU C 546 4.60 8.19 85.73
N ALA C 547 3.33 8.60 85.89
CA ALA C 547 3.03 9.98 86.25
C ALA C 547 3.57 10.30 87.64
N GLY C 548 3.63 9.31 88.52
CA GLY C 548 4.14 9.54 89.85
C GLY C 548 5.62 9.31 90.02
N SER C 549 6.36 9.04 88.93
CA SER C 549 7.78 8.70 89.00
C SER C 549 8.66 9.46 88.01
N HIS C 550 8.10 10.40 87.26
CA HIS C 550 8.82 11.19 86.26
C HIS C 550 8.36 12.64 86.35
N GLU C 551 9.16 13.55 85.85
CA GLU C 551 8.79 14.95 85.88
C GLU C 551 8.20 15.41 84.56
N LEU C 552 8.19 14.55 83.55
CA LEU C 552 7.56 14.85 82.28
C LEU C 552 7.16 13.54 81.63
N LEU C 553 5.91 13.50 81.20
CA LEU C 553 5.40 12.49 80.28
C LEU C 553 5.34 13.06 78.88
N VAL C 554 5.77 12.27 77.89
CA VAL C 554 5.80 12.62 76.47
C VAL C 554 5.10 11.53 75.69
N THR C 555 4.03 11.89 74.97
CA THR C 555 3.31 10.97 74.12
C THR C 555 3.73 11.21 72.68
N ILE C 556 3.80 10.11 71.93
CA ILE C 556 4.33 10.09 70.57
C ILE C 556 3.43 9.13 69.77
N GLU C 557 2.84 9.63 68.70
CA GLU C 557 1.96 8.86 67.82
C GLU C 557 2.07 9.44 66.43
N GLU C 558 1.82 8.62 65.41
CA GLU C 558 1.78 9.16 64.05
C GLU C 558 0.32 9.39 63.63
N ASN C 559 -0.29 10.37 64.29
CA ASN C 559 -1.72 10.70 64.21
C ASN C 559 -1.82 12.15 64.67
N ALA C 560 -2.81 12.86 64.17
CA ALA C 560 -3.10 14.19 64.68
C ALA C 560 -2.98 14.23 66.20
N VAL C 561 -2.23 15.19 66.72
CA VAL C 561 -2.23 15.43 68.14
C VAL C 561 -3.65 15.68 68.61
N MET C 562 -4.42 16.47 67.86
CA MET C 562 -5.79 16.79 68.26
C MET C 562 -6.65 15.52 68.27
N GLY C 563 -7.13 15.17 69.47
CA GLY C 563 -7.95 13.99 69.65
C GLY C 563 -7.21 12.68 69.57
N GLY C 564 -5.89 12.71 69.50
CA GLY C 564 -5.08 11.51 69.33
C GLY C 564 -4.77 10.76 70.62
N ALA C 565 -3.78 9.85 70.49
CA ALA C 565 -3.46 8.90 71.57
C ALA C 565 -2.96 9.64 72.80
N GLY C 566 -2.18 10.71 72.60
CA GLY C 566 -1.73 11.50 73.72
C GLY C 566 -2.88 12.13 74.50
N SER C 567 -3.92 12.55 73.78
CA SER C 567 -5.06 13.18 74.45
C SER C 567 -5.87 12.15 75.26
N ALA C 568 -5.82 10.86 74.88
CA ALA C 568 -6.35 9.82 75.75
C ALA C 568 -5.59 9.78 77.07
N VAL C 569 -4.26 9.88 77.02
CA VAL C 569 -3.45 10.00 78.23
C VAL C 569 -3.81 11.26 79.00
N GLY C 570 -3.92 12.39 78.29
CA GLY C 570 -4.28 13.64 78.94
C GLY C 570 -5.61 13.56 79.64
N GLU C 571 -6.61 12.95 78.98
CA GLU C 571 -7.93 12.76 79.58
C GLU C 571 -7.84 11.92 80.84
N PHE C 572 -7.01 10.87 80.83
CA PHE C 572 -6.87 10.03 82.02
C PHE C 572 -6.20 10.81 83.15
N LEU C 573 -5.07 11.47 82.88
CA LEU C 573 -4.43 12.27 83.90
C LEU C 573 -5.40 13.29 84.49
N ALA C 574 -6.23 13.91 83.64
CA ALA C 574 -7.14 14.92 84.16
C ALA C 574 -8.20 14.30 85.05
N SER C 575 -8.76 13.15 84.66
CA SER C 575 -9.83 12.55 85.44
C SER C 575 -9.35 12.08 86.82
N GLU C 576 -8.08 11.81 86.96
CA GLU C 576 -7.52 11.36 88.22
C GLU C 576 -6.81 12.47 88.97
N GLY C 577 -6.80 13.69 88.44
CA GLY C 577 -6.15 14.77 89.14
C GLY C 577 -4.66 14.61 89.22
N LEU C 578 -4.05 14.02 88.21
CA LEU C 578 -2.61 13.88 88.16
C LEU C 578 -2.06 15.07 87.38
N GLU C 579 -1.18 15.84 88.01
CA GLU C 579 -0.73 17.13 87.51
C GLU C 579 0.60 17.06 86.77
N VAL C 580 1.05 15.89 86.37
CA VAL C 580 2.39 15.81 85.79
C VAL C 580 2.41 16.57 84.46
N PRO C 581 3.51 17.23 84.11
CA PRO C 581 3.59 17.82 82.78
C PRO C 581 3.47 16.77 81.69
N LEU C 582 2.83 17.17 80.59
CA LEU C 582 2.58 16.27 79.47
C LEU C 582 2.90 17.01 78.18
N LEU C 583 3.82 16.46 77.39
CA LEU C 583 4.14 16.95 76.05
C LEU C 583 3.58 15.95 75.03
N GLN C 584 2.76 16.44 74.12
CA GLN C 584 2.12 15.59 73.11
C GLN C 584 2.78 15.81 71.76
N LEU C 585 3.49 14.80 71.27
CA LEU C 585 4.11 14.85 69.95
C LEU C 585 3.28 14.02 68.97
N GLY C 586 3.14 14.51 67.73
CA GLY C 586 2.31 13.85 66.75
C GLY C 586 2.18 14.70 65.52
N LEU C 587 1.16 14.40 64.72
CA LEU C 587 0.99 15.16 63.49
C LEU C 587 0.36 16.53 63.78
N PRO C 588 0.86 17.59 63.15
CA PRO C 588 0.37 18.95 63.44
C PRO C 588 -0.96 19.19 62.77
N ASP C 589 -1.55 20.35 63.06
CA ASP C 589 -2.91 20.66 62.62
C ASP C 589 -2.89 21.45 61.31
N TYR C 590 -2.22 20.85 60.33
CA TYR C 590 -2.30 21.30 58.94
C TYR C 590 -2.04 20.11 58.03
N TYR C 591 -2.25 20.28 56.73
CA TYR C 591 -2.01 19.21 55.76
C TYR C 591 -0.54 19.28 55.36
N VAL C 592 0.18 18.18 55.60
CA VAL C 592 1.63 18.17 55.34
C VAL C 592 1.84 17.93 53.85
N GLU C 593 2.56 18.84 53.20
CA GLU C 593 2.79 18.78 51.77
C GLU C 593 3.61 17.56 51.37
N HIS C 594 3.33 17.08 50.16
CA HIS C 594 3.99 15.89 49.64
C HIS C 594 5.50 16.07 49.68
N ALA C 595 6.20 15.02 50.08
CA ALA C 595 7.65 14.97 50.12
C ALA C 595 8.00 13.50 50.30
N LYS C 596 9.30 13.23 50.41
CA LYS C 596 9.68 11.89 50.84
C LYS C 596 9.11 11.68 52.24
N PRO C 597 8.70 10.47 52.56
CA PRO C 597 8.24 10.21 53.95
C PRO C 597 9.23 10.69 55.01
N SER C 598 10.54 10.46 54.81
CA SER C 598 11.51 10.89 55.82
C SER C 598 11.47 12.41 56.00
N GLU C 599 11.28 13.16 54.91
CA GLU C 599 11.15 14.61 54.99
C GLU C 599 9.86 15.05 55.69
N MET C 600 8.77 14.33 55.45
CA MET C 600 7.50 14.66 56.10
C MET C 600 7.59 14.38 57.60
N LEU C 601 8.20 13.26 57.97
CA LEU C 601 8.36 12.95 59.38
C LEU C 601 9.28 13.94 60.04
N ALA C 602 10.32 14.35 59.34
CA ALA C 602 11.23 15.34 59.89
C ALA C 602 10.54 16.69 60.12
N GLU C 603 9.67 17.10 59.18
CA GLU C 603 8.91 18.36 59.33
C GLU C 603 7.97 18.33 60.52
N CYS C 604 7.32 17.20 60.79
CA CYS C 604 6.44 17.05 61.95
C CYS C 604 7.20 16.77 63.24
N GLY C 605 8.52 16.60 63.16
CA GLY C 605 9.34 16.34 64.32
C GLY C 605 9.21 14.94 64.89
N LEU C 606 8.91 13.95 64.05
CA LEU C 606 8.72 12.58 64.51
C LEU C 606 9.91 11.69 64.19
N ASP C 607 11.06 12.26 63.87
CA ASP C 607 12.29 11.50 63.86
C ASP C 607 13.03 11.71 65.19
N ALA C 608 14.08 10.92 65.39
CA ALA C 608 14.80 10.99 66.65
C ALA C 608 15.22 12.42 66.97
N ALA C 609 15.71 13.16 65.97
CA ALA C 609 16.15 14.53 66.25
C ALA C 609 14.98 15.43 66.61
N GLY C 610 13.88 15.32 65.87
CA GLY C 610 12.72 16.13 66.18
C GLY C 610 12.19 15.86 67.59
N ILE C 611 12.21 14.59 68.01
CA ILE C 611 11.69 14.23 69.32
C ILE C 611 12.58 14.81 70.40
N GLU C 612 13.88 14.55 70.32
CA GLU C 612 14.80 15.03 71.35
C GLU C 612 14.76 16.54 71.46
N LYS C 613 14.77 17.23 70.32
CA LYS C 613 14.71 18.69 70.39
C LYS C 613 13.45 19.14 71.09
N ALA C 614 12.32 18.49 70.80
CA ALA C 614 11.08 18.90 71.44
C ALA C 614 11.13 18.61 72.93
N VAL C 615 11.63 17.42 73.32
CA VAL C 615 11.68 17.09 74.75
C VAL C 615 12.65 18.00 75.49
N ARG C 616 13.82 18.30 74.90
CA ARG C 616 14.79 19.19 75.55
C ARG C 616 14.22 20.60 75.74
N GLN C 617 13.64 21.18 74.68
CA GLN C 617 13.05 22.50 74.83
C GLN C 617 12.08 22.54 76.01
N ARG C 618 11.24 21.51 76.12
CA ARG C 618 10.25 21.48 77.20
C ARG C 618 10.90 21.37 78.57
N LEU C 619 11.96 20.56 78.68
CA LEU C 619 12.62 20.41 79.97
C LEU C 619 13.30 21.70 80.39
N ASP C 620 13.69 22.56 79.43
CA ASP C 620 14.34 23.83 79.76
C ASP C 620 13.32 24.88 80.18
N ARG C 621 12.20 24.96 79.48
CA ARG C 621 11.16 25.91 79.88
C ARG C 621 10.70 25.64 81.31
N GLN C 622 11.00 24.45 81.83
CA GLN C 622 10.57 24.03 83.17
C GLN C 622 11.79 23.53 83.97
N ILE D 36 39.11 -43.89 35.36
CA ILE D 36 37.79 -43.44 35.78
C ILE D 36 37.49 -43.93 37.18
N PRO D 37 37.15 -43.01 38.08
CA PRO D 37 36.89 -43.42 39.47
C PRO D 37 35.73 -44.39 39.53
N ARG D 38 35.85 -45.36 40.42
CA ARG D 38 34.80 -46.34 40.67
C ARG D 38 34.03 -46.07 41.95
N GLU D 39 34.53 -45.16 42.80
CA GLU D 39 33.89 -44.79 44.05
C GLU D 39 33.64 -43.29 44.05
N ARG D 40 32.50 -42.88 44.64
CA ARG D 40 32.11 -41.47 44.73
C ARG D 40 33.32 -40.62 45.08
N PRO D 41 33.71 -39.66 44.23
CA PRO D 41 34.85 -38.82 44.57
C PRO D 41 34.47 -37.86 45.69
N ALA D 42 35.47 -37.18 46.23
CA ALA D 42 35.27 -36.23 47.31
C ALA D 42 35.17 -34.82 46.74
N THR D 43 34.01 -34.18 46.92
CA THR D 43 33.71 -32.88 46.30
C THR D 43 33.11 -31.90 47.29
N PRO D 44 33.86 -31.54 48.33
CA PRO D 44 33.27 -30.65 49.36
C PRO D 44 32.80 -29.32 48.82
N LEU D 45 33.40 -28.85 47.72
CA LEU D 45 33.10 -27.53 47.18
C LEU D 45 31.91 -27.56 46.25
N LEU D 46 31.93 -28.47 45.26
CA LEU D 46 30.75 -28.76 44.46
C LEU D 46 29.54 -29.03 45.35
N ASP D 47 29.76 -29.78 46.45
CA ASP D 47 28.65 -30.04 47.36
C ASP D 47 28.03 -28.76 47.87
N ARG D 48 28.82 -27.68 47.93
CA ARG D 48 28.33 -26.36 48.34
C ARG D 48 27.75 -25.55 47.19
N ALA D 49 28.05 -25.92 45.94
CA ALA D 49 27.51 -25.22 44.78
C ALA D 49 26.40 -26.04 44.12
N SER D 50 25.33 -26.28 44.85
CA SER D 50 24.28 -27.17 44.34
C SER D 50 23.35 -26.44 43.39
N SER D 51 23.55 -25.16 43.17
CA SER D 51 22.64 -24.34 42.37
C SER D 51 23.38 -23.08 41.96
N PRO D 52 22.92 -22.40 40.91
CA PRO D 52 23.58 -21.15 40.50
C PRO D 52 23.69 -20.11 41.61
N ALA D 53 22.65 -19.91 42.40
CA ALA D 53 22.73 -18.92 43.47
C ALA D 53 23.79 -19.31 44.50
N GLU D 54 23.84 -20.58 44.87
CA GLU D 54 24.90 -21.02 45.76
C GLU D 54 26.27 -20.84 45.14
N LEU D 55 26.41 -21.20 43.87
CA LEU D 55 27.69 -21.07 43.18
C LEU D 55 28.16 -19.63 43.20
N ARG D 56 27.26 -18.69 42.90
CA ARG D 56 27.65 -17.28 42.82
C ARG D 56 28.04 -16.72 44.19
N ARG D 57 27.67 -17.43 45.28
CA ARG D 57 28.11 -17.04 46.61
C ARG D 57 29.59 -17.31 46.82
N LEU D 58 30.18 -18.18 46.00
CA LEU D 58 31.58 -18.57 46.15
C LEU D 58 32.50 -17.53 45.53
N GLY D 59 33.79 -17.69 45.78
CA GLY D 59 34.79 -16.73 45.35
C GLY D 59 35.52 -17.20 44.10
N GLU D 60 35.97 -16.23 43.30
CA GLU D 60 36.64 -16.58 42.07
C GLU D 60 37.80 -17.53 42.31
N ALA D 61 38.56 -17.31 43.40
CA ALA D 61 39.72 -18.14 43.65
C ALA D 61 39.33 -19.60 43.77
N ASP D 62 38.09 -19.86 44.21
CA ASP D 62 37.61 -21.23 44.39
C ASP D 62 37.32 -21.96 43.08
N LEU D 63 37.10 -21.23 41.98
CA LEU D 63 36.48 -21.84 40.81
C LEU D 63 37.39 -22.84 40.12
N GLU D 64 38.70 -22.56 40.08
CA GLU D 64 39.61 -23.51 39.44
C GLU D 64 39.51 -24.86 40.14
N THR D 65 39.32 -24.86 41.47
CA THR D 65 39.23 -26.11 42.22
C THR D 65 37.89 -26.80 41.96
N LEU D 66 36.80 -26.02 42.02
CA LEU D 66 35.47 -26.55 41.76
C LEU D 66 35.39 -27.26 40.41
N ALA D 67 36.13 -26.76 39.40
CA ALA D 67 36.13 -27.41 38.09
C ALA D 67 36.84 -28.74 38.14
N ASP D 68 37.90 -28.86 38.95
CA ASP D 68 38.51 -30.16 39.18
C ASP D 68 37.50 -31.12 39.78
N GLU D 69 36.77 -30.67 40.81
CA GLU D 69 35.80 -31.56 41.47
C GLU D 69 34.66 -31.94 40.52
N LEU D 70 34.04 -30.95 39.89
CA LEU D 70 32.95 -31.23 38.97
C LEU D 70 33.42 -32.17 37.88
N ARG D 71 34.62 -31.96 37.37
CA ARG D 71 35.19 -32.86 36.39
C ARG D 71 35.35 -34.26 36.95
N GLN D 72 35.55 -34.37 38.26
CA GLN D 72 35.74 -35.66 38.88
C GLN D 72 34.40 -36.38 39.03
N TYR D 73 33.41 -35.66 39.54
CA TYR D 73 32.08 -36.24 39.69
C TYR D 73 31.48 -36.66 38.35
N LEU D 74 31.61 -35.80 37.33
CA LEU D 74 31.16 -36.14 36.00
C LEU D 74 31.76 -37.46 35.53
N LEU D 75 33.10 -37.60 35.66
CA LEU D 75 33.73 -38.87 35.29
C LEU D 75 33.13 -40.02 36.09
N TYR D 76 32.95 -39.83 37.40
CA TYR D 76 32.41 -40.89 38.25
C TYR D 76 31.02 -41.32 37.78
N THR D 77 30.13 -40.35 37.60
CA THR D 77 28.72 -40.71 37.47
C THR D 77 28.39 -41.23 36.08
N VAL D 78 28.92 -40.58 35.02
CA VAL D 78 28.80 -41.15 33.69
C VAL D 78 29.43 -42.53 33.67
N GLY D 79 30.42 -42.78 34.53
CA GLY D 79 30.92 -44.14 34.70
C GLY D 79 29.88 -45.08 35.25
N GLN D 80 28.98 -44.56 36.11
CA GLN D 80 27.95 -45.37 36.75
C GLN D 80 26.78 -45.71 35.85
N THR D 81 26.49 -44.86 34.86
CA THR D 81 25.23 -44.95 34.13
C THR D 81 25.39 -45.02 32.62
N GLY D 82 26.61 -44.93 32.11
CA GLY D 82 26.82 -44.61 30.72
C GLY D 82 26.32 -43.23 30.36
N GLY D 83 26.49 -42.83 29.12
CA GLY D 83 26.01 -41.55 28.68
C GLY D 83 26.96 -40.78 27.82
N HIS D 84 26.57 -39.57 27.43
CA HIS D 84 27.49 -38.70 26.72
C HIS D 84 28.58 -38.25 27.68
N PHE D 85 29.80 -38.10 27.15
CA PHE D 85 31.02 -38.05 27.95
C PHE D 85 31.92 -36.87 27.57
N GLY D 86 32.46 -36.90 26.34
CA GLY D 86 33.58 -36.02 26.03
C GLY D 86 33.19 -34.56 25.91
N ALA D 87 32.07 -34.29 25.25
CA ALA D 87 31.63 -32.90 25.07
C ALA D 87 31.35 -32.22 26.41
N GLY D 88 30.81 -32.96 27.37
CA GLY D 88 30.50 -32.35 28.66
C GLY D 88 31.77 -32.01 29.44
N LEU D 89 32.76 -32.90 29.38
CA LEU D 89 34.07 -32.60 29.93
C LEU D 89 34.68 -31.34 29.32
N GLY D 90 34.36 -31.06 28.06
CA GLY D 90 34.91 -29.86 27.41
C GLY D 90 34.28 -28.56 27.87
N VAL D 91 33.12 -28.60 28.51
CA VAL D 91 32.40 -27.39 28.90
C VAL D 91 32.32 -27.24 30.42
N VAL D 92 33.15 -27.95 31.17
CA VAL D 92 33.11 -27.77 32.62
C VAL D 92 33.36 -26.32 32.98
N GLU D 93 34.46 -25.74 32.47
CA GLU D 93 34.79 -24.37 32.84
C GLU D 93 33.75 -23.40 32.27
N LEU D 94 33.38 -23.58 31.00
CA LEU D 94 32.37 -22.73 30.39
C LEU D 94 31.09 -22.71 31.23
N THR D 95 30.64 -23.91 31.66
CA THR D 95 29.39 -23.99 32.40
C THR D 95 29.49 -23.29 33.75
N ILE D 96 30.60 -23.50 34.49
CA ILE D 96 30.78 -22.80 35.75
C ILE D 96 30.76 -21.29 35.52
N ALA D 97 31.52 -20.82 34.53
CA ALA D 97 31.57 -19.38 34.28
C ALA D 97 30.19 -18.83 33.97
N LEU D 98 29.39 -19.58 33.20
CA LEU D 98 28.11 -19.04 32.76
C LEU D 98 27.18 -18.81 33.96
N HIS D 99 27.05 -19.83 34.83
CA HIS D 99 26.17 -19.69 35.99
C HIS D 99 26.75 -18.76 37.05
N TYR D 100 28.05 -18.47 36.99
CA TYR D 100 28.66 -17.52 37.90
C TYR D 100 28.41 -16.09 37.47
N VAL D 101 28.50 -15.81 36.17
CA VAL D 101 28.38 -14.43 35.71
C VAL D 101 26.94 -14.01 35.45
N PHE D 102 26.08 -14.96 35.07
CA PHE D 102 24.69 -14.67 34.71
C PHE D 102 23.76 -15.07 35.84
N ASP D 103 22.64 -14.36 35.93
CA ASP D 103 21.66 -14.53 37.00
C ASP D 103 20.65 -15.62 36.60
N THR D 104 21.17 -16.83 36.44
CA THR D 104 20.28 -17.96 36.17
C THR D 104 19.46 -18.25 37.42
N PRO D 105 18.17 -18.65 37.27
CA PRO D 105 17.45 -18.97 36.03
C PRO D 105 16.65 -17.84 35.42
N ASP D 106 16.70 -16.64 35.99
CA ASP D 106 16.02 -15.50 35.38
C ASP D 106 16.64 -15.15 34.04
N ASP D 107 17.97 -15.08 33.99
CA ASP D 107 18.69 -15.01 32.73
C ASP D 107 18.59 -16.36 32.00
N ARG D 108 18.23 -16.31 30.72
CA ARG D 108 17.93 -17.54 29.95
C ARG D 108 19.17 -18.11 29.26
N LEU D 109 19.45 -19.37 29.56
CA LEU D 109 20.57 -20.13 29.00
C LEU D 109 20.02 -21.29 28.18
N VAL D 110 20.41 -21.35 26.91
CA VAL D 110 19.97 -22.39 25.99
C VAL D 110 21.19 -23.17 25.51
N TRP D 111 21.23 -24.47 25.81
CA TRP D 111 22.26 -25.38 25.35
C TRP D 111 21.86 -26.07 24.07
N ASP D 112 22.62 -25.85 22.99
CA ASP D 112 22.35 -26.52 21.73
C ASP D 112 22.64 -28.01 21.88
N VAL D 113 21.71 -28.84 21.38
CA VAL D 113 21.81 -30.30 21.34
C VAL D 113 21.56 -30.88 22.72
N GLY D 114 22.38 -30.48 23.70
CA GLY D 114 22.18 -30.88 25.07
C GLY D 114 23.04 -32.03 25.55
N HIS D 115 23.78 -32.71 24.65
CA HIS D 115 24.67 -33.78 25.07
C HIS D 115 25.82 -33.25 25.93
N GLN D 116 26.09 -31.95 25.92
CA GLN D 116 27.19 -31.39 26.69
C GLN D 116 26.73 -30.83 28.02
N ALA D 117 25.53 -31.19 28.46
CA ALA D 117 24.86 -30.46 29.52
C ALA D 117 24.84 -31.19 30.86
N TYR D 118 25.58 -32.29 31.00
CA TYR D 118 25.67 -32.91 32.32
C TYR D 118 26.23 -31.95 33.38
N PRO D 119 27.25 -31.12 33.10
CA PRO D 119 27.70 -30.17 34.12
C PRO D 119 26.65 -29.12 34.46
N HIS D 120 25.87 -28.69 33.46
CA HIS D 120 24.69 -27.86 33.73
C HIS D 120 23.77 -28.52 34.74
N LYS D 121 23.40 -29.79 34.52
CA LYS D 121 22.47 -30.42 35.44
C LYS D 121 23.08 -30.59 36.82
N ILE D 122 24.38 -30.89 36.87
CA ILE D 122 25.08 -31.04 38.14
C ILE D 122 25.02 -29.75 38.95
N LEU D 123 25.08 -28.59 38.27
CA LEU D 123 25.05 -27.30 38.94
C LEU D 123 23.65 -26.73 39.11
N THR D 124 22.61 -27.48 38.77
CA THR D 124 21.24 -26.98 38.81
C THR D 124 20.35 -27.99 39.50
N GLU D 125 20.78 -28.39 40.69
CA GLU D 125 19.97 -29.13 41.65
C GLU D 125 19.73 -30.57 41.24
N ARG D 126 20.59 -31.10 40.36
CA ARG D 126 20.44 -32.46 39.89
C ARG D 126 21.71 -33.27 40.06
N ARG D 127 22.65 -32.80 40.88
CA ARG D 127 23.88 -33.55 41.13
C ARG D 127 23.56 -34.93 41.70
N GLU D 128 22.86 -34.97 42.82
CA GLU D 128 22.57 -36.24 43.50
C GLU D 128 21.54 -37.09 42.76
N LEU D 129 21.01 -36.60 41.64
CA LEU D 129 20.13 -37.38 40.79
C LEU D 129 20.82 -37.87 39.53
N MET D 130 22.07 -37.45 39.28
CA MET D 130 22.80 -38.01 38.15
C MET D 130 22.88 -39.53 38.22
N GLY D 131 22.75 -40.12 39.41
CA GLY D 131 22.70 -41.57 39.52
C GLY D 131 21.55 -42.19 38.74
N THR D 132 20.53 -41.41 38.42
CA THR D 132 19.35 -41.86 37.70
C THR D 132 19.38 -41.51 36.21
N LEU D 133 20.47 -40.91 35.72
CA LEU D 133 20.51 -40.39 34.37
C LEU D 133 20.22 -41.49 33.36
N ARG D 134 19.29 -41.20 32.45
CA ARG D 134 18.99 -42.04 31.29
C ARG D 134 18.44 -43.40 31.70
N GLN D 135 17.81 -43.47 32.87
CA GLN D 135 17.09 -44.66 33.30
C GLN D 135 15.61 -44.32 33.33
N LYS D 136 14.77 -45.35 33.18
CA LYS D 136 13.33 -45.18 33.35
C LYS D 136 13.06 -44.35 34.59
N ASN D 137 12.26 -43.30 34.43
CA ASN D 137 11.85 -42.36 35.48
C ASN D 137 12.99 -41.49 36.03
N GLY D 138 14.21 -41.62 35.54
CA GLY D 138 15.31 -40.78 35.97
C GLY D 138 15.51 -39.58 35.06
N LEU D 139 16.66 -38.94 35.24
CA LEU D 139 16.98 -37.76 34.47
C LEU D 139 17.11 -38.06 32.97
N ALA D 140 16.60 -37.14 32.15
CA ALA D 140 16.61 -37.32 30.71
C ALA D 140 18.00 -37.12 30.12
N ALA D 141 18.15 -37.59 28.87
CA ALA D 141 19.42 -37.46 28.19
C ALA D 141 19.82 -36.01 27.99
N PHE D 142 18.85 -35.13 27.84
CA PHE D 142 19.08 -33.75 27.42
C PHE D 142 18.38 -32.80 28.29
N PRO D 143 18.68 -31.50 28.25
CA PRO D 143 17.87 -30.48 28.88
C PRO D 143 16.42 -30.64 28.47
N ARG D 144 15.53 -30.50 29.45
CA ARG D 144 14.11 -30.73 29.25
C ARG D 144 13.34 -29.77 30.16
N ARG D 145 12.48 -28.93 29.57
CA ARG D 145 11.81 -27.88 30.34
C ARG D 145 11.02 -28.45 31.52
N ALA D 146 10.37 -29.60 31.33
CA ALA D 146 9.57 -30.19 32.39
C ALA D 146 10.44 -30.77 33.49
N GLU D 147 11.74 -30.93 33.25
CA GLU D 147 12.61 -31.50 34.25
C GLU D 147 13.09 -30.46 35.27
N SER D 148 13.24 -29.21 34.86
CA SER D 148 13.88 -28.20 35.69
C SER D 148 13.61 -26.80 35.14
N GLU D 149 13.37 -25.85 36.04
CA GLU D 149 13.30 -24.45 35.66
C GLU D 149 14.63 -23.94 35.10
N TYR D 150 15.73 -24.64 35.38
CA TYR D 150 17.01 -24.22 34.82
C TYR D 150 17.20 -24.70 33.40
N ASP D 151 16.20 -25.36 32.82
CA ASP D 151 16.24 -25.82 31.43
C ASP D 151 15.22 -24.98 30.68
N THR D 152 15.70 -24.01 29.90
CA THR D 152 14.81 -23.14 29.15
C THR D 152 14.23 -23.79 27.90
N PHE D 153 14.88 -24.82 27.36
CA PHE D 153 14.46 -25.35 26.08
C PHE D 153 14.87 -26.81 25.96
N GLY D 154 13.89 -27.65 25.63
CA GLY D 154 14.17 -29.04 25.37
C GLY D 154 14.88 -29.15 24.05
N VAL D 155 16.06 -29.75 24.05
CA VAL D 155 16.91 -29.87 22.87
C VAL D 155 17.19 -31.36 22.66
N GLY D 156 17.92 -31.68 21.58
CA GLY D 156 18.23 -33.05 21.21
C GLY D 156 18.66 -33.04 19.76
N HIS D 157 17.74 -32.65 18.87
CA HIS D 157 18.13 -32.18 17.56
C HIS D 157 19.01 -30.96 17.70
N SER D 158 19.85 -30.74 16.70
CA SER D 158 20.88 -29.70 16.80
C SER D 158 20.38 -28.40 16.20
N SER D 159 21.09 -27.33 16.57
CA SER D 159 21.02 -26.05 15.87
C SER D 159 19.77 -25.24 16.17
N THR D 160 19.06 -25.56 17.26
CA THR D 160 17.84 -24.84 17.64
C THR D 160 18.07 -23.75 18.66
N SER D 161 19.29 -23.63 19.17
CA SER D 161 19.49 -22.80 20.36
C SER D 161 19.42 -21.31 20.03
N ILE D 162 19.96 -20.90 18.89
CA ILE D 162 19.90 -19.47 18.57
C ILE D 162 18.47 -19.03 18.31
N SER D 163 17.72 -19.81 17.54
CA SER D 163 16.32 -19.48 17.29
C SER D 163 15.54 -19.37 18.60
N ALA D 164 15.71 -20.32 19.50
CA ALA D 164 14.93 -20.32 20.74
C ALA D 164 15.27 -19.11 21.60
N ALA D 165 16.56 -18.81 21.72
CA ALA D 165 16.98 -17.70 22.56
C ALA D 165 16.62 -16.36 21.95
N LEU D 166 16.72 -16.24 20.64
CA LEU D 166 16.21 -15.06 19.99
C LEU D 166 14.75 -14.83 20.35
N GLY D 167 13.94 -15.89 20.27
CA GLY D 167 12.53 -15.73 20.58
C GLY D 167 12.30 -15.29 22.02
N MET D 168 13.08 -15.83 22.95
CA MET D 168 12.94 -15.42 24.34
C MET D 168 13.38 -13.97 24.51
N ALA D 169 14.46 -13.57 23.82
CA ALA D 169 14.94 -12.20 23.92
C ALA D 169 13.92 -11.22 23.38
N ILE D 170 13.25 -11.58 22.29
CA ILE D 170 12.24 -10.70 21.73
C ILE D 170 11.09 -10.56 22.70
N ALA D 171 10.67 -11.70 23.28
CA ALA D 171 9.57 -11.66 24.24
C ALA D 171 9.96 -10.79 25.43
N ALA D 172 11.15 -11.01 25.97
CA ALA D 172 11.62 -10.33 27.16
C ALA D 172 11.68 -8.83 26.96
N ARG D 173 12.15 -8.39 25.79
CA ARG D 173 12.22 -6.97 25.53
C ARG D 173 10.83 -6.34 25.45
N LEU D 174 9.89 -6.95 24.70
CA LEU D 174 8.53 -6.41 24.71
C LEU D 174 7.98 -6.35 26.12
N GLN D 175 8.29 -7.35 26.94
CA GLN D 175 7.84 -7.46 28.31
C GLN D 175 8.57 -6.51 29.24
N GLY D 176 9.62 -5.84 28.76
CA GLY D 176 10.41 -4.96 29.56
C GLY D 176 11.19 -5.60 30.67
N LYS D 177 11.26 -6.93 30.69
CA LYS D 177 12.21 -7.60 31.58
C LYS D 177 13.63 -7.25 31.13
N GLU D 178 14.56 -7.26 32.06
CA GLU D 178 15.94 -6.96 31.68
C GLU D 178 16.78 -8.24 31.69
N ARG D 179 16.16 -9.37 31.38
CA ARG D 179 16.86 -10.64 31.53
C ARG D 179 17.70 -10.88 30.29
N LYS D 180 18.81 -11.59 30.48
CA LYS D 180 19.72 -11.95 29.40
C LYS D 180 19.26 -13.23 28.70
N SER D 181 19.70 -13.39 27.45
CA SER D 181 19.41 -14.57 26.64
C SER D 181 20.71 -15.02 25.99
N VAL D 182 21.11 -16.26 26.27
CA VAL D 182 22.41 -16.80 25.87
C VAL D 182 22.23 -18.18 25.27
N ALA D 183 22.82 -18.40 24.09
CA ALA D 183 22.79 -19.72 23.46
C ALA D 183 24.21 -20.24 23.34
N VAL D 184 24.45 -21.47 23.78
CA VAL D 184 25.73 -22.15 23.61
C VAL D 184 25.56 -23.17 22.48
N ILE D 185 26.28 -22.95 21.38
CA ILE D 185 26.14 -23.80 20.19
C ILE D 185 27.52 -24.34 19.81
N GLY D 186 27.56 -25.61 19.39
CA GLY D 186 28.80 -26.17 18.87
C GLY D 186 29.07 -25.77 17.41
N ASP D 187 30.32 -25.98 17.00
CA ASP D 187 30.73 -25.64 15.64
C ASP D 187 30.04 -26.51 14.58
N GLY D 188 29.71 -27.76 14.90
CA GLY D 188 28.89 -28.53 13.98
C GLY D 188 27.49 -27.97 13.83
N ALA D 189 26.85 -27.65 14.94
CA ALA D 189 25.51 -27.05 14.88
C ALA D 189 25.46 -25.77 14.04
N LEU D 190 26.55 -25.03 13.95
CA LEU D 190 26.51 -23.82 13.13
C LEU D 190 26.47 -24.10 11.62
N THR D 191 26.71 -25.35 11.19
CA THR D 191 26.59 -25.69 9.78
C THR D 191 25.13 -25.87 9.35
N ALA D 192 24.19 -25.84 10.27
CA ALA D 192 22.79 -26.06 9.96
C ALA D 192 22.15 -24.79 9.43
N GLY D 193 21.35 -24.94 8.38
CA GLY D 193 20.71 -23.79 7.77
C GLY D 193 19.92 -22.95 8.75
N MET D 194 19.27 -23.59 9.73
CA MET D 194 18.39 -22.86 10.62
C MET D 194 19.20 -21.95 11.54
N ALA D 195 20.45 -22.32 11.81
CA ALA D 195 21.33 -21.45 12.57
C ALA D 195 21.62 -20.17 11.81
N PHE D 196 21.90 -20.29 10.51
CA PHE D 196 22.09 -19.12 9.64
C PHE D 196 20.86 -18.23 9.64
N GLU D 197 19.67 -18.83 9.51
CA GLU D 197 18.42 -18.07 9.53
C GLU D 197 18.27 -17.31 10.85
N ALA D 198 18.58 -17.96 11.96
CA ALA D 198 18.48 -17.32 13.27
C ALA D 198 19.46 -16.16 13.39
N LEU D 199 20.71 -16.35 12.95
CA LEU D 199 21.69 -15.28 13.12
C LEU D 199 21.31 -14.06 12.28
N ASN D 200 20.78 -14.28 11.07
CA ASN D 200 20.34 -13.15 10.25
C ASN D 200 19.14 -12.44 10.90
N HIS D 201 18.21 -13.21 11.46
CA HIS D 201 17.02 -12.57 12.03
C HIS D 201 17.39 -11.76 13.27
N ALA D 202 18.27 -12.29 14.12
CA ALA D 202 18.72 -11.57 15.29
C ALA D 202 19.34 -10.22 14.90
N SER D 203 20.08 -10.21 13.80
CA SER D 203 20.62 -8.94 13.33
C SER D 203 19.51 -8.02 12.89
N GLU D 204 18.54 -8.55 12.15
CA GLU D 204 17.45 -7.73 11.65
C GLU D 204 16.67 -7.05 12.78
N VAL D 205 16.43 -7.74 13.89
CA VAL D 205 15.68 -7.12 14.98
C VAL D 205 16.59 -6.54 16.05
N ASP D 206 17.90 -6.52 15.80
CA ASP D 206 18.86 -5.90 16.72
C ASP D 206 18.72 -6.49 18.12
N ALA D 207 18.59 -7.80 18.21
CA ALA D 207 18.32 -8.45 19.49
C ALA D 207 19.49 -8.34 20.45
N ASP D 208 19.18 -8.10 21.72
CA ASP D 208 20.18 -8.11 22.79
C ASP D 208 20.30 -9.57 23.19
N MET D 209 21.29 -10.25 22.64
CA MET D 209 21.49 -11.65 22.95
C MET D 209 22.94 -12.01 22.69
N LEU D 210 23.38 -13.08 23.35
CA LEU D 210 24.74 -13.57 23.25
C LEU D 210 24.73 -14.99 22.68
N VAL D 211 25.51 -15.22 21.63
CA VAL D 211 25.79 -16.57 21.16
C VAL D 211 27.22 -16.94 21.56
N ILE D 212 27.36 -18.07 22.23
CA ILE D 212 28.66 -18.62 22.55
C ILE D 212 28.90 -19.80 21.60
N LEU D 213 29.90 -19.65 20.74
CA LEU D 213 30.39 -20.73 19.89
C LEU D 213 31.38 -21.53 20.70
N ASN D 214 31.01 -22.76 21.03
CA ASN D 214 31.90 -23.68 21.69
C ASN D 214 32.60 -24.45 20.58
N ASP D 215 33.81 -24.02 20.19
CA ASP D 215 34.55 -24.65 19.10
C ASP D 215 35.52 -25.71 19.62
N ASN D 216 35.46 -26.91 19.03
CA ASN D 216 36.49 -27.92 19.22
C ASN D 216 36.95 -28.47 17.87
N ASP D 217 38.27 -28.54 17.68
CA ASP D 217 38.92 -28.86 16.42
C ASP D 217 38.94 -27.62 15.49
N GLY D 242 35.37 -14.55 11.94
CA GLY D 242 35.55 -13.21 12.50
C GLY D 242 34.86 -12.18 11.63
N THR D 243 35.46 -11.87 10.51
CA THR D 243 34.83 -11.00 9.52
C THR D 243 33.51 -11.59 9.04
N LEU D 244 33.37 -12.92 9.03
CA LEU D 244 32.15 -13.58 8.57
C LEU D 244 30.98 -13.22 9.46
N PHE D 245 31.14 -13.46 10.76
CA PHE D 245 30.09 -13.14 11.73
C PHE D 245 29.87 -11.64 11.83
N GLU D 246 30.90 -10.83 11.60
CA GLU D 246 30.69 -9.40 11.56
C GLU D 246 29.81 -9.02 10.37
N GLU D 247 30.07 -9.62 9.21
CA GLU D 247 29.26 -9.32 8.04
C GLU D 247 27.80 -9.75 8.22
N LEU D 248 27.51 -10.68 9.12
CA LEU D 248 26.14 -11.09 9.39
C LEU D 248 25.47 -10.25 10.48
N GLY D 249 26.14 -9.23 11.00
CA GLY D 249 25.54 -8.31 11.94
C GLY D 249 25.89 -8.51 13.40
N TRP D 250 26.87 -9.37 13.70
CA TRP D 250 27.22 -9.74 15.05
C TRP D 250 28.60 -9.21 15.48
N ASN D 251 28.67 -8.72 16.72
CA ASN D 251 29.92 -8.22 17.29
C ASN D 251 30.74 -9.42 17.74
N TYR D 252 31.90 -9.64 17.11
CA TYR D 252 32.67 -10.87 17.28
C TYR D 252 33.79 -10.65 18.30
N ILE D 253 33.90 -11.58 19.23
CA ILE D 253 34.93 -11.54 20.26
C ILE D 253 35.58 -12.90 20.35
N GLY D 254 36.91 -12.91 20.45
CA GLY D 254 37.68 -14.12 20.62
C GLY D 254 38.63 -14.34 19.46
N PRO D 255 39.14 -15.57 19.34
CA PRO D 255 38.85 -16.70 20.22
C PRO D 255 39.46 -16.58 21.60
N ILE D 256 38.83 -17.17 22.63
CA ILE D 256 39.41 -17.24 23.96
C ILE D 256 39.59 -18.70 24.36
N ASP D 257 40.51 -18.92 25.29
CA ASP D 257 40.74 -20.27 25.83
C ASP D 257 39.55 -20.68 26.70
N GLY D 258 38.85 -21.74 26.27
CA GLY D 258 37.61 -22.15 26.89
C GLY D 258 37.75 -22.84 28.22
N HIS D 259 38.97 -23.19 28.62
CA HIS D 259 39.22 -23.76 29.92
C HIS D 259 40.07 -22.86 30.81
N ASP D 260 40.04 -21.56 30.57
CA ASP D 260 40.76 -20.57 31.36
C ASP D 260 39.71 -19.79 32.14
N LEU D 261 39.39 -20.26 33.34
CA LEU D 261 38.31 -19.65 34.10
C LEU D 261 38.48 -18.15 34.28
N PRO D 262 39.66 -17.62 34.62
CA PRO D 262 39.77 -16.17 34.85
C PRO D 262 39.41 -15.35 33.62
N THR D 263 39.90 -15.72 32.44
CA THR D 263 39.52 -15.01 31.23
C THR D 263 38.03 -15.16 30.93
N LEU D 264 37.52 -16.39 31.03
CA LEU D 264 36.10 -16.62 30.74
C LEU D 264 35.23 -15.68 31.55
N VAL D 265 35.47 -15.62 32.86
CA VAL D 265 34.63 -14.85 33.77
C VAL D 265 34.71 -13.36 33.45
N ALA D 266 35.90 -12.89 33.07
CA ALA D 266 36.07 -11.48 32.73
C ALA D 266 35.37 -11.14 31.41
N THR D 267 35.57 -11.95 30.39
CA THR D 267 34.94 -11.68 29.09
C THR D 267 33.41 -11.74 29.19
N LEU D 268 32.88 -12.83 29.75
CA LEU D 268 31.44 -12.91 29.97
C LEU D 268 30.93 -11.66 30.68
N ARG D 269 31.66 -11.19 31.69
CA ARG D 269 31.26 -10.01 32.43
C ARG D 269 31.16 -8.80 31.52
N ASN D 270 32.20 -8.54 30.74
CA ASN D 270 32.14 -7.40 29.82
C ASN D 270 31.01 -7.58 28.82
N MET D 271 30.83 -8.81 28.33
CA MET D 271 29.85 -9.04 27.29
C MET D 271 28.43 -9.09 27.84
N ARG D 272 28.27 -9.45 29.12
CA ARG D 272 26.94 -9.59 29.68
C ARG D 272 26.11 -8.33 29.49
N ASP D 273 26.73 -7.16 29.59
CA ASP D 273 25.96 -5.93 29.50
C ASP D 273 26.14 -5.20 28.18
N MET D 274 26.92 -5.74 27.26
CA MET D 274 26.91 -5.19 25.92
C MET D 274 25.52 -5.35 25.32
N LYS D 275 25.23 -4.52 24.35
CA LYS D 275 23.92 -4.51 23.72
C LYS D 275 24.03 -5.07 22.30
N GLY D 276 22.90 -5.49 21.77
CA GLY D 276 22.83 -6.01 20.43
C GLY D 276 23.39 -7.41 20.32
N PRO D 277 23.38 -7.94 19.10
CA PRO D 277 23.84 -9.32 18.89
C PRO D 277 25.33 -9.44 19.16
N GLN D 278 25.68 -10.26 20.15
CA GLN D 278 27.04 -10.48 20.59
C GLN D 278 27.46 -11.92 20.33
N PHE D 279 28.68 -12.12 19.87
CA PHE D 279 29.16 -13.43 19.43
C PHE D 279 30.54 -13.69 20.05
N LEU D 280 30.60 -14.65 20.97
CA LEU D 280 31.83 -15.00 21.67
C LEU D 280 32.35 -16.33 21.14
N HIS D 281 33.50 -16.29 20.49
CA HIS D 281 34.17 -17.49 20.04
C HIS D 281 35.00 -18.05 21.19
N VAL D 282 34.68 -19.27 21.62
CA VAL D 282 35.44 -19.95 22.66
C VAL D 282 35.99 -21.25 22.06
N VAL D 283 37.11 -21.71 22.61
CA VAL D 283 37.74 -22.94 22.15
C VAL D 283 37.90 -23.88 23.32
N THR D 284 37.44 -25.12 23.15
CA THR D 284 37.53 -26.15 24.18
C THR D 284 38.16 -27.39 23.57
N LYS D 285 38.35 -28.40 24.41
CA LYS D 285 38.93 -29.67 24.01
C LYS D 285 37.98 -30.77 24.47
N LYS D 286 37.32 -31.42 23.51
CA LYS D 286 36.55 -32.62 23.84
C LYS D 286 37.40 -33.53 24.71
N GLY D 287 36.81 -33.98 25.81
CA GLY D 287 37.49 -34.90 26.70
C GLY D 287 38.42 -34.26 27.70
N LYS D 288 38.45 -32.92 27.78
CA LYS D 288 39.40 -32.20 28.60
C LYS D 288 39.55 -32.83 29.98
N GLY D 289 40.78 -33.20 30.31
CA GLY D 289 41.05 -33.78 31.60
C GLY D 289 41.00 -35.29 31.64
N PHE D 290 40.85 -35.93 30.49
CA PHE D 290 40.78 -37.39 30.42
C PHE D 290 41.50 -37.81 29.14
N ALA D 291 42.77 -38.18 29.28
CA ALA D 291 43.62 -38.48 28.12
C ALA D 291 42.99 -39.48 27.17
N PRO D 292 42.43 -40.60 27.63
CA PRO D 292 41.78 -41.52 26.66
C PRO D 292 40.77 -40.79 25.78
N ALA D 293 40.01 -39.85 26.36
CA ALA D 293 39.02 -39.11 25.58
C ALA D 293 39.65 -38.00 24.76
N GLU D 294 40.69 -37.33 25.29
CA GLU D 294 41.38 -36.31 24.52
C GLU D 294 42.01 -36.91 23.26
N LEU D 295 42.55 -38.13 23.38
CA LEU D 295 43.15 -38.84 22.26
C LEU D 295 42.10 -39.40 21.30
N ASP D 296 41.00 -39.91 21.82
CA ASP D 296 39.97 -40.61 21.05
C ASP D 296 38.61 -39.99 21.34
N PRO D 297 38.35 -38.80 20.78
CA PRO D 297 37.07 -38.12 21.10
C PRO D 297 35.87 -38.77 20.44
N ILE D 298 36.07 -39.42 19.28
CA ILE D 298 34.97 -40.15 18.62
C ILE D 298 34.49 -41.30 19.50
N GLY D 299 35.38 -42.24 19.81
CA GLY D 299 34.99 -43.36 20.66
C GLY D 299 34.44 -42.92 22.00
N TYR D 300 34.97 -41.83 22.54
CA TYR D 300 34.58 -41.31 23.84
C TYR D 300 33.52 -40.23 23.76
N HIS D 301 32.89 -40.07 22.60
CA HIS D 301 31.67 -39.25 22.52
C HIS D 301 30.61 -39.78 23.47
N ALA D 302 30.52 -41.10 23.64
CA ALA D 302 29.66 -41.69 24.65
C ALA D 302 30.22 -43.05 25.09
N ILE D 303 29.95 -43.39 26.35
CA ILE D 303 30.49 -44.58 26.99
C ILE D 303 29.33 -45.32 27.66
N THR D 304 29.49 -46.62 27.84
CA THR D 304 28.52 -47.41 28.62
C THR D 304 29.04 -47.57 30.05
N LYS D 305 28.15 -47.97 30.95
CA LYS D 305 28.54 -48.07 32.35
C LYS D 305 29.60 -49.15 32.54
N LEU D 306 30.56 -48.89 33.43
CA LEU D 306 31.64 -49.84 33.71
C LEU D 306 31.07 -51.13 34.28
N THR D 316 26.53 -62.57 22.74
CA THR D 316 26.64 -63.00 21.34
C THR D 316 26.16 -61.87 20.42
N GLY D 317 25.01 -62.06 19.78
CA GLY D 317 24.35 -61.03 19.00
C GLY D 317 24.75 -60.92 17.55
N GLY D 318 23.78 -60.62 16.67
CA GLY D 318 24.07 -60.41 15.26
C GLY D 318 24.64 -59.03 14.98
N PRO D 319 24.91 -58.76 13.70
CA PRO D 319 25.31 -57.40 13.29
C PRO D 319 24.21 -56.38 13.58
N LYS D 320 24.61 -55.17 13.99
CA LYS D 320 23.71 -54.02 13.97
C LYS D 320 23.17 -53.79 12.57
N TYR D 321 21.88 -53.42 12.50
CA TYR D 321 21.28 -53.12 11.19
C TYR D 321 22.09 -52.09 10.40
N SER D 322 22.64 -51.06 11.07
CA SER D 322 23.48 -50.07 10.40
C SER D 322 24.71 -50.70 9.72
N SER D 323 25.35 -51.67 10.37
CA SER D 323 26.41 -52.42 9.69
C SER D 323 25.86 -53.24 8.51
N VAL D 324 24.65 -53.80 8.64
CA VAL D 324 24.06 -54.47 7.49
C VAL D 324 23.96 -53.49 6.33
N PHE D 325 23.45 -52.28 6.63
CA PHE D 325 23.31 -51.27 5.60
C PHE D 325 24.67 -50.90 5.04
N GLY D 326 25.64 -50.65 5.91
CA GLY D 326 26.97 -50.23 5.46
C GLY D 326 27.67 -51.26 4.60
N GLN D 327 27.47 -52.53 4.89
CA GLN D 327 28.00 -53.60 4.05
C GLN D 327 27.30 -53.61 2.70
N TRP D 328 25.98 -53.44 2.70
CA TRP D 328 25.23 -53.40 1.45
C TRP D 328 25.73 -52.25 0.60
N LEU D 329 25.97 -51.08 1.23
CA LEU D 329 26.45 -49.91 0.49
C LEU D 329 27.76 -50.20 -0.18
N CYS D 330 28.68 -50.85 0.54
CA CYS D 330 29.98 -51.21 -0.02
C CYS D 330 29.84 -52.22 -1.13
N ASP D 331 28.99 -53.23 -0.92
CA ASP D 331 28.85 -54.29 -1.90
C ASP D 331 28.24 -53.74 -3.18
N MET D 332 27.20 -52.92 -3.06
CA MET D 332 26.59 -52.38 -4.28
C MET D 332 27.54 -51.43 -4.99
N ALA D 333 28.27 -50.62 -4.22
CA ALA D 333 29.24 -49.71 -4.81
C ALA D 333 30.29 -50.47 -5.62
N ALA D 334 30.71 -51.63 -5.16
CA ALA D 334 31.69 -52.41 -5.90
C ALA D 334 31.16 -52.94 -7.24
N GLN D 335 29.85 -53.00 -7.41
CA GLN D 335 29.24 -53.47 -8.66
C GLN D 335 28.70 -52.37 -9.56
N ASP D 336 28.58 -51.15 -9.06
CA ASP D 336 27.84 -50.11 -9.75
C ASP D 336 28.53 -48.79 -9.41
N ALA D 337 29.28 -48.23 -10.36
CA ALA D 337 29.98 -46.97 -10.15
C ALA D 337 29.05 -45.77 -10.00
N ARG D 338 27.77 -45.90 -10.36
CA ARG D 338 26.85 -44.79 -10.17
C ARG D 338 26.49 -44.50 -8.70
N LEU D 339 26.73 -45.43 -7.77
CA LEU D 339 26.25 -45.29 -6.40
C LEU D 339 27.03 -44.20 -5.67
N LEU D 340 26.29 -43.26 -5.07
CA LEU D 340 26.85 -42.25 -4.19
C LEU D 340 26.20 -42.34 -2.82
N GLY D 341 26.99 -42.20 -1.76
CA GLY D 341 26.50 -42.24 -0.40
C GLY D 341 26.59 -40.86 0.23
N ILE D 342 25.49 -40.44 0.85
CA ILE D 342 25.35 -39.12 1.47
C ILE D 342 24.89 -39.31 2.91
N THR D 343 25.55 -38.61 3.85
CA THR D 343 25.10 -38.50 5.24
C THR D 343 25.17 -37.05 5.71
N PRO D 344 24.15 -36.57 6.43
CA PRO D 344 24.29 -35.30 7.18
C PRO D 344 24.94 -35.58 8.54
N ALA D 345 26.27 -35.70 8.49
CA ALA D 345 27.18 -35.67 9.64
C ALA D 345 26.97 -36.83 10.59
N MET D 346 26.57 -38.00 10.08
CA MET D 346 26.37 -39.22 10.87
C MET D 346 27.07 -40.42 10.21
N LYS D 347 28.35 -40.25 9.83
CA LYS D 347 29.12 -41.35 9.24
C LYS D 347 29.14 -42.58 10.16
N GLU D 348 29.46 -42.38 11.44
CA GLU D 348 29.60 -43.53 12.35
C GLU D 348 28.24 -44.17 12.64
N GLY D 349 27.23 -43.36 12.90
CA GLY D 349 25.93 -43.86 13.33
C GLY D 349 25.22 -44.66 12.25
N SER D 350 25.01 -44.02 11.09
CA SER D 350 24.51 -44.71 9.90
C SER D 350 25.54 -45.72 9.38
N ASP D 351 26.79 -45.57 9.78
CA ASP D 351 27.86 -46.51 9.44
C ASP D 351 28.21 -46.52 7.96
N LEU D 352 28.71 -45.39 7.46
CA LEU D 352 29.37 -45.31 6.17
C LEU D 352 30.89 -45.30 6.31
N VAL D 353 31.42 -45.90 7.38
CA VAL D 353 32.85 -45.82 7.66
C VAL D 353 33.66 -46.54 6.58
N ALA D 354 33.35 -47.81 6.34
CA ALA D 354 34.09 -48.56 5.33
C ALA D 354 33.88 -47.96 3.96
N PHE D 355 32.62 -47.62 3.63
CA PHE D 355 32.33 -47.01 2.34
C PHE D 355 33.19 -45.77 2.13
N SER D 356 33.28 -44.89 3.15
CA SER D 356 34.02 -43.65 3.00
C SER D 356 35.50 -43.91 2.79
N GLU D 357 36.03 -44.98 3.36
CA GLU D 357 37.43 -45.30 3.15
C GLU D 357 37.67 -45.88 1.77
N ARG D 358 36.76 -46.74 1.29
CA ARG D 358 36.96 -47.45 0.03
C ARG D 358 36.57 -46.63 -1.18
N TYR D 359 35.62 -45.70 -1.04
CA TYR D 359 35.09 -44.92 -2.17
C TYR D 359 35.03 -43.45 -1.81
N PRO D 360 36.18 -42.87 -1.43
CA PRO D 360 36.16 -41.49 -0.93
C PRO D 360 35.57 -40.51 -1.91
N GLU D 361 35.72 -40.78 -3.20
CA GLU D 361 35.22 -39.90 -4.25
C GLU D 361 33.71 -39.94 -4.35
N ARG D 362 33.07 -40.97 -3.77
CA ARG D 362 31.62 -41.18 -3.89
C ARG D 362 30.92 -41.06 -2.54
N TYR D 363 31.59 -40.48 -1.55
CA TYR D 363 31.07 -40.31 -0.20
C TYR D 363 30.95 -38.84 0.12
N PHE D 364 29.80 -38.43 0.66
CA PHE D 364 29.49 -37.00 0.86
C PHE D 364 28.89 -36.77 2.24
N ASP D 365 29.71 -36.28 3.14
CA ASP D 365 29.25 -35.81 4.45
C ASP D 365 28.95 -34.32 4.30
N VAL D 366 27.67 -33.95 4.38
CA VAL D 366 27.24 -32.58 4.11
C VAL D 366 27.15 -31.72 5.37
N ALA D 367 27.78 -32.15 6.44
CA ALA D 367 27.68 -31.50 7.75
C ALA D 367 26.27 -31.75 8.25
N ILE D 368 25.77 -30.88 9.15
CA ILE D 368 24.46 -31.06 9.72
C ILE D 368 23.48 -30.32 8.86
N ALA D 369 23.19 -30.89 7.69
CA ALA D 369 22.54 -30.18 6.59
C ALA D 369 21.59 -31.14 5.85
N GLU D 370 20.60 -31.64 6.59
CA GLU D 370 19.68 -32.62 6.05
C GLU D 370 18.97 -32.11 4.80
N GLN D 371 18.62 -30.82 4.78
CA GLN D 371 17.88 -30.29 3.65
C GLN D 371 18.76 -30.34 2.41
N HIS D 372 20.00 -29.85 2.53
CA HIS D 372 20.90 -29.85 1.38
C HIS D 372 21.21 -31.28 0.94
N ALA D 373 21.36 -32.20 1.90
CA ALA D 373 21.62 -33.61 1.57
C ALA D 373 20.64 -34.13 0.54
N VAL D 374 19.35 -33.82 0.73
CA VAL D 374 18.31 -34.43 -0.11
C VAL D 374 18.25 -33.76 -1.49
N THR D 375 18.35 -32.44 -1.55
CA THR D 375 18.32 -31.74 -2.83
C THR D 375 19.60 -32.00 -3.61
N LEU D 376 20.72 -32.11 -2.92
CA LEU D 376 21.94 -32.60 -3.56
C LEU D 376 21.72 -33.93 -4.27
N ALA D 377 21.13 -34.88 -3.56
CA ALA D 377 20.83 -36.18 -4.15
C ALA D 377 19.92 -36.06 -5.36
N ALA D 378 18.87 -35.26 -5.24
CA ALA D 378 18.00 -34.98 -6.38
C ALA D 378 18.81 -34.54 -7.60
N GLY D 379 19.80 -33.68 -7.38
CA GLY D 379 20.57 -33.18 -8.50
C GLY D 379 21.46 -34.22 -9.12
N MET D 380 22.12 -35.06 -8.29
CA MET D 380 22.91 -36.16 -8.81
C MET D 380 22.06 -37.15 -9.61
N ALA D 381 20.86 -37.43 -9.11
CA ALA D 381 19.94 -38.31 -9.82
C ALA D 381 19.60 -37.76 -11.19
N CYS D 382 19.64 -36.43 -11.32
CA CYS D 382 19.34 -35.78 -12.58
C CYS D 382 20.43 -36.09 -13.61
N GLU D 383 21.66 -36.34 -13.17
CA GLU D 383 22.71 -36.76 -14.10
C GLU D 383 22.84 -38.29 -14.21
N GLY D 384 21.83 -39.04 -13.80
CA GLY D 384 21.92 -40.49 -13.92
C GLY D 384 22.75 -41.18 -12.86
N MET D 385 23.22 -40.46 -11.85
CA MET D 385 23.86 -41.13 -10.73
C MET D 385 22.80 -41.65 -9.78
N LYS D 386 23.23 -42.48 -8.82
CA LYS D 386 22.34 -43.28 -7.97
C LYS D 386 22.65 -42.94 -6.51
N PRO D 387 22.19 -41.78 -6.03
CA PRO D 387 22.50 -41.38 -4.65
C PRO D 387 21.69 -42.19 -3.65
N VAL D 388 22.31 -42.47 -2.51
CA VAL D 388 21.68 -43.06 -1.34
C VAL D 388 21.83 -42.08 -0.16
N VAL D 389 20.71 -41.62 0.37
CA VAL D 389 20.71 -40.73 1.52
C VAL D 389 20.52 -41.52 2.80
N ALA D 390 21.58 -41.61 3.59
CA ALA D 390 21.56 -42.27 4.90
C ALA D 390 21.15 -41.25 5.93
N ILE D 391 20.06 -41.51 6.64
CA ILE D 391 19.49 -40.49 7.52
C ILE D 391 18.57 -41.17 8.53
N TYR D 392 18.58 -40.66 9.76
CA TYR D 392 17.69 -41.20 10.78
C TYR D 392 16.27 -40.69 10.56
N SER D 393 15.29 -41.53 10.88
CA SER D 393 13.89 -41.13 10.75
C SER D 393 13.62 -39.77 11.40
N THR D 394 14.14 -39.56 12.62
CA THR D 394 13.84 -38.33 13.34
C THR D 394 14.43 -37.11 12.61
N PHE D 395 15.61 -37.27 11.98
CA PHE D 395 16.24 -36.14 11.28
C PHE D 395 15.71 -35.96 9.85
N LEU D 396 15.20 -37.02 9.21
CA LEU D 396 14.52 -36.82 7.93
C LEU D 396 13.30 -35.90 8.07
N GLN D 397 12.79 -35.70 9.28
CA GLN D 397 11.76 -34.68 9.49
C GLN D 397 12.21 -33.33 9.00
N ARG D 398 13.49 -33.06 9.11
CA ARG D 398 14.02 -31.74 8.80
C ARG D 398 14.25 -31.53 7.30
N ALA D 399 14.24 -32.61 6.50
CA ALA D 399 14.34 -32.50 5.05
C ALA D 399 13.04 -32.89 4.36
N TYR D 400 11.92 -32.89 5.08
CA TYR D 400 10.68 -33.38 4.51
C TYR D 400 10.33 -32.64 3.22
N ASP D 401 10.54 -31.30 3.18
CA ASP D 401 10.12 -30.52 2.01
C ASP D 401 10.95 -30.88 0.79
N GLN D 402 12.24 -31.14 0.98
CA GLN D 402 13.10 -31.49 -0.13
C GLN D 402 12.75 -32.87 -0.66
N LEU D 403 12.40 -33.80 0.24
CA LEU D 403 11.94 -35.13 -0.18
C LEU D 403 10.69 -35.03 -1.03
N ILE D 404 9.73 -34.21 -0.62
CA ILE D 404 8.47 -34.09 -1.36
C ILE D 404 8.67 -33.30 -2.65
N HIS D 405 9.18 -32.07 -2.51
CA HIS D 405 9.20 -31.12 -3.62
C HIS D 405 10.31 -31.42 -4.61
N ASP D 406 11.50 -31.71 -4.12
CA ASP D 406 12.65 -31.93 -5.00
C ASP D 406 12.80 -33.37 -5.48
N VAL D 407 12.41 -34.36 -4.69
CA VAL D 407 12.57 -35.74 -5.13
C VAL D 407 11.26 -36.33 -5.62
N ALA D 408 10.21 -36.31 -4.79
CA ALA D 408 9.03 -37.10 -5.11
C ALA D 408 8.20 -36.45 -6.21
N VAL D 409 8.02 -35.13 -6.17
CA VAL D 409 7.23 -34.48 -7.21
C VAL D 409 7.86 -34.73 -8.58
N GLN D 410 9.16 -34.88 -8.64
CA GLN D 410 9.86 -35.12 -9.89
C GLN D 410 10.11 -36.59 -10.11
N HIS D 411 9.68 -37.44 -9.19
CA HIS D 411 9.85 -38.87 -9.26
C HIS D 411 11.30 -39.25 -9.52
N LEU D 412 12.22 -38.62 -8.78
CA LEU D 412 13.63 -38.87 -9.04
C LEU D 412 14.15 -40.09 -8.29
N ASP D 413 15.24 -40.65 -8.81
CA ASP D 413 15.74 -41.96 -8.41
C ASP D 413 16.69 -41.80 -7.23
N VAL D 414 16.11 -41.76 -6.03
CA VAL D 414 16.85 -41.52 -4.80
C VAL D 414 16.40 -42.51 -3.73
N LEU D 415 17.37 -43.15 -3.07
CA LEU D 415 17.10 -44.12 -2.02
C LEU D 415 17.31 -43.49 -0.66
N PHE D 416 16.34 -43.64 0.22
CA PHE D 416 16.48 -43.17 1.59
C PHE D 416 16.64 -44.38 2.49
N ALA D 417 17.82 -44.49 3.11
CA ALA D 417 18.13 -45.52 4.09
C ALA D 417 17.88 -44.96 5.49
N ILE D 418 16.72 -45.27 6.06
CA ILE D 418 16.20 -44.59 7.24
C ILE D 418 16.49 -45.45 8.46
N ASP D 419 17.52 -45.08 9.20
CA ASP D 419 17.97 -45.75 10.42
C ASP D 419 17.21 -45.19 11.63
N ARG D 420 17.35 -45.84 12.78
CA ARG D 420 16.75 -45.34 14.03
C ARG D 420 15.26 -45.14 13.86
N ALA D 421 14.65 -46.08 13.17
CA ALA D 421 13.22 -46.12 13.00
C ALA D 421 12.60 -46.91 14.14
N GLY D 422 11.55 -46.36 14.72
CA GLY D 422 10.95 -46.88 15.93
C GLY D 422 11.42 -46.15 17.16
N LEU D 423 11.30 -46.83 18.29
CA LEU D 423 11.80 -46.31 19.57
C LEU D 423 13.31 -46.49 19.62
N VAL D 424 14.01 -45.50 20.16
CA VAL D 424 15.47 -45.52 20.14
C VAL D 424 16.08 -45.75 21.52
N GLY D 425 15.27 -45.82 22.58
CA GLY D 425 15.81 -46.02 23.93
C GLY D 425 16.12 -44.70 24.66
N GLU D 426 17.30 -44.64 25.25
CA GLU D 426 17.57 -43.64 26.29
C GLU D 426 17.66 -42.21 25.77
N ASP D 427 17.95 -42.02 24.49
CA ASP D 427 17.88 -40.67 23.93
C ASP D 427 16.45 -40.12 23.99
N GLY D 428 15.44 -40.99 23.99
CA GLY D 428 14.08 -40.60 24.34
C GLY D 428 13.27 -40.06 23.18
N PRO D 429 12.19 -39.32 23.49
CA PRO D 429 11.24 -38.92 22.46
C PRO D 429 11.77 -37.91 21.44
N THR D 430 12.79 -37.13 21.79
CA THR D 430 13.32 -36.18 20.82
C THR D 430 13.96 -36.86 19.63
N HIS D 431 14.33 -38.14 19.78
CA HIS D 431 15.05 -38.88 18.74
C HIS D 431 14.27 -40.08 18.24
N ALA D 432 13.04 -40.30 18.74
CA ALA D 432 12.22 -41.40 18.27
C ALA D 432 11.92 -41.29 16.77
N GLY D 433 12.05 -42.42 16.06
CA GLY D 433 11.65 -42.52 14.68
C GLY D 433 10.22 -42.98 14.52
N SER D 434 9.30 -42.21 15.09
CA SER D 434 7.94 -42.69 15.30
C SER D 434 7.03 -42.46 14.13
N PHE D 435 7.45 -41.66 13.16
CA PHE D 435 6.50 -41.12 12.22
C PHE D 435 6.79 -41.32 10.73
N ASP D 436 7.94 -41.88 10.35
CA ASP D 436 8.31 -41.90 8.92
C ASP D 436 7.34 -42.70 8.06
N ILE D 437 6.72 -43.77 8.56
CA ILE D 437 5.71 -44.44 7.74
C ILE D 437 4.55 -43.50 7.49
N SER D 438 4.12 -42.75 8.52
CA SER D 438 2.97 -41.85 8.33
C SER D 438 3.31 -40.69 7.42
N TYR D 439 4.47 -40.06 7.60
CA TYR D 439 4.72 -38.87 6.78
C TYR D 439 5.19 -39.23 5.37
N LEU D 440 5.74 -40.43 5.12
CA LEU D 440 6.17 -40.79 3.77
C LEU D 440 5.09 -41.44 2.91
N ARG D 441 4.20 -42.25 3.47
CA ARG D 441 3.29 -43.02 2.63
C ARG D 441 2.16 -42.18 2.03
N CYS D 442 1.88 -41.03 2.63
CA CYS D 442 0.94 -40.11 2.01
C CYS D 442 1.53 -39.40 0.80
N ILE D 443 2.81 -39.53 0.53
CA ILE D 443 3.50 -38.76 -0.51
C ILE D 443 3.43 -39.55 -1.80
N PRO D 444 2.80 -39.05 -2.85
CA PRO D 444 2.76 -39.81 -4.09
C PRO D 444 4.13 -40.14 -4.61
N GLY D 445 4.26 -41.36 -5.14
CA GLY D 445 5.49 -41.79 -5.78
C GLY D 445 6.45 -42.54 -4.88
N MET D 446 6.28 -42.49 -3.56
CA MET D 446 7.26 -43.11 -2.66
C MET D 446 7.00 -44.63 -2.59
N LEU D 447 8.07 -45.41 -2.74
CA LEU D 447 8.09 -46.83 -2.39
C LEU D 447 8.55 -46.91 -0.93
N VAL D 448 7.71 -47.47 -0.06
CA VAL D 448 7.98 -47.46 1.38
C VAL D 448 8.07 -48.90 1.91
N MET D 449 9.22 -49.27 2.47
CA MET D 449 9.54 -50.65 2.82
C MET D 449 9.99 -50.78 4.27
N THR D 450 9.63 -51.91 4.88
CA THR D 450 9.88 -52.20 6.29
C THR D 450 10.41 -53.61 6.47
N PRO D 451 11.72 -53.79 6.35
CA PRO D 451 12.30 -55.15 6.47
C PRO D 451 12.16 -55.68 7.89
N SER D 452 12.05 -57.01 7.97
CA SER D 452 11.81 -57.67 9.25
C SER D 452 13.06 -58.23 9.91
N ASP D 453 14.18 -58.33 9.18
CA ASP D 453 15.45 -58.84 9.69
C ASP D 453 16.58 -58.42 8.76
N GLU D 454 17.78 -58.91 9.08
CA GLU D 454 19.00 -58.50 8.37
C GLU D 454 18.94 -58.87 6.89
N ASP D 455 18.52 -60.08 6.59
CA ASP D 455 18.48 -60.52 5.20
C ASP D 455 17.47 -59.71 4.43
N GLU D 456 16.32 -59.42 5.05
CA GLU D 456 15.32 -58.57 4.42
C GLU D 456 15.83 -57.14 4.19
N LEU D 457 16.64 -56.61 5.12
CA LEU D 457 17.14 -55.24 4.94
C LEU D 457 18.00 -55.17 3.69
N ARG D 458 18.93 -56.12 3.56
CA ARG D 458 19.78 -56.18 2.36
C ARG D 458 18.93 -56.26 1.08
N LYS D 459 17.92 -57.10 1.07
CA LYS D 459 17.10 -57.29 -0.13
C LYS D 459 16.23 -56.07 -0.44
N LEU D 460 15.74 -55.40 0.60
CA LEU D 460 14.88 -54.25 0.33
C LEU D 460 15.73 -53.03 -0.02
N LEU D 461 16.95 -52.94 0.49
CA LEU D 461 17.87 -51.91 0.01
C LEU D 461 18.12 -52.10 -1.48
N THR D 462 18.34 -53.34 -1.91
CA THR D 462 18.55 -53.61 -3.32
C THR D 462 17.30 -53.26 -4.11
N THR D 463 16.13 -53.63 -3.59
CA THR D 463 14.90 -53.41 -4.33
C THR D 463 14.64 -51.91 -4.54
N GLY D 464 14.75 -51.13 -3.45
CA GLY D 464 14.54 -49.70 -3.56
C GLY D 464 15.61 -49.04 -4.41
N TYR D 465 16.86 -49.48 -4.25
CA TYR D 465 17.96 -48.92 -5.04
C TYR D 465 17.68 -49.09 -6.52
N LEU D 466 17.38 -50.33 -6.95
CA LEU D 466 17.18 -50.59 -8.36
C LEU D 466 15.90 -49.95 -8.87
N PHE D 467 14.93 -49.67 -8.01
CA PHE D 467 13.65 -49.11 -8.45
C PHE D 467 13.92 -47.74 -9.07
N ASP D 468 13.21 -47.44 -10.16
CA ASP D 468 13.45 -46.20 -10.90
C ASP D 468 12.54 -45.11 -10.34
N GLY D 469 12.94 -44.56 -9.21
CA GLY D 469 12.11 -43.63 -8.50
C GLY D 469 12.45 -43.59 -7.02
N PRO D 470 11.69 -42.82 -6.26
CA PRO D 470 12.05 -42.58 -4.85
C PRO D 470 11.66 -43.74 -3.95
N ALA D 471 12.57 -44.14 -3.07
CA ALA D 471 12.33 -45.31 -2.23
C ALA D 471 12.90 -45.12 -0.83
N ALA D 472 12.18 -45.65 0.15
CA ALA D 472 12.56 -45.56 1.54
C ALA D 472 12.57 -46.93 2.16
N VAL D 473 13.62 -47.22 2.92
CA VAL D 473 13.76 -48.45 3.66
C VAL D 473 14.09 -48.06 5.10
N ARG D 474 13.20 -48.42 6.03
CA ARG D 474 13.31 -48.03 7.43
C ARG D 474 13.71 -49.23 8.29
N TYR D 475 14.61 -49.00 9.24
CA TYR D 475 15.13 -50.07 10.09
C TYR D 475 15.57 -49.47 11.42
N PRO D 476 15.57 -50.25 12.50
CA PRO D 476 15.85 -49.71 13.83
C PRO D 476 17.31 -49.71 14.22
N ARG D 477 17.63 -48.86 15.22
CA ARG D 477 18.87 -48.99 15.99
C ARG D 477 19.02 -50.39 16.53
N GLY D 478 20.23 -50.79 16.83
CA GLY D 478 20.48 -52.08 17.40
C GLY D 478 20.64 -53.19 16.39
N SER D 479 20.60 -54.41 16.90
CA SER D 479 20.73 -55.62 16.09
C SER D 479 19.41 -56.39 16.03
N GLY D 480 19.41 -57.44 15.20
CA GLY D 480 18.19 -58.12 14.87
C GLY D 480 18.14 -59.51 15.45
N PRO D 481 17.28 -60.37 14.89
CA PRO D 481 17.20 -61.76 15.33
C PRO D 481 18.34 -62.63 14.82
N ASN D 482 19.25 -62.07 14.04
CA ASN D 482 20.46 -62.78 13.64
C ASN D 482 20.14 -63.96 12.72
N HIS D 483 19.37 -63.69 11.73
CA HIS D 483 19.14 -64.72 10.73
C HIS D 483 20.20 -64.67 9.65
N PRO D 484 20.32 -65.72 8.85
CA PRO D 484 21.34 -65.73 7.81
C PRO D 484 21.09 -64.66 6.77
N ILE D 485 22.16 -64.02 6.31
CA ILE D 485 22.08 -63.03 5.23
C ILE D 485 22.58 -63.63 3.92
N ASP D 486 21.74 -63.65 2.91
CA ASP D 486 22.12 -64.01 1.55
C ASP D 486 23.16 -63.03 0.99
N PRO D 487 24.34 -63.48 0.58
CA PRO D 487 25.33 -62.52 0.09
C PRO D 487 25.03 -61.97 -1.30
N ASP D 488 24.11 -62.58 -2.08
CA ASP D 488 23.77 -62.02 -3.38
C ASP D 488 23.21 -60.60 -3.23
N LEU D 489 22.95 -59.94 -4.37
CA LEU D 489 22.36 -58.61 -4.47
C LEU D 489 21.27 -58.66 -5.53
N GLN D 490 20.13 -59.18 -5.19
CA GLN D 490 19.03 -59.24 -6.12
C GLN D 490 17.81 -58.67 -5.44
N PRO D 491 16.92 -58.02 -6.18
CA PRO D 491 15.74 -57.38 -5.57
C PRO D 491 14.65 -58.42 -5.37
N VAL D 492 13.57 -58.02 -4.74
CA VAL D 492 12.39 -58.85 -4.61
C VAL D 492 11.27 -58.13 -5.32
N GLU D 493 10.21 -58.87 -5.60
CA GLU D 493 9.08 -58.28 -6.29
C GLU D 493 8.41 -57.19 -5.44
N ILE D 494 8.17 -56.06 -6.06
CA ILE D 494 7.65 -54.88 -5.40
C ILE D 494 6.16 -55.09 -5.17
N GLY D 495 5.69 -54.71 -4.00
CA GLY D 495 4.29 -54.82 -3.68
C GLY D 495 3.85 -56.19 -3.23
N LYS D 496 4.78 -57.09 -2.95
CA LYS D 496 4.43 -58.45 -2.53
C LYS D 496 4.92 -58.77 -1.12
N GLY D 497 3.98 -59.11 -0.24
CA GLY D 497 4.33 -59.68 1.05
C GLY D 497 4.72 -61.16 0.96
N VAL D 498 5.29 -61.69 2.05
CA VAL D 498 5.68 -63.10 2.16
C VAL D 498 4.90 -63.73 3.32
N VAL D 499 4.17 -64.81 3.04
CA VAL D 499 3.46 -65.53 4.10
C VAL D 499 4.49 -66.36 4.84
N ARG D 500 4.69 -66.06 6.11
CA ARG D 500 5.73 -66.71 6.89
C ARG D 500 5.19 -67.88 7.69
N ARG D 501 3.88 -67.93 7.89
CA ARG D 501 3.26 -68.95 8.71
C ARG D 501 1.82 -69.05 8.22
N ARG D 502 1.38 -70.25 7.88
CA ARG D 502 0.00 -70.48 7.48
C ARG D 502 -0.77 -71.05 8.66
N GLY D 503 -1.82 -70.35 9.06
CA GLY D 503 -2.58 -70.74 10.22
C GLY D 503 -4.03 -70.49 9.96
N GLY D 504 -4.77 -70.01 10.96
CA GLY D 504 -6.19 -69.83 10.79
C GLY D 504 -6.75 -68.82 11.76
N ARG D 505 -7.95 -68.37 11.47
CA ARG D 505 -8.74 -67.51 12.32
C ARG D 505 -8.25 -66.07 12.44
N VAL D 506 -6.99 -65.86 12.80
CA VAL D 506 -6.44 -64.51 12.90
C VAL D 506 -5.16 -64.48 12.08
N ALA D 507 -4.98 -63.37 11.37
CA ALA D 507 -3.80 -63.11 10.57
C ALA D 507 -3.07 -61.88 11.09
N LEU D 508 -1.77 -62.03 11.31
CA LEU D 508 -0.88 -60.97 11.76
C LEU D 508 -0.15 -60.40 10.55
N LEU D 509 -0.44 -59.14 10.20
CA LEU D 509 0.19 -58.46 9.06
C LEU D 509 1.31 -57.61 9.63
N VAL D 510 2.53 -58.08 9.52
CA VAL D 510 3.66 -57.45 10.18
C VAL D 510 4.43 -56.60 9.20
N PHE D 511 4.61 -55.34 9.56
CA PHE D 511 5.44 -54.38 8.85
C PHE D 511 6.70 -54.11 9.68
N GLY D 512 7.73 -54.91 9.48
CA GLY D 512 9.00 -54.65 10.14
C GLY D 512 9.41 -55.67 11.16
N VAL D 513 10.18 -55.23 12.16
CA VAL D 513 10.95 -56.12 13.01
C VAL D 513 10.20 -56.71 14.20
N GLN D 514 8.91 -56.47 14.35
CA GLN D 514 8.14 -57.25 15.31
C GLN D 514 7.77 -58.64 14.79
N LEU D 515 8.25 -59.01 13.60
CA LEU D 515 7.85 -60.29 13.04
C LEU D 515 8.18 -61.43 14.00
N ALA D 516 9.33 -61.36 14.69
CA ALA D 516 9.74 -62.46 15.55
C ALA D 516 8.81 -62.59 16.75
N GLU D 517 8.41 -61.45 17.33
CA GLU D 517 7.43 -61.48 18.42
C GLU D 517 6.08 -61.95 17.92
N ALA D 518 5.65 -61.50 16.73
CA ALA D 518 4.41 -62.00 16.15
C ALA D 518 4.42 -63.51 15.99
N MET D 519 5.55 -64.09 15.54
CA MET D 519 5.65 -65.54 15.35
C MET D 519 5.57 -66.30 16.67
N LYS D 520 6.11 -65.72 17.75
CA LYS D 520 5.93 -66.32 19.07
C LYS D 520 4.46 -66.37 19.45
N VAL D 521 3.76 -65.27 19.26
CA VAL D 521 2.33 -65.22 19.51
C VAL D 521 1.59 -66.26 18.67
N ALA D 522 1.93 -66.36 17.39
CA ALA D 522 1.21 -67.27 16.51
C ALA D 522 1.38 -68.72 16.93
N GLU D 523 2.48 -69.06 17.62
CA GLU D 523 2.65 -70.44 18.08
C GLU D 523 1.48 -70.83 18.98
N SER D 524 1.07 -69.92 19.87
CA SER D 524 0.01 -70.26 20.80
C SER D 524 -1.38 -70.12 20.17
N LEU D 525 -1.58 -69.10 19.32
CA LEU D 525 -2.89 -68.90 18.73
C LEU D 525 -3.09 -69.63 17.39
N ASP D 526 -2.05 -70.24 16.85
CA ASP D 526 -2.02 -70.84 15.50
C ASP D 526 -2.46 -69.84 14.42
N ALA D 527 -1.89 -68.65 14.49
CA ALA D 527 -2.21 -67.58 13.57
C ALA D 527 -1.42 -67.71 12.27
N THR D 528 -2.03 -67.21 11.21
CA THR D 528 -1.32 -66.85 9.99
C THR D 528 -0.45 -65.62 10.24
N VAL D 529 0.75 -65.62 9.70
CA VAL D 529 1.66 -64.51 9.88
C VAL D 529 2.20 -64.10 8.50
N VAL D 530 2.10 -62.81 8.19
CA VAL D 530 2.59 -62.25 6.92
C VAL D 530 3.63 -61.21 7.21
N ASP D 531 4.78 -61.33 6.55
CA ASP D 531 5.86 -60.32 6.51
C ASP D 531 5.56 -59.41 5.32
N MET D 532 4.97 -58.23 5.60
CA MET D 532 4.35 -57.45 4.54
C MET D 532 5.38 -56.85 3.57
N ARG D 533 6.61 -56.58 4.06
CA ARG D 533 7.69 -55.96 3.31
C ARG D 533 7.41 -54.55 2.80
N PHE D 534 6.21 -54.30 2.25
CA PHE D 534 5.87 -53.04 1.60
C PHE D 534 4.67 -52.39 2.27
N VAL D 535 4.80 -51.11 2.63
CA VAL D 535 3.63 -50.31 3.01
C VAL D 535 2.97 -49.72 1.79
N LYS D 536 3.77 -49.32 0.82
CA LYS D 536 3.36 -48.65 -0.40
C LYS D 536 4.38 -49.07 -1.45
N PRO D 537 3.94 -49.70 -2.55
CA PRO D 537 2.55 -50.12 -2.75
C PRO D 537 2.19 -51.34 -1.85
N LEU D 538 0.97 -51.33 -1.34
CA LEU D 538 0.48 -52.40 -0.48
C LEU D 538 0.18 -53.67 -1.29
N ASP D 539 0.40 -54.83 -0.68
CA ASP D 539 0.08 -56.12 -1.34
C ASP D 539 -1.41 -56.37 -1.17
N GLU D 540 -2.18 -55.72 -2.05
CA GLU D 540 -3.63 -55.69 -1.93
C GLU D 540 -4.24 -57.06 -2.21
N ALA D 541 -3.67 -57.81 -3.14
CA ALA D 541 -4.22 -59.12 -3.45
C ALA D 541 -4.14 -60.05 -2.24
N LEU D 542 -3.03 -60.00 -1.50
CA LEU D 542 -2.89 -60.79 -0.28
C LEU D 542 -3.84 -60.33 0.83
N VAL D 543 -3.94 -59.02 1.07
CA VAL D 543 -4.86 -58.53 2.07
C VAL D 543 -6.29 -58.96 1.74
N ARG D 544 -6.63 -58.96 0.45
CA ARG D 544 -7.99 -59.31 0.04
C ARG D 544 -8.28 -60.77 0.36
N GLU D 545 -7.33 -61.63 0.08
CA GLU D 545 -7.49 -63.04 0.37
C GLU D 545 -7.52 -63.28 1.88
N LEU D 546 -6.61 -62.67 2.62
CA LEU D 546 -6.61 -62.81 4.06
C LEU D 546 -7.92 -62.34 4.66
N ALA D 547 -8.44 -61.22 4.13
CA ALA D 547 -9.68 -60.66 4.66
C ALA D 547 -10.86 -61.60 4.45
N GLY D 548 -10.84 -62.38 3.38
CA GLY D 548 -11.92 -63.32 3.11
C GLY D 548 -11.81 -64.67 3.81
N SER D 549 -10.64 -65.01 4.39
CA SER D 549 -10.43 -66.31 5.01
C SER D 549 -10.10 -66.27 6.51
N HIS D 550 -10.04 -65.10 7.16
CA HIS D 550 -9.82 -65.02 8.60
C HIS D 550 -10.90 -64.15 9.25
N GLU D 551 -11.06 -64.26 10.58
CA GLU D 551 -12.05 -63.47 11.31
C GLU D 551 -11.49 -62.17 11.88
N LEU D 552 -10.18 -61.99 11.82
CA LEU D 552 -9.52 -60.83 12.41
C LEU D 552 -8.22 -60.65 11.67
N LEU D 553 -7.96 -59.42 11.21
CA LEU D 553 -6.64 -59.03 10.75
C LEU D 553 -6.01 -58.12 11.80
N VAL D 554 -4.72 -58.33 12.06
CA VAL D 554 -3.97 -57.54 13.03
C VAL D 554 -2.74 -56.95 12.33
N THR D 555 -2.63 -55.64 12.30
CA THR D 555 -1.46 -55.00 11.74
C THR D 555 -0.53 -54.63 12.88
N ILE D 556 0.77 -54.76 12.62
CA ILE D 556 1.80 -54.50 13.61
C ILE D 556 2.93 -53.72 12.93
N GLU D 557 3.32 -52.62 13.54
CA GLU D 557 4.36 -51.75 13.01
C GLU D 557 4.99 -50.97 14.16
N GLU D 558 6.25 -50.58 14.00
CA GLU D 558 6.92 -49.73 14.98
C GLU D 558 6.86 -48.26 14.52
N ASN D 559 5.65 -47.76 14.48
CA ASN D 559 5.34 -46.43 13.95
C ASN D 559 4.00 -46.05 14.54
N ALA D 560 3.78 -44.74 14.67
CA ALA D 560 2.47 -44.24 15.07
C ALA D 560 1.35 -45.02 14.39
N VAL D 561 0.41 -45.51 15.20
CA VAL D 561 -0.82 -46.05 14.65
C VAL D 561 -1.50 -45.03 13.77
N MET D 562 -1.50 -43.77 14.20
CA MET D 562 -2.14 -42.70 13.42
C MET D 562 -1.39 -42.46 12.11
N GLY D 563 -2.06 -42.70 10.99
CA GLY D 563 -1.48 -42.58 9.67
C GLY D 563 -0.55 -43.69 9.23
N GLY D 564 -0.31 -44.70 10.06
CA GLY D 564 0.74 -45.66 9.81
C GLY D 564 0.37 -46.77 8.82
N ALA D 565 1.17 -47.84 8.85
CA ALA D 565 0.97 -48.95 7.89
C ALA D 565 -0.37 -49.67 8.08
N GLY D 566 -0.82 -49.85 9.32
CA GLY D 566 -2.11 -50.49 9.50
C GLY D 566 -3.25 -49.65 8.97
N SER D 567 -3.07 -48.33 8.92
CA SER D 567 -4.09 -47.46 8.32
C SER D 567 -4.12 -47.57 6.81
N ALA D 568 -2.99 -47.81 6.15
CA ALA D 568 -3.03 -48.17 4.74
C ALA D 568 -3.87 -49.42 4.51
N VAL D 569 -3.73 -50.42 5.38
CA VAL D 569 -4.54 -51.61 5.26
C VAL D 569 -6.00 -51.28 5.45
N GLY D 570 -6.30 -50.45 6.46
CA GLY D 570 -7.66 -50.06 6.71
C GLY D 570 -8.26 -49.27 5.56
N GLU D 571 -7.46 -48.39 4.93
CA GLU D 571 -7.92 -47.65 3.74
C GLU D 571 -8.30 -48.61 2.62
N PHE D 572 -7.45 -49.59 2.37
CA PHE D 572 -7.73 -50.58 1.32
C PHE D 572 -8.99 -51.38 1.64
N LEU D 573 -9.11 -51.88 2.87
CA LEU D 573 -10.33 -52.60 3.23
C LEU D 573 -11.57 -51.75 3.01
N ALA D 574 -11.53 -50.48 3.42
CA ALA D 574 -12.69 -49.61 3.28
C ALA D 574 -13.03 -49.39 1.81
N SER D 575 -12.01 -49.14 0.99
CA SER D 575 -12.23 -48.81 -0.41
C SER D 575 -12.87 -49.95 -1.16
N GLU D 576 -12.62 -51.19 -0.75
CA GLU D 576 -13.21 -52.36 -1.39
C GLU D 576 -14.42 -52.90 -0.66
N GLY D 577 -14.88 -52.21 0.39
CA GLY D 577 -15.99 -52.72 1.17
C GLY D 577 -15.80 -54.07 1.84
N LEU D 578 -14.57 -54.44 2.20
CA LEU D 578 -14.30 -55.66 2.96
C LEU D 578 -14.48 -55.38 4.46
N GLU D 579 -15.41 -56.10 5.09
CA GLU D 579 -15.90 -55.78 6.43
C GLU D 579 -15.17 -56.54 7.54
N VAL D 580 -13.98 -57.06 7.29
CA VAL D 580 -13.32 -57.91 8.30
C VAL D 580 -12.84 -57.04 9.45
N PRO D 581 -12.98 -57.49 10.69
CA PRO D 581 -12.40 -56.74 11.82
C PRO D 581 -10.90 -56.51 11.67
N LEU D 582 -10.44 -55.36 12.12
CA LEU D 582 -9.07 -54.90 12.00
C LEU D 582 -8.61 -54.34 13.33
N LEU D 583 -7.50 -54.86 13.82
CA LEU D 583 -6.86 -54.40 15.05
C LEU D 583 -5.48 -53.86 14.67
N GLN D 584 -5.25 -52.58 14.96
CA GLN D 584 -4.03 -51.88 14.58
C GLN D 584 -3.13 -51.74 15.80
N LEU D 585 -1.97 -52.38 15.76
CA LEU D 585 -0.99 -52.31 16.84
C LEU D 585 0.21 -51.51 16.33
N GLY D 586 0.73 -50.65 17.19
CA GLY D 586 1.81 -49.76 16.81
C GLY D 586 2.06 -48.78 17.94
N LEU D 587 2.65 -47.64 17.61
CA LEU D 587 3.02 -46.71 18.66
C LEU D 587 1.84 -45.80 19.01
N PRO D 588 1.62 -45.53 20.29
CA PRO D 588 0.46 -44.73 20.70
C PRO D 588 0.70 -43.25 20.45
N ASP D 589 -0.37 -42.49 20.62
CA ASP D 589 -0.38 -41.07 20.36
C ASP D 589 0.10 -40.26 21.57
N TYR D 590 1.31 -40.55 22.02
CA TYR D 590 1.97 -39.75 23.06
C TYR D 590 3.47 -39.96 22.94
N TYR D 591 4.24 -39.13 23.63
CA TYR D 591 5.69 -39.23 23.58
C TYR D 591 6.17 -40.20 24.64
N VAL D 592 6.79 -41.29 24.20
CA VAL D 592 7.17 -42.38 25.09
C VAL D 592 8.44 -41.99 25.82
N GLU D 593 8.40 -42.10 27.15
CA GLU D 593 9.49 -41.62 27.98
C GLU D 593 10.72 -42.53 27.86
N HIS D 594 11.90 -41.93 28.04
CA HIS D 594 13.14 -42.67 27.88
C HIS D 594 13.19 -43.85 28.85
N ALA D 595 13.71 -44.97 28.36
CA ALA D 595 13.95 -46.18 29.13
C ALA D 595 14.78 -47.12 28.26
N LYS D 596 15.04 -48.31 28.75
CA LYS D 596 15.63 -49.33 27.91
C LYS D 596 14.68 -49.64 26.74
N PRO D 597 15.21 -49.93 25.56
CA PRO D 597 14.31 -50.24 24.43
C PRO D 597 13.28 -51.33 24.75
N SER D 598 13.67 -52.37 25.47
CA SER D 598 12.71 -53.41 25.83
C SER D 598 11.57 -52.86 26.69
N GLU D 599 11.88 -51.92 27.60
CA GLU D 599 10.85 -51.33 28.45
C GLU D 599 9.93 -50.45 27.62
N MET D 600 10.50 -49.69 26.68
CA MET D 600 9.66 -48.85 25.85
C MET D 600 8.71 -49.69 25.00
N LEU D 601 9.20 -50.77 24.39
CA LEU D 601 8.34 -51.61 23.57
C LEU D 601 7.24 -52.27 24.38
N ALA D 602 7.58 -52.76 25.59
CA ALA D 602 6.56 -53.37 26.44
C ALA D 602 5.48 -52.36 26.83
N GLU D 603 5.88 -51.13 27.18
CA GLU D 603 4.89 -50.08 27.41
C GLU D 603 3.91 -49.98 26.25
N CYS D 604 4.43 -49.97 25.01
CA CYS D 604 3.62 -49.77 23.82
C CYS D 604 2.96 -51.04 23.36
N GLY D 605 3.19 -52.16 24.05
CA GLY D 605 2.48 -53.38 23.73
C GLY D 605 3.03 -54.09 22.53
N LEU D 606 4.29 -53.85 22.20
CA LEU D 606 4.90 -54.41 21.00
C LEU D 606 5.90 -55.52 21.31
N ASP D 607 5.84 -56.10 22.51
CA ASP D 607 6.48 -57.40 22.73
C ASP D 607 5.44 -58.50 22.55
N ALA D 608 5.90 -59.76 22.55
CA ALA D 608 4.98 -60.86 22.34
C ALA D 608 3.82 -60.80 23.34
N ALA D 609 4.12 -60.55 24.61
CA ALA D 609 3.06 -60.54 25.62
C ALA D 609 2.03 -59.45 25.33
N GLY D 610 2.48 -58.24 24.99
CA GLY D 610 1.52 -57.19 24.67
C GLY D 610 0.67 -57.52 23.45
N ILE D 611 1.30 -58.00 22.39
CA ILE D 611 0.58 -58.38 21.17
C ILE D 611 -0.41 -59.48 21.49
N GLU D 612 0.04 -60.52 22.19
CA GLU D 612 -0.84 -61.64 22.49
C GLU D 612 -2.02 -61.17 23.31
N LYS D 613 -1.76 -60.37 24.33
CA LYS D 613 -2.88 -59.83 25.13
C LYS D 613 -3.86 -59.08 24.25
N ALA D 614 -3.36 -58.13 23.43
CA ALA D 614 -4.24 -57.34 22.57
C ALA D 614 -5.07 -58.22 21.62
N VAL D 615 -4.44 -59.21 21.02
CA VAL D 615 -5.18 -60.08 20.08
C VAL D 615 -6.22 -60.90 20.83
N ARG D 616 -5.84 -61.51 21.97
CA ARG D 616 -6.79 -62.35 22.69
C ARG D 616 -8.00 -61.54 23.13
N GLN D 617 -7.77 -60.29 23.55
CA GLN D 617 -8.88 -59.47 23.99
C GLN D 617 -9.79 -59.11 22.84
N ARG D 618 -9.23 -58.83 21.67
CA ARG D 618 -10.10 -58.48 20.55
C ARG D 618 -10.91 -59.69 20.12
N LEU D 619 -10.26 -60.86 20.00
CA LEU D 619 -10.99 -62.07 19.67
C LEU D 619 -12.12 -62.31 20.68
N ASP D 620 -11.86 -62.10 21.96
CA ASP D 620 -12.87 -62.40 22.98
C ASP D 620 -14.04 -61.44 22.95
N ARG D 621 -13.89 -60.25 22.39
CA ARG D 621 -14.98 -59.28 22.36
C ARG D 621 -15.72 -59.25 21.03
N GLN D 622 -15.42 -60.15 20.10
CA GLN D 622 -16.25 -60.27 18.89
C GLN D 622 -16.81 -61.67 18.66
N MET E 29 -38.10 25.21 -25.80
CA MET E 29 -37.51 26.56 -25.67
C MET E 29 -37.03 26.89 -24.24
N PRO E 30 -35.75 27.22 -24.10
CA PRO E 30 -35.25 27.66 -22.80
C PRO E 30 -36.00 28.87 -22.29
N LYS E 31 -36.20 28.92 -20.97
CA LYS E 31 -36.67 30.12 -20.28
C LYS E 31 -35.49 30.96 -19.79
N THR E 32 -35.77 32.21 -19.45
CA THR E 32 -34.76 33.08 -18.84
C THR E 32 -35.33 33.73 -17.60
N LEU E 33 -34.55 33.72 -16.53
CA LEU E 33 -34.93 34.32 -15.26
C LEU E 33 -34.38 35.73 -15.17
N HIS E 34 -35.15 36.60 -14.49
CA HIS E 34 -34.70 37.95 -14.17
C HIS E 34 -34.62 38.19 -12.65
N GLU E 35 -34.87 37.18 -11.81
CA GLU E 35 -34.85 37.37 -10.37
C GLU E 35 -34.16 36.21 -9.65
N ILE E 36 -33.55 36.52 -8.52
CA ILE E 36 -32.83 35.53 -7.71
C ILE E 36 -33.73 34.96 -6.62
N PRO E 37 -33.81 33.65 -6.48
CA PRO E 37 -34.63 33.06 -5.41
C PRO E 37 -34.12 33.44 -4.03
N ARG E 38 -35.03 33.91 -3.18
CA ARG E 38 -34.72 34.21 -1.78
C ARG E 38 -34.91 33.01 -0.85
N GLU E 39 -35.56 31.96 -1.35
CA GLU E 39 -35.87 30.78 -0.56
C GLU E 39 -35.35 29.54 -1.27
N ARG E 40 -34.82 28.60 -0.50
CA ARG E 40 -34.34 27.32 -1.01
C ARG E 40 -35.27 26.73 -2.05
N PRO E 41 -34.89 26.70 -3.33
CA PRO E 41 -35.77 26.08 -4.32
C PRO E 41 -35.89 24.57 -4.11
N ALA E 42 -36.96 24.02 -4.66
CA ALA E 42 -37.21 22.58 -4.61
C ALA E 42 -36.39 21.91 -5.71
N THR E 43 -35.39 21.12 -5.33
CA THR E 43 -34.50 20.47 -6.28
C THR E 43 -34.46 18.98 -5.99
N PRO E 44 -35.58 18.28 -6.18
CA PRO E 44 -35.62 16.86 -5.79
C PRO E 44 -34.65 15.99 -6.57
N LEU E 45 -34.35 16.35 -7.82
CA LEU E 45 -33.40 15.55 -8.59
C LEU E 45 -31.96 15.90 -8.25
N LEU E 46 -31.64 17.19 -8.17
CA LEU E 46 -30.30 17.60 -7.73
C LEU E 46 -29.90 16.90 -6.44
N ASP E 47 -30.87 16.72 -5.53
CA ASP E 47 -30.58 16.13 -4.22
C ASP E 47 -30.27 14.64 -4.29
N ARG E 48 -30.73 13.95 -5.34
CA ARG E 48 -30.32 12.60 -5.67
C ARG E 48 -28.98 12.53 -6.39
N ALA E 49 -28.44 13.67 -6.83
CA ALA E 49 -27.15 13.71 -7.50
C ALA E 49 -26.16 14.45 -6.61
N SER E 50 -25.99 13.97 -5.38
CA SER E 50 -25.12 14.61 -4.40
C SER E 50 -23.63 14.35 -4.67
N SER E 51 -23.32 13.33 -5.45
CA SER E 51 -21.96 12.98 -5.80
C SER E 51 -21.95 12.52 -7.25
N PRO E 52 -20.76 12.45 -7.87
CA PRO E 52 -20.72 12.00 -9.28
C PRO E 52 -21.25 10.59 -9.49
N ALA E 53 -21.01 9.67 -8.54
CA ALA E 53 -21.47 8.30 -8.72
C ALA E 53 -22.99 8.23 -8.67
N GLU E 54 -23.61 9.02 -7.81
CA GLU E 54 -25.07 9.07 -7.78
C GLU E 54 -25.61 9.72 -9.04
N LEU E 55 -24.93 10.77 -9.53
CA LEU E 55 -25.32 11.40 -10.77
C LEU E 55 -25.32 10.42 -11.93
N ARG E 56 -24.33 9.54 -11.98
CA ARG E 56 -24.18 8.57 -13.05
C ARG E 56 -25.18 7.43 -12.93
N ARG E 57 -25.90 7.35 -11.82
CA ARG E 57 -27.03 6.47 -11.66
C ARG E 57 -28.29 7.05 -12.29
N LEU E 58 -28.26 8.28 -12.77
CA LEU E 58 -29.44 8.89 -13.32
C LEU E 58 -29.46 8.68 -14.83
N GLY E 59 -30.61 8.98 -15.43
CA GLY E 59 -30.83 8.74 -16.84
C GLY E 59 -30.61 9.99 -17.65
N GLU E 60 -30.14 9.80 -18.88
CA GLU E 60 -29.77 10.93 -19.73
C GLU E 60 -30.89 11.95 -19.85
N ALA E 61 -32.14 11.49 -19.95
CA ALA E 61 -33.26 12.40 -20.18
C ALA E 61 -33.50 13.32 -18.98
N ASP E 62 -33.26 12.83 -17.78
CA ASP E 62 -33.36 13.65 -16.59
C ASP E 62 -32.34 14.78 -16.51
N LEU E 63 -31.28 14.75 -17.34
CA LEU E 63 -30.14 15.61 -17.07
C LEU E 63 -30.50 17.08 -17.28
N GLU E 64 -31.29 17.37 -18.30
CA GLU E 64 -31.71 18.75 -18.52
C GLU E 64 -32.60 19.27 -17.40
N THR E 65 -33.40 18.39 -16.79
CA THR E 65 -34.15 18.80 -15.59
C THR E 65 -33.19 19.04 -14.43
N LEU E 66 -32.19 18.17 -14.29
CA LEU E 66 -31.14 18.39 -13.30
C LEU E 66 -30.48 19.75 -13.51
N ALA E 67 -30.18 20.08 -14.77
CA ALA E 67 -29.55 21.38 -15.09
C ALA E 67 -30.41 22.55 -14.61
N ASP E 68 -31.69 22.57 -15.00
CA ASP E 68 -32.58 23.64 -14.50
C ASP E 68 -32.52 23.74 -12.98
N GLU E 69 -32.54 22.59 -12.30
CA GLU E 69 -32.56 22.60 -10.83
C GLU E 69 -31.24 23.15 -10.27
N LEU E 70 -30.12 22.68 -10.82
CA LEU E 70 -28.81 23.13 -10.34
C LEU E 70 -28.66 24.62 -10.55
N ARG E 71 -29.00 25.10 -11.74
CA ARG E 71 -29.08 26.52 -12.01
C ARG E 71 -29.89 27.25 -10.95
N GLN E 72 -31.11 26.76 -10.66
CA GLN E 72 -31.93 27.40 -9.64
C GLN E 72 -31.20 27.41 -8.30
N TYR E 73 -30.68 26.25 -7.88
CA TYR E 73 -29.98 26.20 -6.61
C TYR E 73 -28.76 27.13 -6.62
N LEU E 74 -28.05 27.20 -7.74
CA LEU E 74 -26.87 28.06 -7.80
C LEU E 74 -27.24 29.53 -7.58
N LEU E 75 -28.25 30.01 -8.29
CA LEU E 75 -28.73 31.38 -8.07
C LEU E 75 -29.07 31.57 -6.59
N TYR E 76 -29.84 30.65 -6.03
CA TYR E 76 -30.26 30.78 -4.63
C TYR E 76 -29.06 30.89 -3.70
N THR E 77 -28.13 29.94 -3.76
CA THR E 77 -27.09 29.89 -2.74
C THR E 77 -26.10 31.06 -2.91
N VAL E 78 -25.79 31.46 -4.13
CA VAL E 78 -24.90 32.61 -4.28
C VAL E 78 -25.59 33.89 -3.78
N GLY E 79 -26.89 34.03 -4.07
CA GLY E 79 -27.68 35.08 -3.44
C GLY E 79 -27.64 35.05 -1.92
N GLN E 80 -27.38 33.88 -1.33
CA GLN E 80 -27.30 33.78 0.12
C GLN E 80 -25.93 34.18 0.65
N THR E 81 -24.84 33.79 -0.02
CA THR E 81 -23.49 34.06 0.47
C THR E 81 -22.77 35.14 -0.29
N GLY E 82 -23.19 35.44 -1.51
CA GLY E 82 -22.35 36.18 -2.41
C GLY E 82 -21.23 35.31 -2.95
N GLY E 83 -20.52 35.78 -3.97
CA GLY E 83 -19.45 35.03 -4.58
C GLY E 83 -19.46 35.22 -6.06
N HIS E 84 -18.68 34.41 -6.77
CA HIS E 84 -18.73 34.46 -8.22
C HIS E 84 -20.06 33.91 -8.72
N PHE E 85 -20.52 34.47 -9.83
CA PHE E 85 -21.89 34.27 -10.31
C PHE E 85 -21.96 33.83 -11.77
N GLY E 86 -21.60 34.72 -12.69
CA GLY E 86 -21.90 34.47 -14.09
C GLY E 86 -21.18 33.29 -14.71
N ALA E 87 -19.94 33.04 -14.32
CA ALA E 87 -19.17 31.99 -14.99
C ALA E 87 -19.71 30.60 -14.66
N GLY E 88 -20.04 30.37 -13.39
CA GLY E 88 -20.69 29.11 -12.98
C GLY E 88 -21.95 28.83 -13.78
N LEU E 89 -22.81 29.85 -13.94
CA LEU E 89 -24.02 29.67 -14.73
C LEU E 89 -23.70 29.25 -16.15
N GLY E 90 -22.58 29.74 -16.69
CA GLY E 90 -22.19 29.34 -18.03
C GLY E 90 -21.79 27.89 -18.17
N VAL E 91 -21.38 27.23 -17.07
CA VAL E 91 -20.89 25.85 -17.17
C VAL E 91 -21.80 24.85 -16.45
N VAL E 92 -23.06 25.20 -16.20
CA VAL E 92 -23.96 24.23 -15.55
C VAL E 92 -24.01 22.93 -16.36
N GLU E 93 -24.39 23.03 -17.65
CA GLU E 93 -24.55 21.86 -18.49
C GLU E 93 -23.22 21.17 -18.73
N LEU E 94 -22.15 21.94 -18.93
CA LEU E 94 -20.85 21.33 -19.16
C LEU E 94 -20.41 20.53 -17.94
N THR E 95 -20.60 21.09 -16.74
CA THR E 95 -20.21 20.39 -15.53
C THR E 95 -21.00 19.10 -15.36
N ILE E 96 -22.31 19.16 -15.61
CA ILE E 96 -23.13 17.96 -15.52
C ILE E 96 -22.58 16.90 -16.46
N ALA E 97 -22.39 17.27 -17.74
CA ALA E 97 -21.94 16.30 -18.74
C ALA E 97 -20.59 15.69 -18.37
N LEU E 98 -19.67 16.48 -17.80
CA LEU E 98 -18.34 15.96 -17.51
C LEU E 98 -18.38 14.88 -16.43
N HIS E 99 -19.11 15.15 -15.35
CA HIS E 99 -19.21 14.18 -14.25
C HIS E 99 -20.09 13.00 -14.62
N TYR E 100 -20.95 13.14 -15.62
CA TYR E 100 -21.74 12.01 -16.08
C TYR E 100 -20.93 11.08 -16.97
N VAL E 101 -20.04 11.64 -17.80
CA VAL E 101 -19.33 10.83 -18.78
C VAL E 101 -18.02 10.26 -18.26
N PHE E 102 -17.37 10.99 -17.35
CA PHE E 102 -16.05 10.65 -16.84
C PHE E 102 -16.18 10.07 -15.44
N ASP E 103 -15.30 9.14 -15.14
CA ASP E 103 -15.31 8.38 -13.91
C ASP E 103 -14.58 9.16 -12.81
N THR E 104 -15.19 10.28 -12.44
CA THR E 104 -14.60 11.08 -11.38
C THR E 104 -14.93 10.47 -10.02
N PRO E 105 -13.98 10.50 -9.07
CA PRO E 105 -12.71 11.24 -9.07
C PRO E 105 -11.48 10.54 -9.64
N ASP E 106 -11.63 9.26 -10.06
CA ASP E 106 -10.51 8.51 -10.62
C ASP E 106 -10.00 9.17 -11.90
N ASP E 107 -10.92 9.54 -12.80
CA ASP E 107 -10.59 10.45 -13.89
C ASP E 107 -10.36 11.86 -13.33
N ARG E 108 -9.32 12.53 -13.83
CA ARG E 108 -8.84 13.78 -13.25
C ARG E 108 -9.44 14.95 -14.01
N LEU E 109 -10.14 15.80 -13.29
CA LEU E 109 -10.74 17.01 -13.86
C LEU E 109 -10.09 18.24 -13.24
N VAL E 110 -9.55 19.14 -14.09
CA VAL E 110 -8.84 20.34 -13.64
C VAL E 110 -9.61 21.53 -14.19
N TRP E 111 -10.16 22.35 -13.26
CA TRP E 111 -10.84 23.60 -13.57
C TRP E 111 -9.83 24.75 -13.61
N ASP E 112 -9.79 25.49 -14.72
CA ASP E 112 -8.92 26.66 -14.81
C ASP E 112 -9.52 27.84 -14.07
N VAL E 113 -8.73 28.46 -13.18
CA VAL E 113 -9.13 29.58 -12.32
C VAL E 113 -10.04 29.15 -11.16
N GLY E 114 -11.16 28.51 -11.49
CA GLY E 114 -12.02 27.88 -10.50
C GLY E 114 -13.17 28.73 -10.01
N HIS E 115 -13.25 30.00 -10.44
CA HIS E 115 -14.41 30.82 -10.14
C HIS E 115 -15.68 30.27 -10.77
N GLN E 116 -15.57 29.37 -11.76
CA GLN E 116 -16.72 28.77 -12.40
C GLN E 116 -17.09 27.40 -11.82
N ALA E 117 -16.48 27.01 -10.71
CA ALA E 117 -16.57 25.63 -10.21
C ALA E 117 -17.60 25.46 -9.09
N TYR E 118 -18.49 26.45 -8.85
CA TYR E 118 -19.56 26.24 -7.88
C TYR E 118 -20.43 25.06 -8.30
N PRO E 119 -20.85 24.93 -9.55
CA PRO E 119 -21.60 23.71 -9.94
C PRO E 119 -20.84 22.43 -9.61
N HIS E 120 -19.57 22.35 -10.03
CA HIS E 120 -18.67 21.28 -9.63
C HIS E 120 -18.78 20.97 -8.13
N LYS E 121 -18.62 21.99 -7.28
CA LYS E 121 -18.68 21.76 -5.85
C LYS E 121 -20.05 21.21 -5.46
N ILE E 122 -21.10 21.75 -6.08
CA ILE E 122 -22.46 21.32 -5.77
C ILE E 122 -22.63 19.83 -6.05
N LEU E 123 -22.00 19.34 -7.12
CA LEU E 123 -22.12 17.94 -7.52
C LEU E 123 -21.11 17.03 -6.83
N THR E 124 -20.27 17.55 -5.95
CA THR E 124 -19.19 16.74 -5.37
C THR E 124 -19.21 16.83 -3.87
N GLU E 125 -20.39 16.54 -3.31
CA GLU E 125 -20.60 16.34 -1.87
C GLU E 125 -20.53 17.62 -1.06
N ARG E 126 -20.71 18.78 -1.70
CA ARG E 126 -20.63 20.05 -1.00
C ARG E 126 -21.89 20.90 -1.17
N ARG E 127 -22.96 20.34 -1.72
CA ARG E 127 -24.14 21.14 -2.01
C ARG E 127 -24.64 21.83 -0.74
N GLU E 128 -24.77 21.07 0.36
CA GLU E 128 -25.32 21.59 1.60
C GLU E 128 -24.30 22.33 2.45
N LEU E 129 -23.06 22.39 1.99
CA LEU E 129 -22.03 23.23 2.60
C LEU E 129 -21.89 24.56 1.88
N MET E 130 -22.62 24.76 0.77
CA MET E 130 -22.49 25.99 0.01
C MET E 130 -22.86 27.20 0.86
N GLY E 131 -23.75 27.01 1.84
CA GLY E 131 -24.11 28.08 2.77
C GLY E 131 -22.95 28.61 3.57
N THR E 132 -21.88 27.82 3.73
CA THR E 132 -20.64 28.27 4.34
C THR E 132 -19.66 28.88 3.33
N LEU E 133 -20.05 28.98 2.07
CA LEU E 133 -19.14 29.42 1.02
C LEU E 133 -18.50 30.76 1.33
N ARG E 134 -17.17 30.80 1.27
CA ARG E 134 -16.33 31.99 1.38
C ARG E 134 -16.41 32.61 2.77
N GLN E 135 -16.88 31.87 3.76
CA GLN E 135 -16.86 32.35 5.13
C GLN E 135 -15.72 31.67 5.86
N LYS E 136 -15.28 32.27 6.95
CA LYS E 136 -14.27 31.64 7.78
C LYS E 136 -14.67 30.19 8.10
N ASN E 137 -13.77 29.27 7.76
CA ASN E 137 -13.89 27.82 7.96
C ASN E 137 -14.89 27.13 7.06
N GLY E 138 -15.50 27.85 6.10
CA GLY E 138 -16.39 27.25 5.13
C GLY E 138 -15.67 26.93 3.83
N LEU E 139 -16.47 26.53 2.83
CA LEU E 139 -15.91 26.22 1.50
C LEU E 139 -15.10 27.40 0.99
N ALA E 140 -13.94 27.10 0.40
CA ALA E 140 -13.09 28.13 -0.18
C ALA E 140 -13.63 28.61 -1.52
N ALA E 141 -13.01 29.70 -2.00
CA ALA E 141 -13.48 30.38 -3.19
C ALA E 141 -13.31 29.52 -4.45
N PHE E 142 -12.31 28.67 -4.47
CA PHE E 142 -11.95 27.89 -5.64
C PHE E 142 -11.76 26.44 -5.26
N PRO E 143 -11.70 25.54 -6.26
CA PRO E 143 -11.31 24.16 -5.96
C PRO E 143 -10.00 24.16 -5.21
N ARG E 144 -9.87 23.19 -4.31
CA ARG E 144 -8.76 23.18 -3.38
C ARG E 144 -8.49 21.74 -2.98
N ARG E 145 -7.25 21.28 -3.20
CA ARG E 145 -6.93 19.88 -2.98
C ARG E 145 -7.26 19.44 -1.55
N ALA E 146 -6.96 20.28 -0.56
CA ALA E 146 -7.28 19.93 0.82
C ALA E 146 -8.77 19.87 1.09
N GLU E 147 -9.58 20.51 0.25
CA GLU E 147 -11.00 20.60 0.54
C GLU E 147 -11.76 19.34 0.15
N SER E 148 -11.34 18.65 -0.92
CA SER E 148 -12.11 17.53 -1.45
C SER E 148 -11.27 16.70 -2.42
N GLU E 149 -11.47 15.38 -2.37
CA GLU E 149 -10.79 14.50 -3.30
C GLU E 149 -11.24 14.75 -4.74
N TYR E 150 -12.40 15.35 -4.92
CA TYR E 150 -12.85 15.75 -6.25
C TYR E 150 -12.17 17.02 -6.78
N ASP E 151 -11.24 17.64 -6.02
CA ASP E 151 -10.49 18.80 -6.49
C ASP E 151 -9.04 18.40 -6.72
N THR E 152 -8.64 18.27 -7.99
CA THR E 152 -7.33 17.79 -8.36
C THR E 152 -6.22 18.84 -8.26
N PHE E 153 -6.55 20.11 -8.26
CA PHE E 153 -5.51 21.13 -8.31
C PHE E 153 -6.06 22.44 -7.78
N GLY E 154 -5.44 22.96 -6.73
CA GLY E 154 -5.78 24.29 -6.24
C GLY E 154 -5.54 25.34 -7.30
N VAL E 155 -6.56 26.11 -7.64
CA VAL E 155 -6.46 27.11 -8.68
C VAL E 155 -6.89 28.46 -8.10
N GLY E 156 -6.81 29.49 -8.93
CA GLY E 156 -7.14 30.84 -8.50
C GLY E 156 -6.57 31.82 -9.49
N HIS E 157 -5.24 31.86 -9.57
CA HIS E 157 -4.57 32.35 -10.77
C HIS E 157 -4.99 31.49 -11.95
N SER E 158 -4.94 32.08 -13.14
CA SER E 158 -5.51 31.45 -14.32
C SER E 158 -4.46 30.68 -15.12
N SER E 159 -4.96 29.84 -16.03
CA SER E 159 -4.19 29.24 -17.12
C SER E 159 -3.22 28.16 -16.66
N THR E 160 -3.39 27.64 -15.47
CA THR E 160 -2.55 26.55 -14.96
C THR E 160 -3.11 25.16 -15.26
N SER E 161 -4.36 25.05 -15.73
CA SER E 161 -5.03 23.76 -15.80
C SER E 161 -4.39 22.83 -16.84
N ILE E 162 -4.01 23.36 -18.00
CA ILE E 162 -3.42 22.48 -19.01
C ILE E 162 -2.11 21.91 -18.50
N SER E 163 -1.26 22.76 -17.94
CA SER E 163 0.02 22.30 -17.43
C SER E 163 -0.18 21.24 -16.36
N ALA E 164 -1.06 21.54 -15.41
CA ALA E 164 -1.30 20.63 -14.30
C ALA E 164 -1.86 19.31 -14.79
N ALA E 165 -2.80 19.37 -15.73
CA ALA E 165 -3.40 18.14 -16.22
C ALA E 165 -2.42 17.33 -17.05
N LEU E 166 -1.50 18.01 -17.78
CA LEU E 166 -0.45 17.31 -18.51
C LEU E 166 0.43 16.54 -17.54
N GLY E 167 0.85 17.21 -16.46
CA GLY E 167 1.63 16.54 -15.43
C GLY E 167 0.94 15.28 -14.95
N MET E 168 -0.38 15.38 -14.70
CA MET E 168 -1.13 14.26 -14.17
C MET E 168 -1.15 13.11 -15.16
N ALA E 169 -1.33 13.44 -16.46
CA ALA E 169 -1.43 12.42 -17.48
C ALA E 169 -0.10 11.75 -17.73
N ILE E 170 1.00 12.51 -17.67
CA ILE E 170 2.31 11.91 -17.86
C ILE E 170 2.55 10.92 -16.73
N ALA E 171 2.24 11.33 -15.50
CA ALA E 171 2.43 10.48 -14.33
C ALA E 171 1.54 9.24 -14.39
N ALA E 172 0.29 9.39 -14.79
CA ALA E 172 -0.62 8.27 -14.82
C ALA E 172 -0.23 7.28 -15.93
N ARG E 173 0.27 7.79 -17.05
CA ARG E 173 0.74 6.92 -18.13
C ARG E 173 1.91 6.07 -17.65
N LEU E 174 2.85 6.68 -16.91
CA LEU E 174 4.00 5.95 -16.43
C LEU E 174 3.61 4.90 -15.38
N GLN E 175 2.63 5.23 -14.54
CA GLN E 175 2.13 4.33 -13.51
C GLN E 175 1.17 3.26 -14.03
N GLY E 176 0.80 3.32 -15.31
CA GLY E 176 -0.11 2.37 -15.91
C GLY E 176 -1.55 2.46 -15.44
N LYS E 177 -1.99 3.64 -14.95
CA LYS E 177 -3.24 3.71 -14.20
C LYS E 177 -4.48 3.88 -15.07
N GLU E 178 -4.33 4.18 -16.35
CA GLU E 178 -5.44 4.25 -17.32
C GLU E 178 -6.52 5.27 -16.91
N ARG E 179 -6.12 6.40 -16.36
CA ARG E 179 -7.10 7.42 -16.03
C ARG E 179 -7.12 8.51 -17.10
N LYS E 180 -8.24 9.20 -17.17
CA LYS E 180 -8.34 10.35 -18.05
C LYS E 180 -7.86 11.60 -17.35
N SER E 181 -7.41 12.56 -18.15
CA SER E 181 -7.02 13.89 -17.69
C SER E 181 -7.76 14.90 -18.52
N VAL E 182 -8.48 15.80 -17.87
CA VAL E 182 -9.29 16.81 -18.55
C VAL E 182 -9.03 18.18 -17.93
N ALA E 183 -8.80 19.17 -18.79
CA ALA E 183 -8.58 20.55 -18.40
C ALA E 183 -9.70 21.37 -19.04
N VAL E 184 -10.42 22.13 -18.22
CA VAL E 184 -11.44 23.07 -18.69
C VAL E 184 -10.86 24.48 -18.53
N ILE E 185 -10.68 25.21 -19.64
CA ILE E 185 -10.00 26.49 -19.62
C ILE E 185 -10.82 27.49 -20.43
N GLY E 186 -11.04 28.67 -19.85
CA GLY E 186 -11.79 29.72 -20.53
C GLY E 186 -11.04 30.32 -21.70
N ASP E 187 -11.76 31.03 -22.58
CA ASP E 187 -11.04 31.65 -23.69
C ASP E 187 -10.07 32.73 -23.19
N GLY E 188 -10.38 33.39 -22.06
CA GLY E 188 -9.44 34.38 -21.53
C GLY E 188 -8.15 33.76 -21.05
N ALA E 189 -8.25 32.69 -20.27
CA ALA E 189 -7.07 32.03 -19.72
C ALA E 189 -6.16 31.50 -20.82
N LEU E 190 -6.71 31.22 -22.01
CA LEU E 190 -5.90 30.80 -23.16
C LEU E 190 -5.01 31.92 -23.70
N THR E 191 -5.22 33.18 -23.31
CA THR E 191 -4.31 34.24 -23.75
C THR E 191 -2.96 34.20 -23.02
N ALA E 192 -2.84 33.44 -21.91
CA ALA E 192 -1.59 33.44 -21.15
C ALA E 192 -0.51 32.55 -21.79
N GLY E 193 0.73 33.05 -21.72
CA GLY E 193 1.83 32.32 -22.32
C GLY E 193 2.01 30.91 -21.79
N MET E 194 1.68 30.69 -20.52
CA MET E 194 1.93 29.37 -19.94
C MET E 194 0.96 28.35 -20.51
N ALA E 195 -0.22 28.78 -20.94
CA ALA E 195 -1.13 27.88 -21.63
C ALA E 195 -0.59 27.45 -22.98
N PHE E 196 0.06 28.37 -23.69
CA PHE E 196 0.71 28.04 -24.97
C PHE E 196 1.85 27.06 -24.75
N GLU E 197 2.64 27.26 -23.70
CA GLU E 197 3.73 26.33 -23.39
C GLU E 197 3.18 24.93 -23.14
N ALA E 198 2.05 24.83 -22.44
CA ALA E 198 1.54 23.51 -22.08
C ALA E 198 0.99 22.80 -23.31
N LEU E 199 0.28 23.54 -24.18
CA LEU E 199 -0.24 22.95 -25.42
C LEU E 199 0.88 22.42 -26.30
N ASN E 200 1.94 23.22 -26.47
CA ASN E 200 3.11 22.77 -27.20
C ASN E 200 3.71 21.51 -26.59
N HIS E 201 3.92 21.51 -25.28
CA HIS E 201 4.59 20.39 -24.65
C HIS E 201 3.74 19.12 -24.72
N ALA E 202 2.42 19.24 -24.45
CA ALA E 202 1.52 18.10 -24.54
C ALA E 202 1.58 17.44 -25.93
N SER E 203 1.68 18.24 -26.98
CA SER E 203 1.92 17.69 -28.31
C SER E 203 3.25 16.96 -28.37
N GLU E 204 4.29 17.59 -27.84
CA GLU E 204 5.61 16.97 -27.76
C GLU E 204 5.56 15.53 -27.26
N VAL E 205 4.93 15.28 -26.12
CA VAL E 205 4.96 13.96 -25.51
C VAL E 205 3.72 13.13 -25.88
N ASP E 206 2.98 13.55 -26.90
CA ASP E 206 1.76 12.86 -27.33
C ASP E 206 0.94 12.37 -26.14
N ALA E 207 0.70 13.29 -25.21
CA ALA E 207 -0.09 12.97 -24.02
C ALA E 207 -1.52 12.62 -24.38
N ASP E 208 -2.10 11.70 -23.62
CA ASP E 208 -3.53 11.38 -23.73
C ASP E 208 -4.25 12.25 -22.73
N MET E 209 -4.78 13.38 -23.20
CA MET E 209 -5.55 14.30 -22.37
C MET E 209 -6.50 15.11 -23.24
N LEU E 210 -7.47 15.70 -22.57
CA LEU E 210 -8.54 16.46 -23.21
C LEU E 210 -8.51 17.88 -22.66
N VAL E 211 -8.42 18.84 -23.56
CA VAL E 211 -8.59 20.25 -23.24
C VAL E 211 -9.95 20.68 -23.76
N ILE E 212 -10.78 21.20 -22.89
CA ILE E 212 -12.04 21.80 -23.29
C ILE E 212 -11.86 23.32 -23.21
N LEU E 213 -11.95 23.98 -24.35
CA LEU E 213 -12.03 25.44 -24.42
C LEU E 213 -13.46 25.84 -24.13
N ASN E 214 -13.68 26.45 -22.97
CA ASN E 214 -14.96 27.02 -22.63
C ASN E 214 -14.94 28.46 -23.12
N ASP E 215 -15.46 28.66 -24.33
CA ASP E 215 -15.41 29.94 -25.00
C ASP E 215 -16.73 30.68 -24.88
N ASN E 216 -16.71 31.83 -24.22
CA ASN E 216 -17.93 32.60 -24.08
C ASN E 216 -17.78 34.05 -24.51
N ASP E 217 -16.76 34.37 -25.32
CA ASP E 217 -16.58 35.74 -25.79
C ASP E 217 -16.35 35.75 -27.31
N GLY E 240 -12.75 31.24 -37.54
CA GLY E 240 -12.20 29.97 -38.00
C GLY E 240 -11.39 29.25 -36.93
N PRO E 241 -12.02 29.00 -35.79
CA PRO E 241 -11.26 28.69 -34.56
C PRO E 241 -10.26 27.54 -34.68
N GLY E 242 -10.48 26.59 -35.58
CA GLY E 242 -9.88 25.28 -35.45
C GLY E 242 -8.43 25.13 -35.83
N THR E 243 -7.99 25.84 -36.87
CA THR E 243 -6.73 25.49 -37.53
C THR E 243 -5.52 25.78 -36.63
N LEU E 244 -5.61 26.79 -35.76
CA LEU E 244 -4.54 27.07 -34.81
C LEU E 244 -4.18 25.84 -33.97
N PHE E 245 -5.18 25.21 -33.36
CA PHE E 245 -4.91 24.09 -32.47
C PHE E 245 -4.49 22.84 -33.23
N GLU E 246 -4.99 22.64 -34.45
CA GLU E 246 -4.47 21.57 -35.27
C GLU E 246 -2.98 21.79 -35.53
N GLU E 247 -2.59 23.03 -35.86
CA GLU E 247 -1.19 23.34 -36.11
C GLU E 247 -0.33 23.00 -34.90
N LEU E 248 -0.77 23.37 -33.71
CA LEU E 248 -0.06 23.05 -32.49
C LEU E 248 -0.12 21.54 -32.13
N GLY E 249 -0.61 20.66 -33.02
CA GLY E 249 -0.57 19.23 -32.76
C GLY E 249 -1.73 18.62 -31.99
N TRP E 250 -2.86 19.32 -31.90
CA TRP E 250 -4.05 18.81 -31.25
C TRP E 250 -5.12 18.38 -32.26
N ASN E 251 -5.94 17.40 -31.85
CA ASN E 251 -7.12 17.00 -32.61
C ASN E 251 -8.31 17.86 -32.19
N TYR E 252 -8.80 18.69 -33.11
CA TYR E 252 -9.79 19.73 -32.81
C TYR E 252 -11.19 19.29 -33.20
N ILE E 253 -12.13 19.48 -32.28
CA ILE E 253 -13.52 19.11 -32.44
C ILE E 253 -14.36 20.32 -32.04
N GLY E 254 -15.23 20.78 -32.95
CA GLY E 254 -16.19 21.81 -32.60
C GLY E 254 -16.22 22.94 -33.60
N PRO E 255 -16.82 24.09 -33.22
CA PRO E 255 -17.39 24.33 -31.90
C PRO E 255 -18.71 23.62 -31.72
N ILE E 256 -19.05 23.24 -30.49
CA ILE E 256 -20.37 22.73 -30.18
C ILE E 256 -21.01 23.62 -29.12
N ASP E 257 -22.33 23.47 -29.02
CA ASP E 257 -23.16 24.22 -28.09
C ASP E 257 -22.97 23.70 -26.67
N GLY E 258 -22.40 24.52 -25.80
CA GLY E 258 -22.10 24.15 -24.44
C GLY E 258 -23.29 24.12 -23.51
N HIS E 259 -24.48 24.42 -24.00
CA HIS E 259 -25.72 24.33 -23.24
C HIS E 259 -26.63 23.25 -23.78
N ASP E 260 -26.20 22.54 -24.83
CA ASP E 260 -26.93 21.40 -25.40
C ASP E 260 -26.41 20.14 -24.73
N LEU E 261 -27.11 19.68 -23.68
CA LEU E 261 -26.62 18.54 -22.93
C LEU E 261 -26.55 17.27 -23.78
N PRO E 262 -27.51 16.98 -24.66
CA PRO E 262 -27.38 15.78 -25.50
C PRO E 262 -26.13 15.79 -26.39
N THR E 263 -25.85 16.91 -27.07
CA THR E 263 -24.62 16.95 -27.87
C THR E 263 -23.38 16.86 -26.98
N LEU E 264 -23.42 17.49 -25.81
CA LEU E 264 -22.25 17.49 -24.93
C LEU E 264 -21.92 16.07 -24.50
N VAL E 265 -22.94 15.31 -24.08
CA VAL E 265 -22.69 13.98 -23.56
C VAL E 265 -22.17 13.08 -24.65
N ALA E 266 -22.75 13.15 -25.84
CA ALA E 266 -22.31 12.26 -26.90
C ALA E 266 -20.90 12.60 -27.35
N THR E 267 -20.60 13.90 -27.47
CA THR E 267 -19.27 14.33 -27.90
C THR E 267 -18.22 13.86 -26.92
N LEU E 268 -18.49 14.06 -25.62
CA LEU E 268 -17.51 13.67 -24.60
C LEU E 268 -17.35 12.16 -24.57
N ARG E 269 -18.46 11.43 -24.72
CA ARG E 269 -18.38 9.97 -24.80
C ARG E 269 -17.41 9.57 -25.90
N ASN E 270 -17.54 10.19 -27.07
CA ASN E 270 -16.64 9.86 -28.19
C ASN E 270 -15.20 10.23 -27.89
N MET E 271 -14.97 11.41 -27.30
CA MET E 271 -13.60 11.85 -27.08
C MET E 271 -12.96 11.19 -25.86
N ARG E 272 -13.76 10.71 -24.91
CA ARG E 272 -13.22 10.11 -23.70
C ARG E 272 -12.13 9.09 -24.02
N ASP E 273 -12.37 8.21 -24.98
CA ASP E 273 -11.43 7.13 -25.27
C ASP E 273 -10.63 7.37 -26.54
N MET E 274 -10.69 8.56 -27.10
CA MET E 274 -9.76 8.91 -28.17
C MET E 274 -8.37 9.10 -27.56
N LYS E 275 -7.35 8.81 -28.34
CA LYS E 275 -5.99 8.88 -27.83
C LYS E 275 -5.30 10.16 -28.31
N GLY E 276 -4.22 10.52 -27.61
CA GLY E 276 -3.46 11.69 -27.97
C GLY E 276 -4.12 12.99 -27.51
N PRO E 277 -3.53 14.12 -27.87
CA PRO E 277 -4.07 15.43 -27.40
C PRO E 277 -5.36 15.79 -28.13
N GLN E 278 -6.43 15.90 -27.36
CA GLN E 278 -7.74 16.23 -27.88
C GLN E 278 -8.14 17.60 -27.41
N PHE E 279 -8.71 18.40 -28.34
CA PHE E 279 -9.19 19.75 -28.09
C PHE E 279 -10.65 19.88 -28.49
N LEU E 280 -11.52 20.10 -27.52
CA LEU E 280 -12.96 20.26 -27.75
C LEU E 280 -13.31 21.71 -27.52
N HIS E 281 -13.85 22.34 -28.54
CA HIS E 281 -14.27 23.73 -28.49
C HIS E 281 -15.76 23.83 -28.19
N VAL E 282 -16.09 24.35 -27.02
CA VAL E 282 -17.45 24.50 -26.53
C VAL E 282 -17.79 25.99 -26.47
N VAL E 283 -19.00 26.37 -26.84
CA VAL E 283 -19.47 27.75 -26.80
C VAL E 283 -20.53 27.89 -25.72
N THR E 284 -20.30 28.80 -24.77
CA THR E 284 -21.25 29.06 -23.68
C THR E 284 -21.62 30.54 -23.60
N LYS E 285 -22.74 30.80 -22.95
CA LYS E 285 -23.17 32.15 -22.62
C LYS E 285 -22.86 32.42 -21.15
N LYS E 286 -22.03 33.43 -20.88
CA LYS E 286 -21.83 33.88 -19.50
C LYS E 286 -23.16 34.33 -18.92
N GLY E 287 -23.39 33.96 -17.67
CA GLY E 287 -24.64 34.25 -17.00
C GLY E 287 -25.84 33.47 -17.51
N LYS E 288 -25.65 32.46 -18.36
CA LYS E 288 -26.75 31.74 -19.01
C LYS E 288 -27.90 31.40 -18.07
N GLY E 289 -29.11 31.76 -18.48
CA GLY E 289 -30.31 31.49 -17.73
C GLY E 289 -30.75 32.58 -16.78
N PHE E 290 -29.94 33.63 -16.62
CA PHE E 290 -30.32 34.77 -15.78
C PHE E 290 -30.13 36.01 -16.62
N ALA E 291 -31.25 36.65 -16.98
CA ALA E 291 -31.21 37.73 -17.97
C ALA E 291 -30.28 38.86 -17.54
N PRO E 292 -30.35 39.38 -16.32
CA PRO E 292 -29.41 40.45 -15.92
C PRO E 292 -27.94 40.09 -16.13
N ALA E 293 -27.56 38.84 -15.82
CA ALA E 293 -26.19 38.41 -16.02
C ALA E 293 -25.85 38.24 -17.51
N GLU E 294 -26.79 37.68 -18.28
CA GLU E 294 -26.62 37.60 -19.73
C GLU E 294 -26.32 38.98 -20.30
N LEU E 295 -27.05 40.00 -19.83
CA LEU E 295 -26.93 41.32 -20.44
C LEU E 295 -25.68 42.05 -20.01
N ASP E 296 -25.32 41.93 -18.73
CA ASP E 296 -24.21 42.66 -18.12
C ASP E 296 -23.28 41.63 -17.47
N PRO E 297 -22.51 40.90 -18.27
CA PRO E 297 -21.63 39.87 -17.68
C PRO E 297 -20.52 40.45 -16.83
N ILE E 298 -20.16 41.73 -17.03
CA ILE E 298 -19.10 42.31 -16.21
C ILE E 298 -19.60 42.55 -14.80
N GLY E 299 -20.76 43.19 -14.64
CA GLY E 299 -21.26 43.45 -13.29
C GLY E 299 -21.67 42.21 -12.52
N TYR E 300 -22.01 41.14 -13.23
CA TYR E 300 -22.46 39.90 -12.64
C TYR E 300 -21.35 38.86 -12.60
N HIS E 301 -20.12 39.25 -12.95
CA HIS E 301 -18.98 38.38 -12.70
C HIS E 301 -18.98 37.90 -11.26
N ALA E 302 -19.35 38.79 -10.34
CA ALA E 302 -19.53 38.44 -8.95
C ALA E 302 -20.61 39.34 -8.37
N ILE E 303 -21.20 38.89 -7.26
CA ILE E 303 -22.23 39.65 -6.55
C ILE E 303 -21.96 39.58 -5.05
N THR E 304 -22.53 40.53 -4.32
CA THR E 304 -22.59 40.46 -2.86
C THR E 304 -23.90 39.77 -2.48
N LYS E 305 -23.91 39.15 -1.30
CA LYS E 305 -25.14 38.50 -0.83
C LYS E 305 -26.29 39.49 -0.77
N LEU E 306 -27.49 39.02 -1.11
CA LEU E 306 -28.67 39.89 -1.19
C LEU E 306 -29.00 40.49 0.18
N GLY E 317 -18.39 54.59 3.32
CA GLY E 317 -16.94 54.57 3.29
C GLY E 317 -16.27 55.68 2.48
N GLY E 318 -14.94 55.76 2.54
CA GLY E 318 -14.20 56.53 1.56
C GLY E 318 -14.09 55.81 0.22
N PRO E 319 -13.41 56.46 -0.71
CA PRO E 319 -13.16 55.81 -2.01
C PRO E 319 -12.31 54.56 -1.87
N LYS E 320 -12.57 53.58 -2.74
CA LYS E 320 -11.64 52.45 -2.87
C LYS E 320 -10.28 52.95 -3.34
N TYR E 321 -9.21 52.39 -2.77
CA TYR E 321 -7.85 52.71 -3.24
C TYR E 321 -7.72 52.57 -4.75
N SER E 322 -8.33 51.54 -5.33
CA SER E 322 -8.28 51.42 -6.79
C SER E 322 -8.94 52.62 -7.47
N SER E 323 -9.98 53.16 -6.85
CA SER E 323 -10.61 54.35 -7.42
C SER E 323 -9.73 55.59 -7.25
N VAL E 324 -8.99 55.68 -6.15
CA VAL E 324 -8.04 56.78 -5.98
C VAL E 324 -6.96 56.68 -7.05
N PHE E 325 -6.48 55.47 -7.33
CA PHE E 325 -5.52 55.29 -8.42
C PHE E 325 -6.13 55.68 -9.77
N GLY E 326 -7.34 55.19 -10.06
CA GLY E 326 -7.96 55.47 -11.34
C GLY E 326 -8.09 56.96 -11.59
N GLN E 327 -8.47 57.70 -10.55
CA GLN E 327 -8.60 59.14 -10.67
C GLN E 327 -7.25 59.81 -10.88
N TRP E 328 -6.22 59.30 -10.18
CA TRP E 328 -4.86 59.80 -10.39
C TRP E 328 -4.40 59.56 -11.83
N LEU E 329 -4.73 58.38 -12.40
CA LEU E 329 -4.31 58.06 -13.76
C LEU E 329 -4.94 59.00 -14.79
N CYS E 330 -6.20 59.32 -14.59
CA CYS E 330 -6.88 60.30 -15.44
C CYS E 330 -6.28 61.69 -15.27
N ASP E 331 -6.10 62.14 -14.02
CA ASP E 331 -5.61 63.49 -13.76
C ASP E 331 -4.21 63.71 -14.32
N MET E 332 -3.32 62.71 -14.14
CA MET E 332 -1.98 62.87 -14.67
C MET E 332 -1.94 62.75 -16.18
N ALA E 333 -2.82 61.93 -16.75
CA ALA E 333 -2.87 61.82 -18.20
C ALA E 333 -3.37 63.10 -18.84
N ALA E 334 -4.22 63.86 -18.13
CA ALA E 334 -4.68 65.15 -18.62
C ALA E 334 -3.56 66.17 -18.63
N GLN E 335 -2.57 65.97 -17.76
CA GLN E 335 -1.43 66.89 -17.67
C GLN E 335 -0.27 66.48 -18.54
N ASP E 336 -0.19 65.19 -18.91
CA ASP E 336 1.02 64.60 -19.47
C ASP E 336 0.60 63.60 -20.55
N ALA E 337 0.84 63.95 -21.81
CA ALA E 337 0.52 63.06 -22.91
C ALA E 337 1.41 61.83 -22.99
N ARG E 338 2.49 61.78 -22.19
CA ARG E 338 3.39 60.63 -22.23
C ARG E 338 2.80 59.41 -21.52
N LEU E 339 1.84 59.63 -20.61
CA LEU E 339 1.38 58.56 -19.74
C LEU E 339 0.62 57.50 -20.54
N LEU E 340 0.99 56.24 -20.35
CA LEU E 340 0.27 55.11 -20.95
C LEU E 340 -0.17 54.20 -19.82
N GLY E 341 -1.35 53.60 -20.01
CA GLY E 341 -1.98 52.77 -19.00
C GLY E 341 -2.11 51.33 -19.44
N ILE E 342 -1.55 50.41 -18.67
CA ILE E 342 -1.47 48.99 -19.06
C ILE E 342 -2.05 48.11 -17.97
N THR E 343 -2.88 47.15 -18.38
CA THR E 343 -3.45 46.19 -17.43
C THR E 343 -3.49 44.80 -18.05
N PRO E 344 -3.12 43.77 -17.33
CA PRO E 344 -3.32 42.40 -17.87
C PRO E 344 -4.73 41.98 -17.44
N ALA E 345 -5.70 42.44 -18.23
CA ALA E 345 -7.10 41.99 -18.18
C ALA E 345 -7.82 42.33 -16.87
N MET E 346 -7.38 43.34 -16.12
CA MET E 346 -8.09 43.70 -14.88
C MET E 346 -8.54 45.17 -14.87
N LYS E 347 -9.15 45.63 -15.97
CA LYS E 347 -9.59 47.02 -16.07
C LYS E 347 -10.54 47.42 -14.95
N GLU E 348 -11.50 46.55 -14.61
CA GLU E 348 -12.48 46.93 -13.61
C GLU E 348 -11.89 46.82 -12.21
N GLY E 349 -11.10 45.78 -11.96
CA GLY E 349 -10.52 45.58 -10.64
C GLY E 349 -9.48 46.63 -10.27
N SER E 350 -8.54 46.89 -11.16
CA SER E 350 -7.55 47.94 -10.94
C SER E 350 -8.15 49.33 -11.18
N ASP E 351 -9.28 49.38 -11.89
CA ASP E 351 -10.10 50.56 -12.15
C ASP E 351 -9.44 51.57 -13.07
N LEU E 352 -9.07 51.10 -14.28
CA LEU E 352 -8.76 51.95 -15.42
C LEU E 352 -10.00 52.28 -16.26
N VAL E 353 -11.20 52.24 -15.69
CA VAL E 353 -12.43 52.34 -16.47
C VAL E 353 -12.58 53.72 -17.10
N ALA E 354 -12.59 54.76 -16.26
CA ALA E 354 -12.66 56.12 -16.80
C ALA E 354 -11.46 56.41 -17.69
N PHE E 355 -10.29 55.91 -17.32
CA PHE E 355 -9.11 56.17 -18.14
C PHE E 355 -9.29 55.62 -19.55
N SER E 356 -9.81 54.39 -19.67
CA SER E 356 -9.92 53.77 -20.99
C SER E 356 -10.99 54.44 -21.86
N GLU E 357 -12.00 55.06 -21.24
CA GLU E 357 -12.99 55.82 -22.02
C GLU E 357 -12.41 57.16 -22.47
N ARG E 358 -11.66 57.81 -21.58
CA ARG E 358 -11.19 59.14 -21.91
C ARG E 358 -9.95 59.12 -22.79
N TYR E 359 -9.04 58.17 -22.58
CA TYR E 359 -7.76 58.12 -23.31
C TYR E 359 -7.60 56.80 -24.03
N PRO E 360 -8.55 56.44 -24.89
CA PRO E 360 -8.54 55.08 -25.45
C PRO E 360 -7.26 54.74 -26.19
N GLU E 361 -6.66 55.73 -26.86
CA GLU E 361 -5.41 55.55 -27.58
C GLU E 361 -4.23 55.28 -26.65
N ARG E 362 -4.39 55.49 -25.35
CA ARG E 362 -3.28 55.36 -24.41
C ARG E 362 -3.55 54.30 -23.35
N TYR E 363 -4.54 53.47 -23.61
CA TYR E 363 -4.94 52.39 -22.73
C TYR E 363 -4.67 51.05 -23.41
N PHE E 364 -4.06 50.12 -22.68
CA PHE E 364 -3.61 48.85 -23.25
C PHE E 364 -4.02 47.73 -22.29
N ASP E 365 -4.98 46.92 -22.71
CA ASP E 365 -5.38 45.69 -22.05
C ASP E 365 -4.70 44.57 -22.82
N VAL E 366 -3.74 43.90 -22.17
CA VAL E 366 -2.89 42.92 -22.85
C VAL E 366 -3.40 41.48 -22.66
N ALA E 367 -4.64 41.34 -22.15
CA ALA E 367 -5.23 40.04 -21.86
C ALA E 367 -4.51 39.47 -20.65
N ILE E 368 -4.57 38.15 -20.44
CA ILE E 368 -3.98 37.61 -19.21
C ILE E 368 -2.51 37.29 -19.49
N ALA E 369 -1.72 38.34 -19.59
CA ALA E 369 -0.38 38.32 -20.16
C ALA E 369 0.47 39.30 -19.35
N GLU E 370 0.59 38.99 -18.05
CA GLU E 370 1.39 39.80 -17.13
C GLU E 370 2.80 40.02 -17.66
N GLN E 371 3.40 38.97 -18.19
CA GLN E 371 4.78 39.04 -18.61
C GLN E 371 4.97 40.04 -19.73
N HIS E 372 4.10 39.96 -20.73
CA HIS E 372 4.20 40.87 -21.86
C HIS E 372 3.85 42.29 -21.46
N ALA E 373 2.97 42.45 -20.47
CA ALA E 373 2.62 43.78 -19.99
C ALA E 373 3.87 44.55 -19.56
N VAL E 374 4.77 43.88 -18.84
CA VAL E 374 5.91 44.55 -18.24
C VAL E 374 6.97 44.82 -19.29
N THR E 375 7.30 43.84 -20.12
CA THR E 375 8.28 44.09 -21.18
C THR E 375 7.75 45.06 -22.20
N LEU E 376 6.46 45.02 -22.49
CA LEU E 376 5.87 46.07 -23.31
C LEU E 376 6.10 47.47 -22.70
N ALA E 377 5.83 47.60 -21.41
CA ALA E 377 6.12 48.85 -20.69
C ALA E 377 7.58 49.27 -20.86
N ALA E 378 8.51 48.30 -20.77
CA ALA E 378 9.93 48.63 -20.94
C ALA E 378 10.20 49.23 -22.32
N GLY E 379 9.61 48.65 -23.37
CA GLY E 379 9.81 49.18 -24.71
C GLY E 379 9.22 50.58 -24.88
N MET E 380 8.05 50.82 -24.31
CA MET E 380 7.44 52.14 -24.43
C MET E 380 8.33 53.19 -23.76
N ALA E 381 8.89 52.85 -22.60
CA ALA E 381 9.77 53.74 -21.88
C ALA E 381 11.03 53.99 -22.67
N CYS E 382 11.44 53.02 -23.50
CA CYS E 382 12.64 53.21 -24.30
C CYS E 382 12.49 54.39 -25.25
N GLU E 383 11.25 54.72 -25.63
CA GLU E 383 11.00 55.82 -26.55
C GLU E 383 10.58 57.08 -25.82
N GLY E 384 10.72 57.11 -24.50
CA GLY E 384 10.38 58.30 -23.76
C GLY E 384 8.94 58.40 -23.34
N MET E 385 8.13 57.37 -23.55
CA MET E 385 6.81 57.39 -22.96
C MET E 385 6.90 56.97 -21.49
N LYS E 386 5.78 57.10 -20.78
CA LYS E 386 5.72 56.97 -19.31
C LYS E 386 4.63 55.95 -18.98
N PRO E 387 4.91 54.64 -19.18
CA PRO E 387 3.89 53.62 -18.88
C PRO E 387 3.67 53.41 -17.39
N VAL E 388 2.42 53.12 -17.08
CA VAL E 388 1.98 52.71 -15.76
C VAL E 388 1.42 51.29 -15.93
N VAL E 389 2.02 50.34 -15.24
CA VAL E 389 1.51 48.97 -15.23
C VAL E 389 0.65 48.81 -13.97
N ALA E 390 -0.65 48.65 -14.17
CA ALA E 390 -1.58 48.33 -13.08
C ALA E 390 -1.65 46.80 -12.96
N ILE E 391 -1.31 46.27 -11.78
CA ILE E 391 -1.20 44.82 -11.60
C ILE E 391 -1.31 44.51 -10.11
N TYR E 392 -2.09 43.48 -9.79
CA TYR E 392 -2.20 43.06 -8.40
C TYR E 392 -0.87 42.46 -7.94
N SER E 393 -0.57 42.61 -6.63
CA SER E 393 0.64 42.01 -6.05
C SER E 393 0.75 40.52 -6.35
N THR E 394 -0.34 39.78 -6.20
CA THR E 394 -0.25 38.35 -6.43
C THR E 394 0.04 38.05 -7.91
N PHE E 395 -0.50 38.84 -8.84
CA PHE E 395 -0.27 38.56 -10.26
C PHE E 395 1.08 39.09 -10.77
N LEU E 396 1.67 40.06 -10.09
CA LEU E 396 3.02 40.53 -10.43
C LEU E 396 4.07 39.46 -10.21
N GLN E 397 3.79 38.50 -9.31
CA GLN E 397 4.68 37.35 -9.14
C GLN E 397 4.98 36.69 -10.49
N ARG E 398 4.04 36.74 -11.44
CA ARG E 398 4.17 36.06 -12.73
C ARG E 398 4.95 36.88 -13.75
N ALA E 399 5.26 38.15 -13.44
CA ALA E 399 6.08 39.01 -14.31
C ALA E 399 7.39 39.42 -13.63
N TYR E 400 7.83 38.67 -12.62
CA TYR E 400 9.00 39.07 -11.85
C TYR E 400 10.24 39.13 -12.74
N ASP E 401 10.37 38.19 -13.69
CA ASP E 401 11.56 38.23 -14.54
C ASP E 401 11.57 39.44 -15.45
N GLN E 402 10.41 39.80 -16.02
CA GLN E 402 10.37 40.96 -16.87
C GLN E 402 10.67 42.21 -16.05
N LEU E 403 10.17 42.25 -14.82
CA LEU E 403 10.41 43.39 -13.95
C LEU E 403 11.89 43.54 -13.63
N ILE E 404 12.54 42.43 -13.28
CA ILE E 404 13.97 42.49 -12.97
C ILE E 404 14.79 42.72 -14.23
N HIS E 405 14.64 41.83 -15.22
CA HIS E 405 15.55 41.75 -16.36
C HIS E 405 15.31 42.88 -17.37
N ASP E 406 14.05 43.20 -17.67
CA ASP E 406 13.78 44.20 -18.70
C ASP E 406 13.59 45.59 -18.13
N VAL E 407 13.10 45.73 -16.91
CA VAL E 407 12.91 47.06 -16.37
C VAL E 407 14.06 47.45 -15.46
N ALA E 408 14.30 46.68 -14.42
CA ALA E 408 15.22 47.11 -13.37
C ALA E 408 16.66 47.09 -13.85
N VAL E 409 17.09 46.02 -14.53
CA VAL E 409 18.49 45.94 -14.96
C VAL E 409 18.84 47.13 -15.83
N GLN E 410 17.87 47.67 -16.58
CA GLN E 410 18.08 48.80 -17.49
C GLN E 410 17.68 50.12 -16.88
N HIS E 411 17.24 50.11 -15.64
CA HIS E 411 16.77 51.29 -14.93
C HIS E 411 15.73 52.05 -15.72
N LEU E 412 14.77 51.33 -16.32
CA LEU E 412 13.79 52.00 -17.16
C LEU E 412 12.63 52.61 -16.34
N ASP E 413 12.06 53.68 -16.91
CA ASP E 413 11.09 54.54 -16.24
C ASP E 413 9.70 53.95 -16.38
N VAL E 414 9.36 53.08 -15.44
CA VAL E 414 8.12 52.34 -15.42
C VAL E 414 7.56 52.38 -14.01
N LEU E 415 6.28 52.72 -13.88
CA LEU E 415 5.60 52.72 -12.60
C LEU E 415 4.74 51.47 -12.47
N PHE E 416 4.85 50.79 -11.33
CA PHE E 416 4.02 49.63 -11.00
C PHE E 416 3.05 50.03 -9.91
N ALA E 417 1.78 50.09 -10.26
CA ALA E 417 0.70 50.40 -9.34
C ALA E 417 0.14 49.08 -8.83
N ILE E 418 0.62 48.64 -7.66
CA ILE E 418 0.39 47.30 -7.17
C ILE E 418 -0.83 47.33 -6.24
N ASP E 419 -1.99 46.97 -6.78
CA ASP E 419 -3.24 46.81 -6.04
C ASP E 419 -3.25 45.47 -5.28
N ARG E 420 -4.24 45.30 -4.41
CA ARG E 420 -4.47 44.06 -3.65
C ARG E 420 -3.21 43.63 -2.90
N ALA E 421 -2.52 44.61 -2.33
CA ALA E 421 -1.35 44.34 -1.50
C ALA E 421 -1.79 44.04 -0.08
N GLY E 422 -1.28 42.95 0.47
CA GLY E 422 -1.69 42.48 1.76
C GLY E 422 -2.70 41.35 1.66
N LEU E 423 -3.41 41.13 2.76
CA LEU E 423 -4.46 40.12 2.77
C LEU E 423 -5.63 40.63 1.96
N VAL E 424 -6.28 39.75 1.20
CA VAL E 424 -7.33 40.18 0.29
C VAL E 424 -8.69 39.66 0.70
N GLY E 425 -8.77 38.84 1.74
CA GLY E 425 -10.04 38.40 2.26
C GLY E 425 -10.52 37.07 1.71
N GLU E 426 -11.74 37.07 1.16
CA GLU E 426 -12.44 35.82 0.88
C GLU E 426 -11.77 35.00 -0.19
N ASP E 427 -11.10 35.65 -1.14
CA ASP E 427 -10.46 34.91 -2.21
C ASP E 427 -9.33 34.04 -1.67
N GLY E 428 -8.82 34.38 -0.47
CA GLY E 428 -7.91 33.54 0.25
C GLY E 428 -6.46 33.63 -0.23
N PRO E 429 -5.67 32.63 0.15
CA PRO E 429 -4.22 32.75 -0.02
C PRO E 429 -3.73 32.62 -1.46
N THR E 430 -4.50 32.04 -2.38
CA THR E 430 -4.05 32.03 -3.78
C THR E 430 -3.91 33.46 -4.31
N HIS E 431 -4.59 34.42 -3.67
CA HIS E 431 -4.65 35.77 -4.18
C HIS E 431 -3.98 36.77 -3.23
N ALA E 432 -3.33 36.28 -2.17
CA ALA E 432 -2.73 37.17 -1.18
C ALA E 432 -1.58 37.98 -1.76
N GLY E 433 -1.57 39.27 -1.42
CA GLY E 433 -0.48 40.16 -1.78
C GLY E 433 0.54 40.25 -0.68
N SER E 434 1.11 39.09 -0.28
CA SER E 434 1.92 38.95 0.91
C SER E 434 3.40 39.20 0.69
N PHE E 435 3.87 39.26 -0.56
CA PHE E 435 5.32 39.15 -0.78
C PHE E 435 6.00 40.28 -1.54
N ASP E 436 5.26 41.26 -2.07
CA ASP E 436 5.88 42.19 -3.01
C ASP E 436 6.93 43.09 -2.35
N ILE E 437 6.78 43.44 -1.07
CA ILE E 437 7.87 44.19 -0.47
C ILE E 437 9.13 43.33 -0.48
N SER E 438 8.99 42.04 -0.14
CA SER E 438 10.16 41.18 -0.05
C SER E 438 10.76 40.90 -1.43
N TYR E 439 9.93 40.57 -2.43
CA TYR E 439 10.53 40.25 -3.72
C TYR E 439 10.94 41.49 -4.53
N LEU E 440 10.42 42.67 -4.22
CA LEU E 440 10.89 43.86 -4.93
C LEU E 440 12.08 44.54 -4.26
N ARG E 441 12.13 44.63 -2.94
CA ARG E 441 13.15 45.49 -2.36
C ARG E 441 14.54 44.91 -2.54
N CYS E 442 14.68 43.60 -2.80
CA CYS E 442 16.01 43.06 -3.02
C CYS E 442 16.55 43.40 -4.42
N ILE E 443 15.76 44.05 -5.27
CA ILE E 443 16.08 44.24 -6.68
C ILE E 443 16.69 45.63 -6.84
N PRO E 444 17.96 45.75 -7.23
CA PRO E 444 18.57 47.07 -7.33
C PRO E 444 17.82 47.96 -8.32
N GLY E 445 17.79 49.26 -8.00
CA GLY E 445 17.12 50.26 -8.78
C GLY E 445 15.67 50.52 -8.43
N MET E 446 15.01 49.59 -7.76
CA MET E 446 13.59 49.75 -7.48
C MET E 446 13.34 50.80 -6.40
N LEU E 447 12.49 51.78 -6.69
CA LEU E 447 11.84 52.60 -5.67
C LEU E 447 10.60 51.85 -5.18
N VAL E 448 10.51 51.61 -3.87
CA VAL E 448 9.46 50.79 -3.28
C VAL E 448 8.72 51.60 -2.22
N MET E 449 7.41 51.81 -2.43
CA MET E 449 6.61 52.76 -1.66
C MET E 449 5.33 52.14 -1.07
N THR E 450 4.97 52.59 0.15
CA THR E 450 3.86 52.03 0.91
C THR E 450 2.96 53.13 1.47
N PRO E 451 2.02 53.64 0.66
CA PRO E 451 1.15 54.72 1.16
C PRO E 451 0.22 54.24 2.27
N SER E 452 -0.05 55.15 3.20
CA SER E 452 -0.83 54.85 4.39
C SER E 452 -2.27 55.31 4.31
N ASP E 453 -2.65 56.09 3.30
CA ASP E 453 -4.03 56.51 3.14
C ASP E 453 -4.25 57.02 1.72
N GLU E 454 -5.43 57.60 1.47
CA GLU E 454 -5.79 57.96 0.10
C GLU E 454 -4.92 59.10 -0.42
N ASP E 455 -4.70 60.11 0.42
CA ASP E 455 -3.86 61.22 0.05
C ASP E 455 -2.45 60.75 -0.26
N GLU E 456 -1.91 59.85 0.59
CA GLU E 456 -0.55 59.36 0.40
C GLU E 456 -0.45 58.54 -0.88
N LEU E 457 -1.50 57.80 -1.21
CA LEU E 457 -1.48 57.02 -2.43
C LEU E 457 -1.33 57.93 -3.65
N ARG E 458 -2.15 58.97 -3.72
CA ARG E 458 -2.04 59.91 -4.83
C ARG E 458 -0.64 60.50 -4.88
N LYS E 459 -0.09 60.91 -3.71
CA LYS E 459 1.21 61.55 -3.68
C LYS E 459 2.32 60.58 -4.05
N LEU E 460 2.28 59.36 -3.53
CA LEU E 460 3.34 58.42 -3.88
C LEU E 460 3.23 57.93 -5.32
N LEU E 461 2.01 57.84 -5.88
CA LEU E 461 1.91 57.58 -7.31
C LEU E 461 2.58 58.69 -8.14
N THR E 462 2.33 59.95 -7.78
CA THR E 462 3.01 61.02 -8.50
C THR E 462 4.52 60.86 -8.33
N THR E 463 4.97 60.56 -7.11
CA THR E 463 6.41 60.50 -6.87
C THR E 463 7.08 59.43 -7.73
N GLY E 464 6.50 58.22 -7.74
CA GLY E 464 7.09 57.13 -8.51
C GLY E 464 7.00 57.37 -10.01
N TYR E 465 5.87 57.94 -10.45
CA TYR E 465 5.70 58.30 -11.84
C TYR E 465 6.83 59.23 -12.30
N LEU E 466 7.02 60.34 -11.56
CA LEU E 466 7.98 61.35 -11.99
C LEU E 466 9.43 60.90 -11.82
N PHE E 467 9.67 60.01 -10.85
CA PHE E 467 11.02 59.46 -10.62
C PHE E 467 11.54 58.84 -11.91
N ASP E 468 12.82 59.10 -12.21
CA ASP E 468 13.41 58.66 -13.47
C ASP E 468 13.99 57.26 -13.26
N GLY E 469 13.09 56.28 -13.33
CA GLY E 469 13.45 54.91 -13.08
C GLY E 469 12.28 54.12 -12.57
N PRO E 470 12.53 52.85 -12.23
CA PRO E 470 11.43 51.94 -11.88
C PRO E 470 10.95 52.17 -10.48
N ALA E 471 9.64 52.17 -10.33
CA ALA E 471 9.04 52.46 -9.03
C ALA E 471 7.82 51.58 -8.81
N ALA E 472 7.62 51.22 -7.55
CA ALA E 472 6.48 50.40 -7.13
C ALA E 472 5.71 51.12 -6.03
N VAL E 473 4.40 51.22 -6.20
CA VAL E 473 3.50 51.74 -5.17
C VAL E 473 2.42 50.70 -4.89
N ARG E 474 2.36 50.23 -3.65
CA ARG E 474 1.54 49.10 -3.24
C ARG E 474 0.42 49.61 -2.34
N TYR E 475 -0.78 49.07 -2.54
CA TYR E 475 -1.93 49.45 -1.72
C TYR E 475 -2.92 48.29 -1.67
N PRO E 476 -3.79 48.27 -0.64
CA PRO E 476 -4.72 47.14 -0.48
C PRO E 476 -6.04 47.29 -1.23
N ARG E 477 -6.70 46.15 -1.40
CA ARG E 477 -8.11 46.15 -1.78
C ARG E 477 -8.93 46.94 -0.75
N GLY E 478 -10.09 47.42 -1.18
CA GLY E 478 -11.04 48.06 -0.28
C GLY E 478 -10.82 49.56 -0.21
N SER E 479 -11.36 50.19 0.84
CA SER E 479 -11.26 51.63 1.06
C SER E 479 -10.39 51.91 2.29
N GLY E 480 -10.18 53.19 2.57
CA GLY E 480 -9.19 53.62 3.54
C GLY E 480 -9.80 54.35 4.73
N PRO E 481 -8.98 55.12 5.47
CA PRO E 481 -9.53 55.92 6.59
C PRO E 481 -10.38 57.08 6.14
N ASN E 482 -10.42 57.33 4.83
CA ASN E 482 -11.19 58.44 4.25
C ASN E 482 -10.72 59.81 4.73
N HIS E 483 -9.41 60.04 4.67
CA HIS E 483 -8.87 61.37 4.92
C HIS E 483 -8.97 62.22 3.66
N PRO E 484 -8.82 63.55 3.79
CA PRO E 484 -8.85 64.43 2.62
C PRO E 484 -7.73 64.14 1.64
N ILE E 485 -8.02 64.33 0.36
CA ILE E 485 -7.10 64.12 -0.73
C ILE E 485 -6.78 65.48 -1.37
N ASP E 486 -5.52 65.87 -1.32
CA ASP E 486 -5.03 67.00 -2.09
C ASP E 486 -5.28 66.81 -3.60
N PRO E 487 -6.07 67.67 -4.23
CA PRO E 487 -6.27 67.55 -5.69
C PRO E 487 -5.04 67.83 -6.56
N ASP E 488 -3.99 68.46 -6.01
CA ASP E 488 -2.85 68.71 -6.86
C ASP E 488 -2.08 67.42 -7.18
N LEU E 489 -1.10 67.57 -8.10
CA LEU E 489 -0.20 66.51 -8.56
C LEU E 489 1.26 66.93 -8.35
N GLN E 490 1.70 66.85 -7.11
CA GLN E 490 3.10 67.06 -6.78
C GLN E 490 3.67 65.82 -6.10
N PRO E 491 4.95 65.56 -6.30
CA PRO E 491 5.63 64.48 -5.59
C PRO E 491 6.06 64.91 -4.19
N VAL E 492 6.58 63.94 -3.45
CA VAL E 492 7.18 64.19 -2.13
C VAL E 492 8.65 63.78 -2.21
N GLU E 493 9.42 64.25 -1.23
CA GLU E 493 10.84 63.95 -1.21
C GLU E 493 11.08 62.45 -1.10
N ILE E 494 11.90 61.93 -2.00
CA ILE E 494 12.16 60.50 -2.06
C ILE E 494 13.05 60.08 -0.90
N GLY E 495 12.66 59.00 -0.23
CA GLY E 495 13.44 58.45 0.84
C GLY E 495 13.25 59.11 2.18
N LYS E 496 12.15 59.85 2.39
CA LYS E 496 11.94 60.54 3.66
C LYS E 496 10.58 60.16 4.23
N GLY E 497 10.60 59.73 5.51
CA GLY E 497 9.38 59.46 6.23
C GLY E 497 8.78 60.73 6.80
N VAL E 498 7.55 60.59 7.30
CA VAL E 498 6.83 61.67 7.98
C VAL E 498 6.56 61.24 9.43
N VAL E 499 7.02 62.03 10.39
CA VAL E 499 6.66 61.80 11.79
C VAL E 499 5.22 62.24 11.99
N ARG E 500 4.36 61.29 12.30
CA ARG E 500 2.95 61.57 12.54
C ARG E 500 2.60 61.81 14.01
N ARG E 501 3.49 61.45 14.95
CA ARG E 501 3.28 61.66 16.37
C ARG E 501 4.63 61.61 17.10
N ARG E 502 4.94 62.66 17.85
CA ARG E 502 6.16 62.69 18.64
C ARG E 502 5.85 62.09 20.01
N GLY E 503 6.58 61.06 20.38
CA GLY E 503 6.39 60.47 21.68
C GLY E 503 7.72 60.16 22.30
N GLY E 504 7.78 59.10 23.09
CA GLY E 504 9.04 58.71 23.66
C GLY E 504 9.02 57.22 23.86
N ARG E 505 10.21 56.68 24.10
CA ARG E 505 10.40 55.29 24.51
C ARG E 505 10.17 54.25 23.42
N VAL E 506 9.00 54.24 22.77
CA VAL E 506 8.72 53.28 21.70
C VAL E 506 8.44 54.05 20.42
N ALA E 507 9.03 53.57 19.31
CA ALA E 507 8.83 54.16 17.98
C ALA E 507 8.17 53.13 17.08
N LEU E 508 6.98 53.45 16.57
CA LEU E 508 6.29 52.59 15.59
C LEU E 508 6.63 53.10 14.17
N LEU E 509 7.37 52.29 13.44
CA LEU E 509 7.77 52.59 12.06
C LEU E 509 6.79 51.86 11.14
N VAL E 510 5.89 52.60 10.54
CA VAL E 510 4.75 52.02 9.84
C VAL E 510 4.98 52.20 8.35
N PHE E 511 4.96 51.10 7.63
CA PHE E 511 4.97 51.07 6.17
C PHE E 511 3.58 50.66 5.71
N GLY E 512 2.72 51.65 5.49
CA GLY E 512 1.44 51.38 4.89
C GLY E 512 0.23 51.63 5.76
N VAL E 513 -0.84 50.89 5.46
CA VAL E 513 -2.17 51.31 5.91
C VAL E 513 -2.48 50.92 7.34
N GLN E 514 -1.56 50.33 8.10
CA GLN E 514 -1.77 50.09 9.52
C GLN E 514 -1.48 51.33 10.36
N LEU E 515 -1.22 52.45 9.71
CA LEU E 515 -0.87 53.65 10.45
C LEU E 515 -1.97 54.05 11.43
N ALA E 516 -3.23 53.98 10.99
CA ALA E 516 -4.31 54.41 11.86
C ALA E 516 -4.47 53.50 13.08
N GLU E 517 -4.20 52.20 12.93
CA GLU E 517 -4.21 51.33 14.12
C GLU E 517 -3.02 51.63 15.02
N ALA E 518 -1.86 51.92 14.43
CA ALA E 518 -0.71 52.27 15.24
C ALA E 518 -0.92 53.57 16.02
N MET E 519 -1.67 54.52 15.45
CA MET E 519 -1.96 55.78 16.14
C MET E 519 -2.81 55.53 17.39
N LYS E 520 -3.79 54.62 17.30
CA LYS E 520 -4.54 54.22 18.48
C LYS E 520 -3.62 53.67 19.56
N VAL E 521 -2.71 52.79 19.17
CA VAL E 521 -1.84 52.15 20.15
C VAL E 521 -0.89 53.17 20.73
N ALA E 522 -0.41 54.11 19.91
CA ALA E 522 0.55 55.08 20.39
C ALA E 522 -0.06 55.94 21.49
N GLU E 523 -1.38 56.16 21.44
CA GLU E 523 -2.04 57.00 22.43
C GLU E 523 -1.85 56.43 23.82
N SER E 524 -2.08 55.12 23.98
CA SER E 524 -1.90 54.49 25.27
C SER E 524 -0.45 54.53 25.75
N LEU E 525 0.51 54.39 24.83
CA LEU E 525 1.91 54.28 25.22
C LEU E 525 2.67 55.60 25.12
N ASP E 526 2.07 56.63 24.54
CA ASP E 526 2.80 57.86 24.21
C ASP E 526 3.97 57.53 23.29
N ALA E 527 3.69 56.73 22.28
CA ALA E 527 4.71 56.34 21.32
C ALA E 527 4.91 57.36 20.22
N THR E 528 6.13 57.38 19.71
CA THR E 528 6.40 57.97 18.41
C THR E 528 5.83 57.09 17.30
N VAL E 529 5.24 57.72 16.30
CA VAL E 529 4.75 57.04 15.12
C VAL E 529 5.31 57.72 13.87
N VAL E 530 5.97 56.95 13.01
CA VAL E 530 6.45 57.44 11.72
C VAL E 530 5.68 56.76 10.58
N ASP E 531 5.27 57.58 9.63
CA ASP E 531 4.70 57.12 8.36
C ASP E 531 5.88 57.06 7.40
N MET E 532 6.40 55.84 7.19
CA MET E 532 7.72 55.67 6.59
C MET E 532 7.74 56.07 5.12
N ARG E 533 6.63 55.83 4.39
CA ARG E 533 6.49 56.09 2.97
C ARG E 533 7.35 55.21 2.06
N PHE E 534 8.61 55.06 2.37
CA PHE E 534 9.57 54.43 1.49
C PHE E 534 10.17 53.22 2.19
N VAL E 535 10.04 52.04 1.56
CA VAL E 535 10.86 50.89 1.94
C VAL E 535 12.27 51.03 1.39
N LYS E 536 12.38 51.51 0.15
CA LYS E 536 13.64 51.66 -0.58
C LYS E 536 13.53 52.86 -1.51
N PRO E 537 14.42 53.88 -1.38
CA PRO E 537 15.46 53.96 -0.35
C PRO E 537 14.86 54.23 1.02
N LEU E 538 15.47 53.70 2.08
CA LEU E 538 14.97 53.91 3.44
C LEU E 538 15.36 55.30 3.96
N ASP E 539 14.53 55.84 4.86
CA ASP E 539 14.90 57.10 5.52
C ASP E 539 15.89 56.75 6.62
N GLU E 540 17.15 56.56 6.23
CA GLU E 540 18.17 56.09 7.16
C GLU E 540 18.43 57.14 8.24
N ALA E 541 18.44 58.42 7.87
CA ALA E 541 18.72 59.47 8.87
C ALA E 541 17.66 59.46 9.98
N LEU E 542 16.40 59.25 9.62
CA LEU E 542 15.36 59.20 10.65
C LEU E 542 15.49 57.96 11.52
N VAL E 543 15.72 56.81 10.90
CA VAL E 543 15.89 55.57 11.67
C VAL E 543 17.07 55.69 12.61
N ARG E 544 18.16 56.29 12.14
CA ARG E 544 19.32 56.51 12.98
C ARG E 544 18.96 57.36 14.20
N GLU E 545 18.23 58.46 13.98
CA GLU E 545 17.85 59.29 15.11
C GLU E 545 16.97 58.50 16.07
N LEU E 546 15.90 57.89 15.57
CA LEU E 546 14.98 57.19 16.44
C LEU E 546 15.71 56.10 17.23
N ALA E 547 16.67 55.43 16.59
CA ALA E 547 17.35 54.32 17.25
C ALA E 547 18.18 54.76 18.45
N GLY E 548 18.61 56.01 18.46
CA GLY E 548 19.37 56.53 19.58
C GLY E 548 18.53 57.18 20.66
N SER E 549 17.31 57.59 20.33
CA SER E 549 16.45 58.30 21.26
C SER E 549 15.32 57.45 21.82
N HIS E 550 15.16 56.21 21.35
CA HIS E 550 14.09 55.33 21.81
C HIS E 550 14.71 54.03 22.30
N GLU E 551 13.94 53.31 23.11
CA GLU E 551 14.38 52.03 23.66
C GLU E 551 13.84 50.84 22.87
N LEU E 552 12.95 51.08 21.92
CA LEU E 552 12.35 49.99 21.14
C LEU E 552 11.84 50.59 19.84
N LEU E 553 12.26 49.97 18.71
CA LEU E 553 11.70 50.22 17.39
C LEU E 553 10.77 49.08 17.02
N VAL E 554 9.61 49.43 16.46
CA VAL E 554 8.56 48.48 16.13
C VAL E 554 8.18 48.75 14.68
N THR E 555 8.39 47.76 13.81
CA THR E 555 8.08 47.91 12.40
C THR E 555 6.75 47.22 12.12
N ILE E 556 5.97 47.80 11.23
CA ILE E 556 4.63 47.31 10.96
C ILE E 556 4.40 47.39 9.46
N GLU E 557 4.05 46.25 8.86
CA GLU E 557 3.82 46.15 7.42
C GLU E 557 2.83 45.04 7.09
N GLU E 558 2.05 45.24 6.04
CA GLU E 558 1.12 44.20 5.60
C GLU E 558 1.74 43.37 4.47
N ASN E 559 2.83 42.74 4.86
CA ASN E 559 3.69 41.94 4.02
C ASN E 559 4.38 40.95 4.92
N ALA E 560 4.85 39.85 4.34
CA ALA E 560 5.63 38.88 5.09
C ALA E 560 6.72 39.59 5.89
N VAL E 561 6.85 39.21 7.16
CA VAL E 561 7.97 39.65 7.97
C VAL E 561 9.29 39.22 7.35
N MET E 562 9.37 37.98 6.87
CA MET E 562 10.58 37.48 6.23
C MET E 562 10.89 38.28 4.96
N GLY E 563 12.06 38.88 4.94
CA GLY E 563 12.46 39.69 3.82
C GLY E 563 11.76 41.02 3.65
N GLY E 564 10.94 41.45 4.61
CA GLY E 564 10.03 42.56 4.42
C GLY E 564 10.61 43.92 4.78
N ALA E 565 9.72 44.90 4.97
CA ALA E 565 10.17 46.26 5.24
C ALA E 565 10.88 46.36 6.59
N GLY E 566 10.39 45.65 7.60
CA GLY E 566 11.07 45.62 8.89
C GLY E 566 12.47 45.08 8.82
N SER E 567 12.71 44.11 7.93
CA SER E 567 14.06 43.58 7.77
C SER E 567 14.98 44.55 7.02
N ALA E 568 14.44 45.47 6.23
CA ALA E 568 15.31 46.53 5.73
C ALA E 568 15.80 47.40 6.87
N VAL E 569 14.91 47.73 7.81
CA VAL E 569 15.33 48.44 9.02
C VAL E 569 16.37 47.59 9.78
N GLY E 570 16.05 46.32 10.01
CA GLY E 570 17.01 45.43 10.66
C GLY E 570 18.36 45.42 9.98
N GLU E 571 18.35 45.34 8.64
CA GLU E 571 19.62 45.37 7.90
C GLU E 571 20.36 46.69 8.13
N PHE E 572 19.63 47.82 8.11
CA PHE E 572 20.28 49.10 8.36
C PHE E 572 20.87 49.18 9.77
N LEU E 573 20.10 48.79 10.78
CA LEU E 573 20.62 48.88 12.14
C LEU E 573 21.91 48.06 12.27
N ALA E 574 21.94 46.87 11.66
CA ALA E 574 23.11 46.01 11.77
C ALA E 574 24.33 46.66 11.13
N SER E 575 24.16 47.20 9.92
CA SER E 575 25.33 47.72 9.20
C SER E 575 26.02 48.83 9.98
N GLU E 576 25.28 49.58 10.78
CA GLU E 576 25.86 50.67 11.55
C GLU E 576 26.04 50.33 13.01
N GLY E 577 25.88 49.06 13.39
CA GLY E 577 26.09 48.64 14.76
C GLY E 577 25.17 49.31 15.75
N LEU E 578 23.97 49.69 15.34
CA LEU E 578 23.00 50.29 16.24
C LEU E 578 22.28 49.17 16.98
N GLU E 579 22.33 49.22 18.30
CA GLU E 579 22.01 48.08 19.15
C GLU E 579 20.56 48.06 19.63
N VAL E 580 19.71 48.94 19.10
CA VAL E 580 18.36 49.14 19.66
C VAL E 580 17.50 47.90 19.45
N PRO E 581 16.68 47.53 20.43
CA PRO E 581 15.72 46.44 20.21
C PRO E 581 14.73 46.70 19.08
N LEU E 582 14.44 45.65 18.33
CA LEU E 582 13.56 45.73 17.17
C LEU E 582 12.52 44.64 17.23
N LEU E 583 11.27 45.04 17.05
CA LEU E 583 10.12 44.15 16.98
C LEU E 583 9.49 44.33 15.61
N GLN E 584 9.44 43.25 14.82
CA GLN E 584 8.87 43.27 13.47
C GLN E 584 7.49 42.66 13.48
N LEU E 585 6.47 43.47 13.18
CA LEU E 585 5.13 42.95 12.99
C LEU E 585 4.74 42.97 11.52
N GLY E 586 3.94 41.97 11.15
CA GLY E 586 3.59 41.73 9.75
C GLY E 586 2.96 40.38 9.53
N LEU E 587 3.09 39.89 8.33
CA LEU E 587 2.36 38.66 8.02
C LEU E 587 3.21 37.44 8.40
N PRO E 588 2.64 36.41 9.01
CA PRO E 588 3.44 35.27 9.47
C PRO E 588 3.79 34.36 8.30
N ASP E 589 4.71 33.40 8.56
CA ASP E 589 5.19 32.44 7.57
C ASP E 589 4.26 31.25 7.37
N TYR E 590 2.99 31.51 7.07
CA TYR E 590 2.07 30.47 6.63
C TYR E 590 0.99 31.14 5.80
N TYR E 591 0.18 30.34 5.12
CA TYR E 591 -0.89 30.82 4.26
C TYR E 591 -2.17 31.04 5.07
N VAL E 592 -2.62 32.30 5.13
CA VAL E 592 -3.73 32.68 6.00
C VAL E 592 -5.03 32.28 5.32
N GLU E 593 -5.83 31.47 6.02
CA GLU E 593 -7.07 30.98 5.45
C GLU E 593 -8.04 32.11 5.18
N HIS E 594 -8.86 31.90 4.14
CA HIS E 594 -9.88 32.86 3.74
C HIS E 594 -10.81 33.18 4.90
N ALA E 595 -11.09 34.47 5.04
CA ALA E 595 -12.08 35.02 5.97
C ALA E 595 -12.32 36.46 5.55
N LYS E 596 -13.12 37.15 6.35
CA LYS E 596 -13.21 38.61 6.24
C LYS E 596 -11.83 39.22 6.43
N PRO E 597 -11.50 40.29 5.71
CA PRO E 597 -10.21 40.94 5.94
C PRO E 597 -9.96 41.28 7.39
N SER E 598 -10.94 41.88 8.07
CA SER E 598 -10.74 42.21 9.48
C SER E 598 -10.41 40.97 10.28
N GLU E 599 -11.07 39.86 9.98
CA GLU E 599 -10.75 38.60 10.65
C GLU E 599 -9.32 38.17 10.38
N MET E 600 -8.84 38.36 9.14
CA MET E 600 -7.49 37.90 8.79
C MET E 600 -6.43 38.79 9.42
N LEU E 601 -6.71 40.09 9.49
CA LEU E 601 -5.78 41.01 10.13
C LEU E 601 -5.64 40.70 11.61
N ALA E 602 -6.77 40.53 12.31
CA ALA E 602 -6.75 40.08 13.71
C ALA E 602 -5.91 38.82 13.88
N GLU E 603 -6.15 37.82 13.03
CA GLU E 603 -5.34 36.62 13.14
C GLU E 603 -3.86 36.96 13.11
N CYS E 604 -3.45 37.87 12.23
CA CYS E 604 -2.04 38.18 12.05
C CYS E 604 -1.52 39.25 13.02
N GLY E 605 -2.35 39.71 13.96
CA GLY E 605 -1.93 40.71 14.93
C GLY E 605 -1.81 42.14 14.41
N LEU E 606 -2.48 42.47 13.31
CA LEU E 606 -2.27 43.75 12.65
C LEU E 606 -3.41 44.72 12.87
N ASP E 607 -4.33 44.45 13.82
CA ASP E 607 -5.24 45.47 14.34
C ASP E 607 -4.59 46.10 15.57
N ALA E 608 -5.22 47.16 16.08
CA ALA E 608 -4.66 47.83 17.25
C ALA E 608 -4.53 46.87 18.42
N ALA E 609 -5.52 46.01 18.65
CA ALA E 609 -5.43 45.06 19.74
C ALA E 609 -4.19 44.16 19.62
N GLY E 610 -3.96 43.60 18.42
CA GLY E 610 -2.80 42.72 18.26
C GLY E 610 -1.48 43.45 18.40
N ILE E 611 -1.41 44.65 17.85
CA ILE E 611 -0.16 45.42 17.92
C ILE E 611 0.12 45.82 19.36
N GLU E 612 -0.90 46.29 20.09
CA GLU E 612 -0.70 46.66 21.48
C GLU E 612 -0.21 45.45 22.27
N LYS E 613 -0.86 44.31 22.08
CA LYS E 613 -0.42 43.11 22.79
C LYS E 613 1.03 42.78 22.47
N ALA E 614 1.42 42.87 21.19
CA ALA E 614 2.78 42.50 20.83
C ALA E 614 3.78 43.46 21.43
N VAL E 615 3.50 44.78 21.37
CA VAL E 615 4.40 45.76 21.98
C VAL E 615 4.42 45.58 23.51
N ARG E 616 3.24 45.42 24.11
CA ARG E 616 3.19 45.23 25.56
C ARG E 616 3.97 43.98 25.98
N GLN E 617 3.79 42.89 25.25
CA GLN E 617 4.47 41.65 25.61
C GLN E 617 5.97 41.75 25.46
N ARG E 618 6.45 42.60 24.55
CA ARG E 618 7.90 42.77 24.42
C ARG E 618 8.44 43.56 25.59
N LEU E 619 7.73 44.61 25.98
CA LEU E 619 8.24 45.48 27.03
C LEU E 619 8.12 44.84 28.42
N ASP E 620 7.21 43.90 28.63
CA ASP E 620 7.12 43.23 29.94
C ASP E 620 8.14 42.08 30.04
N LEU F 33 -1.03 -17.78 -36.99
CA LEU F 33 -1.14 -16.59 -37.83
C LEU F 33 -1.78 -15.44 -37.03
N HIS F 34 -1.42 -14.20 -37.38
CA HIS F 34 -1.85 -13.02 -36.62
C HIS F 34 -2.43 -11.90 -37.46
N GLU F 35 -2.34 -11.97 -38.79
CA GLU F 35 -2.85 -10.90 -39.60
C GLU F 35 -3.58 -11.47 -40.81
N ILE F 36 -4.58 -10.73 -41.26
CA ILE F 36 -5.34 -11.10 -42.45
C ILE F 36 -4.55 -10.67 -43.67
N PRO F 37 -4.19 -11.59 -44.57
CA PRO F 37 -3.61 -11.16 -45.85
C PRO F 37 -4.48 -10.12 -46.53
N ARG F 38 -3.84 -9.03 -46.98
CA ARG F 38 -4.53 -8.04 -47.80
C ARG F 38 -4.44 -8.33 -49.29
N GLU F 39 -3.44 -9.10 -49.73
CA GLU F 39 -3.31 -9.55 -51.11
C GLU F 39 -3.46 -11.07 -51.13
N ARG F 40 -3.92 -11.60 -52.25
CA ARG F 40 -4.20 -13.03 -52.27
C ARG F 40 -2.90 -13.81 -52.03
N PRO F 41 -2.83 -14.68 -51.03
CA PRO F 41 -1.61 -15.46 -50.83
C PRO F 41 -1.43 -16.37 -52.02
N ALA F 42 -0.16 -16.68 -52.30
CA ALA F 42 0.17 -17.80 -53.18
C ALA F 42 -0.18 -19.11 -52.48
N THR F 43 -1.00 -19.92 -53.16
CA THR F 43 -1.45 -21.21 -52.62
C THR F 43 -1.35 -22.27 -53.70
N PRO F 44 -0.13 -22.60 -54.14
CA PRO F 44 0.02 -23.47 -55.32
C PRO F 44 -0.46 -24.91 -55.12
N LEU F 45 -0.45 -25.42 -53.89
CA LEU F 45 -0.99 -26.76 -53.68
C LEU F 45 -2.51 -26.73 -53.68
N LEU F 46 -3.09 -25.86 -52.85
CA LEU F 46 -4.52 -25.58 -52.86
C LEU F 46 -5.05 -25.42 -54.29
N ASP F 47 -4.33 -24.63 -55.10
CA ASP F 47 -4.71 -24.40 -56.49
C ASP F 47 -4.74 -25.71 -57.31
N ARG F 48 -4.06 -26.77 -56.85
CA ARG F 48 -4.18 -28.08 -57.50
C ARG F 48 -5.31 -28.90 -56.91
N ALA F 49 -5.81 -28.52 -55.74
CA ALA F 49 -6.91 -29.20 -55.06
C ALA F 49 -8.24 -28.49 -55.31
N SER F 50 -8.57 -28.25 -56.57
CA SER F 50 -9.74 -27.43 -56.90
C SER F 50 -11.05 -28.18 -56.72
N SER F 51 -11.00 -29.49 -56.53
CA SER F 51 -12.17 -30.33 -56.40
C SER F 51 -11.77 -31.53 -55.56
N PRO F 52 -12.74 -32.26 -55.01
CA PRO F 52 -12.38 -33.45 -54.21
C PRO F 52 -11.64 -34.53 -55.00
N ALA F 53 -11.93 -34.68 -56.29
CA ALA F 53 -11.24 -35.70 -57.07
C ALA F 53 -9.77 -35.34 -57.27
N GLU F 54 -9.48 -34.04 -57.51
CA GLU F 54 -8.09 -33.62 -57.63
C GLU F 54 -7.38 -33.63 -56.28
N LEU F 55 -8.11 -33.32 -55.19
CA LEU F 55 -7.52 -33.45 -53.86
C LEU F 55 -7.08 -34.87 -53.57
N ARG F 56 -7.91 -35.87 -53.92
CA ARG F 56 -7.66 -37.27 -53.60
C ARG F 56 -6.49 -37.87 -54.38
N ARG F 57 -6.03 -37.19 -55.43
CA ARG F 57 -4.79 -37.62 -56.09
C ARG F 57 -3.56 -37.16 -55.32
N LEU F 58 -3.66 -36.10 -54.53
CA LEU F 58 -2.55 -35.76 -53.64
C LEU F 58 -2.26 -36.93 -52.71
N GLY F 59 -1.06 -36.91 -52.09
CA GLY F 59 -0.69 -37.89 -51.11
C GLY F 59 -0.91 -37.39 -49.70
N GLU F 60 -0.97 -38.32 -48.74
CA GLU F 60 -1.26 -37.90 -47.36
C GLU F 60 -0.22 -36.91 -46.87
N ALA F 61 1.03 -37.08 -47.28
CA ALA F 61 2.11 -36.19 -46.89
C ALA F 61 1.93 -34.76 -47.37
N ASP F 62 1.00 -34.50 -48.29
CA ASP F 62 0.73 -33.15 -48.75
C ASP F 62 -0.32 -32.42 -47.90
N LEU F 63 -1.15 -33.16 -47.15
CA LEU F 63 -2.39 -32.57 -46.66
C LEU F 63 -2.14 -31.47 -45.66
N GLU F 64 -1.04 -31.54 -44.92
CA GLU F 64 -0.79 -30.55 -43.87
C GLU F 64 -0.42 -29.21 -44.47
N THR F 65 0.34 -29.21 -45.58
CA THR F 65 0.64 -27.94 -46.24
C THR F 65 -0.62 -27.39 -46.89
N LEU F 66 -1.46 -28.29 -47.41
CA LEU F 66 -2.73 -27.88 -48.00
C LEU F 66 -3.60 -27.19 -46.97
N ALA F 67 -3.65 -27.74 -45.76
CA ALA F 67 -4.39 -27.11 -44.69
C ALA F 67 -3.89 -25.70 -44.43
N ASP F 68 -2.58 -25.50 -44.48
CA ASP F 68 -2.05 -24.16 -44.22
C ASP F 68 -2.35 -23.24 -45.40
N GLU F 69 -2.30 -23.76 -46.63
CA GLU F 69 -2.65 -22.95 -47.79
C GLU F 69 -4.12 -22.56 -47.77
N LEU F 70 -4.99 -23.52 -47.45
CA LEU F 70 -6.42 -23.25 -47.35
C LEU F 70 -6.70 -22.21 -46.29
N ARG F 71 -6.09 -22.37 -45.11
CA ARG F 71 -6.29 -21.42 -44.02
C ARG F 71 -5.85 -20.02 -44.42
N GLN F 72 -4.74 -19.92 -45.15
CA GLN F 72 -4.29 -18.62 -45.66
C GLN F 72 -5.32 -18.04 -46.61
N TYR F 73 -5.82 -18.88 -47.53
CA TYR F 73 -6.80 -18.40 -48.49
C TYR F 73 -8.08 -17.97 -47.79
N LEU F 74 -8.55 -18.80 -46.84
CA LEU F 74 -9.77 -18.52 -46.11
C LEU F 74 -9.68 -17.19 -45.39
N LEU F 75 -8.57 -16.97 -44.66
CA LEU F 75 -8.37 -15.69 -43.99
C LEU F 75 -8.41 -14.53 -45.00
N TYR F 76 -7.73 -14.70 -46.13
CA TYR F 76 -7.71 -13.65 -47.15
C TYR F 76 -9.11 -13.37 -47.70
N THR F 77 -9.81 -14.40 -48.15
CA THR F 77 -11.06 -14.14 -48.88
C THR F 77 -12.12 -13.59 -47.93
N VAL F 78 -12.22 -14.14 -46.71
CA VAL F 78 -13.22 -13.60 -45.80
C VAL F 78 -12.87 -12.16 -45.43
N GLY F 79 -11.59 -11.82 -45.42
CA GLY F 79 -11.20 -10.43 -45.24
C GLY F 79 -11.66 -9.54 -46.36
N GLN F 80 -11.84 -10.10 -47.57
CA GLN F 80 -12.32 -9.33 -48.71
C GLN F 80 -13.84 -9.16 -48.69
N THR F 81 -14.57 -10.24 -48.37
CA THR F 81 -16.02 -10.23 -48.45
C THR F 81 -16.70 -10.06 -47.11
N GLY F 82 -16.03 -10.40 -46.01
CA GLY F 82 -16.72 -10.59 -44.75
C GLY F 82 -17.47 -11.91 -44.81
N GLY F 83 -18.00 -12.31 -43.65
CA GLY F 83 -18.69 -13.58 -43.53
C GLY F 83 -18.32 -14.29 -42.25
N HIS F 84 -18.84 -15.51 -42.14
CA HIS F 84 -18.49 -16.39 -41.03
C HIS F 84 -17.02 -16.75 -41.11
N PHE F 85 -16.39 -16.94 -39.95
CA PHE F 85 -14.94 -16.90 -39.83
C PHE F 85 -14.38 -18.01 -38.96
N GLY F 86 -14.62 -17.90 -37.65
CA GLY F 86 -13.97 -18.80 -36.71
C GLY F 86 -14.32 -20.27 -36.87
N ALA F 87 -15.60 -20.59 -37.15
CA ALA F 87 -15.96 -22.00 -37.27
C ALA F 87 -15.29 -22.65 -38.49
N GLY F 88 -15.28 -21.95 -39.63
CA GLY F 88 -14.58 -22.46 -40.79
C GLY F 88 -13.15 -22.83 -40.47
N LEU F 89 -12.44 -21.92 -39.79
CA LEU F 89 -11.06 -22.19 -39.39
C LEU F 89 -10.95 -23.45 -38.56
N GLY F 90 -11.99 -23.75 -37.79
CA GLY F 90 -11.96 -24.92 -36.93
C GLY F 90 -12.16 -26.24 -37.64
N VAL F 91 -12.65 -26.25 -38.88
CA VAL F 91 -12.89 -27.52 -39.56
C VAL F 91 -12.05 -27.67 -40.82
N VAL F 92 -11.02 -26.84 -40.98
CA VAL F 92 -10.15 -26.96 -42.16
C VAL F 92 -9.62 -28.38 -42.30
N GLU F 93 -9.00 -28.90 -41.25
CA GLU F 93 -8.48 -30.27 -41.33
C GLU F 93 -9.60 -31.28 -41.51
N LEU F 94 -10.71 -31.10 -40.79
CA LEU F 94 -11.81 -32.06 -40.92
C LEU F 94 -12.39 -32.05 -42.32
N THR F 95 -12.49 -30.89 -42.96
CA THR F 95 -13.05 -30.83 -44.30
C THR F 95 -12.12 -31.49 -45.31
N ILE F 96 -10.80 -31.24 -45.21
CA ILE F 96 -9.83 -31.91 -46.07
C ILE F 96 -9.94 -33.42 -45.91
N ALA F 97 -9.91 -33.91 -44.68
CA ALA F 97 -9.97 -35.34 -44.44
C ALA F 97 -11.25 -35.96 -44.97
N LEU F 98 -12.40 -35.31 -44.77
CA LEU F 98 -13.67 -35.89 -45.22
C LEU F 98 -13.66 -36.10 -46.74
N HIS F 99 -13.30 -35.05 -47.50
CA HIS F 99 -13.24 -35.19 -48.95
C HIS F 99 -12.09 -36.08 -49.42
N TYR F 100 -10.99 -36.15 -48.67
CA TYR F 100 -9.92 -37.07 -49.02
C TYR F 100 -10.39 -38.51 -48.90
N VAL F 101 -11.11 -38.82 -47.83
CA VAL F 101 -11.39 -40.21 -47.53
C VAL F 101 -12.63 -40.72 -48.25
N PHE F 102 -13.68 -39.90 -48.35
CA PHE F 102 -14.97 -40.26 -48.91
C PHE F 102 -15.04 -39.91 -50.39
N ASP F 103 -15.96 -40.59 -51.08
CA ASP F 103 -16.10 -40.46 -52.54
C ASP F 103 -17.15 -39.41 -52.88
N THR F 104 -16.83 -38.20 -52.54
CA THR F 104 -17.75 -37.11 -52.81
C THR F 104 -17.65 -36.73 -54.29
N PRO F 105 -18.75 -36.38 -54.94
CA PRO F 105 -20.08 -36.14 -54.36
C PRO F 105 -21.03 -37.33 -54.32
N ASP F 106 -20.59 -38.51 -54.79
CA ASP F 106 -21.45 -39.70 -54.70
C ASP F 106 -21.74 -40.07 -53.25
N ASP F 107 -20.72 -40.02 -52.40
CA ASP F 107 -20.94 -40.08 -50.95
C ASP F 107 -21.53 -38.75 -50.48
N ARG F 108 -22.51 -38.85 -49.60
CA ARG F 108 -23.37 -37.73 -49.23
C ARG F 108 -22.85 -37.08 -47.95
N LEU F 109 -22.43 -35.86 -48.05
CA LEU F 109 -21.88 -35.10 -46.94
C LEU F 109 -22.85 -33.97 -46.62
N VAL F 110 -23.33 -33.93 -45.37
CA VAL F 110 -24.34 -32.96 -44.96
C VAL F 110 -23.75 -32.11 -43.84
N TRP F 111 -23.59 -30.81 -44.09
CA TRP F 111 -23.05 -29.90 -43.10
C TRP F 111 -24.21 -29.29 -42.31
N ASP F 112 -24.16 -29.40 -40.98
CA ASP F 112 -25.19 -28.80 -40.11
C ASP F 112 -24.93 -27.31 -39.97
N VAL F 113 -26.00 -26.52 -40.12
CA VAL F 113 -25.98 -25.05 -40.12
C VAL F 113 -25.34 -24.51 -41.39
N GLY F 114 -24.07 -24.84 -41.63
CA GLY F 114 -23.39 -24.47 -42.85
C GLY F 114 -22.52 -23.24 -42.77
N HIS F 115 -22.47 -22.58 -41.62
CA HIS F 115 -21.60 -21.44 -41.44
C HIS F 115 -20.13 -21.82 -41.40
N GLN F 116 -19.84 -23.11 -41.26
CA GLN F 116 -18.48 -23.60 -41.18
C GLN F 116 -18.00 -24.23 -42.48
N ALA F 117 -18.74 -24.06 -43.58
CA ALA F 117 -18.48 -24.81 -44.80
C ALA F 117 -17.73 -24.00 -45.85
N TYR F 118 -17.07 -22.92 -45.46
CA TYR F 118 -16.24 -22.22 -46.43
C TYR F 118 -15.11 -23.12 -46.93
N PRO F 119 -14.38 -23.82 -46.06
CA PRO F 119 -13.40 -24.83 -46.55
C PRO F 119 -13.99 -25.79 -47.57
N HIS F 120 -15.17 -26.31 -47.25
CA HIS F 120 -15.88 -27.21 -48.18
C HIS F 120 -16.10 -26.53 -49.51
N LYS F 121 -16.54 -25.27 -49.51
CA LYS F 121 -16.78 -24.59 -50.78
C LYS F 121 -15.47 -24.37 -51.52
N ILE F 122 -14.42 -23.98 -50.80
CA ILE F 122 -13.12 -23.78 -51.42
C ILE F 122 -12.64 -25.06 -52.09
N LEU F 123 -12.98 -26.22 -51.55
CA LEU F 123 -12.50 -27.47 -52.10
C LEU F 123 -13.48 -28.12 -53.07
N THR F 124 -14.66 -27.51 -53.29
CA THR F 124 -15.63 -28.09 -54.20
C THR F 124 -15.95 -27.14 -55.34
N GLU F 125 -14.90 -26.70 -56.04
CA GLU F 125 -14.97 -25.99 -57.31
C GLU F 125 -15.44 -24.53 -57.17
N ARG F 126 -15.34 -23.93 -55.98
CA ARG F 126 -15.81 -22.56 -55.80
C ARG F 126 -14.75 -21.62 -55.24
N ARG F 127 -13.48 -22.05 -55.19
CA ARG F 127 -12.45 -21.22 -54.54
C ARG F 127 -12.37 -19.84 -55.19
N GLU F 128 -12.30 -19.80 -56.53
CA GLU F 128 -12.14 -18.52 -57.24
C GLU F 128 -13.47 -17.78 -57.40
N LEU F 129 -14.56 -18.32 -56.84
CA LEU F 129 -15.84 -17.63 -56.70
C LEU F 129 -16.09 -17.18 -55.27
N MET F 130 -15.19 -17.51 -54.34
CA MET F 130 -15.28 -16.99 -52.98
C MET F 130 -15.26 -15.46 -52.94
N GLY F 131 -14.69 -14.82 -53.97
CA GLY F 131 -14.71 -13.36 -54.04
C GLY F 131 -16.10 -12.76 -54.15
N THR F 132 -17.08 -13.53 -54.61
CA THR F 132 -18.47 -13.10 -54.71
C THR F 132 -19.31 -13.55 -53.51
N LEU F 133 -18.72 -14.23 -52.53
CA LEU F 133 -19.50 -14.75 -51.41
C LEU F 133 -20.34 -13.67 -50.75
N ARG F 134 -21.62 -13.99 -50.53
CA ARG F 134 -22.54 -13.15 -49.76
C ARG F 134 -22.79 -11.80 -50.43
N GLN F 135 -22.43 -11.71 -51.70
CA GLN F 135 -22.78 -10.56 -52.51
C GLN F 135 -23.94 -10.95 -53.41
N LYS F 136 -24.71 -9.94 -53.84
CA LYS F 136 -25.76 -10.15 -54.82
C LYS F 136 -25.20 -10.93 -56.00
N ASN F 137 -25.89 -12.02 -56.32
CA ASN F 137 -25.60 -12.94 -57.42
C ASN F 137 -24.38 -13.81 -57.23
N GLY F 138 -23.70 -13.73 -56.07
CA GLY F 138 -22.56 -14.59 -55.78
C GLY F 138 -22.93 -15.77 -54.90
N LEU F 139 -21.91 -16.40 -54.34
CA LEU F 139 -22.13 -17.62 -53.56
C LEU F 139 -22.98 -17.34 -52.33
N ALA F 140 -23.75 -18.34 -51.91
CA ALA F 140 -24.67 -18.17 -50.78
C ALA F 140 -23.91 -18.22 -49.46
N ALA F 141 -24.61 -17.86 -48.39
CA ALA F 141 -24.01 -17.88 -47.05
C ALA F 141 -23.70 -19.29 -46.59
N PHE F 142 -24.45 -20.26 -47.07
CA PHE F 142 -24.43 -21.62 -46.57
C PHE F 142 -24.45 -22.56 -47.76
N PRO F 143 -24.13 -23.84 -47.55
CA PRO F 143 -24.35 -24.83 -48.61
C PRO F 143 -25.78 -24.76 -49.13
N ARG F 144 -25.94 -25.04 -50.43
CA ARG F 144 -27.22 -24.84 -51.09
C ARG F 144 -27.27 -25.76 -52.30
N ARG F 145 -28.28 -26.63 -52.35
CA ARG F 145 -28.34 -27.64 -53.39
C ARG F 145 -28.26 -27.00 -54.77
N ALA F 146 -28.94 -25.88 -54.96
CA ALA F 146 -28.96 -25.22 -56.27
C ALA F 146 -27.59 -24.69 -56.67
N GLU F 147 -26.66 -24.59 -55.73
CA GLU F 147 -25.38 -23.94 -56.02
C GLU F 147 -24.33 -24.92 -56.56
N SER F 148 -24.41 -26.19 -56.20
CA SER F 148 -23.30 -27.10 -56.45
C SER F 148 -23.75 -28.50 -56.11
N GLU F 149 -23.32 -29.48 -56.93
CA GLU F 149 -23.66 -30.87 -56.67
C GLU F 149 -23.04 -31.39 -55.39
N TYR F 150 -22.00 -30.71 -54.90
CA TYR F 150 -21.31 -31.09 -53.67
C TYR F 150 -22.06 -30.68 -52.42
N ASP F 151 -23.09 -29.86 -52.55
CA ASP F 151 -23.96 -29.48 -51.44
C ASP F 151 -25.20 -30.38 -51.48
N THR F 152 -25.34 -31.24 -50.48
CA THR F 152 -26.45 -32.18 -50.49
C THR F 152 -27.74 -31.61 -49.90
N PHE F 153 -27.65 -30.55 -49.10
CA PHE F 153 -28.83 -30.09 -48.37
C PHE F 153 -28.63 -28.64 -48.01
N GLY F 154 -29.57 -27.79 -48.41
CA GLY F 154 -29.61 -26.41 -47.99
C GLY F 154 -29.83 -26.35 -46.51
N VAL F 155 -28.88 -25.72 -45.80
CA VAL F 155 -28.93 -25.56 -44.35
C VAL F 155 -28.90 -24.07 -44.02
N GLY F 156 -29.00 -23.75 -42.74
CA GLY F 156 -29.10 -22.38 -42.28
C GLY F 156 -29.55 -22.42 -40.84
N HIS F 157 -30.80 -22.86 -40.62
CA HIS F 157 -31.23 -23.34 -39.32
C HIS F 157 -30.39 -24.56 -38.95
N SER F 158 -30.33 -24.86 -37.66
CA SER F 158 -29.41 -25.87 -37.18
C SER F 158 -30.14 -27.18 -36.88
N SER F 159 -29.33 -28.21 -36.68
CA SER F 159 -29.78 -29.52 -36.22
C SER F 159 -30.59 -30.32 -37.23
N THR F 160 -30.59 -29.92 -38.50
CA THR F 160 -31.29 -30.67 -39.53
C THR F 160 -30.42 -31.75 -40.19
N SER F 161 -29.11 -31.71 -39.98
CA SER F 161 -28.23 -32.55 -40.78
C SER F 161 -28.50 -34.05 -40.57
N ILE F 162 -28.71 -34.47 -39.31
CA ILE F 162 -28.86 -35.90 -39.03
C ILE F 162 -30.13 -36.44 -39.67
N SER F 163 -31.24 -35.70 -39.56
CA SER F 163 -32.48 -36.15 -40.17
C SER F 163 -32.30 -36.26 -41.67
N ALA F 164 -31.62 -35.30 -42.25
CA ALA F 164 -31.50 -35.26 -43.70
C ALA F 164 -30.56 -36.34 -44.19
N ALA F 165 -29.41 -36.51 -43.52
CA ALA F 165 -28.52 -37.62 -43.85
C ALA F 165 -29.24 -38.96 -43.70
N LEU F 166 -30.04 -39.11 -42.64
CA LEU F 166 -30.74 -40.37 -42.45
C LEU F 166 -31.70 -40.63 -43.60
N GLY F 167 -32.45 -39.61 -44.01
CA GLY F 167 -33.36 -39.79 -45.12
C GLY F 167 -32.64 -40.24 -46.38
N MET F 168 -31.47 -39.67 -46.62
CA MET F 168 -30.65 -40.01 -47.78
C MET F 168 -30.15 -41.47 -47.70
N ALA F 169 -29.75 -41.90 -46.51
CA ALA F 169 -29.32 -43.28 -46.31
C ALA F 169 -30.46 -44.27 -46.52
N ILE F 170 -31.64 -43.97 -45.97
CA ILE F 170 -32.77 -44.88 -46.13
C ILE F 170 -33.11 -45.02 -47.61
N ALA F 171 -33.04 -43.91 -48.35
CA ALA F 171 -33.32 -43.95 -49.79
C ALA F 171 -32.22 -44.70 -50.52
N ALA F 172 -30.96 -44.41 -50.22
CA ALA F 172 -29.86 -45.10 -50.89
C ALA F 172 -29.94 -46.61 -50.65
N ARG F 173 -30.27 -47.02 -49.43
CA ARG F 173 -30.36 -48.45 -49.13
C ARG F 173 -31.46 -49.10 -49.95
N LEU F 174 -32.65 -48.50 -49.96
CA LEU F 174 -33.72 -49.07 -50.75
C LEU F 174 -33.34 -49.14 -52.21
N GLN F 175 -32.53 -48.17 -52.68
CA GLN F 175 -32.10 -48.12 -54.06
C GLN F 175 -30.93 -49.07 -54.37
N GLY F 176 -30.35 -49.73 -53.37
CA GLY F 176 -29.22 -50.61 -53.60
C GLY F 176 -27.97 -49.88 -53.98
N LYS F 177 -27.89 -48.59 -53.71
CA LYS F 177 -26.66 -47.85 -53.88
C LYS F 177 -25.81 -48.10 -52.63
N GLU F 178 -24.50 -48.04 -52.78
CA GLU F 178 -23.69 -48.25 -51.59
C GLU F 178 -22.92 -46.97 -51.34
N ARG F 179 -23.63 -45.86 -51.45
CA ARG F 179 -23.05 -44.57 -51.13
C ARG F 179 -23.14 -44.35 -49.63
N LYS F 180 -22.18 -43.61 -49.12
CA LYS F 180 -22.17 -43.26 -47.70
C LYS F 180 -22.96 -41.97 -47.46
N SER F 181 -23.47 -41.85 -46.25
CA SER F 181 -24.11 -40.60 -45.82
C SER F 181 -23.47 -40.15 -44.51
N VAL F 182 -23.04 -38.90 -44.47
CA VAL F 182 -22.33 -38.33 -43.32
C VAL F 182 -22.95 -36.99 -42.95
N ALA F 183 -23.23 -36.81 -41.68
CA ALA F 183 -23.66 -35.54 -41.13
C ALA F 183 -22.59 -35.01 -40.18
N VAL F 184 -22.17 -33.78 -40.41
CA VAL F 184 -21.23 -33.11 -39.53
C VAL F 184 -22.04 -32.11 -38.72
N ILE F 185 -22.06 -32.28 -37.40
CA ILE F 185 -22.94 -31.54 -36.51
C ILE F 185 -22.11 -31.02 -35.34
N GLY F 186 -22.25 -29.70 -35.03
CA GLY F 186 -21.66 -29.14 -33.83
C GLY F 186 -22.37 -29.50 -32.52
N ASP F 187 -21.69 -29.15 -31.41
CA ASP F 187 -22.18 -29.54 -30.08
C ASP F 187 -23.44 -28.77 -29.69
N GLY F 188 -23.51 -27.50 -30.07
CA GLY F 188 -24.73 -26.75 -29.78
C GLY F 188 -25.93 -27.31 -30.53
N ALA F 189 -25.72 -27.71 -31.78
CA ALA F 189 -26.80 -28.25 -32.60
C ALA F 189 -27.39 -29.52 -31.99
N LEU F 190 -26.61 -30.28 -31.24
CA LEU F 190 -27.12 -31.51 -30.64
C LEU F 190 -28.09 -31.26 -29.50
N THR F 191 -28.22 -30.02 -29.03
CA THR F 191 -29.19 -29.75 -27.98
C THR F 191 -30.62 -29.63 -28.50
N ALA F 192 -30.80 -29.60 -29.82
CA ALA F 192 -32.12 -29.51 -30.43
C ALA F 192 -32.88 -30.82 -30.38
N GLY F 193 -34.18 -30.71 -30.13
CA GLY F 193 -35.04 -31.89 -30.11
C GLY F 193 -34.99 -32.72 -31.38
N MET F 194 -34.98 -32.07 -32.55
CA MET F 194 -35.07 -32.85 -33.79
C MET F 194 -33.79 -33.67 -34.01
N ALA F 195 -32.69 -33.29 -33.38
CA ALA F 195 -31.49 -34.10 -33.50
C ALA F 195 -31.63 -35.39 -32.69
N PHE F 196 -32.18 -35.27 -31.49
CA PHE F 196 -32.57 -36.45 -30.70
C PHE F 196 -33.53 -37.36 -31.46
N GLU F 197 -34.57 -36.77 -32.06
CA GLU F 197 -35.53 -37.56 -32.83
C GLU F 197 -34.85 -38.34 -33.95
N ALA F 198 -33.89 -37.71 -34.64
CA ALA F 198 -33.17 -38.37 -35.73
C ALA F 198 -32.24 -39.47 -35.21
N LEU F 199 -31.54 -39.22 -34.09
CA LEU F 199 -30.67 -40.27 -33.54
C LEU F 199 -31.47 -41.51 -33.16
N ASN F 200 -32.66 -41.34 -32.58
CA ASN F 200 -33.47 -42.49 -32.21
C ASN F 200 -33.96 -43.22 -33.46
N HIS F 201 -34.51 -42.49 -34.42
CA HIS F 201 -35.05 -43.15 -35.60
C HIS F 201 -33.96 -43.87 -36.40
N ALA F 202 -32.76 -43.28 -36.52
CA ALA F 202 -31.68 -43.96 -37.25
C ALA F 202 -31.28 -45.26 -36.55
N SER F 203 -31.40 -45.31 -35.23
CA SER F 203 -31.16 -46.55 -34.50
C SER F 203 -32.27 -47.55 -34.78
N GLU F 204 -33.53 -47.10 -34.78
CA GLU F 204 -34.64 -48.00 -35.06
C GLU F 204 -34.49 -48.66 -36.42
N VAL F 205 -34.06 -47.91 -37.44
CA VAL F 205 -33.97 -48.48 -38.78
C VAL F 205 -32.58 -49.04 -39.08
N ASP F 206 -31.69 -49.03 -38.10
CA ASP F 206 -30.34 -49.58 -38.28
C ASP F 206 -29.69 -49.05 -39.55
N ALA F 207 -29.72 -47.74 -39.69
CA ALA F 207 -29.15 -47.08 -40.84
C ALA F 207 -27.64 -47.15 -40.84
N ASP F 208 -27.05 -47.30 -42.03
CA ASP F 208 -25.60 -47.20 -42.24
C ASP F 208 -25.26 -45.75 -42.51
N MET F 209 -24.96 -45.01 -41.45
CA MET F 209 -24.63 -43.60 -41.59
C MET F 209 -23.61 -43.24 -40.52
N LEU F 210 -22.89 -42.16 -40.77
CA LEU F 210 -21.90 -41.64 -39.85
C LEU F 210 -22.30 -40.26 -39.38
N VAL F 211 -22.37 -40.06 -38.06
CA VAL F 211 -22.54 -38.72 -37.51
C VAL F 211 -21.20 -38.31 -36.91
N ILE F 212 -20.72 -37.15 -37.30
CA ILE F 212 -19.49 -36.57 -36.75
C ILE F 212 -19.88 -35.40 -35.88
N LEU F 213 -19.57 -35.51 -34.59
CA LEU F 213 -19.76 -34.40 -33.67
C LEU F 213 -18.49 -33.55 -33.71
N ASN F 214 -18.60 -32.34 -34.28
CA ASN F 214 -17.55 -31.31 -34.20
C ASN F 214 -17.77 -30.57 -32.90
N ASP F 215 -17.06 -31.01 -31.87
CA ASP F 215 -17.18 -30.48 -30.51
C ASP F 215 -16.07 -29.45 -30.30
N ASN F 216 -16.44 -28.18 -30.22
CA ASN F 216 -15.41 -27.15 -30.04
C ASN F 216 -15.64 -26.27 -28.81
N ASP F 217 -16.24 -26.83 -27.76
CA ASP F 217 -16.39 -26.14 -26.45
C ASP F 217 -17.26 -27.02 -25.57
N THR F 243 -21.93 -43.84 -21.65
CA THR F 243 -22.07 -42.95 -22.81
C THR F 243 -23.51 -42.86 -23.32
N LEU F 244 -23.98 -41.62 -23.38
CA LEU F 244 -25.32 -41.33 -23.90
C LEU F 244 -25.53 -41.94 -25.28
N PHE F 245 -24.54 -41.79 -26.18
CA PHE F 245 -24.77 -42.16 -27.57
C PHE F 245 -24.82 -43.67 -27.76
N GLU F 246 -24.06 -44.43 -26.98
CA GLU F 246 -24.20 -45.89 -27.03
C GLU F 246 -25.61 -46.32 -26.63
N GLU F 247 -26.17 -45.69 -25.58
CA GLU F 247 -27.51 -46.06 -25.16
C GLU F 247 -28.54 -45.79 -26.25
N LEU F 248 -28.36 -44.68 -26.99
CA LEU F 248 -29.25 -44.42 -28.12
C LEU F 248 -28.96 -45.36 -29.35
N GLY F 249 -28.11 -46.40 -29.28
CA GLY F 249 -27.93 -47.33 -30.39
C GLY F 249 -26.80 -47.01 -31.34
N TRP F 250 -25.89 -46.12 -30.97
CA TRP F 250 -24.82 -45.66 -31.85
C TRP F 250 -23.49 -46.22 -31.37
N ASN F 251 -22.66 -46.68 -32.31
CA ASN F 251 -21.30 -47.09 -31.99
C ASN F 251 -20.43 -45.83 -31.88
N TYR F 252 -19.85 -45.60 -30.71
CA TYR F 252 -19.19 -44.36 -30.37
C TYR F 252 -17.68 -44.50 -30.42
N ILE F 253 -17.04 -43.62 -31.18
CA ILE F 253 -15.60 -43.63 -31.36
C ILE F 253 -15.08 -42.27 -30.97
N GLY F 254 -14.04 -42.23 -30.16
CA GLY F 254 -13.37 -41.00 -29.81
C GLY F 254 -13.36 -40.73 -28.32
N PRO F 255 -13.11 -39.46 -27.93
CA PRO F 255 -12.83 -38.34 -28.84
C PRO F 255 -11.46 -38.34 -29.50
N ILE F 256 -11.33 -37.67 -30.66
CA ILE F 256 -10.06 -37.58 -31.35
C ILE F 256 -9.79 -36.12 -31.67
N ASP F 257 -8.53 -35.82 -31.96
CA ASP F 257 -8.08 -34.45 -32.22
C ASP F 257 -8.43 -34.09 -33.66
N GLY F 258 -9.35 -33.16 -33.83
CA GLY F 258 -9.81 -32.79 -35.15
C GLY F 258 -8.87 -31.91 -35.92
N HIS F 259 -7.73 -31.53 -35.34
CA HIS F 259 -6.72 -30.81 -36.08
C HIS F 259 -5.53 -31.67 -36.49
N ASP F 260 -5.53 -32.96 -36.13
CA ASP F 260 -4.46 -33.89 -36.53
C ASP F 260 -4.89 -34.69 -37.76
N LEU F 261 -4.35 -34.32 -38.92
CA LEU F 261 -4.80 -34.92 -40.17
C LEU F 261 -4.52 -36.41 -40.28
N PRO F 262 -3.38 -36.94 -39.84
CA PRO F 262 -3.17 -38.40 -39.96
C PRO F 262 -4.15 -39.21 -39.12
N THR F 263 -4.47 -38.77 -37.90
CA THR F 263 -5.48 -39.50 -37.13
C THR F 263 -6.87 -39.33 -37.75
N LEU F 264 -7.18 -38.14 -38.29
CA LEU F 264 -8.48 -37.94 -38.91
C LEU F 264 -8.68 -38.92 -40.07
N VAL F 265 -7.73 -38.94 -41.00
CA VAL F 265 -7.85 -39.78 -42.19
C VAL F 265 -7.96 -41.25 -41.82
N ALA F 266 -7.08 -41.73 -40.93
CA ALA F 266 -7.08 -43.15 -40.57
C ALA F 266 -8.37 -43.56 -39.87
N THR F 267 -8.90 -42.69 -38.99
CA THR F 267 -10.13 -43.02 -38.28
C THR F 267 -11.32 -42.99 -39.23
N LEU F 268 -11.40 -41.99 -40.09
CA LEU F 268 -12.47 -41.95 -41.09
C LEU F 268 -12.39 -43.17 -42.00
N ARG F 269 -11.18 -43.48 -42.50
CA ARG F 269 -11.01 -44.68 -43.33
C ARG F 269 -11.54 -45.92 -42.63
N ASN F 270 -11.25 -46.07 -41.34
CA ASN F 270 -11.74 -47.25 -40.60
C ASN F 270 -13.25 -47.25 -40.44
N MET F 271 -13.83 -46.10 -40.12
CA MET F 271 -15.27 -46.12 -39.87
C MET F 271 -16.09 -46.09 -41.15
N ARG F 272 -15.48 -45.68 -42.27
CA ARG F 272 -16.26 -45.47 -43.49
C ARG F 272 -16.96 -46.75 -43.92
N ASP F 273 -16.36 -47.90 -43.65
CA ASP F 273 -16.94 -49.18 -44.03
C ASP F 273 -17.49 -49.97 -42.84
N MET F 274 -17.51 -49.39 -41.66
CA MET F 274 -18.29 -50.01 -40.59
C MET F 274 -19.77 -49.84 -40.90
N LYS F 275 -20.57 -50.71 -40.31
CA LYS F 275 -21.99 -50.79 -40.66
C LYS F 275 -22.83 -50.33 -39.48
N GLY F 276 -24.02 -49.87 -39.81
CA GLY F 276 -24.90 -49.32 -38.83
C GLY F 276 -24.52 -47.94 -38.37
N PRO F 277 -25.22 -47.46 -37.35
CA PRO F 277 -25.06 -46.05 -36.93
C PRO F 277 -23.71 -45.82 -36.26
N GLN F 278 -22.89 -44.99 -36.88
CA GLN F 278 -21.56 -44.71 -36.39
C GLN F 278 -21.49 -43.26 -35.95
N PHE F 279 -20.85 -43.06 -34.81
CA PHE F 279 -20.77 -41.76 -34.14
C PHE F 279 -19.33 -41.47 -33.79
N LEU F 280 -18.75 -40.45 -34.43
CA LEU F 280 -17.36 -40.04 -34.26
C LEU F 280 -17.31 -38.68 -33.57
N HIS F 281 -16.64 -38.63 -32.43
CA HIS F 281 -16.53 -37.43 -31.60
C HIS F 281 -15.17 -36.81 -31.89
N VAL F 282 -15.18 -35.66 -32.57
CA VAL F 282 -13.97 -34.94 -32.95
C VAL F 282 -13.89 -33.68 -32.11
N VAL F 283 -12.67 -33.24 -31.78
CA VAL F 283 -12.50 -32.03 -30.98
C VAL F 283 -11.68 -31.04 -31.76
N THR F 284 -12.25 -29.86 -31.98
CA THR F 284 -11.60 -28.78 -32.68
C THR F 284 -11.66 -27.51 -31.85
N LYS F 285 -10.85 -26.55 -32.26
CA LYS F 285 -10.74 -25.27 -31.55
C LYS F 285 -11.28 -24.19 -32.47
N LYS F 286 -12.29 -23.45 -32.00
CA LYS F 286 -12.83 -22.33 -32.76
C LYS F 286 -11.73 -21.32 -33.04
N GLY F 287 -11.61 -20.92 -34.31
CA GLY F 287 -10.60 -19.97 -34.72
C GLY F 287 -9.23 -20.55 -34.98
N LYS F 288 -9.11 -21.89 -34.96
CA LYS F 288 -7.81 -22.55 -35.03
C LYS F 288 -6.96 -21.95 -36.12
N GLY F 289 -5.75 -21.52 -35.75
CA GLY F 289 -4.77 -21.02 -36.69
C GLY F 289 -4.72 -19.50 -36.83
N PHE F 290 -5.61 -18.78 -36.17
CA PHE F 290 -5.61 -17.32 -36.22
C PHE F 290 -5.79 -16.81 -34.79
N ALA F 291 -4.68 -16.42 -34.16
CA ALA F 291 -4.69 -16.14 -32.72
C ALA F 291 -5.81 -15.22 -32.28
N PRO F 292 -6.04 -14.06 -32.90
CA PRO F 292 -7.14 -13.21 -32.44
C PRO F 292 -8.45 -14.00 -32.33
N ALA F 293 -8.69 -14.91 -33.27
CA ALA F 293 -9.97 -15.63 -33.27
C ALA F 293 -10.00 -16.68 -32.17
N GLU F 294 -8.90 -17.42 -31.99
CA GLU F 294 -8.82 -18.37 -30.89
C GLU F 294 -9.06 -17.69 -29.54
N LEU F 295 -8.59 -16.45 -29.38
CA LEU F 295 -8.71 -15.75 -28.10
C LEU F 295 -10.10 -15.17 -27.89
N ASP F 296 -10.78 -14.81 -28.98
CA ASP F 296 -12.10 -14.20 -28.91
C ASP F 296 -13.03 -14.82 -29.95
N PRO F 297 -13.51 -16.03 -29.68
CA PRO F 297 -14.35 -16.71 -30.69
C PRO F 297 -15.73 -16.07 -30.84
N ILE F 298 -16.26 -15.42 -29.80
CA ILE F 298 -17.51 -14.68 -29.97
C ILE F 298 -17.32 -13.58 -30.99
N GLY F 299 -16.28 -12.75 -30.78
CA GLY F 299 -16.03 -11.64 -31.70
C GLY F 299 -15.69 -12.07 -33.12
N TYR F 300 -15.03 -13.22 -33.28
CA TYR F 300 -14.61 -13.71 -34.57
C TYR F 300 -15.51 -14.84 -35.09
N HIS F 301 -16.69 -15.00 -34.50
CA HIS F 301 -17.75 -15.78 -35.13
C HIS F 301 -18.04 -15.31 -36.55
N ALA F 302 -18.15 -13.99 -36.73
CA ALA F 302 -18.30 -13.40 -38.06
C ALA F 302 -17.55 -12.08 -38.13
N ILE F 303 -17.02 -11.76 -39.31
CA ILE F 303 -16.35 -10.49 -39.48
C ILE F 303 -16.99 -9.73 -40.64
N THR F 304 -16.81 -8.40 -40.63
CA THR F 304 -17.10 -7.58 -41.80
C THR F 304 -15.84 -7.41 -42.64
N LYS F 305 -16.02 -7.05 -43.90
CA LYS F 305 -14.87 -6.92 -44.78
C LYS F 305 -13.90 -5.88 -44.26
N LEU F 306 -12.60 -6.10 -44.52
CA LEU F 306 -11.58 -5.15 -44.12
C LEU F 306 -11.68 -3.87 -44.95
N GLU F 307 -11.35 -2.74 -44.33
CA GLU F 307 -11.31 -1.44 -45.03
C GLU F 307 -9.91 -1.10 -45.52
N GLY F 317 -25.15 6.09 -36.64
CA GLY F 317 -26.57 5.83 -36.56
C GLY F 317 -27.07 5.55 -35.15
N GLY F 318 -28.36 5.24 -35.03
CA GLY F 318 -28.96 4.95 -33.74
C GLY F 318 -28.60 3.57 -33.24
N PRO F 319 -29.16 3.22 -32.10
CA PRO F 319 -28.95 1.85 -31.57
C PRO F 319 -29.66 0.81 -32.42
N LYS F 320 -29.10 -0.38 -32.46
CA LYS F 320 -29.81 -1.51 -33.07
C LYS F 320 -31.13 -1.75 -32.34
N TYR F 321 -32.15 -2.15 -33.09
CA TYR F 321 -33.41 -2.52 -32.46
C TYR F 321 -33.18 -3.56 -31.36
N SER F 322 -32.35 -4.56 -31.62
CA SER F 322 -32.04 -5.55 -30.58
C SER F 322 -31.53 -4.90 -29.30
N SER F 323 -30.78 -3.83 -29.42
CA SER F 323 -30.26 -3.17 -28.22
C SER F 323 -31.35 -2.35 -27.52
N VAL F 324 -32.27 -1.73 -28.27
CA VAL F 324 -33.44 -1.10 -27.65
C VAL F 324 -34.23 -2.13 -26.83
N PHE F 325 -34.44 -3.31 -27.38
CA PHE F 325 -35.16 -4.35 -26.65
C PHE F 325 -34.42 -4.73 -25.37
N GLY F 326 -33.11 -4.92 -25.45
CA GLY F 326 -32.33 -5.32 -24.30
C GLY F 326 -32.34 -4.28 -23.20
N GLN F 327 -32.30 -2.99 -23.57
CA GLN F 327 -32.46 -1.94 -22.58
C GLN F 327 -33.88 -1.96 -22.01
N TRP F 328 -34.87 -2.21 -22.87
CA TRP F 328 -36.22 -2.34 -22.34
C TRP F 328 -36.28 -3.45 -21.30
N LEU F 329 -35.66 -4.59 -21.62
CA LEU F 329 -35.72 -5.76 -20.74
C LEU F 329 -35.07 -5.50 -19.39
N CYS F 330 -33.89 -4.84 -19.39
CA CYS F 330 -33.27 -4.46 -18.13
C CYS F 330 -34.10 -3.43 -17.38
N ASP F 331 -34.63 -2.44 -18.11
CA ASP F 331 -35.37 -1.38 -17.45
C ASP F 331 -36.61 -1.92 -16.75
N MET F 332 -37.38 -2.74 -17.45
CA MET F 332 -38.59 -3.28 -16.84
C MET F 332 -38.29 -4.32 -15.77
N ALA F 333 -37.23 -5.11 -15.93
CA ALA F 333 -36.87 -6.05 -14.86
C ALA F 333 -36.61 -5.28 -13.56
N ALA F 334 -36.03 -4.07 -13.67
CA ALA F 334 -35.76 -3.26 -12.49
C ALA F 334 -37.03 -2.71 -11.85
N GLN F 335 -38.14 -2.65 -12.56
CA GLN F 335 -39.40 -2.23 -11.98
C GLN F 335 -40.27 -3.39 -11.53
N ASP F 336 -39.99 -4.60 -12.04
CA ASP F 336 -40.93 -5.71 -11.95
C ASP F 336 -40.13 -7.00 -11.82
N ALA F 337 -40.13 -7.55 -10.59
CA ALA F 337 -39.36 -8.78 -10.32
C ALA F 337 -39.99 -10.01 -10.95
N ARG F 338 -41.20 -9.90 -11.49
CA ARG F 338 -41.80 -11.03 -12.19
C ARG F 338 -41.19 -11.29 -13.56
N LEU F 339 -40.53 -10.29 -14.17
CA LEU F 339 -40.04 -10.45 -15.53
C LEU F 339 -38.93 -11.50 -15.59
N LEU F 340 -39.07 -12.42 -16.52
CA LEU F 340 -38.07 -13.43 -16.82
C LEU F 340 -37.75 -13.33 -18.30
N GLY F 341 -36.48 -13.49 -18.64
CA GLY F 341 -36.02 -13.40 -20.03
C GLY F 341 -35.49 -14.75 -20.49
N ILE F 342 -36.00 -15.21 -21.64
CA ILE F 342 -35.65 -16.51 -22.22
C ILE F 342 -35.11 -16.30 -23.63
N THR F 343 -34.03 -16.99 -23.97
CA THR F 343 -33.50 -17.06 -25.32
C THR F 343 -33.09 -18.47 -25.69
N PRO F 344 -33.37 -18.94 -26.92
CA PRO F 344 -32.84 -20.25 -27.30
C PRO F 344 -31.50 -20.06 -28.02
N ALA F 345 -30.46 -19.86 -27.19
CA ALA F 345 -29.06 -19.81 -27.58
C ALA F 345 -28.70 -18.58 -28.43
N MET F 346 -29.35 -17.45 -28.17
CA MET F 346 -29.05 -16.24 -28.93
C MET F 346 -28.95 -15.03 -28.01
N LYS F 347 -28.20 -15.19 -26.91
CA LYS F 347 -27.98 -14.06 -25.99
C LYS F 347 -27.45 -12.82 -26.71
N GLU F 348 -26.42 -13.02 -27.53
CA GLU F 348 -25.77 -11.91 -28.22
C GLU F 348 -26.67 -11.32 -29.30
N GLY F 349 -27.21 -12.17 -30.19
CA GLY F 349 -27.99 -11.67 -31.30
C GLY F 349 -29.24 -10.92 -30.86
N SER F 350 -30.06 -11.57 -30.03
CA SER F 350 -31.22 -10.89 -29.46
C SER F 350 -30.80 -9.80 -28.48
N ASP F 351 -29.57 -9.87 -27.98
CA ASP F 351 -28.97 -8.94 -27.01
C ASP F 351 -29.68 -8.98 -25.64
N LEU F 352 -29.48 -10.10 -24.97
CA LEU F 352 -29.79 -10.24 -23.55
C LEU F 352 -28.54 -10.12 -22.68
N VAL F 353 -27.48 -9.52 -23.22
CA VAL F 353 -26.18 -9.55 -22.54
C VAL F 353 -26.23 -8.80 -21.22
N ALA F 354 -26.66 -7.54 -21.24
CA ALA F 354 -26.72 -6.77 -19.99
C ALA F 354 -27.69 -7.41 -19.00
N PHE F 355 -28.83 -7.92 -19.49
CA PHE F 355 -29.83 -8.53 -18.63
C PHE F 355 -29.27 -9.74 -17.90
N SER F 356 -28.48 -10.55 -18.62
CA SER F 356 -27.96 -11.78 -18.06
C SER F 356 -26.93 -11.53 -16.97
N GLU F 357 -26.19 -10.43 -17.07
CA GLU F 357 -25.25 -10.04 -16.03
C GLU F 357 -25.94 -9.46 -14.81
N ARG F 358 -26.97 -8.62 -15.03
CA ARG F 358 -27.64 -7.95 -13.91
C ARG F 358 -28.71 -8.81 -13.25
N TYR F 359 -29.34 -9.72 -14.00
CA TYR F 359 -30.49 -10.49 -13.49
C TYR F 359 -30.25 -11.98 -13.77
N PRO F 360 -29.10 -12.50 -13.34
CA PRO F 360 -28.72 -13.86 -13.76
C PRO F 360 -29.71 -14.92 -13.28
N GLU F 361 -30.38 -14.69 -12.15
CA GLU F 361 -31.39 -15.62 -11.66
C GLU F 361 -32.68 -15.57 -12.49
N ARG F 362 -32.85 -14.55 -13.31
CA ARG F 362 -34.05 -14.42 -14.13
C ARG F 362 -33.79 -14.52 -15.63
N TYR F 363 -32.61 -15.01 -16.01
CA TYR F 363 -32.20 -15.18 -17.40
C TYR F 363 -32.05 -16.66 -17.68
N PHE F 364 -32.61 -17.12 -18.79
CA PHE F 364 -32.61 -18.53 -19.15
C PHE F 364 -32.25 -18.70 -20.61
N ASP F 365 -31.06 -19.22 -20.85
CA ASP F 365 -30.64 -19.70 -22.15
C ASP F 365 -30.94 -21.19 -22.19
N VAL F 366 -31.86 -21.61 -23.06
CA VAL F 366 -32.31 -22.99 -23.09
C VAL F 366 -31.58 -23.84 -24.14
N ALA F 367 -30.47 -23.33 -24.69
CA ALA F 367 -29.77 -24.00 -25.81
C ALA F 367 -30.61 -23.87 -27.07
N ILE F 368 -30.38 -24.75 -28.07
CA ILE F 368 -31.05 -24.54 -29.36
C ILE F 368 -32.35 -25.32 -29.36
N ALA F 369 -33.34 -24.77 -28.62
CA ALA F 369 -34.48 -25.47 -28.08
C ALA F 369 -35.68 -24.52 -28.01
N GLU F 370 -36.03 -23.98 -29.19
CA GLU F 370 -37.16 -23.08 -29.33
C GLU F 370 -38.44 -23.67 -28.76
N GLN F 371 -38.71 -24.93 -29.06
CA GLN F 371 -39.95 -25.51 -28.57
C GLN F 371 -40.01 -25.44 -27.06
N HIS F 372 -38.97 -25.93 -26.40
CA HIS F 372 -38.95 -25.92 -24.95
C HIS F 372 -39.03 -24.48 -24.42
N ALA F 373 -38.32 -23.55 -25.07
CA ALA F 373 -38.38 -22.17 -24.63
C ALA F 373 -39.82 -21.69 -24.44
N VAL F 374 -40.71 -22.06 -25.38
CA VAL F 374 -42.05 -21.48 -25.35
C VAL F 374 -42.90 -22.17 -24.30
N THR F 375 -42.83 -23.51 -24.24
CA THR F 375 -43.64 -24.21 -23.22
C THR F 375 -43.13 -23.90 -21.81
N LEU F 376 -41.82 -23.69 -21.67
CA LEU F 376 -41.28 -23.28 -20.39
C LEU F 376 -41.86 -21.94 -19.95
N ALA F 377 -41.89 -20.97 -20.85
CA ALA F 377 -42.55 -19.70 -20.59
C ALA F 377 -44.00 -19.91 -20.19
N ALA F 378 -44.73 -20.75 -20.93
CA ALA F 378 -46.10 -21.11 -20.54
C ALA F 378 -46.18 -21.55 -19.08
N GLY F 379 -45.29 -22.44 -18.66
CA GLY F 379 -45.32 -22.89 -17.27
C GLY F 379 -45.02 -21.79 -16.26
N MET F 380 -44.04 -20.93 -16.58
CA MET F 380 -43.71 -19.82 -15.70
C MET F 380 -44.91 -18.91 -15.53
N ALA F 381 -45.65 -18.64 -16.61
CA ALA F 381 -46.81 -17.77 -16.54
C ALA F 381 -47.92 -18.40 -15.70
N CYS F 382 -48.00 -19.73 -15.68
CA CYS F 382 -48.99 -20.38 -14.83
C CYS F 382 -48.79 -20.09 -13.35
N GLU F 383 -47.59 -19.69 -12.94
CA GLU F 383 -47.35 -19.33 -11.53
C GLU F 383 -47.34 -17.83 -11.29
N GLY F 384 -47.72 -17.03 -12.28
CA GLY F 384 -47.82 -15.61 -12.18
C GLY F 384 -46.57 -14.84 -12.50
N MET F 385 -45.53 -15.49 -13.03
CA MET F 385 -44.37 -14.78 -13.51
C MET F 385 -44.67 -14.23 -14.89
N LYS F 386 -43.77 -13.40 -15.41
CA LYS F 386 -44.02 -12.64 -16.64
C LYS F 386 -42.88 -12.94 -17.61
N PRO F 387 -42.93 -14.08 -18.29
CA PRO F 387 -41.83 -14.45 -19.16
C PRO F 387 -41.84 -13.68 -20.46
N VAL F 388 -40.64 -13.40 -20.93
CA VAL F 388 -40.38 -12.76 -22.21
C VAL F 388 -39.50 -13.73 -22.99
N VAL F 389 -40.01 -14.20 -24.13
CA VAL F 389 -39.26 -15.06 -25.04
C VAL F 389 -38.67 -14.18 -26.13
N ALA F 390 -37.34 -14.05 -26.16
CA ALA F 390 -36.64 -13.41 -27.27
C ALA F 390 -36.36 -14.48 -28.32
N ILE F 391 -36.84 -14.27 -29.56
CA ILE F 391 -36.70 -15.28 -30.60
C ILE F 391 -36.81 -14.61 -31.96
N TYR F 392 -35.97 -15.05 -32.90
CA TYR F 392 -36.02 -14.50 -34.24
C TYR F 392 -37.26 -15.02 -34.96
N SER F 393 -37.75 -14.23 -35.91
CA SER F 393 -38.98 -14.61 -36.59
C SER F 393 -38.82 -15.96 -37.27
N THR F 394 -37.69 -16.16 -37.93
CA THR F 394 -37.46 -17.39 -38.66
C THR F 394 -37.41 -18.59 -37.71
N PHE F 395 -36.84 -18.40 -36.49
CA PHE F 395 -36.69 -19.51 -35.53
C PHE F 395 -37.98 -19.82 -34.77
N LEU F 396 -38.85 -18.84 -34.56
CA LEU F 396 -40.15 -19.08 -33.95
C LEU F 396 -40.99 -20.01 -34.81
N GLN F 397 -40.66 -20.14 -36.10
CA GLN F 397 -41.31 -21.13 -36.95
C GLN F 397 -41.24 -22.50 -36.28
N ARG F 398 -40.15 -22.77 -35.57
CA ARG F 398 -39.92 -24.07 -34.97
C ARG F 398 -40.64 -24.28 -33.63
N ALA F 399 -41.24 -23.25 -33.02
CA ALA F 399 -41.97 -23.37 -31.77
C ALA F 399 -43.44 -23.02 -31.98
N TYR F 400 -43.88 -23.08 -33.23
CA TYR F 400 -45.24 -22.66 -33.57
C TYR F 400 -46.25 -23.46 -32.76
N ASP F 401 -46.04 -24.77 -32.64
CA ASP F 401 -47.08 -25.57 -31.98
C ASP F 401 -47.18 -25.21 -30.52
N GLN F 402 -46.04 -24.91 -29.90
CA GLN F 402 -46.03 -24.53 -28.49
C GLN F 402 -46.67 -23.17 -28.29
N LEU F 403 -46.40 -22.22 -29.19
CA LEU F 403 -47.07 -20.93 -29.14
C LEU F 403 -48.57 -21.11 -29.18
N ILE F 404 -49.06 -21.96 -30.11
CA ILE F 404 -50.49 -22.10 -30.28
C ILE F 404 -51.11 -22.92 -29.15
N HIS F 405 -50.58 -24.12 -28.93
CA HIS F 405 -51.25 -25.09 -28.08
C HIS F 405 -51.01 -24.78 -26.61
N ASP F 406 -49.78 -24.40 -26.26
CA ASP F 406 -49.45 -24.22 -24.86
C ASP F 406 -49.63 -22.80 -24.38
N VAL F 407 -49.50 -21.79 -25.26
CA VAL F 407 -49.67 -20.39 -24.83
C VAL F 407 -51.03 -19.85 -25.25
N ALA F 408 -51.33 -19.87 -26.54
CA ALA F 408 -52.50 -19.11 -27.02
C ALA F 408 -53.81 -19.79 -26.65
N VAL F 409 -53.88 -21.12 -26.83
CA VAL F 409 -55.11 -21.82 -26.45
C VAL F 409 -55.45 -21.59 -25.00
N GLN F 410 -54.44 -21.39 -24.13
CA GLN F 410 -54.63 -21.14 -22.71
C GLN F 410 -54.62 -19.65 -22.35
N HIS F 411 -54.49 -18.78 -23.34
CA HIS F 411 -54.35 -17.34 -23.18
C HIS F 411 -53.32 -17.00 -22.11
N LEU F 412 -52.16 -17.65 -22.16
CA LEU F 412 -51.21 -17.35 -21.10
C LEU F 412 -50.39 -16.07 -21.36
N ASP F 413 -49.89 -15.49 -20.27
CA ASP F 413 -49.24 -14.17 -20.24
C ASP F 413 -47.76 -14.29 -20.62
N VAL F 414 -47.52 -14.35 -21.92
CA VAL F 414 -46.20 -14.56 -22.49
C VAL F 414 -45.99 -13.50 -23.55
N LEU F 415 -44.86 -12.81 -23.49
CA LEU F 415 -44.47 -11.84 -24.49
C LEU F 415 -43.43 -12.43 -25.46
N PHE F 416 -43.69 -12.34 -26.75
CA PHE F 416 -42.72 -12.79 -27.76
C PHE F 416 -42.04 -11.56 -28.36
N ALA F 417 -40.74 -11.43 -28.13
CA ALA F 417 -39.98 -10.31 -28.74
C ALA F 417 -39.31 -10.89 -29.99
N ILE F 418 -39.84 -10.54 -31.17
CA ILE F 418 -39.53 -11.23 -32.43
C ILE F 418 -38.56 -10.36 -33.21
N ASP F 419 -37.27 -10.65 -33.08
CA ASP F 419 -36.20 -9.99 -33.81
C ASP F 419 -36.09 -10.57 -35.24
N ARG F 420 -35.25 -9.92 -36.05
CA ARG F 420 -35.00 -10.32 -37.44
C ARG F 420 -36.30 -10.50 -38.22
N ALA F 421 -37.27 -9.62 -37.96
CA ALA F 421 -38.50 -9.62 -38.74
C ALA F 421 -38.27 -8.90 -40.07
N GLY F 422 -38.68 -9.54 -41.15
CA GLY F 422 -38.46 -9.00 -42.47
C GLY F 422 -37.24 -9.65 -43.11
N LEU F 423 -36.68 -8.93 -44.09
CA LEU F 423 -35.50 -9.40 -44.82
C LEU F 423 -34.24 -9.18 -43.98
N VAL F 424 -33.30 -10.11 -44.04
CA VAL F 424 -32.17 -10.06 -43.11
C VAL F 424 -30.84 -9.90 -43.82
N GLY F 425 -30.83 -9.87 -45.13
CA GLY F 425 -29.63 -9.51 -45.87
C GLY F 425 -28.84 -10.75 -46.28
N GLU F 426 -27.53 -10.71 -46.03
CA GLU F 426 -26.65 -11.65 -46.70
C GLU F 426 -26.90 -13.11 -46.30
N ASP F 427 -27.38 -13.38 -45.07
CA ASP F 427 -27.67 -14.76 -44.67
C ASP F 427 -28.75 -15.39 -45.56
N GLY F 428 -29.62 -14.58 -46.16
CA GLY F 428 -30.51 -15.08 -47.20
C GLY F 428 -31.84 -15.59 -46.72
N PRO F 429 -32.53 -16.29 -47.62
CA PRO F 429 -33.90 -16.76 -47.35
C PRO F 429 -34.04 -17.83 -46.29
N THR F 430 -32.99 -18.56 -45.91
CA THR F 430 -33.18 -19.52 -44.81
C THR F 430 -33.49 -18.80 -43.51
N HIS F 431 -33.04 -17.55 -43.36
CA HIS F 431 -33.15 -16.79 -42.13
C HIS F 431 -34.16 -15.65 -42.24
N ALA F 432 -34.93 -15.60 -43.30
CA ALA F 432 -35.87 -14.50 -43.49
C ALA F 432 -36.99 -14.58 -42.48
N GLY F 433 -37.31 -13.45 -41.84
CA GLY F 433 -38.50 -13.38 -41.01
C GLY F 433 -39.68 -12.91 -41.84
N SER F 434 -40.09 -13.72 -42.81
CA SER F 434 -41.04 -13.31 -43.83
C SER F 434 -42.49 -13.53 -43.46
N PHE F 435 -42.75 -14.33 -42.45
CA PHE F 435 -44.10 -14.87 -42.30
C PHE F 435 -44.76 -14.66 -40.96
N ASP F 436 -44.06 -14.10 -39.96
CA ASP F 436 -44.62 -14.16 -38.60
C ASP F 436 -45.93 -13.38 -38.49
N ILE F 437 -46.17 -12.37 -39.33
CA ILE F 437 -47.46 -11.70 -39.27
C ILE F 437 -48.57 -12.61 -39.81
N SER F 438 -48.29 -13.33 -40.89
CA SER F 438 -49.29 -14.26 -41.42
C SER F 438 -49.51 -15.46 -40.49
N TYR F 439 -48.45 -16.03 -39.92
CA TYR F 439 -48.71 -17.21 -39.08
C TYR F 439 -49.17 -16.88 -37.67
N LEU F 440 -48.97 -15.65 -37.15
CA LEU F 440 -49.46 -15.34 -35.81
C LEU F 440 -50.87 -14.73 -35.81
N ARG F 441 -51.24 -13.94 -36.83
CA ARG F 441 -52.50 -13.20 -36.73
C ARG F 441 -53.72 -14.09 -36.96
N CYS F 442 -53.54 -15.30 -37.53
CA CYS F 442 -54.67 -16.22 -37.60
C CYS F 442 -54.94 -16.90 -36.26
N ILE F 443 -54.07 -16.72 -35.30
CA ILE F 443 -54.13 -17.46 -34.02
C ILE F 443 -54.99 -16.67 -33.05
N PRO F 444 -56.09 -17.19 -32.55
CA PRO F 444 -56.94 -16.42 -31.64
C PRO F 444 -56.24 -16.11 -30.31
N GLY F 445 -56.51 -14.91 -29.77
CA GLY F 445 -55.90 -14.46 -28.53
C GLY F 445 -54.56 -13.72 -28.67
N MET F 446 -53.92 -13.77 -29.83
CA MET F 446 -52.63 -13.12 -30.03
C MET F 446 -52.81 -11.61 -30.23
N LEU F 447 -52.05 -10.84 -29.47
CA LEU F 447 -51.80 -9.44 -29.76
C LEU F 447 -50.55 -9.34 -30.62
N VAL F 448 -50.68 -8.72 -31.80
CA VAL F 448 -49.65 -8.71 -32.82
C VAL F 448 -49.33 -7.25 -33.18
N MET F 449 -48.09 -6.84 -32.93
CA MET F 449 -47.67 -5.44 -33.04
C MET F 449 -46.42 -5.29 -33.91
N THR F 450 -46.37 -4.15 -34.58
CA THR F 450 -45.34 -3.83 -35.56
C THR F 450 -44.83 -2.42 -35.33
N PRO F 451 -43.87 -2.23 -34.43
CA PRO F 451 -43.37 -0.87 -34.17
C PRO F 451 -42.70 -0.27 -35.39
N SER F 452 -42.83 1.04 -35.53
CA SER F 452 -42.21 1.74 -36.65
C SER F 452 -40.82 2.30 -36.37
N ASP F 453 -40.37 2.39 -35.11
CA ASP F 453 -39.07 3.01 -34.78
C ASP F 453 -38.71 2.64 -33.35
N GLU F 454 -37.63 3.24 -32.81
CA GLU F 454 -37.09 2.79 -31.53
C GLU F 454 -38.03 3.08 -30.38
N ASP F 455 -38.66 4.26 -30.40
CA ASP F 455 -39.59 4.62 -29.33
C ASP F 455 -40.85 3.76 -29.37
N GLU F 456 -41.31 3.44 -30.57
CA GLU F 456 -42.49 2.59 -30.74
C GLU F 456 -42.21 1.15 -30.31
N LEU F 457 -40.98 0.67 -30.53
CA LEU F 457 -40.58 -0.64 -30.04
C LEU F 457 -40.64 -0.69 -28.51
N ARG F 458 -40.03 0.28 -27.84
CA ARG F 458 -40.10 0.32 -26.38
C ARG F 458 -41.55 0.35 -25.90
N LYS F 459 -42.37 1.19 -26.52
CA LYS F 459 -43.75 1.30 -26.10
C LYS F 459 -44.55 0.04 -26.37
N LEU F 460 -44.35 -0.60 -27.53
CA LEU F 460 -45.17 -1.78 -27.81
C LEU F 460 -44.68 -2.99 -27.04
N LEU F 461 -43.40 -3.03 -26.65
CA LEU F 461 -42.95 -4.08 -25.74
C LEU F 461 -43.67 -3.95 -24.40
N THR F 462 -43.68 -2.75 -23.83
CA THR F 462 -44.38 -2.52 -22.58
C THR F 462 -45.84 -2.91 -22.69
N THR F 463 -46.48 -2.54 -23.80
CA THR F 463 -47.90 -2.79 -24.00
C THR F 463 -48.18 -4.30 -24.02
N GLY F 464 -47.38 -5.06 -24.76
CA GLY F 464 -47.59 -6.50 -24.81
C GLY F 464 -47.20 -7.17 -23.52
N TYR F 465 -46.14 -6.69 -22.90
CA TYR F 465 -45.74 -7.22 -21.61
C TYR F 465 -46.84 -7.06 -20.58
N LEU F 466 -47.41 -5.86 -20.48
CA LEU F 466 -48.43 -5.61 -19.48
C LEU F 466 -49.75 -6.22 -19.86
N PHE F 467 -50.00 -6.38 -21.18
CA PHE F 467 -51.20 -7.08 -21.64
C PHE F 467 -51.35 -8.45 -20.98
N ASP F 468 -52.57 -8.76 -20.53
CA ASP F 468 -52.87 -10.01 -19.81
C ASP F 468 -53.24 -11.10 -20.83
N GLY F 469 -52.21 -11.62 -21.48
CA GLY F 469 -52.39 -12.57 -22.53
C GLY F 469 -51.16 -12.61 -23.41
N PRO F 470 -51.23 -13.40 -24.47
CA PRO F 470 -50.05 -13.57 -25.31
C PRO F 470 -49.92 -12.44 -26.31
N ALA F 471 -48.67 -12.02 -26.51
CA ALA F 471 -48.39 -10.82 -27.30
C ALA F 471 -47.12 -11.02 -28.08
N ALA F 472 -47.08 -10.42 -29.27
CA ALA F 472 -45.95 -10.48 -30.17
C ALA F 472 -45.58 -9.10 -30.67
N VAL F 473 -44.30 -8.79 -30.59
CA VAL F 473 -43.73 -7.55 -31.08
C VAL F 473 -42.58 -7.91 -32.00
N ARG F 474 -42.67 -7.50 -33.27
CA ARG F 474 -41.71 -7.89 -34.30
C ARG F 474 -40.96 -6.65 -34.77
N TYR F 475 -39.67 -6.81 -35.06
CA TYR F 475 -38.82 -5.70 -35.47
C TYR F 475 -37.61 -6.24 -36.20
N PRO F 476 -36.98 -5.44 -37.05
CA PRO F 476 -35.92 -5.95 -37.92
C PRO F 476 -34.55 -5.94 -37.26
N ARG F 477 -33.65 -6.68 -37.89
CA ARG F 477 -32.22 -6.55 -37.71
C ARG F 477 -31.79 -5.11 -38.01
N GLY F 478 -30.65 -4.73 -37.45
CA GLY F 478 -30.07 -3.43 -37.74
C GLY F 478 -30.64 -2.32 -36.86
N SER F 479 -30.47 -1.11 -37.37
CA SER F 479 -30.86 0.09 -36.64
C SER F 479 -31.98 0.81 -37.38
N GLY F 480 -32.48 1.88 -36.77
CA GLY F 480 -33.67 2.55 -37.27
C GLY F 480 -33.42 3.99 -37.64
N PRO F 481 -34.50 4.78 -37.77
CA PRO F 481 -34.35 6.18 -38.14
C PRO F 481 -33.75 7.01 -37.03
N ASN F 482 -33.56 6.42 -35.84
CA ASN F 482 -32.86 7.06 -34.72
C ASN F 482 -33.67 8.24 -34.18
N HIS F 483 -34.94 7.99 -33.89
CA HIS F 483 -35.76 9.01 -33.29
C HIS F 483 -35.54 9.00 -31.78
N PRO F 484 -35.95 10.06 -31.09
CA PRO F 484 -35.81 10.06 -29.63
C PRO F 484 -36.64 8.99 -28.95
N ILE F 485 -36.13 8.49 -27.83
CA ILE F 485 -36.78 7.41 -27.10
C ILE F 485 -37.25 7.92 -25.74
N ASP F 486 -38.55 7.88 -25.53
CA ASP F 486 -39.13 8.20 -24.23
C ASP F 486 -38.66 7.20 -23.18
N PRO F 487 -37.93 7.62 -22.15
CA PRO F 487 -37.41 6.64 -21.18
C PRO F 487 -38.45 6.07 -20.23
N ASP F 488 -39.68 6.60 -20.20
CA ASP F 488 -40.70 6.03 -19.34
C ASP F 488 -41.10 4.63 -19.83
N LEU F 489 -41.80 3.90 -18.97
CA LEU F 489 -42.31 2.56 -19.27
C LEU F 489 -43.80 2.59 -19.05
N GLN F 490 -44.51 3.09 -20.05
CA GLN F 490 -45.97 3.13 -20.12
C GLN F 490 -46.44 2.47 -21.41
N PRO F 491 -47.62 1.86 -21.40
CA PRO F 491 -48.12 1.22 -22.62
C PRO F 491 -48.90 2.23 -23.43
N VAL F 492 -49.34 1.83 -24.62
CA VAL F 492 -50.25 2.62 -25.43
C VAL F 492 -51.57 1.86 -25.52
N GLU F 493 -52.60 2.56 -25.97
CA GLU F 493 -53.91 1.95 -26.09
C GLU F 493 -53.93 0.84 -27.12
N ILE F 494 -54.48 -0.31 -26.74
CA ILE F 494 -54.43 -1.46 -27.63
C ILE F 494 -55.41 -1.25 -28.78
N GLY F 495 -55.00 -1.66 -29.97
CA GLY F 495 -55.91 -1.61 -31.10
C GLY F 495 -56.09 -0.24 -31.71
N LYS F 496 -55.16 0.70 -31.48
CA LYS F 496 -55.27 2.05 -32.03
C LYS F 496 -53.99 2.45 -32.76
N GLY F 497 -54.18 2.91 -34.00
CA GLY F 497 -53.08 3.49 -34.76
C GLY F 497 -52.90 4.99 -34.50
N VAL F 498 -51.85 5.54 -35.11
CA VAL F 498 -51.49 6.95 -34.98
C VAL F 498 -51.38 7.55 -36.38
N VAL F 499 -52.18 8.58 -36.64
CA VAL F 499 -52.03 9.36 -37.87
C VAL F 499 -50.74 10.17 -37.76
N ARG F 500 -49.80 9.90 -38.63
CA ARG F 500 -48.55 10.63 -38.64
C ARG F 500 -48.54 11.78 -39.62
N ARG F 501 -49.44 11.78 -40.59
CA ARG F 501 -49.51 12.82 -41.61
C ARG F 501 -50.94 12.85 -42.10
N ARG F 502 -51.55 14.03 -42.09
CA ARG F 502 -52.87 14.22 -42.69
C ARG F 502 -52.69 14.75 -44.11
N GLY F 503 -53.24 14.00 -45.08
CA GLY F 503 -53.14 14.37 -46.47
C GLY F 503 -54.45 14.11 -47.14
N GLY F 504 -54.41 13.63 -48.38
CA GLY F 504 -55.62 13.45 -49.14
C GLY F 504 -55.42 12.45 -50.26
N ARG F 505 -56.56 11.99 -50.79
CA ARG F 505 -56.62 11.11 -51.95
C ARG F 505 -56.16 9.69 -51.68
N VAL F 506 -54.93 9.51 -51.25
CA VAL F 506 -54.42 8.19 -50.93
C VAL F 506 -53.93 8.17 -49.48
N ALA F 507 -54.23 7.09 -48.77
CA ALA F 507 -53.76 6.86 -47.41
C ALA F 507 -52.85 5.64 -47.35
N LEU F 508 -51.68 5.83 -46.74
CA LEU F 508 -50.71 4.77 -46.55
C LEU F 508 -50.83 4.21 -45.13
N LEU F 509 -51.25 2.95 -45.01
CA LEU F 509 -51.38 2.24 -43.74
C LEU F 509 -50.13 1.42 -43.53
N VAL F 510 -49.25 1.89 -42.67
CA VAL F 510 -47.94 1.28 -42.48
C VAL F 510 -47.92 0.44 -41.20
N PHE F 511 -47.56 -0.82 -41.38
CA PHE F 511 -47.36 -1.75 -40.28
C PHE F 511 -45.87 -1.93 -40.14
N GLY F 512 -45.21 -1.06 -39.38
CA GLY F 512 -43.80 -1.22 -39.11
C GLY F 512 -42.86 -0.19 -39.72
N VAL F 513 -41.63 -0.62 -39.94
CA VAL F 513 -40.51 0.29 -40.15
C VAL F 513 -40.36 0.86 -41.56
N GLN F 514 -41.25 0.55 -42.48
CA GLN F 514 -41.28 1.32 -43.73
C GLN F 514 -41.95 2.69 -43.54
N LEU F 515 -42.29 3.05 -42.30
CA LEU F 515 -42.94 4.32 -42.09
C LEU F 515 -42.11 5.47 -42.65
N ALA F 516 -40.80 5.46 -42.39
CA ALA F 516 -39.98 6.58 -42.82
C ALA F 516 -39.99 6.69 -44.34
N GLU F 517 -39.91 5.54 -45.04
CA GLU F 517 -40.00 5.57 -46.51
C GLU F 517 -41.38 6.03 -46.96
N ALA F 518 -42.43 5.55 -46.31
CA ALA F 518 -43.77 5.98 -46.68
C ALA F 518 -43.93 7.49 -46.51
N MET F 519 -43.28 8.07 -45.49
CA MET F 519 -43.41 9.52 -45.31
C MET F 519 -42.69 10.28 -46.43
N LYS F 520 -41.56 9.78 -46.93
CA LYS F 520 -40.97 10.42 -48.09
C LYS F 520 -41.93 10.39 -49.28
N VAL F 521 -42.58 9.27 -49.52
CA VAL F 521 -43.52 9.21 -50.63
C VAL F 521 -44.66 10.18 -50.40
N ALA F 522 -45.13 10.26 -49.17
CA ALA F 522 -46.30 11.08 -48.90
C ALA F 522 -46.00 12.54 -49.15
N GLU F 523 -44.76 12.94 -49.02
CA GLU F 523 -44.52 14.36 -49.21
C GLU F 523 -44.61 14.72 -50.69
N SER F 524 -44.34 13.75 -51.59
CA SER F 524 -44.54 14.04 -53.01
C SER F 524 -46.01 13.92 -53.43
N LEU F 525 -46.75 12.94 -52.89
CA LEU F 525 -48.15 12.72 -53.25
C LEU F 525 -49.16 13.41 -52.33
N ASP F 526 -48.70 14.10 -51.29
CA ASP F 526 -49.55 14.67 -50.25
C ASP F 526 -50.52 13.63 -49.67
N ALA F 527 -49.98 12.47 -49.32
CA ALA F 527 -50.77 11.35 -48.83
C ALA F 527 -50.99 11.42 -47.33
N THR F 528 -52.13 10.93 -46.90
CA THR F 528 -52.33 10.54 -45.50
C THR F 528 -51.43 9.38 -45.15
N VAL F 529 -50.86 9.41 -43.94
CA VAL F 529 -49.99 8.33 -43.47
C VAL F 529 -50.38 7.93 -42.06
N VAL F 530 -50.61 6.63 -41.86
CA VAL F 530 -50.97 6.07 -40.57
C VAL F 530 -49.93 5.04 -40.15
N ASP F 531 -49.46 5.18 -38.91
CA ASP F 531 -48.60 4.22 -38.20
C ASP F 531 -49.54 3.30 -37.44
N MET F 532 -49.78 2.09 -37.98
CA MET F 532 -50.91 1.30 -37.51
C MET F 532 -50.67 0.68 -36.13
N ARG F 533 -49.42 0.38 -35.80
CA ARG F 533 -49.00 -0.25 -34.57
C ARG F 533 -49.51 -1.67 -34.34
N PHE F 534 -50.78 -1.94 -34.65
CA PHE F 534 -51.42 -3.21 -34.34
C PHE F 534 -51.91 -3.89 -35.60
N VAL F 535 -51.50 -5.15 -35.79
CA VAL F 535 -52.14 -5.97 -36.81
C VAL F 535 -53.40 -6.58 -36.25
N LYS F 536 -53.34 -6.94 -34.98
CA LYS F 536 -54.38 -7.62 -34.25
C LYS F 536 -54.33 -7.19 -32.80
N PRO F 537 -55.40 -6.64 -32.24
CA PRO F 537 -56.62 -6.19 -32.89
C PRO F 537 -56.34 -4.98 -33.77
N LEU F 538 -57.05 -4.93 -34.89
CA LEU F 538 -56.89 -3.86 -35.87
C LEU F 538 -57.69 -2.63 -35.49
N ASP F 539 -57.14 -1.45 -35.81
CA ASP F 539 -57.86 -0.18 -35.57
C ASP F 539 -58.97 -0.01 -36.60
N GLU F 540 -60.07 -0.73 -36.35
CA GLU F 540 -61.18 -0.78 -37.31
C GLU F 540 -61.83 0.59 -37.48
N ALA F 541 -61.94 1.37 -36.40
CA ALA F 541 -62.56 2.68 -36.55
C ALA F 541 -61.72 3.57 -37.46
N LEU F 542 -60.39 3.51 -37.31
CA LEU F 542 -59.54 4.32 -38.16
C LEU F 542 -59.61 3.88 -39.61
N VAL F 543 -59.60 2.56 -39.87
CA VAL F 543 -59.68 2.08 -41.23
C VAL F 543 -60.98 2.55 -41.87
N ARG F 544 -62.11 2.33 -41.19
CA ARG F 544 -63.41 2.80 -41.68
C ARG F 544 -63.35 4.28 -42.09
N GLU F 545 -62.88 5.12 -41.17
CA GLU F 545 -62.75 6.56 -41.44
C GLU F 545 -61.92 6.81 -42.69
N LEU F 546 -60.75 6.14 -42.81
CA LEU F 546 -59.91 6.36 -44.00
C LEU F 546 -60.59 5.84 -45.27
N ALA F 547 -61.28 4.71 -45.17
CA ALA F 547 -61.93 4.13 -46.34
C ALA F 547 -63.01 5.04 -46.91
N GLY F 548 -63.73 5.77 -46.07
CA GLY F 548 -64.72 6.71 -46.54
C GLY F 548 -64.20 8.08 -46.89
N SER F 549 -62.90 8.31 -46.85
CA SER F 549 -62.41 9.67 -47.09
C SER F 549 -61.20 9.70 -48.02
N HIS F 550 -60.82 8.57 -48.62
CA HIS F 550 -59.73 8.55 -49.58
C HIS F 550 -60.16 7.71 -50.76
N GLU F 551 -59.47 7.88 -51.89
CA GLU F 551 -59.76 7.05 -53.06
C GLU F 551 -58.94 5.78 -53.14
N LEU F 552 -57.91 5.64 -52.32
CA LEU F 552 -57.05 4.47 -52.38
C LEU F 552 -56.48 4.28 -51.00
N LEU F 553 -56.45 3.04 -50.55
CA LEU F 553 -55.73 2.66 -49.35
C LEU F 553 -54.58 1.76 -49.78
N VAL F 554 -53.41 2.01 -49.19
CA VAL F 554 -52.19 1.27 -49.49
C VAL F 554 -51.68 0.71 -48.18
N THR F 555 -51.57 -0.61 -48.08
CA THR F 555 -50.97 -1.21 -46.89
C THR F 555 -49.53 -1.57 -47.21
N ILE F 556 -48.67 -1.48 -46.20
CA ILE F 556 -47.23 -1.67 -46.34
C ILE F 556 -46.71 -2.40 -45.12
N GLU F 557 -45.99 -3.50 -45.33
CA GLU F 557 -45.46 -4.34 -44.26
C GLU F 557 -44.23 -5.09 -44.78
N GLU F 558 -43.32 -5.42 -43.88
CA GLU F 558 -42.17 -6.26 -44.22
C GLU F 558 -42.47 -7.71 -43.85
N ASN F 559 -43.49 -8.24 -44.51
CA ASN F 559 -44.03 -9.58 -44.30
C ASN F 559 -44.64 -9.97 -45.64
N ALA F 560 -44.75 -11.30 -45.87
CA ALA F 560 -45.48 -11.84 -47.00
C ALA F 560 -46.80 -11.10 -47.18
N VAL F 561 -47.05 -10.64 -48.40
CA VAL F 561 -48.37 -10.08 -48.69
C VAL F 561 -49.44 -11.14 -48.42
N MET F 562 -49.17 -12.37 -48.78
CA MET F 562 -50.14 -13.45 -48.57
C MET F 562 -50.38 -13.67 -47.09
N GLY F 563 -51.62 -13.50 -46.66
CA GLY F 563 -51.97 -13.60 -45.24
C GLY F 563 -51.47 -12.50 -44.33
N GLY F 564 -50.80 -11.47 -44.85
CA GLY F 564 -50.18 -10.46 -44.02
C GLY F 564 -51.11 -9.41 -43.42
N ALA F 565 -50.49 -8.31 -42.93
CA ALA F 565 -51.27 -7.24 -42.30
C ALA F 565 -52.21 -6.57 -43.28
N GLY F 566 -51.77 -6.38 -44.53
CA GLY F 566 -52.65 -5.84 -45.55
C GLY F 566 -53.93 -6.64 -45.72
N SER F 567 -53.80 -7.97 -45.64
CA SER F 567 -54.94 -8.85 -45.82
C SER F 567 -55.89 -8.78 -44.64
N ALA F 568 -55.37 -8.44 -43.45
CA ALA F 568 -56.27 -8.14 -42.34
C ALA F 568 -57.11 -6.92 -42.63
N VAL F 569 -56.51 -5.88 -43.24
CA VAL F 569 -57.30 -4.70 -43.61
C VAL F 569 -58.33 -5.09 -44.65
N GLY F 570 -57.89 -5.82 -45.68
CA GLY F 570 -58.81 -6.34 -46.70
C GLY F 570 -59.96 -7.14 -46.10
N GLU F 571 -59.65 -8.01 -45.13
CA GLU F 571 -60.70 -8.78 -44.45
C GLU F 571 -61.71 -7.86 -43.77
N PHE F 572 -61.22 -6.81 -43.14
CA PHE F 572 -62.13 -5.91 -42.46
C PHE F 572 -62.97 -5.13 -43.46
N LEU F 573 -62.36 -4.64 -44.53
CA LEU F 573 -63.14 -3.93 -45.54
C LEU F 573 -64.25 -4.83 -46.10
N ALA F 574 -63.91 -6.08 -46.44
CA ALA F 574 -64.92 -6.96 -47.00
C ALA F 574 -66.07 -7.21 -46.01
N SER F 575 -65.78 -7.37 -44.71
CA SER F 575 -66.84 -7.74 -43.77
C SER F 575 -67.84 -6.60 -43.56
N GLU F 576 -67.40 -5.35 -43.69
CA GLU F 576 -68.30 -4.22 -43.58
C GLU F 576 -68.78 -3.71 -44.93
N GLY F 577 -68.37 -4.34 -46.03
CA GLY F 577 -68.83 -3.91 -47.33
C GLY F 577 -68.32 -2.57 -47.77
N LEU F 578 -67.11 -2.18 -47.33
CA LEU F 578 -66.48 -0.94 -47.78
C LEU F 578 -65.72 -1.19 -49.09
N GLU F 579 -66.02 -0.38 -50.11
CA GLU F 579 -65.66 -0.67 -51.50
C GLU F 579 -64.39 0.03 -51.98
N VAL F 580 -63.65 0.69 -51.09
CA VAL F 580 -62.46 1.46 -51.45
C VAL F 580 -61.38 0.56 -52.06
N PRO F 581 -60.68 1.02 -53.09
CA PRO F 581 -59.51 0.28 -53.59
C PRO F 581 -58.45 0.07 -52.53
N LEU F 582 -57.79 -1.05 -52.63
CA LEU F 582 -56.77 -1.49 -51.69
C LEU F 582 -55.58 -2.00 -52.46
N LEU F 583 -54.41 -1.39 -52.22
CA LEU F 583 -53.14 -1.81 -52.79
C LEU F 583 -52.25 -2.34 -51.67
N GLN F 584 -51.89 -3.63 -51.74
CA GLN F 584 -51.15 -4.31 -50.67
C GLN F 584 -49.68 -4.43 -51.04
N LEU F 585 -48.81 -3.78 -50.27
CA LEU F 585 -47.37 -3.80 -50.53
C LEU F 585 -46.67 -4.54 -49.40
N GLY F 586 -45.77 -5.44 -49.78
CA GLY F 586 -45.05 -6.27 -48.84
C GLY F 586 -44.14 -7.25 -49.55
N LEU F 587 -43.85 -8.37 -48.93
CA LEU F 587 -42.91 -9.32 -49.53
C LEU F 587 -43.63 -10.22 -50.53
N PRO F 588 -43.00 -10.46 -51.69
CA PRO F 588 -43.62 -11.28 -52.73
C PRO F 588 -43.54 -12.77 -52.38
N ASP F 589 -44.29 -13.54 -53.16
CA ASP F 589 -44.41 -14.99 -52.94
C ASP F 589 -43.28 -15.78 -53.62
N TYR F 590 -42.03 -15.45 -53.28
CA TYR F 590 -40.86 -16.23 -53.66
C TYR F 590 -39.80 -16.00 -52.59
N TYR F 591 -38.71 -16.77 -52.63
CA TYR F 591 -37.61 -16.58 -51.69
C TYR F 591 -36.61 -15.57 -52.26
N VAL F 592 -36.40 -14.45 -51.54
CA VAL F 592 -35.57 -13.37 -52.03
C VAL F 592 -34.10 -13.71 -51.85
N GLU F 593 -33.33 -13.62 -52.94
CA GLU F 593 -31.94 -14.03 -52.92
C GLU F 593 -31.10 -13.08 -52.07
N HIS F 594 -30.10 -13.65 -51.41
CA HIS F 594 -29.20 -12.87 -50.58
C HIS F 594 -28.63 -11.67 -51.32
N ALA F 595 -28.49 -10.57 -50.60
CA ALA F 595 -27.92 -9.32 -51.08
C ALA F 595 -27.82 -8.41 -49.86
N LYS F 596 -27.38 -7.18 -50.09
CA LYS F 596 -27.46 -6.19 -49.02
C LYS F 596 -28.93 -5.97 -48.65
N PRO F 597 -29.22 -5.65 -47.39
CA PRO F 597 -30.62 -5.39 -47.03
C PRO F 597 -31.29 -4.38 -47.94
N SER F 598 -30.59 -3.31 -48.29
CA SER F 598 -31.19 -2.29 -49.15
C SER F 598 -31.48 -2.80 -50.55
N GLU F 599 -30.65 -3.71 -51.07
CA GLU F 599 -30.91 -4.27 -52.40
C GLU F 599 -32.11 -5.22 -52.36
N MET F 600 -32.23 -5.99 -51.31
CA MET F 600 -33.39 -6.87 -51.13
C MET F 600 -34.68 -6.06 -51.01
N LEU F 601 -34.68 -5.01 -50.18
CA LEU F 601 -35.88 -4.18 -50.07
C LEU F 601 -36.22 -3.48 -51.38
N ALA F 602 -35.20 -3.03 -52.14
CA ALA F 602 -35.46 -2.41 -53.44
C ALA F 602 -36.10 -3.42 -54.39
N GLU F 603 -35.52 -4.63 -54.46
CA GLU F 603 -36.11 -5.70 -55.25
C GLU F 603 -37.58 -5.89 -54.93
N CYS F 604 -37.93 -5.87 -53.63
CA CYS F 604 -39.32 -6.09 -53.23
C CYS F 604 -40.17 -4.83 -53.32
N GLY F 605 -39.60 -3.70 -53.75
CA GLY F 605 -40.38 -2.48 -53.90
C GLY F 605 -40.73 -1.80 -52.61
N LEU F 606 -39.95 -2.02 -51.56
CA LEU F 606 -40.27 -1.51 -50.23
C LEU F 606 -39.39 -0.34 -49.82
N ASP F 607 -38.62 0.23 -50.75
CA ASP F 607 -38.01 1.53 -50.52
C ASP F 607 -38.98 2.61 -51.00
N ALA F 608 -38.62 3.88 -50.79
CA ALA F 608 -39.53 4.95 -51.16
C ALA F 608 -39.78 4.95 -52.67
N ALA F 609 -38.74 4.76 -53.47
CA ALA F 609 -38.91 4.72 -54.93
C ALA F 609 -39.88 3.62 -55.35
N GLY F 610 -39.78 2.46 -54.71
CA GLY F 610 -40.63 1.35 -55.10
C GLY F 610 -42.06 1.55 -54.61
N ILE F 611 -42.23 2.09 -53.40
CA ILE F 611 -43.58 2.39 -52.92
C ILE F 611 -44.21 3.43 -53.82
N GLU F 612 -43.47 4.50 -54.12
CA GLU F 612 -44.00 5.58 -54.92
C GLU F 612 -44.43 5.09 -56.28
N LYS F 613 -43.57 4.33 -56.94
CA LYS F 613 -43.92 3.76 -58.26
C LYS F 613 -45.19 2.95 -58.17
N ALA F 614 -45.29 2.05 -57.19
CA ALA F 614 -46.47 1.21 -57.10
C ALA F 614 -47.73 2.04 -56.89
N VAL F 615 -47.64 3.07 -56.04
CA VAL F 615 -48.85 3.86 -55.72
C VAL F 615 -49.28 4.70 -56.93
N ARG F 616 -48.31 5.30 -57.64
CA ARG F 616 -48.61 6.04 -58.86
C ARG F 616 -49.26 5.17 -59.91
N GLN F 617 -48.72 3.96 -60.10
CA GLN F 617 -49.29 3.07 -61.10
C GLN F 617 -50.73 2.72 -60.77
N ARG F 618 -51.02 2.47 -59.48
CA ARG F 618 -52.38 2.06 -59.16
C ARG F 618 -53.32 3.23 -59.34
N LEU F 619 -52.92 4.42 -58.88
CA LEU F 619 -53.72 5.61 -59.10
C LEU F 619 -53.96 5.83 -60.58
N ASP F 620 -52.91 5.69 -61.41
CA ASP F 620 -53.08 5.93 -62.85
C ASP F 620 -53.94 4.86 -63.51
N ARG F 621 -54.08 3.69 -62.89
CA ARG F 621 -54.91 2.61 -63.38
C ARG F 621 -56.39 2.83 -63.10
N GLN F 622 -56.73 3.49 -62.01
CA GLN F 622 -58.13 3.57 -61.59
C GLN F 622 -58.78 4.91 -61.92
#